data_6ROW
#
_entry.id   6ROW
#
_cell.length_a   1.00
_cell.length_b   1.00
_cell.length_c   1.00
_cell.angle_alpha   90.00
_cell.angle_beta   90.00
_cell.angle_gamma   90.00
#
_symmetry.space_group_name_H-M   'P 1'
#
loop_
_entity.id
_entity.type
_entity.pdbx_description
1 polymer 'Putative zinc metallopeptidase'
2 polymer 'Parasite pepsinogen'
3 polymer 'Cysteine Protease'
#
loop_
_entity_poly.entity_id
_entity_poly.type
_entity_poly.pdbx_seq_one_letter_code
_entity_poly.pdbx_strand_id
1 'polypeptide(L)'
;NANRSKEWKNAANTLLFGLDESVDPCEDFYGFTCNKFIERIDLDELGRGRFTTFSQAQLEVNSDIVKALEKVDVNDEKFS
QTERITKAAFQSCVEYTLKDDRKASVNELLQYISERFGGIPFLGQRVKGGCELYREMGRIEQQRALPTFMYTWVNVDHKN
VSRNSYYISQPTLPMPREFYVLPQFAPELDARTKAIENVMKAFASDILKDPSKYDKMIKTAAREVTQIEQKIAMASWPDD
ELRNHEQQYNPYELFAPSEGKIALQDAFPNIRFGKYIAGLMETATGGVPVSPVFIGDVIVTNPAYMGFLNTLFRQTNIQM
NQYPFVNYIIVHMLFEDAEHLGDKYLRIAKDADYVTYAQRKGVGITRSGRKYSRVFDERTDARMKCVDTITTYMPYGTGY
VYVNSREDRDQVVEDVKQQTELIMKTFLKKMLSTLSWMQGESYRRAEKKINEMHRNYGWPKKLFGDFKNFDTIDAYHRDD
YYSILEAYNNKTDKSTAFYTILNILRRGYENRESFRRKNETADRTNFLESPASVNAWYAPELNSLTLPFGILTSPHYDLQ
FPKAFNFAGSGTVGGHELVHGFDDEGVQFDYDGSLADCSVYECGWLEQKGKNGFKDMAQCVVTQYNAQCCPAKEGNVHCA
NGAHTQGENIADLGGLQASYNAYKEYIKMKGAEEMRLPGLEKFTPNQIFWISYGYSWCAKETQSSLVKRLLTNPHSPNSC
RVNQVLQDIPSFAKDFQCALGQKMYPPAEQRCKVW
;
A,B,C,D
2 'polypeptide(L)'
;VFPHPIYDYQDTEYLAKITIGAPGQSFHVVLDTGSANLWIPDNICVNGRRGACRITTCDRGLVCEVLCHDKSCCEDDVDN
PDEDNPCKGKSGFDSTQSTSYAKITPKKYFEIVYGTGFAKGFLGNDTVRFGEEGNNKTLVVPGTVFGQAVQIGDPFANNP
INGILGLGFRGLAQAGVTPPLQRAIDLKLVDPIFTVYMKQLGAKAKGQDGGAFTYGGLDSVNCGQEIAYVDLTRPLYWQF
KMEAFSAGYLSIRKGWEVISDTGTSFMGVPTAIADLVADSYGGQYDEMFEIYTVDCNATVTFGMTIGGKQYKIERKNLVL
EEDKDSCMIAMTPLSSVGFGPQWILGAPFIRQYCNIHDMRNNTIGFAEP
;
E,F
3 'polypeptide(L)'
;DPDIPENYDPRLIWPNCSSLFTIPDQANCGSCWAVSTAAAISDRLCIASKGENQVFISSADILSCCDTCGFGCDGGITFR
AWEYFATKGSVSGGHFEAPNCCRPYYFHPCGQHGNDTFYGYCPRFAQTPFCRRKCRIGFNKSYAQDRIQGKSFYTVDYSV
PAIQREIMTKGSVVGSYDVFTDFSHYKSGIYRHTGGKPDGRHAVRIIGWGKENGTDYWLIANSWHDDWGENGYFRMIRGI
NDCGIEQDITAGD
;
G
#
# COMPACT_ATOMS: atom_id res chain seq x y z
N ASN A 1 -1.93 36.91 29.34
CA ASN A 1 -3.12 37.75 29.38
C ASN A 1 -4.11 37.24 28.37
N ALA A 2 -5.41 37.40 28.62
CA ALA A 2 -6.42 36.85 27.72
C ALA A 2 -7.79 37.45 28.01
N ASN A 3 -8.45 37.96 26.98
CA ASN A 3 -9.82 38.42 27.19
C ASN A 3 -10.65 37.16 27.37
N ARG A 4 -10.76 36.73 28.63
CA ARG A 4 -11.39 35.46 28.98
C ARG A 4 -12.74 35.26 28.32
N SER A 5 -13.35 36.33 27.83
CA SER A 5 -14.68 36.30 27.27
C SER A 5 -14.91 35.07 26.42
N LYS A 6 -16.09 34.48 26.57
CA LYS A 6 -16.34 33.17 25.97
C LYS A 6 -16.04 33.15 24.48
N GLU A 7 -16.74 33.98 23.72
CA GLU A 7 -16.53 34.00 22.26
C GLU A 7 -15.05 33.95 21.92
N TRP A 8 -14.23 34.62 22.70
CA TRP A 8 -12.82 34.50 22.44
C TRP A 8 -12.36 33.10 22.70
N LYS A 9 -12.95 32.42 23.67
CA LYS A 9 -12.66 31.00 23.81
C LYS A 9 -13.09 30.25 22.57
N ASN A 10 -14.25 30.64 22.02
CA ASN A 10 -14.80 30.00 20.80
C ASN A 10 -13.83 30.20 19.64
N ALA A 11 -13.25 31.41 19.53
CA ALA A 11 -12.29 31.72 18.45
C ALA A 11 -11.02 30.90 18.65
N ALA A 12 -10.62 30.69 19.91
CA ALA A 12 -9.40 29.90 20.23
C ALA A 12 -9.68 28.42 20.00
N ASN A 13 -10.94 27.99 20.18
CA ASN A 13 -11.33 26.57 19.98
C ASN A 13 -11.22 26.22 18.49
N THR A 14 -11.54 27.19 17.62
CA THR A 14 -11.48 26.98 16.14
C THR A 14 -10.02 27.07 15.68
N LEU A 15 -9.17 27.74 16.48
CA LEU A 15 -7.74 27.91 16.14
C LEU A 15 -6.93 26.73 16.72
N LEU A 16 -7.49 26.07 17.74
CA LEU A 16 -6.81 24.91 18.39
C LEU A 16 -6.89 23.69 17.47
N PHE A 17 -8.06 23.47 16.85
CA PHE A 17 -8.26 22.31 15.93
C PHE A 17 -7.36 22.49 14.70
N GLY A 18 -6.12 21.97 14.80
CA GLY A 18 -5.16 22.06 13.69
C GLY A 18 -3.94 22.90 14.07
N LEU A 19 -3.67 23.00 15.38
CA LEU A 19 -2.50 23.78 15.88
C LEU A 19 -1.11 23.17 15.71
N ASP A 20 -0.98 21.87 15.96
CA ASP A 20 0.24 21.06 15.65
C ASP A 20 1.49 21.87 16.00
N GLU A 21 1.76 22.04 17.30
CA GLU A 21 2.95 22.81 17.78
C GLU A 21 4.17 21.89 17.80
N SER A 22 3.96 20.57 17.67
CA SER A 22 5.08 19.59 17.68
C SER A 22 6.17 20.03 16.69
N VAL A 23 5.78 20.32 15.44
CA VAL A 23 6.74 20.76 14.39
C VAL A 23 7.09 22.23 14.60
N ASP A 24 8.38 22.58 14.49
CA ASP A 24 8.83 23.99 14.66
C ASP A 24 8.14 24.88 13.64
N PRO A 25 7.65 26.08 14.02
CA PRO A 25 6.98 26.98 13.08
C PRO A 25 7.96 27.71 12.15
N CYS A 26 9.24 27.76 12.54
CA CYS A 26 10.28 28.45 11.72
C CYS A 26 10.80 27.49 10.65
N GLU A 27 10.71 26.18 10.90
CA GLU A 27 11.17 25.15 9.92
C GLU A 27 10.16 25.14 8.77
N ASP A 28 9.03 24.44 8.96
CA ASP A 28 7.97 24.43 7.96
C ASP A 28 6.80 25.17 8.56
N PHE A 29 5.83 25.51 7.74
CA PHE A 29 4.64 26.12 8.29
C PHE A 29 3.41 25.29 8.08
N TYR A 30 3.07 25.00 6.83
CA TYR A 30 1.75 24.47 6.60
C TYR A 30 1.46 23.33 7.53
N GLY A 31 2.48 22.55 7.89
CA GLY A 31 2.28 21.57 8.92
C GLY A 31 1.76 22.16 10.20
N PHE A 32 2.40 23.21 10.66
CA PHE A 32 2.11 23.80 11.95
C PHE A 32 0.75 24.48 11.97
N THR A 33 -0.04 24.36 10.94
CA THR A 33 -1.33 24.98 11.02
C THR A 33 -2.45 24.10 10.57
N CYS A 34 -2.17 23.01 9.90
CA CYS A 34 -3.26 22.16 9.46
C CYS A 34 -3.01 20.71 9.78
N ASN A 35 -1.76 20.33 10.04
CA ASN A 35 -1.48 18.93 10.14
C ASN A 35 -2.44 18.23 11.08
N LYS A 36 -2.74 18.86 12.22
CA LYS A 36 -3.86 18.39 13.01
C LYS A 36 -5.06 18.11 12.14
N PHE A 37 -5.54 19.13 11.45
CA PHE A 37 -6.78 18.99 10.71
C PHE A 37 -6.72 17.83 9.76
N ILE A 38 -5.65 17.74 8.97
CA ILE A 38 -5.47 16.56 8.15
C ILE A 38 -5.64 15.31 9.00
N GLU A 39 -5.12 15.35 10.22
CA GLU A 39 -5.03 14.12 10.99
C GLU A 39 -6.37 13.74 11.57
N ARG A 40 -6.88 14.56 12.48
CA ARG A 40 -8.13 14.27 13.13
C ARG A 40 -9.19 13.93 12.10
N ILE A 41 -9.43 14.85 11.18
CA ILE A 41 -10.47 14.60 10.21
C ILE A 41 -9.97 13.54 9.27
N ASP A 42 -10.46 12.33 9.47
CA ASP A 42 -10.41 11.35 8.41
C ASP A 42 -11.14 11.89 7.20
N LEU A 43 -10.68 11.55 6.00
CA LEU A 43 -11.33 12.02 4.75
C LEU A 43 -12.82 11.65 4.80
N ASP A 44 -13.70 12.66 4.92
CA ASP A 44 -15.16 12.43 5.00
C ASP A 44 -15.60 11.53 3.83
N GLU A 45 -16.34 10.46 4.13
CA GLU A 45 -16.82 9.51 3.09
C GLU A 45 -17.89 10.21 2.24
N GLY A 49 -13.92 13.55 -1.85
CA GLY A 49 -12.62 14.25 -1.88
C GLY A 49 -12.11 15.42 -1.06
N ARG A 50 -11.58 16.45 -1.72
CA ARG A 50 -11.04 17.65 -1.03
C ARG A 50 -12.10 18.20 -0.07
N PHE A 51 -11.72 18.44 1.19
CA PHE A 51 -12.66 18.97 2.21
C PHE A 51 -12.12 20.29 2.76
N THR A 52 -12.16 21.34 1.94
CA THR A 52 -11.67 22.64 2.35
C THR A 52 -12.42 23.16 3.56
N THR A 53 -11.68 23.84 4.43
CA THR A 53 -12.33 24.68 5.40
C THR A 53 -13.45 25.44 4.76
N PHE A 54 -13.29 25.84 3.50
CA PHE A 54 -14.43 26.44 2.81
C PHE A 54 -15.61 25.49 2.88
N SER A 55 -15.48 24.33 2.25
CA SER A 55 -16.63 23.44 2.23
C SER A 55 -17.11 23.14 3.63
N GLN A 56 -16.22 23.21 4.61
CA GLN A 56 -16.65 23.20 6.00
C GLN A 56 -17.68 24.29 6.23
N ALA A 57 -17.28 25.53 5.99
CA ALA A 57 -18.20 26.65 6.05
C ALA A 57 -19.48 26.32 5.31
N GLN A 58 -19.35 25.99 4.03
CA GLN A 58 -20.46 25.63 3.19
C GLN A 58 -21.46 24.75 3.91
N LEU A 59 -20.99 23.66 4.51
CA LEU A 59 -21.88 22.88 5.35
C LEU A 59 -22.50 23.72 6.43
N GLU A 60 -21.71 24.49 7.15
CA GLU A 60 -22.28 25.23 8.27
C GLU A 60 -23.41 26.14 7.81
N VAL A 61 -23.08 27.08 6.93
CA VAL A 61 -24.09 27.98 6.44
C VAL A 61 -25.26 27.22 5.83
N ASN A 62 -25.02 26.44 4.78
CA ASN A 62 -26.10 25.75 4.10
C ASN A 62 -27.00 25.03 5.10
N SER A 63 -26.41 24.43 6.13
CA SER A 63 -27.24 23.89 7.19
C SER A 63 -28.12 24.96 7.78
N ASP A 64 -27.51 25.98 8.37
CA ASP A 64 -28.27 27.06 8.99
C ASP A 64 -29.40 27.52 8.10
N ILE A 65 -29.11 27.62 6.80
CA ILE A 65 -30.17 27.80 5.83
C ILE A 65 -31.28 26.82 6.10
N VAL A 66 -30.97 25.53 5.97
CA VAL A 66 -32.00 24.51 6.09
C VAL A 66 -32.80 24.72 7.36
N LYS A 67 -32.08 24.78 8.48
CA LYS A 67 -32.66 25.08 9.77
C LYS A 67 -33.68 26.22 9.71
N ALA A 68 -33.33 27.31 9.07
CA ALA A 68 -34.27 28.42 9.05
C ALA A 68 -35.44 28.16 8.11
N LEU A 69 -35.18 27.49 7.00
CA LEU A 69 -36.19 27.29 5.97
C LEU A 69 -37.51 26.81 6.54
N GLU A 70 -37.48 25.67 7.21
CA GLU A 70 -38.66 24.87 7.49
C GLU A 70 -39.92 25.67 7.78
N LYS A 71 -39.81 26.77 8.52
CA LYS A 71 -40.98 27.50 8.98
C LYS A 71 -42.02 27.76 7.90
N PHE A 79 -47.41 36.84 3.27
CA PHE A 79 -46.71 36.59 4.51
C PHE A 79 -45.28 36.16 4.25
N SER A 80 -45.07 35.30 3.25
CA SER A 80 -43.74 34.90 2.85
C SER A 80 -43.84 34.32 1.44
N GLN A 81 -43.23 34.97 0.45
CA GLN A 81 -43.48 34.48 -0.90
C GLN A 81 -42.37 33.59 -1.47
N THR A 82 -41.21 34.17 -1.75
CA THR A 82 -40.19 33.39 -2.46
C THR A 82 -39.58 32.40 -1.53
N GLU A 83 -39.08 32.90 -0.41
CA GLU A 83 -38.75 32.06 0.71
C GLU A 83 -39.71 30.88 0.79
N ARG A 84 -41.01 31.12 0.62
CA ARG A 84 -41.92 29.99 0.50
C ARG A 84 -41.61 29.16 -0.73
N ILE A 85 -41.32 29.82 -1.86
CA ILE A 85 -41.04 29.07 -3.07
C ILE A 85 -39.93 28.07 -2.83
N THR A 86 -38.76 28.59 -2.48
CA THR A 86 -37.66 27.74 -2.08
C THR A 86 -38.13 26.67 -1.11
N LYS A 87 -38.61 27.08 0.05
CA LYS A 87 -38.96 26.14 1.09
C LYS A 87 -39.67 24.94 0.50
N ALA A 88 -40.63 25.20 -0.36
CA ALA A 88 -41.26 24.11 -1.08
C ALA A 88 -40.24 23.36 -1.91
N ALA A 89 -39.45 24.09 -2.68
CA ALA A 89 -38.53 23.43 -3.59
C ALA A 89 -37.65 22.47 -2.82
N PHE A 90 -36.88 22.99 -1.89
CA PHE A 90 -36.14 22.13 -1.00
C PHE A 90 -36.96 21.00 -0.45
N GLN A 91 -38.03 21.30 0.29
CA GLN A 91 -38.79 20.25 0.95
C GLN A 91 -39.02 19.08 0.00
N SER A 92 -39.12 19.38 -1.28
CA SER A 92 -39.04 18.34 -2.31
C SER A 92 -37.59 17.91 -2.52
N CYS A 93 -36.99 17.29 -1.51
CA CYS A 93 -35.63 16.77 -1.64
C CYS A 93 -35.40 15.38 -1.09
N VAL A 94 -36.24 14.92 -0.18
CA VAL A 94 -35.93 13.71 0.59
C VAL A 94 -35.59 12.52 -0.28
N GLU A 95 -35.83 12.60 -1.57
CA GLU A 95 -35.69 11.48 -2.46
C GLU A 95 -34.24 11.29 -2.84
N ALA A 104 -37.63 5.05 -12.34
CA ALA A 104 -38.45 6.01 -11.62
C ALA A 104 -39.02 7.03 -12.57
N SER A 105 -38.31 8.14 -12.74
CA SER A 105 -38.81 9.27 -13.52
C SER A 105 -37.96 9.51 -14.76
N VAL A 106 -37.08 8.57 -15.08
CA VAL A 106 -36.38 8.60 -16.34
C VAL A 106 -37.32 8.87 -17.50
N ASN A 107 -38.50 8.28 -17.43
CA ASN A 107 -39.56 8.55 -18.38
C ASN A 107 -39.63 10.02 -18.75
N GLU A 108 -39.62 10.89 -17.74
CA GLU A 108 -39.68 12.33 -17.98
C GLU A 108 -38.61 12.76 -18.97
N LEU A 109 -37.37 12.40 -18.69
CA LEU A 109 -36.29 12.72 -19.60
C LEU A 109 -36.59 12.19 -20.98
N LEU A 110 -36.85 10.90 -21.06
CA LEU A 110 -37.19 10.31 -22.34
C LEU A 110 -38.19 11.17 -23.06
N GLN A 111 -39.15 11.68 -22.32
CA GLN A 111 -40.12 12.58 -22.89
C GLN A 111 -39.41 13.76 -23.51
N TYR A 112 -38.43 14.31 -22.80
CA TYR A 112 -37.78 15.50 -23.36
C TYR A 112 -37.16 15.16 -24.70
N ILE A 113 -36.33 14.13 -24.72
CA ILE A 113 -35.67 13.75 -25.96
C ILE A 113 -36.71 13.57 -27.05
N SER A 114 -37.74 12.80 -26.75
CA SER A 114 -38.78 12.55 -27.74
C SER A 114 -39.33 13.86 -28.26
N GLU A 115 -39.70 14.77 -27.36
CA GLU A 115 -40.14 16.09 -27.77
C GLU A 115 -39.20 16.65 -28.80
N ARG A 116 -37.93 16.30 -28.68
CA ARG A 116 -37.04 16.67 -29.76
C ARG A 116 -36.96 15.56 -30.81
N PHE A 117 -36.96 14.29 -30.40
CA PHE A 117 -36.69 13.23 -31.37
C PHE A 117 -37.43 11.93 -31.09
N GLU A 132 -33.57 20.88 -38.78
CA GLU A 132 -33.13 22.15 -38.22
C GLU A 132 -32.52 21.91 -36.87
N LEU A 133 -31.45 21.13 -36.86
CA LEU A 133 -30.83 20.68 -35.62
C LEU A 133 -30.45 21.79 -34.67
N TYR A 134 -29.94 22.90 -35.22
CA TYR A 134 -29.51 23.99 -34.38
C TYR A 134 -30.57 24.37 -33.37
N ARG A 135 -31.70 24.88 -33.85
CA ARG A 135 -32.71 25.39 -32.95
C ARG A 135 -33.05 24.38 -31.88
N GLU A 136 -32.98 23.11 -32.24
CA GLU A 136 -33.09 22.10 -31.20
C GLU A 136 -32.03 22.32 -30.15
N MET A 137 -30.77 22.18 -30.54
CA MET A 137 -29.66 22.43 -29.63
C MET A 137 -29.94 23.65 -28.76
N GLY A 138 -30.36 24.72 -29.42
CA GLY A 138 -30.73 25.90 -28.71
C GLY A 138 -31.64 25.58 -27.56
N ARG A 139 -32.84 25.12 -27.85
CA ARG A 139 -33.82 24.97 -26.79
C ARG A 139 -33.35 23.98 -25.73
N ILE A 140 -32.54 23.00 -26.12
CA ILE A 140 -32.04 22.08 -25.12
C ILE A 140 -31.20 22.82 -24.11
N GLU A 141 -30.14 23.45 -24.59
CA GLU A 141 -29.39 24.35 -23.75
C GLU A 141 -30.33 25.15 -22.89
N GLN A 142 -31.33 25.73 -23.54
CA GLN A 142 -32.17 26.70 -22.87
C GLN A 142 -32.80 26.11 -21.64
N GLN A 143 -33.68 25.16 -21.85
CA GLN A 143 -34.49 24.73 -20.73
C GLN A 143 -33.79 23.63 -19.96
N ARG A 144 -32.49 23.43 -20.15
CA ARG A 144 -31.83 22.46 -19.29
C ARG A 144 -30.46 22.93 -18.82
N ALA A 145 -30.13 24.20 -19.06
CA ALA A 145 -28.89 24.81 -18.57
C ALA A 145 -27.68 23.98 -18.91
N LEU A 146 -27.82 23.11 -19.88
CA LEU A 146 -26.71 22.25 -20.22
C LEU A 146 -25.96 22.86 -21.37
N PRO A 147 -24.75 23.32 -21.18
CA PRO A 147 -24.06 23.98 -22.28
C PRO A 147 -23.23 23.01 -23.09
N THR A 148 -23.35 23.07 -24.40
CA THR A 148 -22.63 22.17 -25.28
C THR A 148 -22.40 22.85 -26.61
N PHE A 149 -21.17 22.83 -27.08
CA PHE A 149 -20.81 23.29 -28.40
C PHE A 149 -20.80 24.80 -28.55
N MET A 150 -21.44 25.50 -27.64
CA MET A 150 -21.42 26.95 -27.65
C MET A 150 -21.85 27.35 -26.24
N TYR A 151 -20.90 27.65 -25.39
CA TYR A 151 -21.27 28.00 -24.03
C TYR A 151 -21.45 29.50 -24.00
N THR A 152 -22.70 29.95 -24.03
CA THR A 152 -22.96 31.36 -24.25
C THR A 152 -23.89 31.94 -23.21
N TRP A 153 -23.41 32.92 -22.48
CA TRP A 153 -24.37 33.77 -21.83
C TRP A 153 -23.75 35.11 -21.52
N VAL A 154 -24.59 36.11 -21.66
CA VAL A 154 -24.24 37.48 -21.98
C VAL A 154 -23.82 38.28 -20.78
N ASN A 155 -23.31 39.46 -21.05
CA ASN A 155 -23.00 40.45 -20.05
C ASN A 155 -22.78 41.74 -20.82
N VAL A 156 -22.26 42.74 -20.14
CA VAL A 156 -21.84 43.94 -20.84
C VAL A 156 -20.71 43.57 -21.79
N ASP A 157 -20.55 44.33 -22.86
CA ASP A 157 -19.38 44.08 -23.67
C ASP A 157 -18.18 44.58 -22.92
N HIS A 158 -17.05 44.55 -23.57
CA HIS A 158 -15.94 45.33 -23.08
C HIS A 158 -15.86 46.67 -23.79
N LYS A 159 -15.79 46.67 -25.11
CA LYS A 159 -15.34 47.88 -25.79
C LYS A 159 -16.34 49.03 -25.79
N ASN A 160 -17.59 48.78 -25.41
CA ASN A 160 -18.59 49.85 -25.45
C ASN A 160 -19.55 49.68 -24.28
N VAL A 161 -19.22 50.31 -23.17
CA VAL A 161 -19.81 49.87 -21.92
C VAL A 161 -21.13 50.56 -21.62
N SER A 162 -22.17 50.20 -22.35
CA SER A 162 -23.49 50.19 -21.78
C SER A 162 -24.24 49.11 -22.52
N ARG A 163 -23.71 48.75 -23.67
CA ARG A 163 -24.41 47.93 -24.64
C ARG A 163 -24.23 46.49 -24.22
N ASN A 164 -25.28 45.89 -23.68
CA ASN A 164 -25.26 44.46 -23.51
C ASN A 164 -24.89 43.79 -24.81
N SER A 165 -24.37 42.58 -24.72
CA SER A 165 -23.93 41.88 -25.91
C SER A 165 -23.94 40.39 -25.63
N TYR A 166 -24.19 39.62 -26.65
CA TYR A 166 -24.09 38.19 -26.49
C TYR A 166 -22.64 37.82 -26.36
N TYR A 167 -22.39 36.53 -26.32
CA TYR A 167 -21.05 35.98 -26.44
C TYR A 167 -21.22 34.57 -26.94
N ILE A 168 -20.18 34.01 -27.49
CA ILE A 168 -20.16 32.63 -27.92
C ILE A 168 -18.76 32.14 -27.63
N SER A 169 -18.64 30.96 -27.07
CA SER A 169 -17.30 30.62 -26.63
C SER A 169 -17.12 29.13 -26.48
N GLN A 170 -15.90 28.70 -26.55
CA GLN A 170 -15.59 27.30 -26.44
C GLN A 170 -16.23 26.74 -25.19
N PRO A 171 -16.77 25.55 -25.26
CA PRO A 171 -17.56 25.04 -24.16
C PRO A 171 -16.67 24.77 -22.97
N THR A 172 -17.25 24.23 -21.93
CA THR A 172 -16.45 23.74 -20.80
C THR A 172 -16.81 22.28 -20.60
N LEU A 173 -15.79 21.46 -20.50
CA LEU A 173 -15.84 20.04 -20.75
C LEU A 173 -15.25 19.25 -19.60
N PRO A 174 -15.74 18.05 -19.37
CA PRO A 174 -15.52 17.38 -18.09
C PRO A 174 -14.08 17.18 -17.68
N MET A 175 -13.31 16.46 -18.46
CA MET A 175 -11.89 16.48 -18.24
C MET A 175 -11.38 17.86 -18.59
N PRO A 176 -10.33 18.31 -18.02
CA PRO A 176 -9.86 19.65 -18.36
C PRO A 176 -8.77 19.73 -19.41
N ARG A 177 -8.11 18.61 -19.71
CA ARG A 177 -6.89 18.64 -20.51
C ARG A 177 -7.11 19.19 -21.91
N GLN A 184 -2.27 13.40 -25.72
CA GLN A 184 -1.18 13.71 -24.82
C GLN A 184 -0.61 12.43 -24.30
N PHE A 185 -0.88 12.20 -23.03
CA PHE A 185 -0.41 11.00 -22.36
C PHE A 185 -1.54 10.05 -22.00
N ALA A 186 -2.70 10.56 -21.61
CA ALA A 186 -3.60 9.90 -20.69
C ALA A 186 -4.38 8.77 -21.35
N PRO A 187 -4.72 7.73 -20.59
CA PRO A 187 -5.87 6.89 -20.92
C PRO A 187 -7.12 7.30 -20.18
N GLU A 188 -7.02 8.22 -19.21
CA GLU A 188 -8.21 8.73 -18.53
C GLU A 188 -9.31 9.00 -19.53
N LEU A 189 -8.93 9.33 -20.76
CA LEU A 189 -9.82 9.22 -21.90
C LEU A 189 -10.66 7.97 -21.83
N ASP A 190 -10.03 6.83 -21.72
CA ASP A 190 -10.82 5.62 -21.82
C ASP A 190 -11.70 5.44 -20.61
N ALA A 191 -11.32 6.01 -19.48
CA ALA A 191 -12.24 6.03 -18.36
C ALA A 191 -13.49 6.80 -18.75
N ARG A 192 -13.32 7.99 -19.32
CA ARG A 192 -14.44 8.72 -19.86
C ARG A 192 -15.26 7.82 -20.75
N THR A 193 -14.58 7.02 -21.56
CA THR A 193 -15.28 6.08 -22.42
C THR A 193 -16.18 5.19 -21.60
N LYS A 194 -15.55 4.34 -20.80
CA LYS A 194 -16.26 3.38 -19.98
C LYS A 194 -17.46 4.01 -19.33
N ALA A 195 -17.29 5.19 -18.75
CA ALA A 195 -18.41 5.79 -18.05
C ALA A 195 -19.50 6.18 -19.02
N ILE A 196 -19.13 6.67 -20.20
CA ILE A 196 -20.15 7.04 -21.18
C ILE A 196 -21.00 5.84 -21.54
N GLU A 197 -20.34 4.79 -21.99
CA GLU A 197 -21.11 3.63 -22.36
C GLU A 197 -21.93 3.15 -21.20
N ASN A 198 -21.42 3.27 -19.97
CA ASN A 198 -22.18 2.75 -18.85
C ASN A 198 -23.39 3.62 -18.55
N VAL A 199 -23.30 4.92 -18.75
CA VAL A 199 -24.49 5.76 -18.64
C VAL A 199 -25.54 5.26 -19.60
N MET A 200 -25.23 5.27 -20.89
CA MET A 200 -26.28 4.91 -21.84
C MET A 200 -26.74 3.48 -21.59
N LYS A 201 -25.88 2.64 -21.05
CA LYS A 201 -26.31 1.31 -20.66
C LYS A 201 -27.39 1.41 -19.60
N ALA A 202 -27.03 1.94 -18.44
CA ALA A 202 -28.01 2.06 -17.35
C ALA A 202 -29.29 2.65 -17.87
N PHE A 203 -29.18 3.53 -18.85
CA PHE A 203 -30.35 3.98 -19.55
C PHE A 203 -31.05 2.80 -20.19
N ALA A 204 -30.28 1.93 -20.83
CA ALA A 204 -30.87 0.87 -21.63
C ALA A 204 -31.71 -0.05 -20.76
N SER A 205 -31.77 0.23 -19.46
CA SER A 205 -32.77 -0.42 -18.64
C SER A 205 -34.16 -0.23 -19.22
N ASP A 206 -34.45 0.96 -19.73
CA ASP A 206 -35.82 1.33 -20.05
C ASP A 206 -36.13 1.17 -21.53
N ILE A 207 -37.27 0.57 -21.81
CA ILE A 207 -37.70 0.22 -23.15
C ILE A 207 -39.17 0.64 -23.27
N LEU A 208 -39.41 1.82 -23.85
CA LEU A 208 -40.77 2.35 -23.90
C LEU A 208 -41.10 3.06 -25.20
N TYR A 214 -30.85 -4.36 -29.07
CA TYR A 214 -29.80 -3.51 -29.61
C TYR A 214 -28.71 -3.41 -28.61
N ASP A 215 -28.47 -4.51 -27.95
CA ASP A 215 -27.68 -4.47 -26.73
C ASP A 215 -26.19 -4.27 -27.00
N LYS A 216 -25.81 -3.90 -28.21
CA LYS A 216 -24.38 -3.66 -28.42
C LYS A 216 -24.05 -2.31 -29.03
N MET A 217 -24.84 -1.85 -30.01
CA MET A 217 -24.45 -0.70 -30.82
C MET A 217 -23.97 0.46 -29.98
N ILE A 218 -24.49 0.57 -28.75
CA ILE A 218 -23.93 1.47 -27.76
C ILE A 218 -22.41 1.36 -27.74
N LYS A 219 -21.90 0.15 -27.88
CA LYS A 219 -20.46 -0.01 -27.80
C LYS A 219 -19.77 0.53 -29.04
N THR A 220 -20.51 1.22 -29.89
CA THR A 220 -19.92 2.06 -30.91
C THR A 220 -20.20 3.52 -30.63
N ALA A 221 -21.48 3.84 -30.43
CA ALA A 221 -21.84 5.20 -30.10
C ALA A 221 -20.90 5.79 -29.07
N ALA A 222 -20.46 4.94 -28.16
CA ALA A 222 -19.43 5.36 -27.22
C ALA A 222 -18.28 6.00 -27.97
N ARG A 223 -17.57 5.19 -28.76
CA ARG A 223 -16.34 5.70 -29.35
C ARG A 223 -16.62 6.94 -30.16
N GLU A 224 -17.80 7.00 -30.73
CA GLU A 224 -18.17 8.19 -31.46
C GLU A 224 -18.06 9.41 -30.56
N VAL A 225 -18.83 9.44 -29.49
CA VAL A 225 -18.84 10.65 -28.68
C VAL A 225 -17.49 10.90 -28.06
N THR A 226 -16.73 9.85 -27.79
CA THR A 226 -15.42 10.11 -27.22
C THR A 226 -14.58 10.90 -28.19
N GLN A 227 -14.30 10.32 -29.35
CA GLN A 227 -13.44 11.05 -30.26
C GLN A 227 -14.05 12.41 -30.58
N ILE A 228 -15.35 12.58 -30.33
CA ILE A 228 -15.91 13.91 -30.42
C ILE A 228 -15.36 14.82 -29.34
N GLU A 229 -15.34 14.33 -28.10
CA GLU A 229 -14.64 15.10 -27.08
C GLU A 229 -13.33 15.52 -27.66
N GLN A 230 -12.57 14.53 -28.10
CA GLN A 230 -11.21 14.79 -28.51
C GLN A 230 -11.14 15.92 -29.50
N LYS A 231 -12.04 15.94 -30.49
CA LYS A 231 -11.98 17.04 -31.45
C LYS A 231 -12.23 18.36 -30.77
N ILE A 232 -13.33 18.44 -30.02
CA ILE A 232 -13.67 19.69 -29.36
C ILE A 232 -12.45 20.22 -28.63
N ALA A 233 -11.96 19.42 -27.71
CA ALA A 233 -10.78 19.84 -26.96
C ALA A 233 -9.68 20.25 -27.91
N MET A 234 -9.23 19.31 -28.74
CA MET A 234 -7.99 19.48 -29.50
C MET A 234 -8.06 20.67 -30.40
N ALA A 235 -9.21 21.33 -30.46
CA ALA A 235 -9.23 22.64 -31.08
C ALA A 235 -9.58 23.75 -30.12
N SER A 236 -10.19 23.44 -29.01
CA SER A 236 -10.56 24.48 -28.07
C SER A 236 -9.33 25.17 -27.54
N TRP A 237 -9.55 26.15 -26.68
CA TRP A 237 -8.30 26.75 -26.23
C TRP A 237 -7.98 26.37 -24.79
N PRO A 238 -6.82 25.80 -24.56
CA PRO A 238 -6.34 25.67 -23.19
C PRO A 238 -6.27 26.98 -22.46
N ASP A 239 -5.97 26.96 -21.17
CA ASP A 239 -6.29 28.10 -20.32
C ASP A 239 -5.35 29.27 -20.49
N ASP A 240 -4.09 29.09 -20.10
CA ASP A 240 -3.19 30.22 -19.84
C ASP A 240 -3.34 31.30 -20.88
N GLU A 241 -3.49 30.87 -22.12
CA GLU A 241 -3.70 31.75 -23.24
C GLU A 241 -5.03 32.47 -23.18
N LEU A 242 -5.80 32.29 -22.12
CA LEU A 242 -7.06 33.02 -21.98
C LEU A 242 -6.83 34.31 -21.18
N ARG A 243 -5.95 35.13 -21.68
CA ARG A 243 -5.74 36.41 -21.05
C ARG A 243 -5.67 37.56 -22.01
N ASN A 244 -5.43 37.33 -23.29
CA ASN A 244 -5.38 38.44 -24.23
C ASN A 244 -6.78 38.94 -24.53
N HIS A 245 -7.43 39.49 -23.51
CA HIS A 245 -8.72 40.10 -23.76
C HIS A 245 -8.63 41.02 -24.96
N GLU A 246 -7.47 41.60 -25.19
CA GLU A 246 -7.22 42.20 -26.48
C GLU A 246 -7.73 41.29 -27.58
N GLN A 247 -7.37 40.01 -27.52
CA GLN A 247 -7.74 39.15 -28.64
C GLN A 247 -9.20 38.77 -28.60
N GLN A 248 -9.62 38.08 -27.56
CA GLN A 248 -10.82 37.30 -27.74
C GLN A 248 -12.03 38.21 -27.81
N TYR A 249 -12.00 39.18 -28.69
CA TYR A 249 -13.04 40.18 -28.72
C TYR A 249 -13.65 40.38 -30.09
N ASN A 250 -13.01 39.93 -31.15
CA ASN A 250 -13.46 40.17 -32.51
C ASN A 250 -14.96 39.99 -32.65
N PRO A 251 -15.67 40.97 -33.16
CA PRO A 251 -17.12 40.91 -33.22
C PRO A 251 -17.63 40.41 -34.56
N TYR A 252 -18.76 39.73 -34.52
CA TYR A 252 -19.45 39.23 -35.70
C TYR A 252 -20.93 39.51 -35.58
N GLU A 253 -21.58 39.92 -36.65
CA GLU A 253 -23.00 40.24 -36.53
C GLU A 253 -23.77 39.60 -37.67
N LEU A 254 -25.02 39.22 -37.40
CA LEU A 254 -25.84 38.47 -38.31
C LEU A 254 -25.15 37.18 -38.68
N ASN A 270 -17.59 33.12 -42.16
CA ASN A 270 -18.13 31.95 -41.49
C ASN A 270 -19.45 31.59 -42.10
N ILE A 271 -19.82 30.31 -42.05
CA ILE A 271 -20.93 29.87 -42.87
C ILE A 271 -22.04 29.17 -42.11
N ARG A 272 -21.73 28.00 -41.57
CA ARG A 272 -22.84 27.07 -41.44
C ARG A 272 -23.59 27.34 -40.15
N PHE A 273 -24.64 28.14 -40.25
CA PHE A 273 -25.38 28.64 -39.12
C PHE A 273 -26.86 28.55 -39.40
N GLY A 274 -27.61 28.39 -38.34
CA GLY A 274 -29.05 28.50 -38.34
C GLY A 274 -29.37 29.38 -37.16
N LYS A 275 -30.49 30.07 -37.19
CA LYS A 275 -30.80 31.14 -36.27
C LYS A 275 -30.34 30.79 -34.88
N TYR A 276 -30.87 29.71 -34.33
CA TYR A 276 -30.32 29.11 -33.13
C TYR A 276 -30.42 30.04 -31.95
N ILE A 277 -30.67 31.31 -32.21
CA ILE A 277 -30.88 32.20 -31.10
C ILE A 277 -32.28 31.99 -30.60
N ALA A 278 -33.19 31.74 -31.54
CA ALA A 278 -34.53 31.32 -31.18
C ALA A 278 -34.48 30.27 -30.09
N GLY A 279 -33.80 29.16 -30.36
CA GLY A 279 -33.63 28.13 -29.36
C GLY A 279 -33.08 28.63 -28.07
N LEU A 280 -32.65 29.88 -28.01
CA LEU A 280 -32.35 30.40 -26.70
C LEU A 280 -33.57 31.08 -26.08
N MET A 281 -34.38 31.76 -26.87
CA MET A 281 -35.54 32.38 -26.24
C MET A 281 -36.80 31.56 -26.38
N PHE A 294 -30.75 42.18 -36.06
CA PHE A 294 -31.22 43.28 -35.24
C PHE A 294 -30.73 43.14 -33.80
N ILE A 295 -30.28 41.94 -33.43
CA ILE A 295 -29.51 41.75 -32.20
C ILE A 295 -28.23 42.50 -32.38
N GLY A 296 -27.54 42.77 -31.29
CA GLY A 296 -26.25 43.43 -31.43
C GLY A 296 -25.27 42.52 -32.10
N ASP A 297 -24.00 42.92 -32.13
CA ASP A 297 -23.00 42.10 -32.78
C ASP A 297 -22.60 41.01 -31.80
N VAL A 298 -23.12 39.82 -32.01
CA VAL A 298 -22.65 38.67 -31.27
C VAL A 298 -21.13 38.66 -31.29
N ILE A 299 -20.52 38.57 -30.14
CA ILE A 299 -19.08 38.57 -30.11
C ILE A 299 -18.60 37.15 -29.97
N VAL A 300 -17.55 36.78 -30.67
CA VAL A 300 -17.15 35.39 -30.65
C VAL A 300 -15.71 35.22 -30.23
N THR A 301 -15.54 34.65 -29.05
CA THR A 301 -14.27 34.67 -28.34
C THR A 301 -13.29 33.64 -28.83
N ASN A 302 -13.60 32.95 -29.91
CA ASN A 302 -12.62 32.02 -30.44
C ASN A 302 -12.82 31.82 -31.93
N PRO A 303 -12.50 32.80 -32.70
CA PRO A 303 -12.41 32.64 -34.14
C PRO A 303 -11.94 31.27 -34.47
N ALA A 304 -10.92 30.84 -33.76
CA ALA A 304 -10.50 29.47 -33.85
C ALA A 304 -11.66 28.55 -33.58
N TYR A 305 -12.21 28.60 -32.38
CA TYR A 305 -13.22 27.60 -32.12
C TYR A 305 -14.40 27.77 -33.03
N MET A 306 -15.14 28.86 -32.87
CA MET A 306 -16.39 29.00 -33.58
C MET A 306 -16.18 28.93 -35.07
N GLY A 307 -14.95 28.91 -35.50
CA GLY A 307 -14.86 28.33 -36.80
C GLY A 307 -14.95 26.85 -36.76
N PHE A 308 -14.13 26.24 -35.93
CA PHE A 308 -13.97 24.80 -35.99
C PHE A 308 -15.27 24.04 -35.96
N LEU A 309 -16.35 24.64 -35.49
CA LEU A 309 -17.60 23.98 -35.74
C LEU A 309 -17.87 23.90 -37.22
N ASN A 310 -17.63 24.99 -37.94
CA ASN A 310 -18.05 25.02 -39.32
C ASN A 310 -17.43 23.95 -40.16
N THR A 311 -16.24 23.50 -39.83
CA THR A 311 -15.66 22.41 -40.56
C THR A 311 -16.14 21.08 -40.05
N LEU A 312 -16.93 21.08 -38.99
CA LEU A 312 -17.35 19.83 -38.39
C LEU A 312 -18.79 19.51 -38.69
N PHE A 313 -19.33 20.12 -39.72
CA PHE A 313 -20.68 19.83 -40.11
C PHE A 313 -20.69 19.40 -41.58
N GLN A 319 -27.13 15.15 -43.17
CA GLN A 319 -28.34 14.43 -42.80
C GLN A 319 -28.00 13.18 -42.01
N MET A 320 -26.74 12.72 -42.09
CA MET A 320 -26.16 11.55 -41.37
C MET A 320 -25.62 12.13 -40.06
N ASN A 321 -24.86 13.24 -40.17
CA ASN A 321 -24.33 14.11 -39.07
C ASN A 321 -25.25 14.07 -37.86
N GLN A 322 -26.54 14.43 -38.02
CA GLN A 322 -27.60 14.37 -36.98
C GLN A 322 -27.45 13.12 -36.11
N TYR A 323 -27.35 11.90 -36.68
CA TYR A 323 -27.19 10.62 -35.93
C TYR A 323 -26.05 10.71 -34.91
N PRO A 324 -24.74 10.74 -35.26
CA PRO A 324 -23.66 10.83 -34.25
C PRO A 324 -23.48 12.16 -33.50
N PHE A 325 -23.96 13.29 -34.04
CA PHE A 325 -23.83 14.63 -33.40
C PHE A 325 -24.88 14.79 -32.30
N VAL A 326 -26.13 14.38 -32.58
CA VAL A 326 -27.23 14.41 -31.57
C VAL A 326 -26.91 13.29 -30.58
N ASN A 327 -26.30 12.18 -31.03
CA ASN A 327 -25.83 11.04 -30.19
C ASN A 327 -25.10 11.63 -28.98
N TYR A 328 -24.28 12.66 -29.26
CA TYR A 328 -23.42 13.27 -28.26
C TYR A 328 -24.21 14.14 -27.32
N ILE A 329 -25.08 14.96 -27.87
CA ILE A 329 -25.71 15.92 -26.99
C ILE A 329 -26.59 15.19 -26.01
N ILE A 330 -27.19 14.09 -26.43
CA ILE A 330 -27.94 13.29 -25.48
C ILE A 330 -27.01 12.83 -24.39
N VAL A 331 -26.07 11.97 -24.76
CA VAL A 331 -25.28 11.30 -23.75
C VAL A 331 -24.73 12.31 -22.79
N HIS A 332 -24.37 13.46 -23.30
CA HIS A 332 -23.90 14.51 -22.42
C HIS A 332 -25.01 14.89 -21.46
N MET A 333 -26.11 15.38 -22.00
CA MET A 333 -27.22 15.86 -21.18
C MET A 333 -27.64 14.82 -20.16
N LEU A 334 -27.67 13.59 -20.59
CA LEU A 334 -27.95 12.51 -19.67
C LEU A 334 -26.94 12.52 -18.54
N PHE A 335 -25.68 12.34 -18.89
CA PHE A 335 -24.60 12.20 -17.93
C PHE A 335 -24.68 13.23 -16.83
N GLU A 336 -25.32 14.34 -17.12
CA GLU A 336 -25.57 15.43 -16.19
C GLU A 336 -25.99 14.98 -14.81
N ASP A 337 -27.11 14.28 -14.69
CA ASP A 337 -27.74 14.09 -13.39
C ASP A 337 -27.88 12.65 -13.03
N ALA A 338 -26.84 11.84 -13.25
CA ALA A 338 -26.94 10.40 -13.04
C ALA A 338 -27.70 10.05 -11.76
N GLU A 339 -27.27 10.63 -10.64
CA GLU A 339 -27.84 10.26 -9.35
C GLU A 339 -29.36 10.37 -9.36
N HIS A 340 -29.89 11.29 -10.13
CA HIS A 340 -31.32 11.34 -10.29
C HIS A 340 -31.75 10.25 -11.27
N ASP A 381 -26.27 15.10 6.82
CA ASP A 381 -27.39 14.47 6.15
C ASP A 381 -27.60 15.08 4.78
N ALA A 382 -27.88 14.23 3.80
CA ALA A 382 -27.78 14.59 2.40
C ALA A 382 -28.51 15.87 2.03
N ARG A 383 -29.44 16.32 2.87
CA ARG A 383 -30.20 17.54 2.63
C ARG A 383 -29.35 18.62 1.98
N MET A 384 -28.12 18.76 2.48
CA MET A 384 -27.16 19.65 1.85
C MET A 384 -27.24 19.54 0.35
N LYS A 385 -26.97 18.34 -0.16
CA LYS A 385 -26.78 18.12 -1.58
C LYS A 385 -27.75 18.96 -2.40
N CYS A 386 -29.02 18.72 -2.20
CA CYS A 386 -29.98 19.46 -2.98
C CYS A 386 -30.05 20.92 -2.58
N VAL A 387 -29.91 21.24 -1.29
CA VAL A 387 -30.00 22.64 -0.93
C VAL A 387 -28.94 23.45 -1.65
N ASP A 388 -27.72 22.98 -1.53
CA ASP A 388 -26.61 23.48 -2.31
C ASP A 388 -27.02 23.73 -3.75
N THR A 389 -27.51 22.69 -4.43
CA THR A 389 -27.94 22.90 -5.81
C THR A 389 -28.87 24.09 -5.92
N ILE A 390 -29.82 24.19 -5.00
CA ILE A 390 -30.76 25.29 -5.05
C ILE A 390 -30.04 26.60 -5.01
N THR A 391 -29.11 26.73 -4.08
CA THR A 391 -28.31 27.94 -4.04
C THR A 391 -27.62 28.20 -5.35
N THR A 392 -27.21 27.15 -6.04
CA THR A 392 -26.56 27.33 -7.32
C THR A 392 -27.50 27.97 -8.31
N TYR A 393 -28.76 27.54 -8.33
CA TYR A 393 -29.64 27.92 -9.44
C TYR A 393 -30.61 29.05 -9.14
N MET A 394 -31.09 29.20 -7.91
CA MET A 394 -32.05 30.25 -7.66
C MET A 394 -31.38 31.23 -6.73
N PRO A 395 -30.19 31.66 -7.08
CA PRO A 395 -29.25 32.10 -6.05
C PRO A 395 -29.79 33.24 -5.24
N TYR A 396 -30.29 34.27 -5.89
CA TYR A 396 -30.78 35.39 -5.13
C TYR A 396 -31.89 34.95 -4.20
N GLY A 397 -32.60 33.89 -4.55
CA GLY A 397 -33.61 33.39 -3.65
C GLY A 397 -33.02 32.92 -2.35
N THR A 398 -32.27 31.83 -2.40
CA THR A 398 -31.69 31.31 -1.18
C THR A 398 -30.90 32.39 -0.46
N GLY A 399 -30.31 33.31 -1.19
CA GLY A 399 -29.59 34.36 -0.53
C GLY A 399 -30.58 35.10 0.33
N TYR A 400 -31.61 35.61 -0.34
CA TYR A 400 -32.62 36.37 0.35
C TYR A 400 -33.08 35.64 1.58
N VAL A 401 -33.16 34.32 1.49
CA VAL A 401 -33.34 33.56 2.71
C VAL A 401 -32.25 33.92 3.68
N TYR A 402 -31.02 33.65 3.29
CA TYR A 402 -29.96 33.57 4.28
C TYR A 402 -29.86 34.86 5.04
N VAL A 403 -29.77 35.96 4.33
CA VAL A 403 -29.69 37.23 5.04
C VAL A 403 -30.95 37.45 5.85
N ASN A 404 -32.09 37.50 5.17
CA ASN A 404 -33.31 37.79 5.87
C ASN A 404 -33.71 36.69 6.82
N SER A 405 -32.87 35.69 6.98
CA SER A 405 -33.03 34.71 8.04
C SER A 405 -31.96 34.79 9.10
N ARG A 406 -30.88 35.52 8.84
CA ARG A 406 -29.84 35.70 9.83
C ARG A 406 -29.88 37.09 10.40
N GLU A 407 -30.89 37.87 10.01
CA GLU A 407 -30.73 39.31 9.84
C GLU A 407 -29.88 39.98 10.91
N ASP A 408 -28.75 40.50 10.46
CA ASP A 408 -27.76 41.20 11.26
C ASP A 408 -26.91 41.99 10.28
N ARG A 409 -26.94 43.31 10.37
CA ARG A 409 -26.27 44.15 9.39
C ARG A 409 -25.10 44.88 9.97
N ASP A 410 -25.32 45.58 11.06
CA ASP A 410 -24.30 46.32 11.78
C ASP A 410 -22.96 45.61 11.79
N GLN A 411 -22.93 44.37 12.24
CA GLN A 411 -21.67 43.66 12.33
C GLN A 411 -21.12 43.31 10.95
N VAL A 412 -21.86 43.59 9.89
CA VAL A 412 -21.32 43.20 8.60
C VAL A 412 -21.47 44.37 7.65
N VAL A 413 -22.34 45.30 7.98
CA VAL A 413 -22.46 46.42 7.07
C VAL A 413 -21.32 47.35 7.38
N GLU A 414 -20.61 47.06 8.45
CA GLU A 414 -19.52 47.95 8.78
C GLU A 414 -18.17 47.29 8.79
N ASP A 415 -17.97 46.23 9.56
CA ASP A 415 -16.64 45.78 9.88
C ASP A 415 -15.80 45.64 8.63
N VAL A 416 -16.27 44.83 7.69
CA VAL A 416 -15.71 44.90 6.36
C VAL A 416 -15.73 46.31 5.82
N LYS A 417 -16.89 46.94 5.73
CA LYS A 417 -16.96 48.27 5.15
C LYS A 417 -16.19 49.27 5.99
N GLN A 418 -15.62 48.80 7.08
CA GLN A 418 -14.45 49.39 7.70
C GLN A 418 -13.18 48.74 7.22
N GLN A 419 -13.13 47.43 7.31
CA GLN A 419 -11.94 46.72 6.90
C GLN A 419 -11.60 47.03 5.46
N THR A 420 -12.45 46.58 4.53
CA THR A 420 -12.06 46.66 3.14
C THR A 420 -11.59 48.05 2.80
N GLU A 421 -12.20 49.07 3.38
CA GLU A 421 -11.78 50.42 3.05
C GLU A 421 -10.36 50.65 3.56
N LEU A 422 -10.12 50.29 4.82
CA LEU A 422 -8.75 50.32 5.34
C LEU A 422 -7.81 49.62 4.38
N ILE A 423 -8.12 48.37 4.06
CA ILE A 423 -7.23 47.56 3.26
C ILE A 423 -6.89 48.31 1.99
N MET A 424 -7.91 48.54 1.17
CA MET A 424 -7.68 49.18 -0.12
C MET A 424 -6.75 50.34 0.08
N LYS A 425 -7.21 51.31 0.89
CA LYS A 425 -6.45 52.54 1.01
C LYS A 425 -5.00 52.23 1.29
N THR A 426 -4.76 51.29 2.19
CA THR A 426 -3.39 50.96 2.52
C THR A 426 -2.66 50.46 1.30
N PHE A 427 -3.12 49.34 0.76
CA PHE A 427 -2.46 48.69 -0.34
C PHE A 427 -2.18 49.66 -1.46
N LEU A 428 -3.24 50.23 -2.03
CA LEU A 428 -3.09 51.28 -3.03
C LEU A 428 -1.97 52.23 -2.65
N LYS A 429 -1.96 52.66 -1.39
CA LYS A 429 -0.93 53.58 -0.98
C LYS A 429 0.30 52.86 -0.44
N LYS A 430 0.21 51.55 -0.23
CA LYS A 430 1.34 50.76 0.25
C LYS A 430 1.95 51.40 1.51
N GLY A 440 4.40 56.66 -11.68
CA GLY A 440 4.01 57.88 -12.37
C GLY A 440 2.52 58.00 -12.55
N GLU A 441 2.12 58.46 -13.75
CA GLU A 441 0.71 58.58 -14.11
C GLU A 441 -0.07 57.39 -13.61
N SER A 442 0.50 56.21 -13.83
CA SER A 442 -0.12 54.97 -13.43
C SER A 442 -0.69 55.07 -12.05
N TYR A 443 0.18 55.32 -11.05
CA TYR A 443 -0.26 55.34 -9.67
C TYR A 443 -1.58 56.05 -9.55
N ARG A 444 -1.69 57.23 -10.14
CA ARG A 444 -2.95 57.94 -10.14
C ARG A 444 -4.02 57.14 -10.85
N ARG A 445 -3.83 56.92 -12.15
CA ARG A 445 -4.84 56.21 -12.95
C ARG A 445 -5.42 55.05 -12.18
N ALA A 446 -4.55 54.14 -11.76
CA ALA A 446 -4.94 53.05 -10.90
C ALA A 446 -5.71 53.55 -9.68
N GLU A 447 -5.22 54.61 -9.05
CA GLU A 447 -5.92 55.07 -7.87
C GLU A 447 -7.35 55.35 -8.22
N LYS A 448 -7.55 56.33 -9.08
CA LYS A 448 -8.89 56.65 -9.57
C LYS A 448 -9.68 55.38 -9.84
N LYS A 449 -9.02 54.34 -10.36
CA LYS A 449 -9.72 53.08 -10.53
C LYS A 449 -10.25 52.57 -9.20
N ILE A 450 -9.35 52.27 -8.29
CA ILE A 450 -9.78 51.67 -7.03
C ILE A 450 -10.79 52.56 -6.34
N ASN A 451 -10.42 53.81 -6.16
CA ASN A 451 -11.37 54.79 -5.66
C ASN A 451 -12.70 54.66 -6.35
N GLU A 452 -12.69 54.29 -7.61
CA GLU A 452 -13.94 54.16 -8.33
C GLU A 452 -14.68 52.88 -7.98
N MET A 453 -13.96 51.79 -7.77
CA MET A 453 -14.54 50.44 -7.71
C MET A 453 -15.88 50.39 -7.01
N HIS A 454 -16.84 49.75 -7.65
CA HIS A 454 -18.11 49.51 -7.00
C HIS A 454 -17.98 48.26 -6.16
N ARG A 455 -18.47 48.33 -4.95
CA ARG A 455 -18.00 47.47 -3.89
C ARG A 455 -19.16 47.03 -3.04
N ASN A 456 -19.59 45.80 -3.25
CA ASN A 456 -20.92 45.38 -2.84
C ASN A 456 -20.74 44.32 -1.77
N TYR A 457 -21.16 44.67 -0.56
CA TYR A 457 -20.76 43.93 0.63
C TYR A 457 -21.96 43.20 1.16
N GLY A 458 -21.74 41.99 1.66
CA GLY A 458 -22.88 41.28 2.18
C GLY A 458 -23.72 40.87 1.00
N TRP A 459 -24.36 41.84 0.37
CA TRP A 459 -25.36 41.51 -0.61
C TRP A 459 -25.92 42.75 -1.27
N PRO A 460 -26.58 42.63 -2.39
CA PRO A 460 -27.01 43.80 -3.12
C PRO A 460 -28.09 44.60 -2.43
N LYS A 461 -28.68 45.56 -3.13
CA LYS A 461 -29.75 46.39 -2.60
C LYS A 461 -31.03 46.24 -3.37
N LYS A 462 -31.44 45.02 -3.65
CA LYS A 462 -32.82 44.74 -3.97
C LYS A 462 -33.56 44.15 -2.78
N LEU A 463 -32.97 44.20 -1.60
CA LEU A 463 -33.57 43.54 -0.47
C LEU A 463 -33.98 44.56 0.60
N ASP A 479 -38.55 44.09 4.40
CA ASP A 479 -39.65 43.88 3.46
C ASP A 479 -39.15 43.18 2.19
N ASP A 480 -40.09 42.72 1.35
CA ASP A 480 -39.79 41.73 0.33
C ASP A 480 -40.00 42.16 -1.12
N TYR A 481 -41.19 42.63 -1.47
CA TYR A 481 -41.80 42.36 -2.78
C TYR A 481 -40.79 42.22 -3.91
N TYR A 482 -39.92 43.19 -4.06
CA TYR A 482 -39.17 43.33 -5.28
C TYR A 482 -38.23 42.15 -5.49
N SER A 483 -37.67 41.66 -4.40
CA SER A 483 -37.06 40.33 -4.42
C SER A 483 -37.93 39.37 -5.18
N ILE A 484 -39.21 39.27 -4.81
CA ILE A 484 -40.09 38.37 -5.56
C ILE A 484 -40.15 38.83 -7.00
N LEU A 485 -40.02 40.12 -7.21
CA LEU A 485 -40.42 40.63 -8.51
C LEU A 485 -39.38 40.31 -9.57
N GLU A 486 -38.10 40.53 -9.30
CA GLU A 486 -37.12 39.95 -10.19
C GLU A 486 -37.30 38.44 -10.23
N ALA A 487 -37.38 37.85 -9.09
CA ALA A 487 -37.47 36.42 -9.04
C ALA A 487 -38.78 35.92 -9.46
N TYR A 488 -39.63 36.76 -10.04
CA TYR A 488 -40.96 36.36 -10.39
C TYR A 488 -40.95 35.58 -11.70
N ASN A 489 -40.52 34.33 -11.63
CA ASN A 489 -40.75 33.44 -12.76
C ASN A 489 -41.07 32.01 -12.41
N ASN A 490 -41.52 31.69 -11.20
CA ASN A 490 -41.70 30.31 -10.78
C ASN A 490 -42.98 30.20 -9.99
N LYS A 491 -43.56 29.00 -9.96
CA LYS A 491 -44.64 28.58 -9.07
C LYS A 491 -44.94 27.12 -9.36
N THR A 492 -45.58 26.45 -8.41
CA THR A 492 -45.99 25.05 -8.56
C THR A 492 -46.80 24.67 -7.31
N ASP A 493 -47.45 23.51 -7.40
CA ASP A 493 -48.12 22.89 -6.25
C ASP A 493 -47.24 22.96 -5.02
N THR A 500 -37.79 15.12 -11.60
CA THR A 500 -36.82 16.02 -12.27
C THR A 500 -37.54 17.27 -12.78
N ILE A 501 -38.87 17.23 -12.80
CA ILE A 501 -39.68 18.39 -13.28
C ILE A 501 -39.28 19.64 -12.48
N LEU A 502 -39.27 19.53 -11.15
CA LEU A 502 -38.90 20.66 -10.26
C LEU A 502 -37.52 21.20 -10.69
N ASN A 503 -36.56 20.30 -10.89
CA ASN A 503 -35.15 20.61 -11.29
C ASN A 503 -35.13 21.29 -12.67
N ILE A 504 -35.98 20.84 -13.61
CA ILE A 504 -36.08 21.33 -15.01
C ILE A 504 -36.65 22.75 -15.04
N LEU A 505 -37.54 23.07 -14.10
CA LEU A 505 -38.18 24.41 -13.97
C LEU A 505 -37.13 25.43 -13.51
N ARG A 506 -36.13 24.98 -12.75
CA ARG A 506 -35.02 25.80 -12.20
C ARG A 506 -33.95 26.03 -13.27
N ARG A 507 -33.45 24.94 -13.87
CA ARG A 507 -32.39 24.93 -14.91
C ARG A 507 -32.64 26.04 -15.94
N GLY A 508 -33.84 26.05 -16.54
CA GLY A 508 -34.25 27.04 -17.57
C GLY A 508 -34.53 28.41 -16.97
N TYR A 509 -34.78 28.47 -15.65
CA TYR A 509 -35.08 29.76 -14.98
C TYR A 509 -33.77 30.50 -14.67
N GLU A 510 -32.67 29.76 -14.50
CA GLU A 510 -31.35 30.38 -14.21
C GLU A 510 -30.68 30.81 -15.50
N ASN A 511 -30.93 30.08 -16.59
CA ASN A 511 -30.36 30.35 -17.94
C ASN A 511 -30.98 31.65 -18.49
N ARG A 512 -32.20 31.98 -18.06
CA ARG A 512 -32.94 33.20 -18.48
C ARG A 512 -32.71 34.34 -17.48
N GLU A 513 -32.79 34.04 -16.17
CA GLU A 513 -32.64 35.00 -15.04
C GLU A 513 -31.53 36.01 -15.30
N SER A 514 -30.27 35.57 -15.40
CA SER A 514 -29.06 36.43 -15.56
C SER A 514 -28.92 36.93 -17.00
N PHE A 515 -29.58 36.27 -17.96
CA PHE A 515 -29.54 36.59 -19.41
C PHE A 515 -30.74 37.46 -19.83
N ARG A 516 -31.62 37.84 -18.89
CA ARG A 516 -32.83 38.67 -19.16
C ARG A 516 -32.50 40.17 -19.08
N ARG A 517 -31.29 40.55 -18.66
CA ARG A 517 -30.84 41.97 -18.55
C ARG A 517 -30.63 42.57 -19.94
N LYS A 518 -30.35 41.74 -20.95
CA LYS A 518 -30.12 42.15 -22.36
C LYS A 518 -31.13 43.22 -22.80
N ASN A 519 -32.43 42.96 -22.61
CA ASN A 519 -33.55 43.86 -23.01
C ASN A 519 -33.44 45.21 -22.29
N GLU A 520 -32.99 45.20 -21.03
CA GLU A 520 -32.81 46.41 -20.17
C GLU A 520 -31.46 47.09 -20.46
N THR A 521 -31.18 48.22 -19.80
CA THR A 521 -29.92 49.00 -19.95
C THR A 521 -28.80 48.27 -19.20
N ALA A 522 -27.54 48.52 -19.61
CA ALA A 522 -26.32 47.92 -19.01
C ALA A 522 -26.13 48.47 -17.59
N ASP A 523 -25.52 47.68 -16.69
CA ASP A 523 -25.31 48.07 -15.28
C ASP A 523 -23.91 47.66 -14.81
N ARG A 524 -23.44 48.30 -13.73
CA ARG A 524 -22.14 48.09 -13.05
C ARG A 524 -22.37 47.51 -11.65
N THR A 525 -23.62 47.08 -11.34
CA THR A 525 -24.11 46.95 -9.97
C THR A 525 -24.93 45.67 -9.96
N ASN A 526 -24.30 44.58 -9.55
CA ASN A 526 -24.96 43.30 -9.47
C ASN A 526 -23.99 42.36 -8.78
N PHE A 527 -24.34 41.10 -8.69
CA PHE A 527 -23.38 40.07 -8.38
C PHE A 527 -23.06 39.26 -9.62
N LEU A 528 -22.00 38.49 -9.51
CA LEU A 528 -21.86 37.34 -10.37
C LEU A 528 -22.69 36.19 -9.82
N GLU A 529 -22.53 35.84 -8.56
CA GLU A 529 -23.19 34.67 -8.02
C GLU A 529 -23.81 34.99 -6.70
N SER A 530 -24.39 33.99 -6.10
CA SER A 530 -25.26 34.00 -4.93
C SER A 530 -24.60 34.77 -3.80
N PRO A 531 -25.36 35.41 -2.96
CA PRO A 531 -24.75 35.95 -1.78
C PRO A 531 -24.89 34.86 -0.73
N ALA A 532 -24.65 33.64 -1.14
CA ALA A 532 -24.83 32.58 -0.19
C ALA A 532 -23.77 31.52 -0.42
N SER A 533 -22.90 31.76 -1.36
CA SER A 533 -21.76 30.90 -1.54
C SER A 533 -20.75 31.23 -0.48
N VAL A 534 -19.55 30.75 -0.69
CA VAL A 534 -18.39 31.34 -0.06
C VAL A 534 -17.34 31.50 -1.13
N ASN A 535 -16.96 32.73 -1.40
CA ASN A 535 -15.95 33.08 -2.38
C ASN A 535 -15.71 34.56 -2.24
N ALA A 536 -14.99 35.10 -3.18
CA ALA A 536 -15.07 36.51 -3.48
C ALA A 536 -14.57 36.67 -4.88
N TRP A 537 -15.34 37.37 -5.72
CA TRP A 537 -15.02 37.42 -7.13
C TRP A 537 -14.92 38.86 -7.58
N TYR A 538 -14.32 39.03 -8.74
CA TYR A 538 -14.12 40.38 -9.18
C TYR A 538 -14.23 40.44 -10.68
N ALA A 539 -15.42 40.63 -11.18
CA ALA A 539 -15.57 40.68 -12.62
C ALA A 539 -15.17 42.06 -13.08
N PRO A 540 -13.95 42.24 -13.55
CA PRO A 540 -13.54 43.58 -13.94
C PRO A 540 -14.44 44.16 -14.98
N GLU A 541 -15.15 43.32 -15.74
CA GLU A 541 -16.12 43.80 -16.70
C GLU A 541 -17.19 44.67 -16.06
N LEU A 542 -17.23 44.69 -14.76
CA LEU A 542 -18.01 45.68 -14.03
C LEU A 542 -17.16 46.42 -13.04
N ASN A 543 -15.88 46.06 -12.93
CA ASN A 543 -15.04 46.59 -11.86
C ASN A 543 -15.78 46.50 -10.54
N SER A 544 -16.34 45.33 -10.30
CA SER A 544 -17.16 45.07 -9.14
C SER A 544 -16.43 44.13 -8.21
N LEU A 545 -16.29 44.54 -6.96
CA LEU A 545 -15.74 43.69 -5.91
C LEU A 545 -16.84 43.40 -4.92
N THR A 546 -17.15 42.15 -4.70
CA THR A 546 -18.17 41.83 -3.73
C THR A 546 -17.60 40.97 -2.64
N LEU A 547 -18.43 40.74 -1.63
CA LEU A 547 -18.11 39.74 -0.62
C LEU A 547 -19.43 39.11 -0.21
N PRO A 548 -19.67 37.89 -0.60
CA PRO A 548 -20.94 37.26 -0.26
C PRO A 548 -21.04 37.16 1.23
N PHE A 549 -22.12 37.71 1.78
CA PHE A 549 -22.31 37.68 3.21
C PHE A 549 -21.99 36.33 3.80
N GLY A 550 -22.25 35.26 3.07
CA GLY A 550 -21.98 33.93 3.51
C GLY A 550 -20.66 33.72 4.23
N ILE A 551 -19.54 34.10 3.62
CA ILE A 551 -18.27 33.66 4.15
C ILE A 551 -18.08 34.25 5.53
N LEU A 552 -18.70 35.37 5.78
CA LEU A 552 -18.21 36.24 6.84
C LEU A 552 -18.51 35.65 8.21
N THR A 553 -18.84 34.37 8.26
CA THR A 553 -19.15 33.75 9.53
C THR A 553 -18.14 32.68 9.90
N SER A 554 -17.74 31.91 8.94
CA SER A 554 -16.75 30.89 9.19
C SER A 554 -15.40 31.55 9.39
N PRO A 555 -14.34 30.79 9.58
CA PRO A 555 -13.08 31.45 9.84
C PRO A 555 -12.63 32.27 8.66
N HIS A 556 -13.41 33.26 8.31
CA HIS A 556 -12.85 34.34 7.53
C HIS A 556 -13.36 35.60 8.17
N TYR A 557 -14.44 35.46 8.93
CA TYR A 557 -14.91 36.56 9.73
C TYR A 557 -15.82 36.11 10.84
N ASP A 558 -15.74 36.78 11.98
CA ASP A 558 -16.75 36.76 13.00
C ASP A 558 -16.74 38.09 13.69
N LEU A 559 -17.86 38.45 14.30
CA LEU A 559 -17.97 39.80 14.81
C LEU A 559 -17.12 40.01 16.05
N GLN A 560 -17.24 39.15 17.04
CA GLN A 560 -16.65 39.46 18.34
C GLN A 560 -15.25 38.92 18.50
N PHE A 561 -14.50 38.85 17.43
CA PHE A 561 -13.19 38.25 17.51
C PHE A 561 -12.11 39.30 17.45
N PRO A 562 -10.92 39.00 17.91
CA PRO A 562 -9.83 39.96 17.81
C PRO A 562 -9.69 40.44 16.39
N LYS A 563 -9.31 41.70 16.25
CA LYS A 563 -9.10 42.25 14.93
C LYS A 563 -8.11 41.42 14.14
N ALA A 564 -7.34 40.57 14.81
CA ALA A 564 -6.43 39.73 14.08
C ALA A 564 -7.18 38.84 13.13
N PHE A 565 -7.89 37.89 13.72
CA PHE A 565 -8.61 36.90 12.93
C PHE A 565 -9.26 37.54 11.73
N ASN A 566 -10.07 38.55 11.98
CA ASN A 566 -10.81 39.11 10.88
C ASN A 566 -9.92 39.82 9.89
N PHE A 567 -8.82 40.39 10.34
CA PHE A 567 -7.95 40.94 9.32
C PHE A 567 -7.22 39.87 8.56
N ALA A 568 -7.26 38.62 9.01
CA ALA A 568 -6.67 37.57 8.20
C ALA A 568 -7.70 36.80 7.42
N GLY A 569 -8.93 36.81 7.85
CA GLY A 569 -9.93 36.12 7.09
C GLY A 569 -10.42 37.13 6.12
N SER A 570 -11.65 37.59 6.32
CA SER A 570 -12.26 38.55 5.42
C SER A 570 -11.28 39.54 4.86
N GLY A 571 -10.51 40.15 5.76
CA GLY A 571 -9.49 41.07 5.30
C GLY A 571 -8.66 40.51 4.17
N THR A 572 -8.17 39.29 4.34
CA THR A 572 -7.33 38.74 3.29
C THR A 572 -8.13 38.61 2.03
N VAL A 573 -9.08 37.69 2.03
CA VAL A 573 -9.70 37.30 0.78
C VAL A 573 -10.19 38.53 0.08
N GLY A 574 -10.57 39.55 0.85
CA GLY A 574 -10.93 40.81 0.25
C GLY A 574 -9.76 41.48 -0.44
N GLY A 575 -8.64 41.61 0.26
CA GLY A 575 -7.50 42.27 -0.35
C GLY A 575 -6.94 41.46 -1.49
N HIS A 576 -7.02 40.15 -1.37
CA HIS A 576 -6.80 39.26 -2.49
C HIS A 576 -7.57 39.73 -3.70
N GLU A 577 -8.89 39.76 -3.57
CA GLU A 577 -9.72 40.32 -4.62
C GLU A 577 -9.15 41.62 -5.12
N LEU A 578 -9.09 42.58 -4.21
CA LEU A 578 -8.67 43.90 -4.59
C LEU A 578 -7.52 43.85 -5.56
N VAL A 579 -6.49 43.12 -5.23
CA VAL A 579 -5.37 43.15 -6.16
C VAL A 579 -5.70 42.35 -7.37
N HIS A 580 -6.54 41.35 -7.22
CA HIS A 580 -6.77 40.39 -8.27
C HIS A 580 -7.20 41.06 -9.53
N GLY A 581 -7.61 42.31 -9.44
CA GLY A 581 -7.89 43.12 -10.60
C GLY A 581 -6.72 43.95 -11.08
N PHE A 582 -5.51 43.72 -10.56
CA PHE A 582 -4.35 44.39 -11.11
C PHE A 582 -3.30 43.47 -11.70
N ASP A 583 -3.43 42.17 -11.55
CA ASP A 583 -2.54 41.30 -12.28
C ASP A 583 -2.90 41.37 -13.75
N ASP A 584 -2.22 40.59 -14.57
CA ASP A 584 -2.44 40.68 -16.00
C ASP A 584 -3.83 40.25 -16.41
N GLU A 585 -4.71 39.87 -15.49
CA GLU A 585 -6.09 39.85 -15.90
C GLU A 585 -6.67 41.24 -15.81
N GLY A 586 -6.74 41.77 -14.60
CA GLY A 586 -7.44 43.03 -14.40
C GLY A 586 -6.74 44.18 -15.09
N VAL A 587 -5.41 44.19 -15.09
CA VAL A 587 -4.68 45.37 -15.49
C VAL A 587 -5.12 45.79 -16.87
N GLN A 588 -5.57 44.84 -17.68
CA GLN A 588 -6.01 45.22 -19.00
C GLN A 588 -7.28 46.03 -18.99
N PHE A 589 -7.86 46.33 -17.84
CA PHE A 589 -9.09 47.10 -17.87
C PHE A 589 -8.88 48.44 -17.21
N ASP A 590 -9.98 49.13 -16.97
CA ASP A 590 -9.94 50.54 -16.66
C ASP A 590 -11.26 50.97 -16.05
N TYR A 591 -11.22 52.11 -15.36
CA TYR A 591 -12.20 52.40 -14.33
C TYR A 591 -13.64 52.20 -14.78
N ASP A 592 -13.87 52.14 -16.06
CA ASP A 592 -15.21 51.79 -16.49
C ASP A 592 -15.32 50.31 -16.76
N GLY A 593 -14.35 49.76 -17.46
CA GLY A 593 -14.47 48.42 -18.00
C GLY A 593 -14.15 48.46 -19.47
N SER A 594 -13.71 49.62 -19.92
CA SER A 594 -13.29 49.80 -21.30
C SER A 594 -11.89 49.22 -21.45
N LEU A 595 -11.17 49.58 -22.50
CA LEU A 595 -9.85 49.00 -22.69
C LEU A 595 -8.99 49.96 -23.49
N ALA A 596 -8.02 50.60 -22.86
CA ALA A 596 -6.82 50.98 -23.62
C ALA A 596 -5.63 50.22 -23.05
N ASP A 597 -5.19 50.55 -21.82
CA ASP A 597 -4.56 49.65 -20.85
C ASP A 597 -4.31 50.44 -19.58
N CYS A 598 -4.77 49.95 -18.43
CA CYS A 598 -4.58 50.68 -17.19
C CYS A 598 -3.15 51.14 -17.07
N SER A 599 -2.22 50.26 -17.36
CA SER A 599 -0.83 50.62 -17.42
C SER A 599 -0.61 51.80 -18.33
N LYS A 609 7.34 51.04 -20.28
CA LYS A 609 6.26 51.19 -19.31
C LYS A 609 6.50 50.30 -18.13
N GLY A 610 5.94 50.69 -16.99
CA GLY A 610 6.07 49.89 -15.79
C GLY A 610 5.60 48.47 -15.98
N LYS A 611 4.85 48.20 -17.04
CA LYS A 611 4.53 46.83 -17.38
C LYS A 611 5.77 45.97 -17.33
N ASN A 612 6.93 46.54 -17.62
CA ASN A 612 8.16 45.81 -17.41
C ASN A 612 8.22 45.26 -15.99
N GLY A 613 8.30 46.16 -15.02
CA GLY A 613 8.41 45.73 -13.65
C GLY A 613 7.35 44.71 -13.32
N PHE A 614 6.18 44.88 -13.89
CA PHE A 614 5.17 43.87 -13.71
C PHE A 614 5.68 42.50 -14.15
N LYS A 615 6.14 42.40 -15.38
CA LYS A 615 6.58 41.10 -15.85
C LYS A 615 7.76 40.62 -15.05
N ASP A 616 8.51 41.55 -14.49
CA ASP A 616 9.61 41.19 -13.62
C ASP A 616 9.12 40.44 -12.41
N MET A 617 8.02 40.89 -11.83
CA MET A 617 7.42 40.08 -10.78
C MET A 617 7.06 38.71 -11.30
N ALA A 618 6.18 38.69 -12.29
CA ALA A 618 5.58 37.43 -12.72
C ALA A 618 6.62 36.37 -13.01
N GLN A 619 7.64 36.73 -13.77
CA GLN A 619 8.63 35.75 -14.18
C GLN A 619 9.25 35.07 -12.97
N CYS A 620 9.81 35.86 -12.08
CA CYS A 620 10.53 35.27 -10.98
C CYS A 620 9.59 34.44 -10.13
N VAL A 621 8.34 34.89 -9.98
CA VAL A 621 7.45 34.08 -9.18
C VAL A 621 7.27 32.71 -9.79
N VAL A 622 7.06 32.65 -11.10
CA VAL A 622 6.87 31.34 -11.71
C VAL A 622 8.09 30.48 -11.47
N THR A 623 9.26 31.09 -11.53
CA THR A 623 10.46 30.33 -11.18
C THR A 623 10.32 29.73 -9.80
N GLN A 624 10.09 30.59 -8.82
CA GLN A 624 10.02 30.12 -7.45
C GLN A 624 9.07 28.94 -7.35
N TYR A 625 7.88 29.07 -7.91
CA TYR A 625 6.94 27.97 -7.83
C TYR A 625 7.51 26.71 -8.44
N ASN A 626 7.80 26.74 -9.74
CA ASN A 626 8.15 25.50 -10.42
C ASN A 626 9.48 25.00 -9.88
N ALA A 627 10.00 25.68 -8.88
CA ALA A 627 11.05 25.12 -8.07
C ALA A 627 10.66 24.90 -6.63
N GLN A 628 9.41 25.15 -6.23
CA GLN A 628 8.93 24.79 -4.90
C GLN A 628 7.70 23.93 -5.07
N CYS A 629 7.95 22.64 -5.20
CA CYS A 629 6.93 21.69 -5.62
C CYS A 629 6.25 21.10 -4.41
N CYS A 630 4.92 21.01 -4.47
CA CYS A 630 4.16 20.43 -3.39
C CYS A 630 4.67 19.02 -3.11
N PRO A 631 4.31 18.46 -2.00
CA PRO A 631 4.75 17.10 -1.72
C PRO A 631 4.32 16.12 -2.78
N ALA A 632 3.03 16.02 -3.00
CA ALA A 632 2.57 15.00 -3.91
C ALA A 632 2.22 15.63 -5.24
N HIS A 638 5.55 14.87 -10.89
CA HIS A 638 4.88 15.41 -9.73
C HIS A 638 5.37 16.82 -9.36
N CYS A 639 4.69 17.83 -9.87
CA CYS A 639 4.96 19.23 -9.57
C CYS A 639 3.79 20.13 -9.94
N ALA A 640 4.03 21.43 -10.04
CA ALA A 640 2.97 22.34 -10.43
C ALA A 640 3.21 22.95 -11.81
N ASN A 641 2.30 23.81 -12.22
CA ASN A 641 2.40 24.55 -13.47
C ASN A 641 2.94 25.95 -13.15
N GLY A 642 3.33 26.65 -14.19
CA GLY A 642 3.70 28.03 -13.99
C GLY A 642 2.48 28.89 -14.18
N ALA A 643 2.49 29.68 -15.25
CA ALA A 643 1.54 30.77 -15.45
C ALA A 643 0.15 30.43 -14.95
N HIS A 644 -0.37 29.30 -15.39
CA HIS A 644 -1.71 28.91 -15.01
C HIS A 644 -1.88 28.92 -13.50
N THR A 645 -0.79 29.09 -12.76
CA THR A 645 -0.81 29.18 -11.31
C THR A 645 -0.54 30.58 -10.81
N GLN A 646 0.48 31.25 -11.34
CA GLN A 646 0.66 32.66 -11.03
C GLN A 646 -0.66 33.40 -11.16
N GLY A 647 -1.54 32.90 -12.04
CA GLY A 647 -2.79 33.57 -12.32
C GLY A 647 -3.46 34.14 -11.10
N GLU A 648 -3.68 33.32 -10.08
CA GLU A 648 -4.19 33.85 -8.82
C GLU A 648 -3.15 33.87 -7.72
N ASN A 649 -2.04 33.16 -7.88
CA ASN A 649 -0.99 33.31 -6.90
C ASN A 649 -0.64 34.78 -6.73
N ILE A 650 -0.19 35.42 -7.79
CA ILE A 650 0.28 36.79 -7.67
C ILE A 650 -0.71 37.58 -6.89
N ALA A 651 -1.99 37.29 -7.11
CA ALA A 651 -2.98 37.97 -6.33
C ALA A 651 -2.70 37.80 -4.86
N ASP A 652 -2.82 36.57 -4.37
CA ASP A 652 -2.79 36.44 -2.91
C ASP A 652 -1.46 36.89 -2.36
N LEU A 653 -0.41 36.60 -3.09
CA LEU A 653 0.91 37.07 -2.72
C LEU A 653 0.90 38.55 -2.44
N GLY A 654 0.10 39.31 -3.17
CA GLY A 654 0.05 40.71 -2.85
C GLY A 654 -0.95 41.02 -1.74
N GLY A 655 -2.17 40.58 -1.99
CA GLY A 655 -3.26 40.88 -1.08
C GLY A 655 -2.89 40.66 0.36
N LEU A 656 -2.14 39.61 0.64
CA LEU A 656 -1.71 39.41 2.01
C LEU A 656 -0.98 40.64 2.51
N GLN A 657 0.18 40.93 1.91
CA GLN A 657 0.98 42.06 2.35
C GLN A 657 0.12 43.27 2.55
N ALA A 658 -0.83 43.48 1.66
CA ALA A 658 -1.80 44.53 1.90
C ALA A 658 -2.44 44.36 3.26
N SER A 659 -3.08 43.22 3.48
CA SER A 659 -3.84 43.06 4.70
C SER A 659 -2.96 43.18 5.91
N TYR A 660 -1.76 42.65 5.82
CA TYR A 660 -0.88 42.70 6.96
C TYR A 660 -0.54 44.14 7.29
N ASN A 661 -0.09 44.90 6.30
CA ASN A 661 0.11 46.31 6.56
C ASN A 661 -1.13 46.91 7.18
N ALA A 662 -2.29 46.49 6.71
CA ALA A 662 -3.52 47.08 7.22
C ALA A 662 -3.62 46.84 8.71
N TYR A 663 -3.46 45.59 9.10
CA TYR A 663 -3.49 45.26 10.51
C TYR A 663 -2.51 46.14 11.25
N LYS A 664 -1.30 46.23 10.71
CA LYS A 664 -0.28 46.94 11.45
C LYS A 664 -0.69 48.36 11.68
N GLU A 665 -1.05 49.06 10.63
CA GLU A 665 -1.40 50.46 10.80
C GLU A 665 -2.64 50.60 11.66
N TYR A 666 -3.62 49.73 11.46
CA TYR A 666 -4.79 49.76 12.30
C TYR A 666 -4.39 49.75 13.75
N ILE A 667 -3.65 48.73 14.16
CA ILE A 667 -3.33 48.62 15.57
C ILE A 667 -2.41 49.74 15.99
N LYS A 668 -1.73 50.37 15.04
CA LYS A 668 -1.05 51.61 15.34
C LYS A 668 -2.02 52.77 15.48
N MET A 669 -3.28 52.56 15.15
CA MET A 669 -4.30 53.58 15.35
C MET A 669 -5.14 53.34 16.58
N LYS A 670 -4.88 52.30 17.33
CA LYS A 670 -5.68 52.08 18.51
C LYS A 670 -4.85 51.59 19.66
N GLY A 671 -3.72 52.23 19.89
CA GLY A 671 -2.94 51.92 21.05
C GLY A 671 -2.34 50.53 20.95
N ALA A 672 -2.63 49.66 21.91
CA ALA A 672 -1.98 48.36 21.95
C ALA A 672 -2.96 47.21 21.73
N GLU A 673 -3.94 47.01 22.62
CA GLU A 673 -5.05 46.09 22.38
C GLU A 673 -4.61 44.64 22.26
N GLU A 674 -3.31 44.39 22.19
CA GLU A 674 -2.85 43.06 21.84
C GLU A 674 -3.18 42.14 23.01
N MET A 675 -4.33 41.47 22.89
CA MET A 675 -4.82 40.61 23.94
C MET A 675 -4.57 39.16 23.58
N ARG A 676 -3.47 38.58 24.11
CA ARG A 676 -3.16 37.17 23.86
C ARG A 676 -4.43 36.35 23.98
N LEU A 677 -4.58 35.46 23.12
CA LEU A 677 -5.87 34.86 22.81
C LEU A 677 -6.09 33.60 23.63
N PRO A 678 -7.27 33.39 24.18
CA PRO A 678 -7.38 32.60 25.40
C PRO A 678 -7.52 31.12 25.21
N GLY A 679 -6.80 30.50 24.31
CA GLY A 679 -6.68 29.06 24.46
C GLY A 679 -5.29 28.61 24.13
N LEU A 680 -4.57 29.47 23.42
CA LEU A 680 -3.19 29.23 23.05
C LEU A 680 -2.51 30.55 23.40
N GLU A 681 -2.24 30.70 24.67
CA GLU A 681 -2.05 32.02 25.19
C GLU A 681 -0.68 32.56 24.84
N LYS A 682 0.13 31.77 24.18
CA LYS A 682 1.55 32.09 24.07
C LYS A 682 1.91 32.70 22.72
N PHE A 683 1.35 33.87 22.42
CA PHE A 683 1.74 34.61 21.22
C PHE A 683 1.38 36.07 21.39
N THR A 684 1.86 36.88 20.49
CA THR A 684 1.22 38.17 20.38
C THR A 684 -0.01 37.89 19.55
N PRO A 685 -0.80 38.90 19.21
CA PRO A 685 -1.70 38.73 18.09
C PRO A 685 -1.00 38.41 16.79
N ASN A 686 0.02 39.18 16.41
CA ASN A 686 0.61 39.04 15.09
C ASN A 686 0.79 37.59 14.71
N GLN A 687 1.61 36.87 15.47
CA GLN A 687 1.70 35.44 15.23
C GLN A 687 0.32 34.87 15.01
N ILE A 688 -0.65 35.34 15.77
CA ILE A 688 -1.95 34.73 15.58
C ILE A 688 -2.48 35.13 14.23
N PHE A 689 -2.14 36.32 13.76
CA PHE A 689 -2.65 36.72 12.46
C PHE A 689 -2.16 35.77 11.40
N TRP A 690 -0.85 35.58 11.33
CA TRP A 690 -0.36 34.55 10.44
C TRP A 690 -1.14 33.28 10.66
N ILE A 691 -1.09 32.75 11.87
CA ILE A 691 -1.67 31.46 12.17
C ILE A 691 -3.03 31.38 11.52
N SER A 692 -3.75 32.48 11.56
CA SER A 692 -5.07 32.45 10.96
C SER A 692 -4.96 32.27 9.46
N TYR A 693 -4.32 33.21 8.79
CA TYR A 693 -4.32 33.13 7.33
C TYR A 693 -3.85 31.78 6.91
N GLY A 694 -2.84 31.29 7.56
CA GLY A 694 -2.54 29.90 7.42
C GLY A 694 -3.77 29.05 7.53
N TYR A 695 -4.51 29.21 8.61
CA TYR A 695 -5.57 28.27 8.88
C TYR A 695 -6.48 28.16 7.68
N SER A 696 -7.04 29.29 7.25
CA SER A 696 -8.14 29.25 6.29
C SER A 696 -7.96 28.14 5.30
N TRP A 697 -6.81 28.10 4.66
CA TRP A 697 -6.65 27.10 3.63
C TRP A 697 -6.36 25.72 4.19
N CYS A 698 -6.57 25.46 5.46
CA CYS A 698 -6.23 24.13 5.93
C CYS A 698 -7.10 23.10 5.23
N ALA A 699 -6.55 22.36 4.30
CA ALA A 699 -7.36 21.26 3.78
C ALA A 699 -6.45 20.19 3.24
N LYS A 700 -6.83 18.95 3.50
CA LYS A 700 -6.19 17.78 2.92
C LYS A 700 -7.10 17.24 1.85
N GLU A 701 -6.52 16.50 0.92
CA GLU A 701 -7.26 16.07 -0.24
C GLU A 701 -6.83 14.68 -0.63
N THR A 702 -7.72 14.05 -1.39
CA THR A 702 -7.46 12.74 -1.95
C THR A 702 -6.16 12.75 -2.75
N GLN A 703 -5.25 11.84 -2.40
CA GLN A 703 -3.93 11.78 -3.01
C GLN A 703 -4.00 11.78 -4.53
N SER A 704 -4.95 11.03 -5.08
CA SER A 704 -5.15 11.07 -6.53
C SER A 704 -5.78 12.39 -6.93
N SER A 705 -6.92 12.71 -6.33
CA SER A 705 -7.51 14.01 -6.60
C SER A 705 -6.55 15.14 -6.32
N LEU A 706 -5.52 14.90 -5.50
CA LEU A 706 -4.48 15.90 -5.36
C LEU A 706 -3.92 16.31 -6.69
N VAL A 707 -3.41 15.37 -7.48
CA VAL A 707 -2.82 15.76 -8.75
C VAL A 707 -3.91 16.14 -9.73
N LYS A 708 -5.05 15.44 -9.66
CA LYS A 708 -6.19 15.78 -10.49
C LYS A 708 -6.45 17.28 -10.45
N ARG A 709 -6.72 17.79 -9.27
CA ARG A 709 -6.94 19.22 -9.04
C ARG A 709 -5.63 19.98 -8.89
N LEU A 710 -4.50 19.30 -9.01
CA LEU A 710 -3.25 20.01 -9.22
C LEU A 710 -3.25 20.68 -10.56
N LEU A 711 -3.50 19.92 -11.61
CA LEU A 711 -3.57 20.59 -12.89
C LEU A 711 -4.78 21.50 -12.98
N THR A 712 -5.97 20.93 -12.91
CA THR A 712 -7.16 21.68 -13.30
C THR A 712 -7.40 22.91 -12.45
N ASN A 713 -7.02 22.88 -11.19
CA ASN A 713 -7.28 24.08 -10.41
C ASN A 713 -6.48 25.22 -10.99
N PRO A 714 -7.13 26.32 -11.35
CA PRO A 714 -6.35 27.52 -11.63
C PRO A 714 -5.30 27.74 -10.56
N HIS A 715 -5.72 27.85 -9.32
CA HIS A 715 -4.84 28.26 -8.24
C HIS A 715 -4.45 27.09 -7.35
N SER A 716 -3.21 27.14 -6.90
CA SER A 716 -2.31 26.05 -6.53
C SER A 716 -2.86 25.16 -5.44
N PRO A 717 -2.21 24.03 -5.14
CA PRO A 717 -2.59 23.26 -3.96
C PRO A 717 -2.56 24.12 -2.72
N ASN A 718 -3.28 23.69 -1.70
CA ASN A 718 -3.28 24.50 -0.50
C ASN A 718 -1.86 24.69 0.00
N SER A 719 -1.23 23.60 0.43
CA SER A 719 0.05 23.71 1.07
C SER A 719 0.98 24.57 0.25
N CYS A 720 1.22 24.14 -0.99
CA CYS A 720 2.12 24.89 -1.86
C CYS A 720 1.86 26.38 -1.70
N ARG A 721 0.60 26.78 -1.67
CA ARG A 721 0.37 28.18 -1.38
C ARG A 721 0.88 28.51 0.00
N VAL A 722 0.18 28.03 1.02
CA VAL A 722 0.30 28.69 2.31
C VAL A 722 1.73 28.72 2.74
N ASN A 723 2.47 27.68 2.43
CA ASN A 723 3.85 27.69 2.77
C ASN A 723 4.71 28.09 1.60
N GLN A 724 4.14 28.74 0.61
CA GLN A 724 4.98 29.57 -0.23
C GLN A 724 4.76 31.05 0.01
N VAL A 725 3.53 31.50 -0.12
CA VAL A 725 3.23 32.91 0.05
C VAL A 725 3.94 33.46 1.26
N LEU A 726 3.97 32.68 2.34
CA LEU A 726 4.65 33.17 3.52
C LEU A 726 6.10 33.41 3.23
N GLN A 727 6.77 32.41 2.66
CA GLN A 727 8.18 32.52 2.41
C GLN A 727 8.52 33.84 1.76
N ASP A 728 7.58 34.43 1.04
CA ASP A 728 7.77 35.74 0.43
C ASP A 728 7.24 36.87 1.29
N ILE A 729 7.63 36.93 2.56
CA ILE A 729 7.26 38.07 3.38
C ILE A 729 8.36 38.30 4.39
N PRO A 730 9.15 39.35 4.25
CA PRO A 730 10.07 39.70 5.33
C PRO A 730 9.39 39.90 6.66
N SER A 731 8.21 40.50 6.67
CA SER A 731 7.57 40.79 7.94
C SER A 731 7.43 39.54 8.78
N PHE A 732 6.68 38.58 8.28
CA PHE A 732 6.51 37.32 9.01
C PHE A 732 7.84 36.78 9.45
N ALA A 733 8.77 36.71 8.51
CA ALA A 733 10.11 36.29 8.83
C ALA A 733 10.54 36.84 10.17
N LYS A 734 10.30 38.13 10.40
CA LYS A 734 10.52 38.62 11.76
C LYS A 734 9.58 37.94 12.73
N ASP A 735 8.27 38.09 12.50
CA ASP A 735 7.30 37.86 13.55
C ASP A 735 7.51 36.57 14.33
N PHE A 736 8.17 35.58 13.74
CA PHE A 736 8.43 34.37 14.51
C PHE A 736 9.89 34.20 14.85
N GLN A 737 10.52 35.32 15.24
CA GLN A 737 11.94 35.52 15.67
C GLN A 737 12.78 34.29 15.34
N CYS A 738 12.85 33.95 14.05
CA CYS A 738 13.57 32.78 13.49
C CYS A 738 15.01 33.18 13.17
N ALA A 739 15.84 32.22 12.73
CA ALA A 739 17.25 32.43 12.33
C ALA A 739 17.35 32.36 10.80
N LEU A 740 18.29 33.11 10.20
CA LEU A 740 18.51 33.16 8.73
C LEU A 740 19.24 31.89 8.28
N GLY A 741 19.08 31.52 7.00
CA GLY A 741 19.70 30.33 6.38
C GLY A 741 18.91 29.08 6.72
N GLN A 742 17.60 29.22 6.93
CA GLN A 742 16.66 28.13 7.29
C GLN A 742 15.83 27.75 6.04
N LYS A 743 14.87 26.82 6.18
CA LYS A 743 14.01 26.30 5.09
C LYS A 743 12.93 27.30 4.65
N MET A 744 12.66 28.37 5.43
CA MET A 744 11.64 29.40 5.09
C MET A 744 12.30 30.78 4.88
N TYR A 745 13.52 30.81 4.33
CA TYR A 745 14.27 32.02 4.06
C TYR A 745 14.96 32.13 2.73
N PRO A 746 14.54 33.07 1.94
CA PRO A 746 15.18 33.34 0.69
C PRO A 746 16.19 34.46 0.79
N PRO A 747 17.13 34.43 1.75
CA PRO A 747 18.41 35.03 1.43
C PRO A 747 19.02 34.40 0.21
N ALA A 748 18.88 33.09 0.08
CA ALA A 748 19.47 32.32 -1.01
C ALA A 748 18.63 32.32 -2.28
N GLU A 749 17.40 31.77 -2.20
CA GLU A 749 16.53 31.64 -3.36
C GLU A 749 15.55 32.80 -3.33
N GLN A 750 16.09 33.98 -3.60
CA GLN A 750 15.53 35.25 -3.14
C GLN A 750 14.03 35.33 -3.28
N ARG A 751 13.42 35.90 -2.28
CA ARG A 751 12.03 36.31 -2.33
C ARG A 751 11.74 37.15 -3.55
N CYS A 752 10.60 36.90 -4.17
CA CYS A 752 10.11 37.71 -5.26
C CYS A 752 9.29 38.86 -4.70
N LYS A 753 9.95 39.82 -4.09
CA LYS A 753 9.25 40.94 -3.52
C LYS A 753 8.27 41.48 -4.54
N VAL A 754 7.02 41.17 -4.31
CA VAL A 754 6.03 41.41 -5.35
C VAL A 754 5.73 42.89 -5.37
N TRP A 755 5.93 43.57 -4.24
CA TRP A 755 5.63 44.98 -4.13
C TRP A 755 6.36 45.61 -2.96
N ASN B 1 52.22 1.65 -19.76
CA ASN B 1 51.29 2.78 -19.44
C ASN B 1 50.58 3.22 -20.71
N ALA B 2 51.36 3.60 -21.74
CA ALA B 2 50.86 4.07 -23.06
C ALA B 2 51.92 3.81 -24.13
N ASN B 3 51.53 3.85 -25.41
CA ASN B 3 52.41 3.63 -26.58
C ASN B 3 52.79 4.98 -27.18
N ARG B 4 53.92 5.04 -27.89
CA ARG B 4 54.45 6.27 -28.55
C ARG B 4 54.11 6.24 -30.04
N SER B 5 52.88 6.67 -30.39
CA SER B 5 52.37 6.72 -31.79
C SER B 5 52.06 8.18 -32.17
N LYS B 6 52.02 8.47 -33.47
CA LYS B 6 51.76 9.82 -34.04
C LYS B 6 50.26 10.11 -33.97
N GLU B 7 49.42 9.09 -34.22
CA GLU B 7 47.93 9.19 -34.24
C GLU B 7 47.40 9.39 -32.82
N TRP B 8 47.79 8.53 -31.88
CA TRP B 8 47.34 8.59 -30.45
C TRP B 8 47.69 9.95 -29.84
N LYS B 9 48.85 10.52 -30.21
CA LYS B 9 49.35 11.82 -29.71
C LYS B 9 48.36 12.92 -30.13
N ASN B 10 47.77 12.78 -31.32
CA ASN B 10 46.77 13.73 -31.90
C ASN B 10 45.48 13.63 -31.09
N ALA B 11 45.08 12.40 -30.74
CA ALA B 11 43.87 12.08 -29.95
C ALA B 11 44.07 12.54 -28.50
N ALA B 12 45.32 12.53 -28.04
CA ALA B 12 45.74 12.95 -26.68
C ALA B 12 45.85 14.48 -26.64
N ASN B 13 46.27 15.09 -27.76
CA ASN B 13 46.42 16.55 -27.93
C ASN B 13 45.04 17.20 -27.79
N THR B 14 44.07 16.74 -28.59
CA THR B 14 42.66 17.23 -28.60
C THR B 14 42.10 17.19 -27.16
N LEU B 15 42.31 16.07 -26.46
CA LEU B 15 41.86 15.87 -25.06
C LEU B 15 42.26 17.09 -24.22
N LEU B 16 43.54 17.44 -24.25
CA LEU B 16 44.20 18.54 -23.46
C LEU B 16 43.62 19.94 -23.74
N PHE B 17 42.90 20.16 -24.85
CA PHE B 17 42.36 21.48 -25.13
C PHE B 17 40.96 21.64 -24.59
N GLY B 18 40.39 20.58 -24.05
CA GLY B 18 39.07 20.76 -23.46
C GLY B 18 38.97 21.05 -21.96
N LEU B 19 39.80 20.39 -21.18
CA LEU B 19 39.45 19.98 -19.82
C LEU B 19 39.55 21.09 -18.79
N ASP B 20 39.54 20.67 -17.54
CA ASP B 20 40.17 21.33 -16.40
C ASP B 20 40.23 20.34 -15.25
N GLU B 21 41.42 20.18 -14.69
CA GLU B 21 41.54 19.37 -13.47
C GLU B 21 41.31 20.21 -12.23
N SER B 22 41.57 21.53 -12.33
CA SER B 22 41.44 22.52 -11.23
C SER B 22 40.09 22.39 -10.53
N VAL B 23 38.98 22.54 -11.27
CA VAL B 23 37.59 22.46 -10.76
C VAL B 23 37.30 21.03 -10.29
N ASP B 24 36.44 20.85 -9.28
CA ASP B 24 36.06 19.54 -8.70
C ASP B 24 35.43 18.66 -9.80
N PRO B 25 35.65 17.33 -9.81
CA PRO B 25 35.12 16.48 -10.88
C PRO B 25 33.59 16.29 -10.94
N CYS B 26 32.97 16.05 -9.79
CA CYS B 26 31.51 15.76 -9.58
C CYS B 26 30.71 17.06 -9.44
N GLU B 27 31.34 18.13 -8.95
CA GLU B 27 30.69 19.47 -8.81
C GLU B 27 30.58 20.09 -10.20
N ASP B 28 29.41 19.99 -10.87
CA ASP B 28 29.13 20.51 -12.23
C ASP B 28 30.04 19.79 -13.23
N PHE B 29 29.65 18.56 -13.63
CA PHE B 29 30.38 17.68 -14.58
C PHE B 29 30.66 18.39 -15.90
N TYR B 30 29.69 19.17 -16.40
CA TYR B 30 29.78 19.94 -17.67
C TYR B 30 31.14 20.65 -17.76
N GLY B 31 31.45 21.50 -16.79
CA GLY B 31 32.69 22.30 -16.72
C GLY B 31 33.94 21.44 -16.57
N PHE B 32 33.82 20.28 -15.91
CA PHE B 32 34.94 19.34 -15.64
C PHE B 32 35.55 18.78 -16.93
N THR B 33 34.76 18.65 -18.00
CA THR B 33 35.22 18.07 -19.29
C THR B 33 35.31 19.11 -20.42
N CYS B 34 34.74 20.31 -20.30
CA CYS B 34 34.72 21.32 -21.40
C CYS B 34 35.17 22.73 -20.98
N ASN B 35 35.79 22.90 -19.81
CA ASN B 35 36.19 24.25 -19.33
C ASN B 35 36.98 25.03 -20.37
N LYS B 36 38.00 24.49 -20.99
CA LYS B 36 38.93 25.23 -21.84
C LYS B 36 38.25 25.71 -23.10
N PHE B 37 37.79 24.75 -23.89
CA PHE B 37 37.02 24.93 -25.10
C PHE B 37 36.03 26.06 -24.90
N ILE B 38 35.44 26.14 -23.72
CA ILE B 38 34.68 27.32 -23.37
C ILE B 38 35.59 28.53 -23.37
N GLU B 39 36.64 28.47 -22.58
CA GLU B 39 37.37 29.65 -22.17
C GLU B 39 37.88 30.43 -23.36
N ARG B 40 38.27 29.72 -24.41
CA ARG B 40 38.90 30.44 -25.51
C ARG B 40 37.88 30.83 -26.58
N ILE B 41 37.07 29.87 -27.02
CA ILE B 41 36.26 30.09 -28.21
C ILE B 41 35.17 31.12 -27.94
N ASP B 42 34.54 31.57 -29.02
CA ASP B 42 33.70 32.74 -28.97
C ASP B 42 32.38 32.57 -29.74
N THR B 52 31.27 26.80 -32.19
CA THR B 52 31.37 25.68 -31.27
C THR B 52 31.51 24.35 -31.99
N THR B 53 31.56 23.27 -31.20
CA THR B 53 32.04 21.99 -31.68
C THR B 53 31.46 21.60 -33.01
N PHE B 54 30.14 21.49 -33.07
CA PHE B 54 29.54 21.13 -34.34
C PHE B 54 29.93 22.11 -35.42
N SER B 55 29.56 23.38 -35.23
CA SER B 55 29.99 24.42 -36.15
C SER B 55 31.45 24.26 -36.52
N GLN B 56 32.28 23.84 -35.56
CA GLN B 56 33.67 23.55 -35.88
C GLN B 56 33.76 22.49 -36.97
N ALA B 57 33.18 21.32 -36.71
CA ALA B 57 33.31 20.25 -37.68
C ALA B 57 32.76 20.68 -39.02
N GLN B 58 31.67 21.45 -39.01
CA GLN B 58 31.13 21.91 -40.26
C GLN B 58 32.11 22.79 -41.00
N LEU B 59 32.74 23.74 -40.31
CA LEU B 59 33.77 24.53 -40.96
C LEU B 59 34.79 23.62 -41.58
N GLU B 60 35.21 22.61 -40.83
CA GLU B 60 36.23 21.72 -41.35
C GLU B 60 35.77 21.13 -42.67
N VAL B 61 34.69 20.35 -42.62
CA VAL B 61 34.25 19.64 -43.79
C VAL B 61 33.99 20.60 -44.94
N ASN B 62 33.53 21.81 -44.63
CA ASN B 62 33.31 22.77 -45.69
C ASN B 62 34.60 23.13 -46.37
N SER B 63 35.52 23.75 -45.64
CA SER B 63 36.80 24.11 -46.23
C SER B 63 37.37 22.95 -47.03
N ASP B 64 37.12 21.74 -46.55
CA ASP B 64 37.49 20.58 -47.34
C ASP B 64 36.80 20.59 -48.68
N ILE B 65 35.49 20.75 -48.67
CA ILE B 65 34.78 20.77 -49.93
C ILE B 65 35.30 21.89 -50.79
N VAL B 66 35.83 22.94 -50.18
CA VAL B 66 36.27 24.08 -50.96
C VAL B 66 37.55 23.74 -51.71
N LYS B 67 38.54 23.27 -50.99
CA LYS B 67 39.75 22.78 -51.66
C LYS B 67 39.36 21.80 -52.74
N ALA B 68 38.38 20.95 -52.47
CA ALA B 68 37.91 20.04 -53.49
C ALA B 68 37.41 20.78 -54.71
N LEU B 69 36.52 21.74 -54.51
CA LEU B 69 35.92 22.44 -55.63
C LEU B 69 36.87 23.38 -56.32
N GLU B 70 38.12 23.44 -55.88
CA GLU B 70 39.01 24.48 -56.38
C GLU B 70 39.42 24.30 -57.84
N LYS B 71 38.75 23.45 -58.61
CA LYS B 71 39.22 23.17 -59.97
C LYS B 71 38.38 23.85 -61.02
N GLN B 81 29.60 16.17 -63.47
CA GLN B 81 29.29 17.56 -63.80
C GLN B 81 28.58 18.25 -62.66
N THR B 82 27.95 17.44 -61.84
CA THR B 82 27.69 17.83 -60.46
C THR B 82 28.86 18.62 -60.00
N GLU B 83 30.02 18.07 -60.35
CA GLU B 83 31.27 18.78 -60.28
C GLU B 83 31.07 20.24 -60.63
N ARG B 84 30.78 20.50 -61.90
CA ARG B 84 30.78 21.87 -62.35
C ARG B 84 29.58 22.60 -61.78
N ILE B 85 28.50 21.88 -61.56
CA ILE B 85 27.30 22.53 -61.09
C ILE B 85 27.57 23.19 -59.75
N THR B 86 27.97 22.40 -58.77
CA THR B 86 28.28 22.97 -57.47
C THR B 86 29.38 23.99 -57.58
N LYS B 87 30.32 23.78 -58.51
CA LYS B 87 31.36 24.79 -58.66
C LYS B 87 30.70 26.13 -58.95
N ALA B 88 30.08 26.21 -60.11
CA ALA B 88 29.41 27.41 -60.55
C ALA B 88 28.60 27.98 -59.41
N ALA B 89 27.88 27.09 -58.73
CA ALA B 89 27.09 27.51 -57.60
C ALA B 89 27.91 28.38 -56.66
N PHE B 90 28.97 27.81 -56.12
CA PHE B 90 29.77 28.57 -55.17
C PHE B 90 30.30 29.84 -55.81
N GLN B 91 30.86 29.72 -57.01
CA GLN B 91 31.46 30.88 -57.64
C GLN B 91 30.47 32.01 -57.71
N SER B 92 29.21 31.67 -57.96
CA SER B 92 28.16 32.65 -57.85
C SER B 92 28.11 33.17 -56.44
N CYS B 93 27.76 32.28 -55.51
CA CYS B 93 27.40 32.72 -54.17
C CYS B 93 28.43 33.66 -53.57
N VAL B 94 29.64 33.68 -54.10
CA VAL B 94 30.57 34.70 -53.64
C VAL B 94 30.38 35.98 -54.45
N GLU B 95 30.01 35.87 -55.72
CA GLU B 95 30.06 37.02 -56.62
C GLU B 95 28.73 37.22 -57.34
N TYR B 96 28.53 38.44 -57.83
CA TYR B 96 27.22 38.86 -58.26
C TYR B 96 27.26 40.01 -59.26
N VAL B 106 18.75 44.23 -59.24
CA VAL B 106 18.73 44.93 -57.98
C VAL B 106 17.34 44.82 -57.36
N ASN B 107 16.34 45.41 -58.01
CA ASN B 107 15.00 45.27 -57.45
C ASN B 107 13.91 45.12 -58.48
N GLU B 108 14.13 45.67 -59.67
CA GLU B 108 13.03 45.78 -60.59
C GLU B 108 12.44 44.43 -60.93
N LEU B 109 13.31 43.47 -61.23
CA LEU B 109 12.80 42.19 -61.68
C LEU B 109 11.84 41.62 -60.68
N LEU B 110 12.32 41.26 -59.50
CA LEU B 110 11.48 40.80 -58.43
C LEU B 110 10.36 41.79 -58.10
N GLN B 111 10.54 43.06 -58.43
CA GLN B 111 9.40 43.94 -58.30
C GLN B 111 8.23 43.43 -59.12
N TYR B 112 8.45 43.15 -60.40
CA TYR B 112 7.40 42.47 -61.16
C TYR B 112 6.85 41.29 -60.39
N ILE B 113 7.71 40.55 -59.69
CA ILE B 113 7.19 39.46 -58.88
C ILE B 113 6.23 40.01 -57.86
N SER B 114 6.70 40.90 -57.00
CA SER B 114 5.77 41.54 -56.09
C SER B 114 4.55 42.07 -56.81
N GLU B 115 4.70 42.79 -57.91
CA GLU B 115 3.56 43.33 -58.63
C GLU B 115 2.81 42.22 -59.36
N ARG B 116 3.12 40.95 -59.07
CA ARG B 116 2.21 39.90 -59.46
C ARG B 116 1.02 39.78 -58.50
N PHE B 117 0.93 40.62 -57.45
CA PHE B 117 -0.29 40.71 -56.64
C PHE B 117 -0.91 42.11 -56.61
N GLY B 118 -0.14 43.13 -56.24
CA GLY B 118 -0.68 44.47 -56.02
C GLY B 118 -0.13 45.31 -54.87
N GLY B 119 0.32 44.72 -53.78
CA GLY B 119 1.12 45.43 -52.79
C GLY B 119 0.31 45.94 -51.62
N ILE B 120 0.99 46.66 -50.73
CA ILE B 120 0.43 47.20 -49.50
C ILE B 120 -0.53 48.36 -49.78
N PRO B 121 -0.07 49.48 -50.33
CA PRO B 121 -0.75 50.76 -50.11
C PRO B 121 -1.82 51.03 -51.15
N PHE B 122 -3.03 51.30 -50.69
CA PHE B 122 -4.19 51.60 -51.52
C PHE B 122 -4.54 50.49 -52.51
N LYS B 128 -8.12 41.68 -55.82
CA LYS B 128 -9.12 42.61 -55.30
C LYS B 128 -10.53 42.10 -55.59
N GLY B 129 -10.62 41.00 -56.34
CA GLY B 129 -11.91 40.36 -56.52
C GLY B 129 -12.15 39.24 -55.55
N GLY B 130 -11.17 38.94 -54.72
CA GLY B 130 -11.22 37.80 -53.84
C GLY B 130 -10.40 36.72 -54.46
N CYS B 131 -9.14 36.64 -54.08
CA CYS B 131 -8.20 35.80 -54.79
C CYS B 131 -7.99 34.50 -54.01
N GLU B 132 -7.65 33.44 -54.73
CA GLU B 132 -7.42 32.16 -54.06
C GLU B 132 -6.06 32.24 -53.41
N LEU B 133 -6.06 32.75 -52.18
CA LEU B 133 -4.81 33.03 -51.47
C LEU B 133 -3.81 31.92 -51.67
N TYR B 134 -4.29 30.70 -51.74
CA TYR B 134 -3.39 29.60 -51.99
C TYR B 134 -2.71 29.74 -53.32
N ARG B 135 -3.46 29.91 -54.40
CA ARG B 135 -2.82 29.95 -55.71
C ARG B 135 -1.58 30.83 -55.63
N GLU B 136 -1.75 32.01 -55.06
CA GLU B 136 -0.61 32.80 -54.67
C GLU B 136 0.39 31.95 -53.91
N MET B 137 -0.08 31.21 -52.90
CA MET B 137 0.86 30.45 -52.09
C MET B 137 1.62 29.42 -52.92
N GLY B 138 0.91 28.44 -53.42
CA GLY B 138 1.45 27.38 -54.24
C GLY B 138 2.48 27.88 -55.19
N ARG B 139 2.13 28.93 -55.92
CA ARG B 139 3.15 29.60 -56.71
C ARG B 139 4.35 29.89 -55.85
N ILE B 140 4.15 30.58 -54.74
CA ILE B 140 5.30 31.13 -54.05
C ILE B 140 6.13 30.00 -53.47
N GLU B 141 5.47 28.93 -53.09
CA GLU B 141 6.20 27.79 -52.57
C GLU B 141 7.09 27.22 -53.65
N GLN B 142 6.47 26.71 -54.70
CA GLN B 142 7.20 26.02 -55.74
C GLN B 142 8.23 26.94 -56.38
N GLN B 143 8.12 28.23 -56.18
CA GLN B 143 9.04 29.17 -56.83
C GLN B 143 10.11 29.69 -55.89
N ARG B 144 9.86 29.64 -54.60
CA ARG B 144 10.87 30.06 -53.66
C ARG B 144 11.11 29.04 -52.58
N ALA B 145 10.28 28.02 -52.49
CA ALA B 145 10.29 27.15 -51.33
C ALA B 145 10.11 27.98 -50.07
N LEU B 146 8.97 28.65 -49.99
CA LEU B 146 8.72 29.57 -48.90
C LEU B 146 7.42 29.22 -48.21
N PRO B 147 7.44 28.36 -47.21
CA PRO B 147 6.19 27.79 -46.71
C PRO B 147 5.35 28.77 -45.93
N THR B 148 4.13 29.00 -46.37
CA THR B 148 3.16 29.78 -45.62
C THR B 148 1.81 29.13 -45.83
N PHE B 149 0.98 29.16 -44.81
CA PHE B 149 -0.33 28.53 -44.85
C PHE B 149 -0.24 27.05 -45.08
N MET B 150 0.97 26.55 -45.25
CA MET B 150 1.19 25.12 -45.24
C MET B 150 2.67 24.82 -45.30
N TYR B 151 3.21 24.05 -44.38
CA TYR B 151 4.42 23.32 -44.71
C TYR B 151 3.92 21.99 -45.20
N THR B 152 4.44 21.53 -46.30
CA THR B 152 3.85 20.40 -47.00
C THR B 152 4.98 19.52 -47.46
N TRP B 153 5.39 18.60 -46.63
CA TRP B 153 6.38 17.67 -47.11
C TRP B 153 5.65 16.43 -47.56
N VAL B 154 6.28 15.64 -48.40
CA VAL B 154 5.56 14.72 -49.28
C VAL B 154 6.38 13.47 -49.46
N ASN B 155 5.80 12.35 -49.08
CA ASN B 155 6.54 11.10 -49.08
C ASN B 155 5.68 9.89 -48.76
N VAL B 156 6.34 8.83 -48.34
CA VAL B 156 5.72 7.61 -47.84
C VAL B 156 4.52 7.85 -46.95
N ASP B 157 3.42 7.15 -47.26
CA ASP B 157 2.26 7.19 -46.39
C ASP B 157 2.61 6.67 -45.01
N HIS B 158 1.85 7.12 -44.03
CA HIS B 158 2.02 6.59 -42.69
C HIS B 158 1.42 5.21 -42.53
N LYS B 159 0.25 4.93 -43.10
CA LYS B 159 -0.42 3.74 -42.64
C LYS B 159 -1.07 2.97 -43.77
N ASN B 160 -0.58 3.14 -44.99
CA ASN B 160 -0.84 2.13 -46.00
C ASN B 160 0.33 1.98 -46.95
N VAL B 161 1.55 2.16 -46.48
CA VAL B 161 2.66 2.52 -47.35
C VAL B 161 2.88 1.53 -48.47
N SER B 162 2.60 1.98 -49.67
CA SER B 162 3.31 1.45 -50.83
C SER B 162 3.52 2.59 -51.81
N ARG B 163 3.57 3.82 -51.34
CA ARG B 163 3.12 4.95 -52.12
C ARG B 163 3.68 6.24 -51.53
N ASN B 164 3.12 7.34 -51.97
CA ASN B 164 3.54 8.61 -51.47
C ASN B 164 2.32 9.51 -51.35
N SER B 165 2.54 10.70 -50.82
CA SER B 165 1.41 11.44 -50.33
C SER B 165 1.86 12.80 -49.89
N TYR B 166 0.89 13.63 -49.56
CA TYR B 166 1.11 15.01 -49.21
C TYR B 166 0.76 15.23 -47.77
N TYR B 167 1.48 16.12 -47.13
CA TYR B 167 1.23 16.28 -45.74
C TYR B 167 0.88 17.72 -45.51
N ILE B 168 -0.10 18.23 -46.24
CA ILE B 168 -0.41 19.63 -46.12
C ILE B 168 -0.66 19.98 -44.67
N SER B 169 0.02 21.00 -44.17
CA SER B 169 0.00 21.22 -42.74
C SER B 169 0.27 22.68 -42.44
N GLN B 170 0.11 23.03 -41.19
CA GLN B 170 0.34 24.40 -40.74
C GLN B 170 1.74 24.84 -41.12
N PRO B 171 2.02 26.11 -41.08
CA PRO B 171 3.36 26.56 -41.39
C PRO B 171 4.30 26.10 -40.31
N THR B 172 5.55 26.45 -40.48
CA THR B 172 6.47 26.53 -39.36
C THR B 172 6.90 27.97 -39.27
N LEU B 173 6.38 28.62 -38.22
CA LEU B 173 6.45 30.08 -37.98
C LEU B 173 7.88 30.65 -38.06
N PRO B 174 8.04 31.87 -38.63
CA PRO B 174 9.33 32.52 -38.71
C PRO B 174 9.84 32.70 -37.26
N MET B 175 9.12 33.48 -36.45
CA MET B 175 9.50 33.66 -35.03
C MET B 175 9.58 32.26 -34.41
N PRO B 176 10.78 31.77 -34.01
CA PRO B 176 10.91 30.43 -33.48
C PRO B 176 10.06 30.28 -32.22
N ARG B 177 9.27 29.18 -32.08
CA ARG B 177 8.27 28.78 -31.05
C ARG B 177 6.98 29.58 -31.12
N GLU B 178 5.80 28.94 -31.03
CA GLU B 178 4.56 29.70 -30.76
C GLU B 178 4.85 30.49 -29.47
N PHE B 179 5.22 31.77 -29.58
CA PHE B 179 5.49 32.70 -28.45
C PHE B 179 4.62 33.91 -28.73
N TYR B 180 3.38 33.57 -29.03
CA TYR B 180 2.25 34.40 -29.46
C TYR B 180 1.13 34.20 -28.45
N VAL B 181 1.50 34.00 -27.18
CA VAL B 181 0.58 33.64 -26.05
C VAL B 181 1.07 34.18 -24.69
N LEU B 182 2.27 33.79 -24.23
CA LEU B 182 2.80 34.10 -22.88
C LEU B 182 3.59 35.34 -22.38
N PRO B 183 4.67 35.91 -22.96
CA PRO B 183 5.04 37.31 -22.82
C PRO B 183 4.94 38.14 -24.09
N GLN B 184 4.73 39.45 -23.95
CA GLN B 184 4.68 40.42 -25.09
C GLN B 184 6.12 40.86 -25.36
N PHE B 185 6.92 39.96 -25.92
CA PHE B 185 8.36 40.13 -26.24
C PHE B 185 8.48 40.08 -27.76
N ALA B 186 7.59 40.81 -28.43
CA ALA B 186 7.55 40.86 -29.87
C ALA B 186 7.96 42.26 -30.30
N PRO B 187 9.24 42.48 -30.60
CA PRO B 187 9.66 43.68 -31.32
C PRO B 187 9.82 43.44 -32.81
N GLU B 188 9.68 42.20 -33.28
CA GLU B 188 9.55 41.95 -34.71
C GLU B 188 8.61 42.96 -35.33
N LEU B 189 7.72 43.53 -34.52
CA LEU B 189 7.09 44.78 -34.86
C LEU B 189 8.07 45.70 -35.56
N ASP B 190 9.20 45.95 -34.94
CA ASP B 190 10.10 46.96 -35.46
C ASP B 190 11.23 46.36 -36.27
N ALA B 191 11.60 45.10 -36.03
CA ALA B 191 12.34 44.40 -37.05
C ALA B 191 11.53 44.28 -38.31
N ARG B 192 10.33 44.85 -38.29
CA ARG B 192 9.43 44.75 -39.40
C ARG B 192 9.28 46.08 -40.11
N THR B 193 8.85 47.11 -39.38
CA THR B 193 8.74 48.42 -40.02
C THR B 193 9.98 48.72 -40.84
N LYS B 194 11.12 48.79 -40.18
CA LYS B 194 12.33 49.07 -40.92
C LYS B 194 12.51 48.11 -42.08
N ALA B 195 12.53 46.82 -41.81
CA ALA B 195 12.73 45.87 -42.89
C ALA B 195 11.61 45.87 -43.90
N ILE B 196 10.63 46.75 -43.75
CA ILE B 196 9.64 46.96 -44.79
C ILE B 196 9.66 48.38 -45.30
N GLU B 197 10.55 49.19 -44.79
CA GLU B 197 10.69 50.52 -45.32
C GLU B 197 11.27 50.54 -46.72
N ASN B 198 11.42 49.39 -47.36
CA ASN B 198 11.99 49.38 -48.70
C ASN B 198 11.27 50.30 -49.65
N VAL B 199 9.95 50.42 -49.53
CA VAL B 199 9.14 50.92 -50.63
C VAL B 199 9.48 52.37 -50.93
N MET B 200 9.35 53.25 -49.93
CA MET B 200 9.65 54.66 -50.18
C MET B 200 11.13 54.82 -50.49
N LYS B 201 11.86 53.72 -50.54
CA LYS B 201 13.13 53.66 -51.21
C LYS B 201 13.09 52.79 -52.44
N ALA B 202 12.04 52.00 -52.60
CA ALA B 202 11.96 51.16 -53.78
C ALA B 202 11.46 51.95 -54.97
N PHE B 203 10.21 52.39 -54.91
CA PHE B 203 9.55 53.02 -56.05
C PHE B 203 8.73 54.22 -55.64
N ALA B 204 8.42 54.35 -54.36
CA ALA B 204 7.58 55.44 -53.87
C ALA B 204 8.37 56.72 -53.72
N SER B 205 7.78 57.71 -53.05
CA SER B 205 8.27 59.09 -52.90
C SER B 205 9.72 59.33 -53.31
N TYR B 214 4.34 57.79 -45.54
CA TYR B 214 2.92 57.45 -45.49
C TYR B 214 2.82 56.40 -44.45
N ASP B 215 3.54 56.70 -43.37
CA ASP B 215 3.95 55.68 -42.44
C ASP B 215 2.76 55.04 -41.76
N LYS B 216 1.82 55.86 -41.29
CA LYS B 216 0.77 55.37 -40.40
C LYS B 216 0.20 54.07 -40.90
N MET B 217 -0.15 54.02 -42.18
CA MET B 217 -0.44 52.72 -42.78
C MET B 217 0.66 51.74 -42.44
N ILE B 218 1.87 52.00 -42.93
CA ILE B 218 2.93 51.02 -42.88
C ILE B 218 3.05 50.44 -41.48
N LYS B 219 3.06 51.32 -40.48
CA LYS B 219 3.07 50.84 -39.11
C LYS B 219 1.91 49.92 -38.83
N THR B 220 0.69 50.46 -38.90
CA THR B 220 -0.46 49.65 -38.55
C THR B 220 -0.45 48.32 -39.29
N ALA B 221 -0.02 48.33 -40.53
CA ALA B 221 0.04 47.10 -41.29
C ALA B 221 1.16 46.20 -40.78
N ALA B 222 2.19 46.79 -40.18
CA ALA B 222 3.22 45.96 -39.58
C ALA B 222 2.70 45.30 -38.33
N ARG B 223 2.19 46.10 -37.41
CA ARG B 223 1.42 45.53 -36.33
C ARG B 223 0.49 44.46 -36.83
N GLU B 224 -0.13 44.66 -37.97
CA GLU B 224 -1.09 43.67 -38.43
C GLU B 224 -0.44 42.40 -38.87
N VAL B 225 0.51 42.47 -39.80
CA VAL B 225 1.17 41.26 -40.20
C VAL B 225 1.64 40.50 -38.97
N THR B 226 1.92 41.18 -37.88
CA THR B 226 1.90 40.41 -36.65
C THR B 226 0.52 39.86 -36.34
N GLN B 227 -0.45 40.74 -36.07
CA GLN B 227 -1.67 40.31 -35.41
C GLN B 227 -2.30 39.12 -36.09
N ILE B 228 -2.18 39.02 -37.42
CA ILE B 228 -2.49 37.74 -38.02
C ILE B 228 -1.59 36.67 -37.44
N GLU B 229 -0.28 36.86 -37.50
CA GLU B 229 0.63 35.82 -37.09
C GLU B 229 0.14 35.16 -35.81
N GLN B 230 -0.08 35.96 -34.77
CA GLN B 230 -0.80 35.46 -33.62
C GLN B 230 -2.00 34.65 -34.07
N LYS B 231 -2.89 35.27 -34.82
CA LYS B 231 -4.11 34.54 -35.12
C LYS B 231 -3.82 33.25 -35.86
N ILE B 232 -2.55 32.97 -36.13
CA ILE B 232 -2.17 31.64 -36.59
C ILE B 232 -1.74 30.79 -35.42
N ALA B 233 -0.66 31.22 -34.79
CA ALA B 233 -0.07 30.39 -33.77
C ALA B 233 -1.11 29.98 -32.77
N MET B 234 -2.08 30.78 -32.61
CA MET B 234 -3.08 30.29 -31.72
C MET B 234 -3.93 29.42 -32.35
N ALA B 235 -3.55 28.81 -33.44
CA ALA B 235 -4.35 27.72 -33.92
C ALA B 235 -3.53 26.55 -34.45
N SER B 236 -2.23 26.58 -34.38
CA SER B 236 -1.49 25.41 -34.77
C SER B 236 -1.53 24.44 -33.62
N TRP B 237 -0.66 23.44 -33.65
CA TRP B 237 -0.57 22.55 -32.51
C TRP B 237 0.80 22.67 -31.88
N PRO B 238 0.89 23.22 -30.69
CA PRO B 238 2.16 23.23 -29.99
C PRO B 238 2.67 21.82 -29.82
N ASP B 239 3.97 21.66 -30.00
CA ASP B 239 4.59 20.36 -30.20
C ASP B 239 4.08 19.28 -29.26
N ASP B 240 3.80 19.63 -28.02
CA ASP B 240 3.31 18.65 -27.06
C ASP B 240 2.22 17.79 -27.66
N GLU B 241 1.25 18.40 -28.30
CA GLU B 241 0.22 17.59 -28.88
C GLU B 241 0.73 16.78 -30.05
N LEU B 242 1.79 17.23 -30.71
CA LEU B 242 2.24 16.58 -31.93
C LEU B 242 3.14 15.39 -31.64
N ARG B 243 2.62 14.49 -30.82
CA ARG B 243 3.19 13.17 -30.74
C ARG B 243 2.47 12.17 -31.60
N ASN B 244 1.23 11.86 -31.26
CA ASN B 244 0.64 10.63 -31.76
C ASN B 244 0.21 10.86 -33.18
N HIS B 245 1.13 10.66 -34.10
CA HIS B 245 0.79 10.74 -35.50
C HIS B 245 -0.53 10.06 -35.82
N GLU B 246 -0.87 9.00 -35.09
CA GLU B 246 -2.15 8.31 -35.24
C GLU B 246 -3.31 9.27 -35.44
N GLN B 247 -3.23 10.47 -34.92
CA GLN B 247 -4.33 11.38 -35.17
C GLN B 247 -3.99 12.43 -36.19
N GLN B 248 -2.71 12.64 -36.48
CA GLN B 248 -2.39 13.44 -37.65
C GLN B 248 -3.12 12.87 -38.85
N TYR B 249 -2.82 11.63 -39.14
CA TYR B 249 -3.20 10.95 -40.37
C TYR B 249 -4.68 11.16 -40.67
N ASN B 250 -4.98 11.83 -41.74
CA ASN B 250 -6.35 12.02 -42.18
C ASN B 250 -6.34 12.07 -43.68
N PRO B 251 -6.73 10.99 -44.34
CA PRO B 251 -6.61 10.94 -45.79
C PRO B 251 -7.80 11.63 -46.39
N TYR B 252 -7.54 12.58 -47.26
CA TYR B 252 -8.57 13.35 -47.92
C TYR B 252 -8.16 13.54 -49.37
N GLU B 253 -9.17 13.67 -50.22
CA GLU B 253 -8.96 13.98 -51.62
C GLU B 253 -10.01 14.99 -52.04
N LEU B 254 -9.61 15.90 -52.93
CA LEU B 254 -10.25 17.19 -53.16
C LEU B 254 -11.76 17.13 -53.12
N PHE B 255 -12.29 15.96 -53.48
CA PHE B 255 -13.66 15.65 -53.14
C PHE B 255 -13.98 16.07 -51.71
N ALA B 256 -13.28 15.49 -50.77
CA ALA B 256 -13.65 15.67 -49.37
C ALA B 256 -13.36 17.09 -48.87
N PRO B 257 -12.24 17.71 -49.23
CA PRO B 257 -12.06 19.11 -48.84
C PRO B 257 -13.07 20.04 -49.45
N SER B 258 -13.29 19.95 -50.76
CA SER B 258 -14.40 20.69 -51.35
C SER B 258 -15.65 20.54 -50.51
N GLU B 259 -15.94 19.34 -50.06
CA GLU B 259 -17.02 19.20 -49.09
C GLU B 259 -16.70 19.80 -47.73
N GLY B 260 -15.44 19.99 -47.42
CA GLY B 260 -15.10 20.42 -46.09
C GLY B 260 -15.04 21.93 -46.03
N LYS B 261 -14.63 22.57 -47.12
CA LYS B 261 -14.30 23.98 -47.05
C LYS B 261 -14.66 24.65 -48.37
N ILE B 262 -14.57 25.97 -48.37
CA ILE B 262 -14.44 26.78 -49.55
C ILE B 262 -13.55 26.07 -50.53
N ARG B 272 -10.94 25.26 -53.42
CA ARG B 272 -9.77 26.08 -53.69
C ARG B 272 -8.56 25.21 -53.64
N PHE B 273 -8.63 24.15 -52.85
CA PHE B 273 -7.54 23.18 -52.86
C PHE B 273 -7.20 22.73 -54.27
N GLY B 274 -8.20 22.32 -55.03
CA GLY B 274 -7.90 21.79 -56.34
C GLY B 274 -7.12 22.83 -57.08
N LYS B 275 -7.70 24.02 -57.12
CA LYS B 275 -7.12 25.10 -57.88
C LYS B 275 -5.75 25.43 -57.35
N TYR B 276 -5.52 25.15 -56.07
CA TYR B 276 -4.18 25.33 -55.54
C TYR B 276 -3.21 24.32 -56.17
N ILE B 277 -3.55 23.04 -56.06
CA ILE B 277 -2.55 21.99 -56.19
C ILE B 277 -1.82 22.08 -57.52
N ALA B 278 -2.39 22.75 -58.51
CA ALA B 278 -1.65 22.98 -59.73
C ALA B 278 -0.32 23.65 -59.46
N GLY B 279 -0.21 24.42 -58.39
CA GLY B 279 1.08 24.96 -58.02
C GLY B 279 2.16 23.90 -57.83
N LEU B 280 1.77 22.63 -57.75
CA LEU B 280 2.71 21.54 -57.51
C LEU B 280 2.50 20.40 -58.45
N VAL B 290 3.78 16.59 -65.94
CA VAL B 290 3.91 16.05 -64.60
C VAL B 290 2.51 15.80 -64.07
N SER B 291 1.82 14.84 -64.68
CA SER B 291 0.43 14.61 -64.36
C SER B 291 0.26 14.33 -62.87
N PRO B 292 -0.44 15.17 -62.13
CA PRO B 292 -0.51 15.02 -60.67
C PRO B 292 -1.38 13.86 -60.21
N VAL B 293 -1.39 13.69 -58.90
CA VAL B 293 -2.05 12.60 -58.18
C VAL B 293 -2.90 13.24 -57.10
N PHE B 294 -3.47 14.38 -57.45
CA PHE B 294 -4.59 14.99 -56.75
C PHE B 294 -5.48 13.99 -56.03
N ILE B 295 -5.84 12.91 -56.71
CA ILE B 295 -6.69 11.90 -56.11
C ILE B 295 -5.93 11.12 -55.05
N GLY B 296 -4.62 10.97 -55.24
CA GLY B 296 -3.81 10.19 -54.33
C GLY B 296 -4.04 10.71 -52.94
N ASP B 297 -3.98 9.83 -51.95
CA ASP B 297 -4.31 10.20 -50.59
C ASP B 297 -3.48 11.39 -50.14
N VAL B 298 -4.15 12.50 -49.87
CA VAL B 298 -3.53 13.68 -49.29
C VAL B 298 -3.93 13.72 -47.84
N ILE B 299 -3.20 14.45 -47.02
CA ILE B 299 -3.52 14.52 -45.60
C ILE B 299 -3.47 15.93 -45.11
N VAL B 300 -4.56 16.38 -44.52
CA VAL B 300 -4.61 17.66 -43.86
C VAL B 300 -4.30 17.38 -42.40
N THR B 301 -3.01 17.23 -42.07
CA THR B 301 -2.60 16.79 -40.73
C THR B 301 -3.45 17.41 -39.66
N ASN B 302 -3.69 18.70 -39.78
CA ASN B 302 -4.35 19.46 -38.74
C ASN B 302 -5.69 19.97 -39.23
N PRO B 303 -6.73 19.17 -39.21
CA PRO B 303 -8.00 19.67 -39.69
C PRO B 303 -8.49 20.85 -38.91
N ALA B 304 -7.69 21.40 -38.00
CA ALA B 304 -7.94 22.76 -37.55
C ALA B 304 -7.41 23.70 -38.62
N TYR B 305 -8.30 24.10 -39.53
CA TYR B 305 -8.16 25.38 -40.20
C TYR B 305 -9.22 26.31 -39.67
N MET B 306 -8.79 27.35 -38.96
CA MET B 306 -9.65 28.46 -38.63
C MET B 306 -10.21 28.96 -39.94
N GLY B 307 -11.53 28.98 -40.07
CA GLY B 307 -12.19 29.18 -41.36
C GLY B 307 -12.35 30.59 -41.84
N PHE B 308 -11.32 31.20 -42.37
CA PHE B 308 -11.56 32.34 -43.22
C PHE B 308 -10.43 32.54 -44.18
N ILE B 318 -14.68 42.48 -46.19
CA ILE B 318 -13.58 41.72 -45.64
C ILE B 318 -12.30 42.44 -46.09
N GLN B 319 -12.46 43.57 -46.78
CA GLN B 319 -11.33 44.29 -47.36
C GLN B 319 -10.18 44.39 -46.39
N MET B 320 -10.43 45.03 -45.26
CA MET B 320 -9.34 45.24 -44.33
C MET B 320 -8.84 43.94 -43.74
N ASN B 321 -9.34 42.81 -44.17
CA ASN B 321 -8.88 41.54 -43.65
C ASN B 321 -8.27 40.66 -44.71
N GLN B 322 -8.82 40.65 -45.92
CA GLN B 322 -8.24 39.84 -46.99
C GLN B 322 -6.80 40.24 -47.20
N TYR B 323 -6.58 41.46 -47.66
CA TYR B 323 -5.24 41.85 -48.06
C TYR B 323 -4.23 41.86 -46.92
N PRO B 324 -4.61 41.98 -45.66
CA PRO B 324 -3.65 41.61 -44.61
C PRO B 324 -2.87 40.35 -44.91
N PHE B 325 -3.50 39.34 -45.51
CA PHE B 325 -2.70 38.21 -45.94
C PHE B 325 -1.61 38.68 -46.86
N VAL B 326 -1.99 39.14 -48.04
CA VAL B 326 -1.00 39.36 -49.07
C VAL B 326 0.12 40.21 -48.52
N ASN B 327 -0.22 41.10 -47.60
CA ASN B 327 0.83 41.79 -46.89
C ASN B 327 1.70 40.73 -46.25
N TYR B 328 1.18 40.04 -45.25
CA TYR B 328 2.01 39.10 -44.51
C TYR B 328 2.84 38.26 -45.44
N ILE B 329 2.20 37.68 -46.44
CA ILE B 329 2.93 36.81 -47.35
C ILE B 329 4.12 37.55 -47.92
N ILE B 330 3.89 38.77 -48.37
CA ILE B 330 4.95 39.47 -49.06
C ILE B 330 5.98 39.97 -48.08
N VAL B 331 5.51 40.41 -46.92
CA VAL B 331 6.35 40.70 -45.79
C VAL B 331 7.36 39.60 -45.78
N HIS B 332 6.85 38.40 -45.83
CA HIS B 332 7.74 37.29 -45.61
C HIS B 332 8.68 37.09 -46.76
N MET B 333 8.13 36.97 -47.96
CA MET B 333 8.98 36.73 -49.12
C MET B 333 10.15 37.68 -49.09
N LEU B 334 9.86 38.97 -49.19
CA LEU B 334 10.95 39.93 -49.20
C LEU B 334 11.77 39.82 -47.93
N PHE B 335 11.13 39.46 -46.84
CA PHE B 335 11.81 39.48 -45.56
C PHE B 335 12.95 38.51 -45.56
N GLU B 336 12.85 37.45 -46.31
CA GLU B 336 14.02 36.62 -46.47
C GLU B 336 14.32 36.40 -47.94
N ASP B 337 14.31 37.49 -48.70
CA ASP B 337 15.09 37.65 -49.91
C ASP B 337 15.66 39.05 -50.03
N ALA B 338 15.93 39.69 -48.92
CA ALA B 338 16.53 41.01 -49.04
C ALA B 338 17.88 40.98 -49.73
N GLU B 339 18.56 39.83 -49.70
CA GLU B 339 19.88 39.75 -50.29
C GLU B 339 19.93 40.27 -51.71
N HIS B 340 19.07 39.77 -52.58
CA HIS B 340 19.08 40.25 -53.95
C HIS B 340 18.72 41.71 -54.03
N LEU B 341 18.02 42.24 -53.04
CA LEU B 341 17.74 43.65 -53.12
C LEU B 341 19.02 44.45 -53.06
N GLY B 342 18.88 45.73 -53.34
CA GLY B 342 19.99 46.65 -53.27
C GLY B 342 20.76 46.45 -51.99
N ASP B 343 22.06 46.70 -52.04
CA ASP B 343 22.92 46.41 -50.90
C ASP B 343 22.41 47.02 -49.62
N LYS B 344 21.44 47.94 -49.70
CA LYS B 344 20.95 48.59 -48.49
C LYS B 344 20.35 47.57 -47.54
N TYR B 345 19.22 47.00 -47.90
CA TYR B 345 18.40 46.37 -46.87
C TYR B 345 18.99 45.08 -46.33
N LEU B 346 19.87 44.43 -47.09
CA LEU B 346 20.56 43.24 -46.59
C LEU B 346 21.10 43.44 -45.20
N ARG B 347 21.46 44.67 -44.88
CA ARG B 347 21.90 45.05 -43.54
C ARG B 347 21.15 44.30 -42.44
N ILE B 348 19.83 44.22 -42.54
CA ILE B 348 19.02 43.85 -41.40
C ILE B 348 19.25 42.41 -40.97
N ALA B 349 20.04 41.66 -41.72
CA ALA B 349 20.33 40.29 -41.35
C ALA B 349 21.11 40.24 -40.05
N ASP B 381 31.09 32.60 -42.36
CA ASP B 381 32.02 33.19 -43.31
C ASP B 381 31.52 33.03 -44.73
N ALA B 382 32.13 33.79 -45.64
CA ALA B 382 31.68 33.83 -47.03
C ALA B 382 31.50 32.43 -47.58
N ARG B 383 32.60 31.68 -47.63
CA ARG B 383 32.50 30.30 -48.10
C ARG B 383 31.55 29.50 -47.22
N MET B 384 31.60 29.72 -45.91
CA MET B 384 30.75 28.98 -45.00
C MET B 384 29.30 29.16 -45.37
N LYS B 385 28.82 30.39 -45.26
CA LYS B 385 27.42 30.69 -45.58
C LYS B 385 27.07 30.15 -46.95
N CYS B 386 27.94 30.36 -47.92
CA CYS B 386 27.63 29.95 -49.27
C CYS B 386 27.43 28.45 -49.35
N VAL B 387 28.51 27.71 -49.11
CA VAL B 387 28.44 26.29 -49.28
C VAL B 387 27.31 25.73 -48.46
N ASP B 388 26.97 26.37 -47.33
CA ASP B 388 25.87 25.83 -46.55
C ASP B 388 24.55 25.98 -47.29
N THR B 389 24.30 27.19 -47.79
CA THR B 389 23.14 27.35 -48.66
C THR B 389 23.05 26.19 -49.63
N ILE B 390 24.18 25.88 -50.27
CA ILE B 390 24.16 24.71 -51.13
C ILE B 390 23.80 23.48 -50.34
N THR B 391 24.41 23.35 -49.17
CA THR B 391 24.40 22.11 -48.41
C THR B 391 23.00 21.74 -48.01
N THR B 392 22.07 22.68 -48.11
CA THR B 392 20.68 22.28 -48.08
C THR B 392 19.98 22.64 -49.38
N TYR B 393 20.70 22.71 -50.44
CA TYR B 393 19.86 22.90 -51.61
C TYR B 393 20.04 21.89 -52.70
N MET B 394 21.26 21.64 -53.11
CA MET B 394 21.46 20.62 -54.12
C MET B 394 22.17 19.52 -53.39
N PRO B 395 21.47 18.86 -52.54
CA PRO B 395 22.12 18.05 -51.53
C PRO B 395 23.17 17.12 -52.08
N TYR B 396 22.80 16.20 -52.95
CA TYR B 396 23.73 15.15 -53.29
C TYR B 396 24.95 15.66 -54.00
N GLY B 397 24.90 16.86 -54.53
CA GLY B 397 26.04 17.32 -55.28
C GLY B 397 27.24 17.36 -54.39
N THR B 398 27.23 18.32 -53.47
CA THR B 398 28.33 18.44 -52.54
C THR B 398 28.66 17.11 -51.92
N GLY B 399 27.66 16.26 -51.73
CA GLY B 399 27.92 14.98 -51.16
C GLY B 399 28.89 14.24 -52.04
N TYR B 400 28.43 13.92 -53.24
CA TYR B 400 29.24 13.18 -54.17
C TYR B 400 30.63 13.78 -54.25
N VAL B 401 30.70 15.10 -54.34
CA VAL B 401 32.00 15.76 -54.32
C VAL B 401 32.81 15.25 -53.15
N TYR B 402 32.28 15.43 -51.95
CA TYR B 402 33.00 15.07 -50.74
C TYR B 402 33.46 13.63 -50.79
N VAL B 403 32.50 12.72 -50.83
CA VAL B 403 32.82 11.31 -50.70
C VAL B 403 33.76 10.89 -51.81
N ASN B 404 33.30 10.95 -53.05
CA ASN B 404 34.12 10.43 -54.14
C ASN B 404 35.27 11.32 -54.45
N SER B 405 35.51 12.31 -53.59
CA SER B 405 36.67 13.14 -53.72
C SER B 405 37.77 12.74 -52.74
N ARG B 406 37.48 12.73 -51.45
CA ARG B 406 38.59 12.87 -50.52
C ARG B 406 38.90 11.61 -49.72
N GLU B 407 38.17 10.51 -49.89
CA GLU B 407 38.55 9.34 -49.12
C GLU B 407 38.16 8.03 -49.79
N ASP B 408 38.81 6.97 -49.33
CA ASP B 408 38.56 5.63 -49.84
C ASP B 408 37.28 5.07 -49.23
N ARG B 409 36.19 5.21 -49.98
CA ARG B 409 34.87 4.75 -49.56
C ARG B 409 34.92 3.44 -48.81
N ASP B 410 35.31 2.38 -49.51
CA ASP B 410 35.42 1.04 -48.96
C ASP B 410 35.90 1.06 -47.52
N GLN B 411 36.96 1.80 -47.26
CA GLN B 411 37.62 1.67 -45.97
C GLN B 411 36.71 2.07 -44.81
N VAL B 412 36.39 3.35 -44.73
CA VAL B 412 35.64 3.78 -43.57
C VAL B 412 34.27 3.14 -43.58
N VAL B 413 33.72 2.91 -44.76
CA VAL B 413 32.39 2.32 -44.78
C VAL B 413 32.44 0.94 -44.17
N GLU B 414 33.44 0.13 -44.53
CA GLU B 414 33.49 -1.23 -44.05
C GLU B 414 33.71 -1.24 -42.56
N ASP B 415 34.49 -0.29 -42.05
CA ASP B 415 34.59 -0.20 -40.60
C ASP B 415 33.24 0.09 -39.98
N VAL B 416 32.69 1.25 -40.30
CA VAL B 416 31.52 1.71 -39.58
C VAL B 416 30.41 0.69 -39.68
N LYS B 417 30.39 -0.08 -40.75
CA LYS B 417 29.40 -1.15 -40.84
C LYS B 417 29.40 -1.96 -39.56
N GLN B 418 30.50 -2.62 -39.29
CA GLN B 418 30.50 -3.48 -38.12
C GLN B 418 30.41 -2.66 -36.86
N GLN B 419 30.92 -1.43 -36.87
CA GLN B 419 30.85 -0.64 -35.65
C GLN B 419 29.41 -0.41 -35.22
N THR B 420 28.67 0.34 -36.04
CA THR B 420 27.25 0.46 -35.82
C THR B 420 26.65 -0.86 -35.47
N GLU B 421 26.90 -1.87 -36.29
CA GLU B 421 26.27 -3.16 -36.05
C GLU B 421 26.47 -3.59 -34.62
N LEU B 422 27.66 -3.40 -34.08
CA LEU B 422 27.88 -3.64 -32.66
C LEU B 422 26.87 -2.89 -31.83
N ILE B 423 26.77 -1.59 -32.08
CA ILE B 423 25.88 -0.81 -31.22
C ILE B 423 24.48 -1.36 -31.31
N MET B 424 23.89 -1.22 -32.48
CA MET B 424 22.54 -1.70 -32.69
C MET B 424 22.34 -3.04 -32.05
N LYS B 425 23.33 -3.91 -32.15
CA LYS B 425 23.17 -5.22 -31.56
C LYS B 425 22.96 -5.08 -30.07
N THR B 426 23.97 -4.60 -29.37
CA THR B 426 23.83 -4.61 -27.92
C THR B 426 22.63 -3.81 -27.50
N PHE B 427 22.31 -2.80 -28.29
CA PHE B 427 21.08 -2.08 -28.05
C PHE B 427 19.90 -3.03 -28.06
N LEU B 428 19.84 -3.87 -29.08
CA LEU B 428 18.85 -4.93 -29.05
C LEU B 428 19.00 -5.70 -27.76
N LYS B 429 20.22 -6.04 -27.41
CA LYS B 429 20.42 -6.70 -26.14
C LYS B 429 19.77 -5.91 -25.02
N LYS B 430 19.80 -4.59 -25.12
CA LYS B 430 18.91 -3.85 -24.23
C LYS B 430 17.52 -4.11 -24.75
N MET B 431 16.93 -5.17 -24.24
CA MET B 431 15.64 -5.64 -24.70
C MET B 431 14.82 -5.94 -23.47
N LEU B 432 13.68 -6.58 -23.67
CA LEU B 432 12.89 -7.11 -22.58
C LEU B 432 13.78 -7.68 -21.50
N SER B 433 14.70 -8.55 -21.90
CA SER B 433 15.60 -9.14 -20.94
C SER B 433 16.21 -8.07 -20.07
N THR B 434 16.67 -7.00 -20.70
CA THR B 434 17.18 -5.87 -19.96
C THR B 434 16.07 -5.06 -19.33
N LEU B 435 14.99 -4.84 -20.06
CA LEU B 435 14.12 -3.70 -19.80
C LEU B 435 13.00 -4.04 -18.85
N SER B 436 12.27 -3.00 -18.48
CA SER B 436 11.34 -3.03 -17.37
C SER B 436 9.91 -2.82 -17.79
N TRP B 437 9.64 -1.69 -18.39
CA TRP B 437 8.29 -1.31 -18.73
C TRP B 437 7.73 -2.11 -19.89
N MET B 438 8.51 -3.04 -20.40
CA MET B 438 8.12 -3.76 -21.60
C MET B 438 7.41 -5.04 -21.19
N GLN B 439 7.23 -5.93 -22.15
CA GLN B 439 6.50 -7.16 -21.98
C GLN B 439 6.98 -8.12 -23.06
N GLY B 440 6.73 -9.40 -22.87
CA GLY B 440 7.12 -10.41 -23.83
C GLY B 440 6.88 -10.11 -25.30
N GLU B 441 5.63 -10.03 -25.73
CA GLU B 441 5.43 -9.89 -27.17
C GLU B 441 5.74 -8.48 -27.62
N SER B 442 5.42 -7.49 -26.81
CA SER B 442 5.89 -6.14 -27.12
C SER B 442 7.37 -6.19 -27.39
N TYR B 443 8.09 -6.94 -26.58
CA TYR B 443 9.49 -7.16 -26.87
C TYR B 443 9.64 -7.71 -28.26
N ARG B 444 9.16 -8.93 -28.46
CA ARG B 444 9.49 -9.66 -29.67
C ARG B 444 9.32 -8.75 -30.85
N ARG B 445 8.21 -8.03 -30.86
CA ARG B 445 7.95 -7.11 -31.94
C ARG B 445 9.05 -6.06 -32.03
N ALA B 446 9.19 -5.23 -31.01
CA ALA B 446 10.11 -4.09 -31.15
C ALA B 446 11.52 -4.56 -31.47
N GLU B 447 11.92 -5.64 -30.82
CA GLU B 447 13.10 -6.34 -31.22
C GLU B 447 13.13 -6.48 -32.73
N LYS B 448 12.10 -7.11 -33.29
CA LYS B 448 12.11 -7.32 -34.73
C LYS B 448 12.20 -6.01 -35.48
N LYS B 449 11.48 -4.99 -35.00
CA LYS B 449 11.57 -3.68 -35.62
C LYS B 449 13.00 -3.32 -35.86
N ILE B 450 13.83 -3.52 -34.85
CA ILE B 450 15.27 -3.46 -35.10
C ILE B 450 15.66 -4.43 -36.19
N ASN B 451 15.34 -5.70 -35.97
CA ASN B 451 15.88 -6.75 -36.81
C ASN B 451 15.69 -6.46 -38.28
N GLU B 452 14.52 -5.98 -38.69
CA GLU B 452 14.28 -5.65 -40.08
C GLU B 452 14.68 -4.24 -40.43
N MET B 453 15.54 -3.61 -39.66
CA MET B 453 15.78 -2.19 -39.87
C MET B 453 17.11 -1.99 -40.58
N HIS B 454 17.24 -0.85 -41.22
CA HIS B 454 18.09 -0.70 -42.37
C HIS B 454 19.31 0.11 -41.98
N ARG B 455 20.36 -0.02 -42.76
CA ARG B 455 21.44 0.94 -42.66
C ARG B 455 21.49 1.78 -43.90
N ASN B 456 22.38 2.77 -43.86
CA ASN B 456 22.84 3.49 -45.03
C ASN B 456 23.97 4.37 -44.55
N TYR B 457 25.05 4.40 -45.32
CA TYR B 457 26.21 5.18 -44.95
C TYR B 457 26.62 6.06 -46.10
N GLY B 458 27.17 7.21 -45.77
CA GLY B 458 27.77 8.06 -46.78
C GLY B 458 26.91 8.22 -48.01
N TRP B 459 27.40 7.70 -49.10
CA TRP B 459 26.69 7.79 -50.36
C TRP B 459 25.34 7.12 -50.26
N PRO B 460 24.44 7.43 -51.17
CA PRO B 460 23.29 6.55 -51.40
C PRO B 460 23.80 5.20 -51.88
N LYS B 461 22.87 4.26 -52.04
CA LYS B 461 23.27 3.03 -52.69
C LYS B 461 23.77 3.30 -54.09
N LYS B 462 23.32 4.40 -54.66
CA LYS B 462 23.81 4.90 -55.94
C LYS B 462 25.06 5.69 -55.66
N LEU B 463 25.48 6.54 -56.58
CA LEU B 463 26.57 7.47 -56.41
C LEU B 463 27.91 6.81 -56.61
N PHE B 464 28.00 5.48 -56.69
CA PHE B 464 29.13 4.76 -57.27
C PHE B 464 28.92 3.25 -57.18
N ASP B 479 30.22 4.49 -66.77
CA ASP B 479 29.04 4.40 -65.93
C ASP B 479 29.33 4.96 -64.55
N ASP B 480 29.45 6.27 -64.47
CA ASP B 480 29.50 6.98 -63.21
C ASP B 480 28.57 8.18 -63.20
N TYR B 481 27.81 8.39 -64.26
CA TYR B 481 26.90 9.50 -64.42
C TYR B 481 25.68 9.43 -63.52
N TYR B 482 25.27 8.24 -63.12
CA TYR B 482 23.87 8.05 -62.77
C TYR B 482 23.44 8.99 -61.66
N SER B 483 24.36 9.38 -60.80
CA SER B 483 24.08 10.50 -59.92
C SER B 483 23.76 11.73 -60.71
N ILE B 484 24.61 12.06 -61.69
CA ILE B 484 24.32 13.24 -62.51
C ILE B 484 23.04 13.00 -63.28
N LEU B 485 22.45 11.82 -63.13
CA LEU B 485 21.04 11.69 -63.46
C LEU B 485 20.16 12.17 -62.33
N GLU B 486 20.45 11.76 -61.09
CA GLU B 486 19.61 12.20 -60.00
C GLU B 486 19.50 13.71 -60.01
N ALA B 487 20.62 14.39 -59.85
CA ALA B 487 20.63 15.83 -59.90
C ALA B 487 20.60 16.35 -61.32
N TYR B 488 20.21 15.51 -62.28
CA TYR B 488 20.39 15.84 -63.69
C TYR B 488 19.90 17.24 -64.03
N ASN B 489 18.62 17.50 -63.84
CA ASN B 489 17.98 18.57 -64.60
C ASN B 489 18.63 19.93 -64.40
N ASN B 490 19.47 20.08 -63.39
CA ASN B 490 19.79 21.43 -62.93
C ASN B 490 20.64 22.22 -63.92
N LYS B 491 19.96 22.99 -64.74
CA LYS B 491 20.61 23.85 -65.72
C LYS B 491 21.78 24.60 -65.13
N THR B 492 22.82 24.78 -65.94
CA THR B 492 24.02 25.50 -65.56
C THR B 492 24.20 26.66 -66.52
N ASP B 493 24.36 27.85 -66.00
CA ASP B 493 24.54 28.99 -66.89
C ASP B 493 25.30 30.08 -66.19
N LYS B 494 26.60 30.13 -66.40
CA LYS B 494 27.28 31.38 -66.08
C LYS B 494 27.32 32.31 -67.27
N SER B 495 26.56 32.02 -68.30
CA SER B 495 26.53 32.84 -69.50
C SER B 495 26.01 34.23 -69.19
N TYR B 499 23.12 35.68 -60.46
CA TYR B 499 22.91 34.96 -59.22
C TYR B 499 21.48 35.11 -58.72
N THR B 500 20.88 36.28 -58.94
CA THR B 500 19.46 36.42 -58.66
C THR B 500 18.70 35.26 -59.26
N ILE B 501 18.78 35.13 -60.57
CA ILE B 501 18.11 34.02 -61.20
C ILE B 501 18.66 32.71 -60.66
N LEU B 502 19.94 32.72 -60.32
CA LEU B 502 20.58 31.47 -59.94
C LEU B 502 19.91 30.83 -58.75
N ASN B 503 20.01 31.48 -57.60
CA ASN B 503 19.44 30.95 -56.38
C ASN B 503 18.01 30.52 -56.61
N ILE B 504 17.15 31.48 -56.95
CA ILE B 504 15.76 31.20 -57.23
C ILE B 504 15.61 29.93 -58.01
N LEU B 505 16.44 29.75 -59.04
CA LEU B 505 16.41 28.49 -59.77
C LEU B 505 16.75 27.33 -58.87
N ARG B 506 17.81 27.46 -58.12
CA ARG B 506 18.29 26.28 -57.42
C ARG B 506 17.25 25.81 -56.43
N ARG B 507 16.64 26.73 -55.69
CA ARG B 507 15.52 26.34 -54.84
C ARG B 507 14.43 25.68 -55.65
N GLY B 508 14.01 26.34 -56.73
CA GLY B 508 13.12 25.70 -57.65
C GLY B 508 13.47 24.24 -57.82
N TYR B 509 14.74 23.96 -58.04
CA TYR B 509 15.08 22.55 -58.09
C TYR B 509 14.86 21.85 -56.76
N GLU B 510 15.61 22.22 -55.72
CA GLU B 510 15.62 21.38 -54.51
C GLU B 510 14.25 20.82 -54.25
N ASN B 511 13.25 21.69 -54.28
CA ASN B 511 11.94 21.14 -54.00
C ASN B 511 11.38 20.40 -55.21
N ARG B 512 11.57 20.93 -56.43
CA ARG B 512 11.01 20.27 -57.60
C ARG B 512 11.52 18.84 -57.66
N GLU B 513 12.79 18.69 -57.33
CA GLU B 513 13.34 17.37 -57.10
C GLU B 513 12.56 16.67 -56.01
N SER B 514 12.24 17.37 -54.92
CA SER B 514 11.52 16.67 -53.86
C SER B 514 10.20 16.09 -54.34
N PHE B 515 9.66 16.60 -55.44
CA PHE B 515 8.29 16.21 -55.73
C PHE B 515 8.15 15.39 -56.98
N ARG B 516 9.04 15.56 -57.94
CA ARG B 516 9.12 14.52 -58.95
C ARG B 516 9.20 13.18 -58.27
N ARG B 517 9.74 13.16 -57.06
CA ARG B 517 9.68 11.98 -56.23
C ARG B 517 8.26 11.57 -55.89
N LYS B 518 7.31 12.50 -55.89
CA LYS B 518 5.97 12.14 -55.44
C LYS B 518 5.41 10.98 -56.24
N ASN B 519 5.39 11.12 -57.56
CA ASN B 519 4.54 10.24 -58.33
C ASN B 519 5.22 8.93 -58.70
N GLU B 520 6.46 8.74 -58.36
CA GLU B 520 7.05 7.44 -58.52
C GLU B 520 6.74 6.63 -57.27
N THR B 521 7.35 5.48 -57.13
CA THR B 521 6.94 4.56 -56.08
C THR B 521 7.84 4.71 -54.87
N ALA B 522 7.29 4.34 -53.71
CA ALA B 522 7.96 4.57 -52.44
C ALA B 522 9.09 3.57 -52.23
N ASP B 523 10.23 4.07 -51.78
CA ASP B 523 11.37 3.24 -51.44
C ASP B 523 11.47 3.11 -49.93
N ARG B 524 12.49 2.43 -49.48
CA ARG B 524 12.79 2.51 -48.07
C ARG B 524 14.28 2.75 -47.87
N THR B 525 14.93 3.40 -48.82
CA THR B 525 16.33 3.82 -48.66
C THR B 525 16.47 5.32 -48.80
N ASN B 526 15.41 6.05 -48.53
CA ASN B 526 15.33 7.50 -48.59
C ASN B 526 16.56 8.14 -47.98
N PHE B 527 17.27 8.93 -48.74
CA PHE B 527 18.33 9.77 -48.19
C PHE B 527 17.75 11.14 -47.91
N LEU B 528 17.29 11.36 -46.70
CA LEU B 528 16.65 12.62 -46.38
C LEU B 528 17.50 13.78 -46.82
N GLU B 529 18.70 13.91 -46.29
CA GLU B 529 19.38 15.17 -46.43
C GLU B 529 20.81 14.98 -46.92
N SER B 530 21.45 16.09 -47.24
CA SER B 530 22.70 16.10 -47.98
C SER B 530 23.81 15.45 -47.20
N PRO B 531 24.42 14.41 -47.70
CA PRO B 531 25.44 13.74 -46.91
C PRO B 531 26.65 14.59 -46.69
N ALA B 532 26.43 15.75 -46.08
CA ALA B 532 27.50 16.45 -45.41
C ALA B 532 27.06 17.10 -44.13
N SER B 533 25.80 17.02 -43.74
CA SER B 533 25.43 17.54 -42.44
C SER B 533 25.86 16.55 -41.35
N VAL B 534 26.49 17.06 -40.31
CA VAL B 534 27.10 16.20 -39.28
C VAL B 534 25.99 15.87 -38.30
N ASN B 535 25.18 14.90 -38.67
CA ASN B 535 24.15 14.36 -37.79
C ASN B 535 23.55 13.19 -38.55
N ALA B 536 23.18 12.16 -37.82
CA ALA B 536 22.42 11.11 -38.46
C ALA B 536 21.01 11.61 -38.69
N TRP B 537 20.13 10.73 -39.09
CA TRP B 537 18.71 10.95 -38.97
C TRP B 537 17.99 9.64 -39.15
N TYR B 538 16.74 9.61 -38.73
CA TYR B 538 16.03 8.36 -38.73
C TYR B 538 14.58 8.68 -38.97
N ALA B 539 14.11 8.42 -40.17
CA ALA B 539 12.81 8.94 -40.55
C ALA B 539 11.76 7.88 -40.28
N PRO B 540 11.20 7.83 -39.07
CA PRO B 540 10.30 6.73 -38.75
C PRO B 540 9.08 6.69 -39.62
N GLU B 541 8.91 7.66 -40.51
CA GLU B 541 7.82 7.56 -41.47
C GLU B 541 7.93 6.25 -42.22
N LEU B 542 8.96 6.11 -43.04
CA LEU B 542 9.51 4.85 -43.44
C LEU B 542 10.42 4.37 -42.32
N ASN B 543 11.34 3.45 -42.55
CA ASN B 543 12.27 3.15 -41.47
C ASN B 543 13.69 3.16 -42.00
N SER B 544 14.58 3.90 -41.36
CA SER B 544 15.90 4.08 -41.93
C SER B 544 16.85 4.69 -40.91
N LEU B 545 18.13 4.52 -41.14
CA LEU B 545 19.14 4.81 -40.14
C LEU B 545 20.37 5.50 -40.73
N THR B 546 20.22 6.10 -41.90
CA THR B 546 21.33 6.66 -42.67
C THR B 546 22.28 7.46 -41.81
N LEU B 547 23.58 7.27 -42.03
CA LEU B 547 24.61 8.06 -41.40
C LEU B 547 25.51 8.65 -42.46
N PRO B 548 25.98 9.86 -42.30
CA PRO B 548 26.68 10.54 -43.38
C PRO B 548 28.17 10.37 -43.29
N PHE B 549 28.78 10.14 -44.45
CA PHE B 549 30.23 10.18 -44.56
C PHE B 549 30.78 11.39 -43.85
N GLY B 550 30.14 12.53 -44.07
CA GLY B 550 30.56 13.74 -43.41
C GLY B 550 30.68 13.59 -41.91
N ILE B 551 30.14 12.51 -41.36
CA ILE B 551 30.44 12.28 -39.95
C ILE B 551 31.56 11.27 -39.82
N LEU B 552 31.85 10.53 -40.86
CA LEU B 552 32.90 9.53 -40.73
C LEU B 552 34.19 10.33 -40.60
N THR B 553 34.36 11.04 -39.49
CA THR B 553 35.35 12.09 -39.39
C THR B 553 35.51 12.50 -37.95
N SER B 554 36.15 13.64 -37.75
CA SER B 554 36.73 14.14 -36.51
C SER B 554 35.67 14.25 -35.42
N PRO B 555 35.97 14.85 -34.25
CA PRO B 555 35.81 14.13 -32.98
C PRO B 555 34.79 13.02 -32.99
N HIS B 556 33.70 13.15 -33.72
CA HIS B 556 32.77 12.05 -33.87
C HIS B 556 33.46 10.76 -34.24
N TYR B 557 34.64 10.82 -34.86
CA TYR B 557 35.25 9.57 -35.28
C TYR B 557 36.67 9.80 -35.77
N ASP B 558 37.40 8.69 -35.89
CA ASP B 558 38.55 8.61 -36.77
C ASP B 558 38.89 7.13 -36.88
N LEU B 559 39.76 6.77 -37.83
CA LEU B 559 40.19 5.38 -38.13
C LEU B 559 41.09 4.81 -37.00
N GLN B 560 42.24 5.44 -36.75
CA GLN B 560 43.25 4.95 -35.76
C GLN B 560 43.26 5.81 -34.48
N PHE B 561 42.14 5.85 -33.74
CA PHE B 561 41.98 6.56 -32.45
C PHE B 561 41.52 5.53 -31.39
N PRO B 562 41.59 5.78 -30.07
CA PRO B 562 41.09 4.81 -29.08
C PRO B 562 39.59 4.59 -29.31
N LYS B 563 39.08 3.36 -29.17
CA LYS B 563 37.66 2.99 -29.47
C LYS B 563 36.63 3.67 -28.54
N ALA B 564 37.05 4.15 -27.35
CA ALA B 564 36.21 4.84 -26.32
C ALA B 564 35.59 5.97 -27.05
N PHE B 565 36.42 6.48 -27.90
CA PHE B 565 36.05 7.63 -28.77
C PHE B 565 35.09 7.15 -29.87
N ASN B 566 35.58 6.29 -30.77
CA ASN B 566 34.77 5.77 -31.83
C ASN B 566 33.56 5.01 -31.34
N PHE B 567 33.31 5.01 -30.03
CA PHE B 567 31.96 4.78 -29.56
C PHE B 567 31.31 6.04 -29.01
N ALA B 568 32.09 6.96 -28.49
CA ALA B 568 31.52 8.22 -28.04
C ALA B 568 31.20 9.12 -29.19
N GLY B 569 31.87 8.96 -30.30
CA GLY B 569 31.57 9.81 -31.43
C GLY B 569 30.56 9.11 -32.29
N SER B 570 30.99 8.71 -33.48
CA SER B 570 30.15 7.98 -34.42
C SER B 570 29.31 7.01 -33.64
N GLY B 571 29.93 6.30 -32.72
CA GLY B 571 29.18 5.42 -31.86
C GLY B 571 28.00 6.06 -31.17
N THR B 572 28.29 7.08 -30.36
CA THR B 572 27.19 7.75 -29.71
C THR B 572 26.14 8.11 -30.70
N VAL B 573 26.47 9.02 -31.61
CA VAL B 573 25.44 9.58 -32.45
C VAL B 573 24.63 8.49 -33.10
N GLY B 574 25.30 7.44 -33.55
CA GLY B 574 24.58 6.27 -34.01
C GLY B 574 23.46 5.91 -33.05
N GLY B 575 23.80 5.68 -31.79
CA GLY B 575 22.76 5.26 -30.85
C GLY B 575 21.83 6.39 -30.48
N HIS B 576 22.42 7.53 -30.12
CA HIS B 576 21.74 8.78 -29.84
C HIS B 576 20.51 8.95 -30.70
N GLU B 577 20.64 8.61 -31.97
CA GLU B 577 19.46 8.64 -32.81
C GLU B 577 18.69 7.35 -32.75
N LEU B 578 19.35 6.24 -33.03
CA LEU B 578 18.64 4.98 -33.16
C LEU B 578 17.54 4.82 -32.14
N VAL B 579 17.75 5.34 -30.95
CA VAL B 579 16.75 5.24 -29.90
C VAL B 579 15.35 5.52 -30.41
N HIS B 580 15.19 6.62 -31.15
CA HIS B 580 13.89 7.14 -31.56
C HIS B 580 12.89 6.04 -31.85
N GLY B 581 13.34 5.01 -32.55
CA GLY B 581 12.47 3.92 -32.92
C GLY B 581 12.11 3.08 -31.73
N PHE B 582 12.18 3.66 -30.55
CA PHE B 582 11.43 3.14 -29.41
C PHE B 582 10.90 4.22 -28.52
N ASP B 583 10.93 5.48 -28.94
CA ASP B 583 10.41 6.54 -28.11
C ASP B 583 8.90 6.44 -28.12
N ASP B 584 8.28 7.28 -27.37
CA ASP B 584 6.86 7.40 -27.56
C ASP B 584 6.52 7.90 -28.86
N GLU B 585 7.48 8.16 -29.74
CA GLU B 585 7.19 8.32 -31.16
C GLU B 585 7.43 7.05 -31.94
N GLY B 586 8.48 6.33 -31.60
CA GLY B 586 8.78 5.13 -32.35
C GLY B 586 7.71 4.08 -32.21
N VAL B 587 7.20 3.92 -31.00
CA VAL B 587 6.13 2.95 -30.76
C VAL B 587 5.11 3.01 -31.86
N GLN B 588 4.75 4.21 -32.28
CA GLN B 588 3.70 4.38 -33.27
C GLN B 588 3.96 3.60 -34.53
N PHE B 589 5.05 3.88 -35.21
CA PHE B 589 5.31 3.28 -36.48
C PHE B 589 5.87 1.89 -36.24
N ASP B 590 5.39 0.93 -37.02
CA ASP B 590 5.80 -0.45 -36.80
C ASP B 590 7.23 -0.66 -37.26
N TYR B 591 7.59 -1.92 -37.35
CA TYR B 591 8.79 -2.33 -38.02
C TYR B 591 8.88 -1.78 -39.44
N ASP B 592 7.83 -1.92 -40.22
CA ASP B 592 7.94 -1.65 -41.64
C ASP B 592 7.49 -0.26 -42.00
N GLY B 593 6.87 0.44 -41.06
CA GLY B 593 6.32 1.76 -41.29
C GLY B 593 4.83 1.63 -41.48
N SER B 594 4.09 1.83 -40.40
CA SER B 594 2.64 1.81 -40.41
C SER B 594 2.18 2.19 -39.02
N LEU B 595 0.89 2.12 -38.78
CA LEU B 595 0.36 2.45 -37.46
C LEU B 595 -0.31 1.21 -36.90
N ALA B 596 0.29 0.66 -35.84
CA ALA B 596 -0.35 -0.40 -35.08
C ALA B 596 -0.10 -0.27 -33.58
N ASP B 597 0.44 0.85 -33.11
CA ASP B 597 0.76 1.04 -31.69
C ASP B 597 1.61 -0.13 -31.19
N CYS B 598 2.84 -0.21 -31.70
CA CYS B 598 3.65 -1.44 -31.66
C CYS B 598 3.47 -2.22 -30.37
N SER B 599 3.37 -1.54 -29.25
CA SER B 599 3.00 -2.20 -28.01
C SER B 599 1.63 -1.76 -27.56
N LYS B 609 -0.89 -1.53 -20.58
CA LYS B 609 0.00 -2.39 -21.34
C LYS B 609 1.40 -2.12 -20.88
N GLY B 610 2.27 -1.85 -21.82
CA GLY B 610 3.58 -1.37 -21.46
C GLY B 610 3.53 0.14 -21.33
N LYS B 611 2.67 0.76 -22.14
CA LYS B 611 2.66 2.21 -22.24
C LYS B 611 2.63 2.85 -20.87
N ASN B 612 1.56 2.61 -20.12
CA ASN B 612 1.44 3.21 -18.80
C ASN B 612 2.77 3.19 -18.08
N GLY B 613 3.37 2.01 -18.01
CA GLY B 613 4.71 1.94 -17.48
C GLY B 613 5.62 2.95 -18.12
N PHE B 614 5.59 3.02 -19.46
CA PHE B 614 6.54 3.88 -20.14
C PHE B 614 6.36 5.32 -19.73
N LYS B 615 5.17 5.85 -19.89
CA LYS B 615 4.93 7.25 -19.60
C LYS B 615 5.29 7.56 -18.18
N ASP B 616 4.78 6.76 -17.24
CA ASP B 616 5.13 7.02 -15.87
C ASP B 616 6.64 7.15 -15.72
N MET B 617 7.37 6.14 -16.19
CA MET B 617 8.81 6.20 -16.07
C MET B 617 9.36 7.47 -16.66
N ALA B 618 8.85 7.86 -17.81
CA ALA B 618 9.32 9.09 -18.41
C ALA B 618 9.17 10.25 -17.45
N GLN B 619 8.10 10.28 -16.68
CA GLN B 619 7.88 11.43 -15.82
C GLN B 619 9.06 11.68 -14.89
N CYS B 620 9.83 10.63 -14.59
CA CYS B 620 11.10 10.86 -13.92
C CYS B 620 11.94 11.83 -14.72
N VAL B 621 12.31 11.46 -15.94
CA VAL B 621 13.04 12.35 -16.84
C VAL B 621 12.47 13.75 -16.77
N VAL B 622 11.15 13.82 -16.81
CA VAL B 622 10.47 15.11 -16.81
C VAL B 622 10.96 15.96 -15.65
N THR B 623 10.68 15.51 -14.44
CA THR B 623 11.09 16.32 -13.31
C THR B 623 12.59 16.56 -13.34
N GLN B 624 13.36 15.54 -13.74
CA GLN B 624 14.79 15.66 -13.70
C GLN B 624 15.21 16.93 -14.38
N TYR B 625 14.91 17.05 -15.66
CA TYR B 625 15.32 18.28 -16.33
C TYR B 625 14.62 19.46 -15.72
N ASN B 626 13.49 19.24 -15.08
CA ASN B 626 12.73 20.41 -14.68
C ASN B 626 13.27 21.09 -13.44
N ALA B 627 14.18 20.50 -12.71
CA ALA B 627 14.63 21.15 -11.50
C ALA B 627 16.12 21.49 -11.48
N GLN B 628 16.76 21.72 -12.62
CA GLN B 628 18.19 22.04 -12.65
C GLN B 628 18.50 23.02 -13.79
N CYS B 629 18.63 24.30 -13.43
CA CYS B 629 18.65 25.45 -14.34
C CYS B 629 20.04 25.81 -14.82
N CYS B 630 20.19 26.08 -16.09
CA CYS B 630 21.46 26.55 -16.60
C CYS B 630 21.73 28.04 -16.38
N PRO B 631 20.92 28.95 -16.90
CA PRO B 631 21.42 30.33 -17.06
C PRO B 631 21.58 31.12 -15.77
N ALA B 632 20.54 31.19 -14.97
CA ALA B 632 20.49 32.12 -13.84
C ALA B 632 19.28 31.84 -12.95
N CYS B 639 15.20 25.46 -15.01
CA CYS B 639 14.71 26.26 -16.11
C CYS B 639 14.72 25.36 -17.29
N ALA B 640 14.60 25.92 -18.48
CA ALA B 640 14.54 25.14 -19.69
C ALA B 640 13.51 24.02 -19.55
N ASN B 641 12.29 24.42 -19.19
CA ASN B 641 11.25 23.53 -18.73
C ASN B 641 11.22 22.22 -19.50
N GLY B 642 11.12 21.13 -18.74
CA GLY B 642 11.38 19.81 -19.26
C GLY B 642 10.25 19.19 -20.05
N ALA B 643 9.03 19.33 -19.53
CA ALA B 643 7.89 18.63 -20.12
C ALA B 643 7.84 18.76 -21.62
N HIS B 644 8.43 19.82 -22.16
CA HIS B 644 8.32 20.08 -23.59
C HIS B 644 9.26 19.21 -24.40
N THR B 645 10.53 19.13 -24.01
CA THR B 645 11.52 18.46 -24.85
C THR B 645 11.63 16.99 -24.59
N GLN B 646 10.70 16.40 -23.84
CA GLN B 646 10.81 15.01 -23.40
C GLN B 646 11.53 14.11 -24.39
N GLY B 647 11.03 14.08 -25.60
CA GLY B 647 11.41 13.01 -26.49
C GLY B 647 12.90 12.95 -26.69
N GLU B 648 13.44 13.91 -27.42
CA GLU B 648 14.86 13.90 -27.71
C GLU B 648 15.66 13.72 -26.44
N ASN B 649 15.14 14.21 -25.33
CA ASN B 649 15.82 14.00 -24.06
C ASN B 649 16.00 12.52 -23.79
N ILE B 650 14.96 11.74 -24.00
CA ILE B 650 15.09 10.33 -23.69
C ILE B 650 16.19 9.70 -24.53
N ALA B 651 16.27 10.08 -25.80
CA ALA B 651 17.28 9.49 -26.65
C ALA B 651 18.65 9.84 -26.15
N ASP B 652 18.80 11.04 -25.60
CA ASP B 652 20.08 11.37 -24.99
C ASP B 652 20.55 10.20 -24.18
N LEU B 653 19.72 9.76 -23.25
CA LEU B 653 20.06 8.58 -22.47
C LEU B 653 20.28 7.39 -23.38
N GLY B 654 19.21 6.94 -24.02
CA GLY B 654 19.21 5.65 -24.66
C GLY B 654 20.46 5.38 -25.46
N GLY B 655 20.77 6.31 -26.36
CA GLY B 655 21.89 6.09 -27.24
C GLY B 655 23.13 5.88 -26.42
N LEU B 656 23.39 6.81 -25.51
CA LEU B 656 24.64 6.76 -24.78
C LEU B 656 24.72 5.51 -23.94
N GLN B 657 23.64 5.20 -23.25
CA GLN B 657 23.56 3.96 -22.50
C GLN B 657 24.06 2.79 -23.33
N ALA B 658 23.44 2.59 -24.48
CA ALA B 658 23.90 1.54 -25.36
C ALA B 658 25.38 1.68 -25.62
N SER B 659 25.76 2.77 -26.26
CA SER B 659 27.11 2.88 -26.79
C SER B 659 28.13 2.55 -25.72
N TYR B 660 27.86 2.94 -24.48
CA TYR B 660 28.67 2.42 -23.41
C TYR B 660 28.61 0.92 -23.40
N ASN B 661 27.43 0.37 -23.14
CA ASN B 661 27.33 -1.05 -22.90
C ASN B 661 28.06 -1.83 -23.97
N ALA B 662 27.96 -1.36 -25.20
CA ALA B 662 28.79 -1.91 -26.26
C ALA B 662 30.26 -1.79 -25.92
N TYR B 663 30.75 -0.57 -25.79
CA TYR B 663 32.19 -0.40 -25.62
C TYR B 663 32.71 -1.32 -24.56
N LYS B 664 31.98 -1.40 -23.47
CA LYS B 664 32.25 -2.44 -22.49
C LYS B 664 32.46 -3.76 -23.21
N GLU B 665 31.44 -4.20 -23.94
CA GLU B 665 31.47 -5.55 -24.50
C GLU B 665 32.66 -5.74 -25.42
N TYR B 666 32.75 -4.89 -26.41
CA TYR B 666 33.88 -4.90 -27.32
C TYR B 666 35.16 -5.06 -26.55
N ILE B 667 35.48 -4.08 -25.71
CA ILE B 667 36.80 -4.07 -25.09
C ILE B 667 37.02 -5.32 -24.27
N LYS B 668 35.98 -5.80 -23.61
CA LYS B 668 36.16 -7.04 -22.87
C LYS B 668 36.57 -8.16 -23.80
N MET B 669 36.04 -8.17 -25.03
CA MET B 669 36.39 -9.24 -25.96
C MET B 669 37.89 -9.33 -26.17
N LYS B 670 38.59 -8.19 -26.13
CA LYS B 670 40.03 -8.21 -26.19
C LYS B 670 40.64 -8.16 -24.79
N GLY B 671 40.38 -7.08 -24.07
CA GLY B 671 40.99 -6.89 -22.78
C GLY B 671 42.38 -6.30 -22.84
N ALA B 672 42.69 -5.52 -23.86
CA ALA B 672 44.02 -4.96 -23.98
C ALA B 672 44.07 -3.48 -24.33
N GLU B 673 43.02 -2.91 -24.94
CA GLU B 673 43.16 -1.60 -25.57
C GLU B 673 43.57 -0.52 -24.59
N GLU B 674 43.55 -0.83 -23.30
CA GLU B 674 43.44 0.19 -22.29
C GLU B 674 44.50 1.26 -22.46
N MET B 675 45.77 0.93 -22.27
CA MET B 675 46.84 1.72 -22.88
C MET B 675 46.63 3.21 -22.72
N ARG B 676 46.77 3.74 -21.50
CA ARG B 676 46.39 5.11 -21.16
C ARG B 676 46.98 6.12 -22.15
N LEU B 677 46.50 7.30 -22.12
CA LEU B 677 46.85 8.14 -23.25
C LEU B 677 48.17 8.87 -23.02
N PRO B 678 48.93 9.05 -24.09
CA PRO B 678 50.25 9.67 -23.96
C PRO B 678 50.19 11.05 -23.37
N GLY B 679 49.33 11.91 -23.90
CA GLY B 679 49.26 13.27 -23.39
C GLY B 679 49.00 13.33 -21.89
N LEU B 680 48.47 12.26 -21.32
CA LEU B 680 48.16 12.23 -19.90
C LEU B 680 47.98 10.79 -19.45
N GLU B 681 48.85 10.31 -18.58
CA GLU B 681 48.61 9.01 -17.99
C GLU B 681 47.35 9.05 -17.16
N LYS B 682 47.07 10.20 -16.53
CA LYS B 682 46.20 10.22 -15.36
C LYS B 682 44.89 9.46 -15.58
N PHE B 683 44.38 9.45 -16.79
CA PHE B 683 43.00 9.03 -16.96
C PHE B 683 42.89 7.57 -17.37
N THR B 684 41.72 7.09 -17.29
CA THR B 684 41.41 5.69 -17.41
C THR B 684 40.98 5.37 -18.81
N PRO B 685 41.24 4.15 -19.23
CA PRO B 685 40.65 3.68 -20.48
C PRO B 685 39.17 3.79 -20.48
N ASN B 686 38.53 3.91 -19.32
CA ASN B 686 37.09 4.02 -19.32
C ASN B 686 36.66 5.47 -19.27
N GLN B 687 37.12 6.21 -18.27
CA GLN B 687 36.63 7.56 -18.08
C GLN B 687 36.63 8.33 -19.39
N ILE B 688 37.74 8.27 -20.11
CA ILE B 688 37.85 9.04 -21.33
C ILE B 688 36.65 8.83 -22.21
N PHE B 689 35.98 7.69 -22.10
CA PHE B 689 34.76 7.56 -22.88
C PHE B 689 33.83 8.69 -22.53
N TRP B 690 33.34 8.71 -21.30
CA TRP B 690 32.45 9.80 -20.92
C TRP B 690 33.07 11.12 -21.26
N ILE B 691 34.38 11.24 -21.07
CA ILE B 691 35.01 12.52 -21.33
C ILE B 691 34.78 12.91 -22.77
N SER B 692 34.92 11.95 -23.67
CA SER B 692 34.80 12.29 -25.06
C SER B 692 33.38 12.65 -25.40
N TYR B 693 32.45 11.79 -24.99
CA TYR B 693 31.05 12.10 -25.24
C TYR B 693 30.72 13.48 -24.73
N GLY B 694 30.90 13.70 -23.46
CA GLY B 694 30.74 15.01 -22.93
C GLY B 694 31.77 15.97 -23.40
N TYR B 695 32.53 15.61 -24.40
CA TYR B 695 33.30 16.61 -25.09
C TYR B 695 32.70 17.00 -26.41
N SER B 696 31.98 16.08 -27.04
CA SER B 696 31.24 16.43 -28.24
C SER B 696 30.49 17.71 -28.01
N TRP B 697 29.67 17.75 -26.98
CA TRP B 697 28.84 18.90 -26.74
C TRP B 697 29.59 20.06 -26.15
N CYS B 698 30.90 20.01 -26.10
CA CYS B 698 31.60 21.22 -25.72
C CYS B 698 31.13 22.29 -26.67
N ALA B 699 30.41 23.27 -26.17
CA ALA B 699 29.87 24.27 -27.06
C ALA B 699 29.66 25.55 -26.28
N LYS B 700 30.54 26.51 -26.48
CA LYS B 700 30.40 27.79 -25.80
C LYS B 700 29.23 28.48 -26.46
N GLU B 701 28.04 28.17 -26.00
CA GLU B 701 26.88 28.91 -26.46
C GLU B 701 26.93 30.28 -25.82
N THR B 702 27.12 31.29 -26.64
CA THR B 702 27.05 32.63 -26.13
C THR B 702 25.63 32.90 -25.64
N GLN B 703 25.49 33.89 -24.77
CA GLN B 703 24.34 33.91 -23.87
C GLN B 703 23.07 34.40 -24.56
N SER B 704 23.18 35.44 -25.39
CA SER B 704 22.04 35.80 -26.23
C SER B 704 21.53 34.57 -26.97
N SER B 705 22.43 33.82 -27.60
CA SER B 705 22.05 32.60 -28.29
C SER B 705 21.47 31.57 -27.33
N LEU B 706 21.96 31.53 -26.09
CA LEU B 706 21.36 30.61 -25.13
C LEU B 706 19.90 30.93 -24.88
N VAL B 707 19.55 32.20 -24.71
CA VAL B 707 18.16 32.53 -24.41
C VAL B 707 17.28 32.50 -25.65
N LYS B 708 17.85 32.59 -26.84
CA LYS B 708 17.06 32.52 -28.06
C LYS B 708 16.89 31.11 -28.63
N HIS B 715 15.62 20.37 -29.44
CA HIS B 715 16.68 19.80 -28.62
C HIS B 715 16.60 20.51 -27.28
N SER B 716 17.63 20.38 -26.47
CA SER B 716 17.61 21.04 -25.18
C SER B 716 18.85 21.92 -25.10
N PRO B 717 19.09 22.65 -24.06
CA PRO B 717 20.35 23.38 -23.99
C PRO B 717 21.45 22.48 -23.45
N ASN B 718 22.58 22.50 -24.14
CA ASN B 718 23.60 21.48 -24.05
C ASN B 718 24.05 21.14 -22.65
N SER B 719 24.62 22.13 -21.96
CA SER B 719 25.12 21.89 -20.62
C SER B 719 24.17 21.02 -19.84
N CYS B 720 22.88 21.28 -19.96
CA CYS B 720 21.94 20.33 -19.39
C CYS B 720 22.23 18.94 -19.93
N ARG B 721 22.14 18.76 -21.24
CA ARG B 721 22.22 17.40 -21.77
C ARG B 721 23.38 16.64 -21.18
N VAL B 722 24.53 17.27 -21.11
CA VAL B 722 25.68 16.59 -20.52
C VAL B 722 25.41 16.26 -19.06
N ASN B 723 25.19 17.28 -18.24
CA ASN B 723 25.10 17.02 -16.80
C ASN B 723 24.04 15.98 -16.51
N GLN B 724 22.81 16.27 -16.90
CA GLN B 724 21.74 15.36 -16.58
C GLN B 724 22.03 13.99 -17.12
N VAL B 725 22.06 13.83 -18.43
CA VAL B 725 22.06 12.46 -18.85
C VAL B 725 23.32 11.77 -18.41
N LEU B 726 24.25 12.51 -17.83
CA LEU B 726 25.33 11.83 -17.16
C LEU B 726 24.88 11.26 -15.83
N GLN B 727 24.10 12.02 -15.07
CA GLN B 727 23.59 11.48 -13.81
C GLN B 727 23.16 10.05 -13.97
N ASP B 728 22.24 9.83 -14.87
CA ASP B 728 21.39 8.67 -14.81
C ASP B 728 22.07 7.41 -15.26
N ILE B 729 23.38 7.35 -15.33
CA ILE B 729 23.95 6.07 -15.72
C ILE B 729 24.93 5.63 -14.64
N PRO B 730 24.43 5.37 -13.43
CA PRO B 730 25.29 5.26 -12.26
C PRO B 730 26.59 4.58 -12.55
N SER B 731 26.55 3.62 -13.46
CA SER B 731 27.75 3.05 -14.02
C SER B 731 28.82 4.12 -14.13
N PHE B 732 28.44 5.27 -14.67
CA PHE B 732 29.36 6.40 -14.64
C PHE B 732 29.77 6.72 -13.22
N ALA B 733 28.81 7.13 -12.39
CA ALA B 733 29.11 7.69 -11.09
C ALA B 733 30.20 6.90 -10.41
N LYS B 734 30.07 5.57 -10.48
CA LYS B 734 31.15 4.74 -10.02
C LYS B 734 32.39 5.00 -10.84
N ASP B 735 32.33 4.68 -12.11
CA ASP B 735 33.55 4.56 -12.88
C ASP B 735 34.30 5.86 -12.97
N PHE B 736 33.78 6.90 -12.36
CA PHE B 736 34.52 8.14 -12.26
C PHE B 736 34.94 8.40 -10.83
N GLN B 737 35.15 7.33 -10.08
CA GLN B 737 35.90 7.37 -8.83
C GLN B 737 35.23 8.22 -7.75
N CYS B 738 34.09 8.86 -8.01
CA CYS B 738 33.73 9.86 -7.02
C CYS B 738 32.57 9.43 -6.14
N ALA B 739 32.70 9.78 -4.87
CA ALA B 739 31.79 9.40 -3.79
C ALA B 739 30.36 9.71 -4.16
N LEU B 740 29.43 8.97 -3.59
CA LEU B 740 28.05 9.06 -4.00
C LEU B 740 27.19 9.54 -2.84
N GLY B 741 26.18 10.34 -3.18
CA GLY B 741 25.71 11.41 -2.33
C GLY B 741 26.13 12.76 -2.84
N GLN B 742 26.68 12.81 -4.05
CA GLN B 742 27.21 14.01 -4.65
C GLN B 742 26.33 14.51 -5.77
N LYS B 743 26.42 15.82 -6.02
CA LYS B 743 25.52 16.40 -7.01
C LYS B 743 26.04 16.07 -8.40
N MET B 744 26.35 14.82 -8.60
CA MET B 744 26.31 14.24 -9.91
C MET B 744 25.55 12.94 -9.89
N TYR B 745 25.21 12.43 -8.72
CA TYR B 745 24.62 11.15 -8.60
C TYR B 745 23.62 11.19 -7.46
N PRO B 746 22.41 10.74 -7.68
CA PRO B 746 21.40 10.77 -6.64
C PRO B 746 21.29 9.44 -5.92
N PRO B 747 20.68 9.43 -4.75
CA PRO B 747 20.47 8.19 -4.01
C PRO B 747 19.38 7.31 -4.59
N ALA B 748 18.89 6.37 -3.79
CA ALA B 748 18.15 5.17 -4.15
C ALA B 748 17.31 5.27 -5.41
N GLU B 749 16.54 6.32 -5.55
CA GLU B 749 15.92 6.57 -6.85
C GLU B 749 17.08 7.03 -7.70
N GLN B 750 17.96 6.08 -8.00
CA GLN B 750 19.25 6.43 -8.56
C GLN B 750 19.13 6.95 -9.97
N ARG B 751 18.17 6.45 -10.70
CA ARG B 751 18.26 6.59 -12.13
C ARG B 751 16.91 6.30 -12.73
N CYS B 752 16.43 7.19 -13.56
CA CYS B 752 15.14 6.94 -14.14
C CYS B 752 15.32 5.83 -15.15
N LYS B 753 15.43 4.61 -14.65
CA LYS B 753 15.86 3.52 -15.51
C LYS B 753 14.76 3.29 -16.51
N VAL B 754 14.85 4.00 -17.63
CA VAL B 754 13.92 3.81 -18.71
C VAL B 754 14.57 3.06 -19.86
N TRP B 755 15.86 2.88 -19.81
CA TRP B 755 16.46 1.81 -20.54
C TRP B 755 17.24 1.04 -19.53
N ASN C 1 -4.62 42.99 41.25
CA ASN C 1 -3.51 42.07 41.44
C ASN C 1 -2.69 42.50 42.64
N ALA C 2 -1.90 41.57 43.18
CA ALA C 2 -0.85 41.90 44.13
C ALA C 2 -1.41 42.58 45.39
N ASN C 3 -2.18 41.80 46.14
CA ASN C 3 -2.63 42.26 47.43
C ASN C 3 -1.43 42.47 48.35
N ARG C 4 -1.70 42.98 49.54
CA ARG C 4 -0.60 43.35 50.43
C ARG C 4 -0.87 42.93 51.87
N SER C 5 -1.46 41.77 52.10
CA SER C 5 -1.51 41.30 53.46
C SER C 5 -0.11 41.02 53.94
N LYS C 6 0.03 40.70 55.21
CA LYS C 6 1.36 40.37 55.70
C LYS C 6 1.90 39.14 54.98
N GLU C 7 1.31 37.98 55.27
CA GLU C 7 1.98 36.75 54.86
C GLU C 7 1.95 36.64 53.35
N TRP C 8 1.06 37.38 52.71
CA TRP C 8 1.03 37.40 51.25
C TRP C 8 2.31 37.97 50.69
N LYS C 9 2.57 39.23 50.96
CA LYS C 9 3.79 39.84 50.45
C LYS C 9 5.00 39.04 50.90
N ASN C 10 4.92 38.40 52.05
CA ASN C 10 6.08 37.63 52.48
C ASN C 10 6.28 36.40 51.61
N ALA C 11 5.19 35.73 51.25
CA ALA C 11 5.28 34.65 50.28
C ALA C 11 5.95 35.13 49.03
N ALA C 12 5.51 36.29 48.55
CA ALA C 12 6.18 36.88 47.41
C ALA C 12 7.65 36.99 47.68
N ASN C 13 8.01 37.34 48.91
CA ASN C 13 9.42 37.47 49.21
C ASN C 13 10.14 36.15 49.01
N THR C 14 9.63 35.09 49.64
CA THR C 14 10.36 33.83 49.55
C THR C 14 10.55 33.44 48.10
N LEU C 15 9.46 33.39 47.31
CA LEU C 15 9.65 32.99 45.92
C LEU C 15 10.58 33.94 45.21
N LEU C 16 10.63 35.19 45.61
CA LEU C 16 11.50 36.14 44.95
C LEU C 16 12.95 35.96 45.33
N PHE C 17 13.22 35.35 46.47
CA PHE C 17 14.56 35.58 46.95
C PHE C 17 15.58 34.76 46.22
N GLY C 18 15.50 33.44 46.33
CA GLY C 18 16.55 32.59 45.78
C GLY C 18 16.47 32.39 44.29
N LEU C 19 15.34 32.78 43.71
CA LEU C 19 15.15 32.79 42.28
C LEU C 19 16.31 33.45 41.55
N ASP C 20 16.58 32.98 40.34
CA ASP C 20 17.36 33.72 39.38
C ASP C 20 16.44 34.13 38.26
N GLU C 21 16.82 35.16 37.53
CA GLU C 21 16.02 35.60 36.41
C GLU C 21 16.82 35.73 35.14
N SER C 22 18.12 35.92 35.24
CA SER C 22 18.89 36.09 34.02
C SER C 22 19.22 34.75 33.40
N VAL C 23 18.68 33.63 33.89
CA VAL C 23 18.83 32.30 33.22
C VAL C 23 17.46 31.90 32.65
N ASP C 24 17.29 31.82 31.32
CA ASP C 24 16.02 31.45 30.65
C ASP C 24 15.50 30.13 31.23
N PRO C 25 14.18 30.00 31.57
CA PRO C 25 13.65 28.75 32.13
C PRO C 25 13.57 27.64 31.07
N CYS C 26 13.51 28.01 29.79
CA CYS C 26 13.46 27.10 28.62
C CYS C 26 14.87 26.98 28.06
N GLU C 27 15.76 26.39 28.88
CA GLU C 27 17.22 26.18 28.66
C GLU C 27 17.80 25.38 29.83
N ASP C 28 17.79 25.93 31.06
CA ASP C 28 18.31 25.29 32.30
C ASP C 28 17.41 25.70 33.47
N PHE C 29 16.33 24.94 33.72
CA PHE C 29 15.32 25.19 34.78
C PHE C 29 15.83 24.72 36.15
N TYR C 30 16.77 23.77 36.17
CA TYR C 30 17.37 23.16 37.39
C TYR C 30 17.82 24.25 38.37
N GLY C 31 18.75 25.11 37.96
CA GLY C 31 19.33 26.18 38.80
C GLY C 31 18.46 27.43 38.84
N PHE C 32 17.54 27.57 37.88
CA PHE C 32 16.62 28.73 37.74
C PHE C 32 15.91 28.99 39.08
N THR C 33 15.19 27.99 39.59
CA THR C 33 14.38 28.04 40.85
C THR C 33 15.15 28.76 41.98
N CYS C 34 16.38 28.33 42.27
CA CYS C 34 17.24 28.89 43.35
C CYS C 34 18.71 28.86 42.92
N ASN C 35 19.15 29.86 42.14
CA ASN C 35 20.55 29.99 41.64
C ASN C 35 21.35 30.89 42.57
N LYS C 36 20.80 32.06 42.93
CA LYS C 36 21.44 33.05 43.84
C LYS C 36 21.65 32.42 45.21
N PHE C 37 20.66 31.64 45.65
CA PHE C 37 20.61 30.90 46.95
C PHE C 37 21.82 29.96 47.06
N ILE C 38 22.21 29.37 45.92
CA ILE C 38 23.34 28.40 45.81
C ILE C 38 24.68 29.13 45.99
N GLU C 39 24.75 30.39 45.51
CA GLU C 39 25.98 31.23 45.57
C GLU C 39 25.99 32.08 46.84
N ARG C 40 24.85 32.25 47.52
CA ARG C 40 24.72 33.07 48.76
C ARG C 40 24.79 32.17 50.00
N ILE C 41 23.83 31.24 50.14
CA ILE C 41 23.72 30.31 51.31
C ILE C 41 24.73 29.17 51.13
N ASP C 42 25.23 28.61 52.24
CA ASP C 42 26.21 27.49 52.26
C ASP C 42 26.09 26.73 53.58
N PHE C 51 21.67 23.95 53.25
CA PHE C 51 21.88 23.07 52.12
C PHE C 51 20.61 22.84 51.35
N THR C 52 19.65 22.25 52.02
CA THR C 52 18.35 22.02 51.41
C THR C 52 17.43 23.15 51.82
N THR C 53 16.27 23.17 51.20
CA THR C 53 15.12 23.79 51.81
C THR C 53 14.34 22.82 52.66
N PHE C 54 14.98 21.77 53.15
CA PHE C 54 14.35 20.85 54.08
C PHE C 54 15.01 20.78 55.43
N SER C 55 16.27 20.36 55.48
CA SER C 55 17.04 20.57 56.70
C SER C 55 16.85 22.00 57.13
N GLN C 56 16.62 22.89 56.17
CA GLN C 56 16.01 24.17 56.48
C GLN C 56 14.67 23.98 57.16
N ALA C 57 13.70 23.43 56.43
CA ALA C 57 12.37 23.31 57.01
C ALA C 57 12.41 22.48 58.27
N GLN C 58 13.25 21.45 58.25
CA GLN C 58 13.37 20.57 59.41
C GLN C 58 13.85 21.35 60.60
N LEU C 59 15.00 21.98 60.46
CA LEU C 59 15.47 22.98 61.39
C LEU C 59 14.32 23.82 61.90
N GLU C 60 13.47 24.25 60.99
CA GLU C 60 12.46 25.21 61.40
C GLU C 60 11.57 24.61 62.46
N VAL C 61 10.90 23.51 62.11
CA VAL C 61 10.02 22.92 63.10
C VAL C 61 10.81 22.56 64.34
N ASN C 62 12.10 22.27 64.18
CA ASN C 62 12.91 21.90 65.31
C ASN C 62 13.02 23.05 66.30
N SER C 63 13.41 24.21 65.81
CA SER C 63 13.35 25.41 66.61
C SER C 63 12.01 25.50 67.29
N ASP C 64 10.95 25.55 66.49
CA ASP C 64 9.61 25.60 67.06
C ASP C 64 9.50 24.67 68.25
N ILE C 65 10.04 23.47 68.12
CA ILE C 65 9.99 22.54 69.24
C ILE C 65 10.63 23.15 70.46
N VAL C 66 11.89 23.54 70.35
CA VAL C 66 12.52 24.03 71.57
C VAL C 66 11.74 25.20 72.14
N LYS C 67 11.14 25.99 71.25
CA LYS C 67 10.29 27.10 71.65
C LYS C 67 9.09 26.58 72.41
N ALA C 68 8.77 25.36 72.24
CA ALA C 68 7.78 24.92 73.21
C ALA C 68 8.41 24.34 74.42
N LEU C 69 9.68 24.00 74.25
CA LEU C 69 10.41 23.26 75.25
C LEU C 69 10.97 24.10 76.39
N GLU C 70 10.85 25.41 76.32
CA GLU C 70 11.35 26.24 77.42
C GLU C 70 10.82 25.79 78.78
N LYS C 71 9.52 25.55 78.90
CA LYS C 71 9.00 25.08 80.17
C LYS C 71 9.60 23.72 80.49
N SER C 80 2.56 18.70 81.08
CA SER C 80 2.21 17.33 81.45
C SER C 80 3.45 16.52 81.74
N GLN C 81 3.46 15.28 81.28
CA GLN C 81 4.57 14.40 81.56
C GLN C 81 5.36 14.01 80.34
N THR C 82 4.73 13.43 79.32
CA THR C 82 5.48 13.03 78.14
C THR C 82 6.43 14.12 77.70
N GLU C 83 5.93 15.35 77.71
CA GLU C 83 6.81 16.47 77.50
C GLU C 83 8.00 16.39 78.43
N ARG C 84 7.73 16.35 79.74
CA ARG C 84 8.79 16.29 80.73
C ARG C 84 9.81 15.26 80.29
N ILE C 85 9.33 14.11 79.84
CA ILE C 85 10.22 13.05 79.41
C ILE C 85 11.16 13.56 78.34
N THR C 86 10.58 14.08 77.27
CA THR C 86 11.40 14.63 76.21
C THR C 86 12.36 15.67 76.76
N LYS C 87 11.82 16.75 77.30
CA LYS C 87 12.61 17.89 77.73
C LYS C 87 13.79 17.41 78.54
N ALA C 88 13.58 16.37 79.34
CA ALA C 88 14.68 15.83 80.12
C ALA C 88 15.70 15.19 79.23
N ALA C 89 15.24 14.36 78.30
CA ALA C 89 16.19 13.70 77.41
C ALA C 89 16.96 14.75 76.62
N PHE C 90 16.22 15.67 76.04
CA PHE C 90 16.79 16.83 75.40
C PHE C 90 17.89 17.41 76.27
N GLN C 91 17.58 17.65 77.54
CA GLN C 91 18.61 18.10 78.45
C GLN C 91 19.82 17.21 78.38
N SER C 92 19.61 15.94 78.69
CA SER C 92 20.68 14.94 78.72
C SER C 92 21.66 15.18 77.59
N CYS C 93 21.15 15.25 76.38
CA CYS C 93 22.03 15.56 75.28
C CYS C 93 22.62 16.95 75.45
N VAL C 94 21.77 17.96 75.50
CA VAL C 94 22.22 19.33 75.40
C VAL C 94 23.13 19.71 76.55
N GLU C 95 23.17 18.92 77.61
CA GLU C 95 24.20 19.17 78.59
C GLU C 95 25.49 18.87 77.86
N TYR C 96 26.16 19.95 77.46
CA TYR C 96 27.19 19.91 76.43
C TYR C 96 28.19 18.78 76.63
N THR C 97 28.89 18.77 77.75
CA THR C 97 29.90 17.73 77.93
C THR C 97 29.27 16.37 78.10
N LEU C 98 27.96 16.30 78.35
CA LEU C 98 27.32 15.00 78.24
C LEU C 98 27.37 14.51 76.81
N LYS C 99 27.70 15.39 75.88
CA LYS C 99 28.20 14.97 74.58
C LYS C 99 29.72 14.88 74.55
N ASP C 100 30.42 15.28 75.60
CA ASP C 100 31.88 15.18 75.64
C ASP C 100 32.37 14.31 76.79
N ASP C 101 31.94 14.59 78.02
CA ASP C 101 32.52 13.93 79.18
C ASP C 101 32.46 12.42 79.04
N ARG C 102 31.32 11.91 78.59
CA ARG C 102 31.21 10.46 78.45
C ARG C 102 32.12 9.97 77.35
N LYS C 103 31.86 10.36 76.09
CA LYS C 103 32.68 9.87 74.98
C LYS C 103 34.16 10.20 75.16
N ALA C 104 34.51 10.95 76.21
CA ALA C 104 35.90 11.08 76.60
C ALA C 104 36.49 9.73 76.99
N SER C 105 35.98 9.11 78.05
CA SER C 105 36.54 7.83 78.49
C SER C 105 35.46 6.88 78.96
N VAL C 106 34.28 6.96 78.37
CA VAL C 106 33.20 6.06 78.73
C VAL C 106 33.50 4.69 78.19
N ASN C 107 34.60 4.59 77.46
CA ASN C 107 35.19 3.30 77.16
C ASN C 107 35.26 2.42 78.37
N GLU C 108 35.34 2.99 79.57
CA GLU C 108 35.26 2.18 80.77
C GLU C 108 34.10 1.20 80.67
N LEU C 109 32.92 1.68 80.32
CA LEU C 109 31.81 0.78 80.15
C LEU C 109 31.71 0.24 78.76
N LEU C 110 32.34 0.88 77.79
CA LEU C 110 32.43 0.23 76.51
C LEU C 110 33.13 -1.10 76.64
N GLN C 111 34.14 -1.18 77.49
CA GLN C 111 34.68 -2.48 77.86
C GLN C 111 33.58 -3.36 78.39
N TYR C 112 32.89 -2.89 79.45
CA TYR C 112 31.82 -3.67 80.04
C TYR C 112 30.96 -4.29 78.95
N ILE C 113 30.46 -3.43 78.08
CA ILE C 113 29.58 -3.86 77.00
C ILE C 113 30.32 -4.80 76.06
N SER C 114 31.30 -4.25 75.36
CA SER C 114 32.02 -4.98 74.34
C SER C 114 32.40 -6.36 74.83
N GLU C 115 33.19 -6.42 75.90
CA GLU C 115 33.65 -7.71 76.39
C GLU C 115 32.51 -8.54 76.93
N ARG C 116 31.43 -7.88 77.39
CA ARG C 116 30.22 -8.63 77.65
C ARG C 116 29.70 -9.26 76.37
N PHE C 117 30.19 -8.82 75.22
CA PHE C 117 29.84 -9.40 73.94
C PHE C 117 31.09 -9.77 73.16
N GLY C 118 32.00 -10.47 73.83
CA GLY C 118 33.13 -11.09 73.17
C GLY C 118 34.52 -10.72 73.66
N GLY C 119 35.48 -10.74 72.73
CA GLY C 119 36.85 -10.35 73.00
C GLY C 119 37.31 -9.17 72.17
N ILE C 120 38.29 -9.37 71.29
CA ILE C 120 38.98 -8.29 70.57
C ILE C 120 39.83 -8.80 69.41
N PRO C 121 40.48 -7.90 68.68
CA PRO C 121 41.79 -8.24 68.16
C PRO C 121 42.66 -8.77 69.29
N PHE C 122 43.06 -10.03 69.18
CA PHE C 122 43.87 -10.72 70.19
C PHE C 122 43.12 -10.90 71.51
N LEU C 123 42.05 -11.68 71.43
CA LEU C 123 41.55 -12.45 72.57
C LEU C 123 42.75 -12.95 73.33
N TYR C 134 27.39 -15.17 65.67
CA TYR C 134 26.05 -15.72 65.64
C TYR C 134 25.51 -15.68 67.04
N ARG C 135 26.41 -15.73 68.00
CA ARG C 135 25.98 -15.69 69.38
C ARG C 135 25.29 -14.37 69.67
N GLU C 136 26.07 -13.30 69.76
CA GLU C 136 25.49 -11.98 69.98
C GLU C 136 24.61 -11.57 68.85
N MET C 137 24.65 -12.33 67.76
CA MET C 137 24.53 -11.79 66.42
C MET C 137 23.58 -10.61 66.38
N GLY C 138 22.42 -10.74 67.00
CA GLY C 138 21.45 -9.69 66.90
C GLY C 138 21.22 -9.01 68.22
N ARG C 139 21.49 -9.72 69.31
CA ARG C 139 21.08 -9.30 70.63
C ARG C 139 21.40 -7.84 70.89
N ILE C 140 22.30 -7.30 70.08
CA ILE C 140 22.52 -5.87 70.02
C ILE C 140 21.25 -5.10 69.71
N GLU C 141 20.18 -5.78 69.30
CA GLU C 141 19.05 -4.94 68.93
C GLU C 141 18.48 -4.29 70.16
N GLN C 142 17.96 -5.11 71.08
CA GLN C 142 17.46 -4.61 72.34
C GLN C 142 18.52 -3.73 72.98
N GLN C 143 19.77 -4.01 72.63
CA GLN C 143 20.89 -3.32 73.25
C GLN C 143 21.02 -1.89 72.73
N ARG C 144 21.35 -1.73 71.45
CA ARG C 144 21.52 -0.43 70.85
C ARG C 144 20.84 -0.35 69.50
N ALA C 145 20.12 -1.39 69.10
CA ALA C 145 19.38 -1.36 67.85
C ALA C 145 20.28 -0.94 66.70
N LEU C 146 21.50 -1.41 66.76
CA LEU C 146 22.47 -1.22 65.70
C LEU C 146 22.65 -2.58 65.08
N PRO C 147 21.63 -3.09 64.43
CA PRO C 147 21.64 -4.48 64.01
C PRO C 147 22.80 -4.76 63.08
N THR C 148 23.10 -6.04 62.95
CA THR C 148 23.97 -6.51 61.90
C THR C 148 23.80 -8.00 61.78
N PHE C 149 23.52 -8.44 60.57
CA PHE C 149 23.43 -9.84 60.25
C PHE C 149 22.09 -10.42 60.63
N MET C 150 21.23 -9.61 61.22
CA MET C 150 19.80 -9.87 61.15
C MET C 150 19.10 -8.53 61.35
N TYR C 151 18.84 -7.84 60.26
CA TYR C 151 18.05 -6.62 60.34
C TYR C 151 16.59 -7.03 60.38
N THR C 152 15.89 -6.68 61.44
CA THR C 152 14.61 -7.33 61.67
C THR C 152 13.61 -6.33 62.20
N TRP C 153 12.34 -6.64 61.97
CA TRP C 153 11.28 -5.92 62.64
C TRP C 153 9.98 -6.61 62.34
N VAL C 154 8.93 -6.12 62.95
CA VAL C 154 7.60 -6.68 62.78
C VAL C 154 6.73 -5.65 62.10
N ASN C 155 5.80 -6.13 61.29
CA ASN C 155 4.62 -5.36 60.94
C ASN C 155 3.64 -6.34 60.31
N VAL C 156 2.56 -5.81 59.75
CA VAL C 156 1.45 -6.65 59.32
C VAL C 156 1.97 -7.80 58.49
N ASP C 157 1.57 -9.00 58.86
CA ASP C 157 1.70 -10.14 57.96
C ASP C 157 1.19 -9.75 56.58
N HIS C 158 2.08 -9.77 55.60
CA HIS C 158 1.75 -9.36 54.24
C HIS C 158 0.59 -10.13 53.65
N LYS C 159 0.31 -11.32 54.12
CA LYS C 159 -0.70 -12.15 53.49
C LYS C 159 -2.01 -12.22 54.24
N ASN C 160 -1.98 -12.64 55.49
CA ASN C 160 -3.18 -12.91 56.25
C ASN C 160 -3.32 -11.75 57.20
N VAL C 161 -3.90 -10.67 56.69
CA VAL C 161 -3.81 -9.38 57.35
C VAL C 161 -4.84 -9.39 58.46
N SER C 162 -4.45 -9.94 59.60
CA SER C 162 -5.07 -9.52 60.84
C SER C 162 -4.11 -9.47 62.00
N ARG C 163 -2.88 -9.89 61.85
CA ARG C 163 -1.89 -9.74 62.89
C ARG C 163 -0.53 -9.52 62.26
N ASN C 164 0.26 -8.68 62.89
CA ASN C 164 1.61 -8.48 62.42
C ASN C 164 2.42 -9.74 62.65
N SER C 165 3.50 -9.86 61.90
CA SER C 165 4.55 -10.80 62.26
C SER C 165 5.88 -10.27 61.76
N TYR C 166 6.85 -11.16 61.75
CA TYR C 166 8.23 -10.73 61.69
C TYR C 166 8.74 -10.61 60.28
N TYR C 167 9.93 -10.07 60.23
CA TYR C 167 10.70 -9.92 59.03
C TYR C 167 12.13 -9.90 59.47
N ILE C 168 12.88 -10.84 58.97
CA ILE C 168 14.24 -11.04 59.43
C ILE C 168 15.09 -11.05 58.20
N SER C 169 15.58 -9.90 57.79
CA SER C 169 16.19 -9.81 56.49
C SER C 169 17.59 -9.25 56.55
N GLN C 170 18.16 -9.16 55.38
CA GLN C 170 19.55 -8.79 55.25
C GLN C 170 19.76 -7.43 55.85
N PRO C 171 20.93 -7.16 56.37
CA PRO C 171 21.15 -5.87 57.00
C PRO C 171 21.71 -4.89 56.01
N THR C 172 21.23 -3.67 56.08
CA THR C 172 21.79 -2.62 55.24
C THR C 172 23.23 -2.39 55.61
N LEU C 173 24.06 -2.23 54.62
CA LEU C 173 25.49 -2.19 54.83
C LEU C 173 25.98 -0.76 54.89
N PRO C 174 26.99 -0.48 55.66
CA PRO C 174 27.39 0.90 55.89
C PRO C 174 27.79 1.57 54.60
N MET C 175 28.45 0.83 53.75
CA MET C 175 28.70 1.33 52.41
C MET C 175 27.47 1.05 51.57
N PRO C 176 27.25 1.76 50.49
CA PRO C 176 26.14 1.41 49.62
C PRO C 176 26.41 0.07 48.98
N ARG C 177 25.49 -0.36 48.15
CA ARG C 177 25.55 -1.70 47.58
C ARG C 177 26.90 -2.06 47.00
N GLU C 178 27.69 -1.06 46.61
CA GLU C 178 28.78 -1.33 45.69
C GLU C 178 30.04 -1.89 46.30
N PHE C 179 30.03 -3.18 46.53
CA PHE C 179 31.24 -3.90 46.83
C PHE C 179 31.56 -4.84 45.68
N TYR C 180 32.32 -4.40 44.69
CA TYR C 180 32.60 -5.23 43.53
C TYR C 180 33.86 -4.81 42.80
N VAL C 181 34.17 -5.56 41.74
CA VAL C 181 35.20 -5.15 40.80
C VAL C 181 34.61 -3.97 40.08
N LEU C 182 33.34 -3.73 40.35
CA LEU C 182 32.67 -2.55 39.88
C LEU C 182 33.61 -1.39 40.11
N PRO C 183 34.14 -0.82 39.05
CA PRO C 183 35.14 0.23 39.20
C PRO C 183 34.71 1.26 40.18
N GLN C 184 33.53 1.86 39.97
CA GLN C 184 33.07 3.00 40.74
C GLN C 184 33.32 2.80 42.22
N PHE C 185 33.44 1.57 42.65
CA PHE C 185 33.96 1.36 43.97
C PHE C 185 35.20 0.50 43.96
N ALA C 186 35.46 -0.26 42.90
CA ALA C 186 36.28 -1.47 42.98
C ALA C 186 37.45 -1.41 43.96
N PRO C 187 38.37 -0.49 43.89
CA PRO C 187 39.35 -0.42 44.97
C PRO C 187 38.97 0.59 46.03
N GLU C 188 38.14 1.57 45.70
CA GLU C 188 37.84 2.60 46.68
C GLU C 188 37.27 2.01 47.93
N LEU C 189 36.94 0.73 47.89
CA LEU C 189 36.80 -0.05 49.10
C LEU C 189 37.93 0.21 50.06
N ASP C 190 39.16 0.22 49.56
CA ASP C 190 40.28 0.42 50.48
C ASP C 190 40.05 1.65 51.33
N ALA C 191 39.42 2.67 50.73
CA ALA C 191 39.09 3.89 51.45
C ALA C 191 38.51 3.55 52.82
N ARG C 192 37.39 2.83 52.83
CA ARG C 192 36.75 2.49 54.08
C ARG C 192 37.75 1.87 55.03
N THR C 193 38.47 0.85 54.57
CA THR C 193 39.46 0.20 55.40
C THR C 193 40.21 1.20 56.23
N LYS C 194 40.79 2.18 55.57
CA LYS C 194 41.65 3.10 56.27
C LYS C 194 40.90 3.79 57.39
N ALA C 195 39.74 4.39 57.07
CA ALA C 195 38.90 4.93 58.12
C ALA C 195 38.82 3.92 59.24
N ILE C 196 38.33 2.73 58.93
CA ILE C 196 38.29 1.66 59.92
C ILE C 196 39.63 1.51 60.59
N GLU C 197 40.66 1.22 59.81
CA GLU C 197 41.97 1.06 60.40
C GLU C 197 42.27 2.24 61.29
N ASN C 198 42.12 3.45 60.75
CA ASN C 198 42.34 4.66 61.52
C ASN C 198 41.69 4.54 62.87
N VAL C 199 40.37 4.33 62.87
CA VAL C 199 39.63 4.23 64.12
C VAL C 199 40.37 3.34 65.09
N MET C 200 40.68 2.12 64.65
CA MET C 200 41.29 1.15 65.54
C MET C 200 42.46 1.75 66.29
N LYS C 201 43.40 2.34 65.56
CA LYS C 201 44.55 2.91 66.24
C LYS C 201 44.10 3.98 67.21
N ALA C 202 43.31 4.94 66.73
CA ALA C 202 42.72 5.91 67.64
C ALA C 202 42.08 5.21 68.80
N PHE C 203 41.34 4.14 68.52
CA PHE C 203 40.84 3.29 69.58
C PHE C 203 41.98 2.67 70.34
N ALA C 204 42.81 1.91 69.64
CA ALA C 204 43.87 1.14 70.27
C ALA C 204 44.75 2.00 71.17
N SER C 205 44.63 3.31 71.07
CA SER C 205 45.27 4.21 72.02
C SER C 205 45.04 3.75 73.45
N ASP C 206 43.99 2.97 73.69
CA ASP C 206 43.53 2.72 75.04
C ASP C 206 43.91 1.33 75.51
N ILE C 207 44.40 1.26 76.75
CA ILE C 207 44.95 0.06 77.37
C ILE C 207 44.42 0.01 78.80
N LEU C 208 43.60 -0.99 79.12
CA LEU C 208 42.97 -0.93 80.43
C LEU C 208 43.09 -2.21 81.25
N LYS C 209 43.13 -3.36 80.60
CA LYS C 209 43.05 -4.58 81.37
C LYS C 209 44.25 -5.49 81.14
N TYR C 214 52.52 0.14 69.92
CA TYR C 214 52.86 -0.93 68.99
C TYR C 214 51.58 -1.41 68.34
N ASP C 215 51.67 -1.86 67.10
CA ASP C 215 50.82 -2.94 66.59
C ASP C 215 51.12 -3.33 65.16
N LYS C 216 50.93 -4.59 64.83
CA LYS C 216 50.82 -4.97 63.44
C LYS C 216 49.44 -5.46 63.08
N MET C 217 49.00 -6.48 63.80
CA MET C 217 48.01 -7.42 63.29
C MET C 217 46.82 -6.75 62.62
N ILE C 218 46.54 -5.50 62.98
CA ILE C 218 45.32 -4.84 62.54
C ILE C 218 45.07 -5.00 61.07
N LYS C 219 46.02 -4.64 60.22
CA LYS C 219 45.75 -4.60 58.78
C LYS C 219 45.12 -5.89 58.30
N THR C 220 45.55 -7.01 58.84
CA THR C 220 44.86 -8.25 58.54
C THR C 220 43.41 -8.16 58.95
N ALA C 221 43.14 -7.58 60.11
CA ALA C 221 41.76 -7.44 60.52
C ALA C 221 40.97 -6.55 59.57
N ALA C 222 41.60 -5.48 59.11
CA ALA C 222 40.97 -4.70 58.05
C ALA C 222 40.53 -5.62 56.94
N ARG C 223 41.48 -6.29 56.29
CA ARG C 223 41.04 -7.04 55.12
C ARG C 223 40.04 -8.13 55.49
N GLU C 224 40.05 -8.65 56.72
CA GLU C 224 38.96 -9.56 57.07
C GLU C 224 37.62 -8.87 57.04
N VAL C 225 37.52 -7.72 57.72
CA VAL C 225 36.20 -7.10 57.80
C VAL C 225 35.74 -6.72 56.41
N THR C 226 36.51 -5.90 55.71
CA THR C 226 36.15 -5.59 54.34
C THR C 226 35.79 -6.84 53.56
N GLN C 227 36.46 -7.93 53.83
CA GLN C 227 36.18 -9.13 53.06
C GLN C 227 34.79 -9.63 53.36
N ILE C 228 34.49 -9.84 54.64
CA ILE C 228 33.16 -10.33 54.93
C ILE C 228 32.15 -9.32 54.46
N GLU C 229 32.56 -8.07 54.31
CA GLU C 229 31.65 -7.13 53.69
C GLU C 229 31.33 -7.59 52.28
N GLN C 230 32.34 -7.55 51.41
CA GLN C 230 32.12 -7.95 50.02
C GLN C 230 31.21 -9.15 49.98
N LYS C 231 31.49 -10.13 50.82
CA LYS C 231 30.61 -11.30 50.80
C LYS C 231 29.20 -10.90 51.19
N ILE C 232 29.00 -10.46 52.43
CA ILE C 232 27.64 -10.24 52.93
C ILE C 232 26.84 -9.49 51.90
N ALA C 233 27.46 -8.52 51.25
CA ALA C 233 26.82 -7.95 50.08
C ALA C 233 26.47 -9.04 49.09
N MET C 234 27.49 -9.78 48.64
CA MET C 234 27.27 -10.79 47.61
C MET C 234 26.05 -11.59 47.91
N ALA C 235 26.02 -12.17 49.10
CA ALA C 235 24.82 -12.81 49.56
C ALA C 235 23.61 -11.97 49.22
N SER C 236 23.68 -10.69 49.53
CA SER C 236 22.46 -9.94 49.74
C SER C 236 21.73 -9.69 48.45
N TRP C 237 20.74 -8.84 48.56
CA TRP C 237 19.87 -8.54 47.43
C TRP C 237 19.90 -7.08 47.08
N PRO C 238 20.50 -6.68 45.97
CA PRO C 238 20.40 -5.29 45.55
C PRO C 238 18.97 -4.84 45.39
N ASP C 239 18.81 -3.54 45.21
CA ASP C 239 17.49 -2.92 45.30
C ASP C 239 16.56 -3.42 44.22
N ASP C 240 16.88 -3.11 42.96
CA ASP C 240 15.96 -3.30 41.86
C ASP C 240 15.19 -4.61 41.94
N GLU C 241 15.83 -5.69 42.35
CA GLU C 241 15.05 -6.91 42.48
C GLU C 241 14.24 -6.96 43.76
N LEU C 242 14.55 -6.13 44.76
CA LEU C 242 13.77 -6.13 45.99
C LEU C 242 12.42 -5.48 45.72
N ARG C 243 11.70 -6.06 44.79
CA ARG C 243 10.34 -5.59 44.59
C ARG C 243 9.32 -6.70 44.47
N ASN C 244 9.69 -7.89 44.05
CA ASN C 244 8.71 -8.94 43.91
C ASN C 244 8.37 -9.46 45.29
N HIS C 245 7.57 -8.68 46.00
CA HIS C 245 6.90 -9.27 47.13
C HIS C 245 6.19 -10.55 46.72
N GLU C 246 5.85 -10.68 45.42
CA GLU C 246 5.39 -11.94 44.85
C GLU C 246 6.30 -13.11 45.21
N GLN C 247 7.58 -12.88 45.43
CA GLN C 247 8.48 -13.93 45.88
C GLN C 247 9.27 -13.52 47.11
N GLN C 248 9.06 -12.35 47.60
CA GLN C 248 9.77 -12.06 48.81
C GLN C 248 9.12 -12.57 49.95
N TYR C 249 8.29 -13.59 49.85
CA TYR C 249 7.44 -14.02 50.95
C TYR C 249 7.67 -15.49 51.18
N ASN C 250 8.47 -15.82 52.18
CA ASN C 250 8.89 -17.19 52.45
C ASN C 250 8.42 -17.55 53.86
N PRO C 251 7.16 -17.90 54.03
CA PRO C 251 6.65 -18.18 55.38
C PRO C 251 7.34 -19.40 55.98
N TYR C 252 8.12 -19.15 57.00
CA TYR C 252 8.85 -20.21 57.67
C TYR C 252 8.43 -20.26 59.13
N GLU C 253 8.37 -21.48 59.64
CA GLU C 253 8.10 -21.73 61.04
C GLU C 253 9.30 -22.41 61.67
N LEU C 254 9.39 -22.29 62.99
CA LEU C 254 10.66 -22.28 63.70
C LEU C 254 11.59 -23.41 63.27
N PHE C 255 11.10 -24.36 62.51
CA PHE C 255 11.76 -25.64 62.41
C PHE C 255 12.65 -25.78 61.20
N ALA C 256 12.23 -25.26 60.06
CA ALA C 256 13.22 -25.01 59.02
C ALA C 256 14.38 -24.20 59.59
N PRO C 257 14.15 -23.17 60.40
CA PRO C 257 15.29 -22.61 61.15
C PRO C 257 15.99 -23.65 61.98
N SER C 258 15.23 -24.52 62.62
CA SER C 258 15.86 -25.59 63.36
C SER C 258 16.64 -26.52 62.45
N GLU C 259 16.65 -26.26 61.14
CA GLU C 259 17.57 -26.95 60.25
C GLU C 259 18.39 -25.98 59.37
N GLY C 260 18.58 -24.75 59.78
CA GLY C 260 19.48 -23.87 59.07
C GLY C 260 20.91 -24.26 59.33
N PHE C 273 19.97 -20.02 66.58
CA PHE C 273 18.93 -19.35 65.83
C PHE C 273 17.73 -19.06 66.70
N GLY C 274 17.00 -20.09 67.12
CA GLY C 274 15.91 -19.88 68.05
C GLY C 274 16.38 -19.19 69.31
N LYS C 275 17.55 -19.56 69.79
CA LYS C 275 18.24 -18.72 70.75
C LYS C 275 18.12 -17.28 70.31
N TYR C 276 18.63 -16.99 69.11
CA TYR C 276 18.80 -15.60 68.70
C TYR C 276 17.54 -14.81 68.94
N ILE C 277 16.43 -15.23 68.36
CA ILE C 277 15.20 -14.52 68.60
C ILE C 277 14.92 -14.44 70.08
N ALA C 278 15.19 -15.52 70.82
CA ALA C 278 15.02 -15.43 72.26
C ALA C 278 15.81 -14.28 72.83
N GLY C 279 16.86 -13.84 72.13
CA GLY C 279 17.50 -12.60 72.50
C GLY C 279 16.52 -11.46 72.55
N LEU C 280 15.61 -11.40 71.57
CA LEU C 280 14.68 -10.30 71.55
C LEU C 280 13.42 -10.64 72.32
N MET C 281 13.57 -10.90 73.61
CA MET C 281 12.42 -11.28 74.42
C MET C 281 12.16 -10.27 75.52
N GLU C 282 10.92 -9.81 75.58
CA GLU C 282 10.39 -9.18 76.78
C GLU C 282 8.88 -9.34 76.73
N THR C 283 8.36 -10.34 77.41
CA THR C 283 6.98 -10.73 77.18
C THR C 283 6.02 -10.22 78.23
N VAL C 293 6.18 -17.31 74.35
CA VAL C 293 5.44 -16.91 73.16
C VAL C 293 6.23 -17.30 71.91
N PHE C 294 5.72 -18.28 71.16
CA PHE C 294 6.42 -18.77 69.98
C PHE C 294 5.56 -19.00 68.76
N ILE C 295 4.25 -19.14 68.92
CA ILE C 295 3.37 -19.35 67.77
C ILE C 295 3.61 -18.32 66.68
N GLY C 296 4.20 -17.18 67.01
CA GLY C 296 4.56 -16.18 66.02
C GLY C 296 5.17 -16.82 64.80
N ASP C 297 4.68 -16.46 63.63
CA ASP C 297 5.16 -17.04 62.37
C ASP C 297 6.06 -16.03 61.67
N VAL C 298 7.36 -16.15 61.91
CA VAL C 298 8.30 -15.31 61.21
C VAL C 298 8.22 -15.61 59.73
N ILE C 299 8.78 -14.69 58.94
CA ILE C 299 8.92 -14.93 57.53
C ILE C 299 10.20 -14.26 57.07
N VAL C 300 11.19 -15.05 56.75
CA VAL C 300 12.47 -14.50 56.34
C VAL C 300 12.44 -14.28 54.84
N THR C 301 12.72 -13.07 54.43
CA THR C 301 12.60 -12.79 53.03
C THR C 301 13.76 -13.45 52.29
N ASN C 302 14.95 -12.98 52.56
CA ASN C 302 16.03 -13.18 51.62
C ASN C 302 16.88 -14.41 51.92
N PRO C 303 16.66 -15.54 51.29
CA PRO C 303 17.56 -16.66 51.56
C PRO C 303 18.98 -16.19 51.37
N ALA C 304 19.65 -16.05 52.49
CA ALA C 304 21.03 -15.68 52.49
C ALA C 304 21.86 -16.82 53.09
N TYR C 305 23.13 -16.84 52.74
CA TYR C 305 24.02 -17.92 53.12
C TYR C 305 24.20 -17.75 54.61
N MET C 306 23.44 -18.54 55.34
CA MET C 306 23.41 -18.47 56.79
C MET C 306 24.80 -18.13 57.31
N GLY C 307 25.81 -18.91 57.00
CA GLY C 307 27.09 -18.66 57.60
C GLY C 307 27.97 -19.86 57.52
N PHE C 308 28.53 -20.20 58.65
CA PHE C 308 29.79 -20.87 58.66
C PHE C 308 29.89 -22.00 59.68
N ASN C 327 33.32 -11.10 65.44
CA ASN C 327 34.61 -10.61 65.01
C ASN C 327 34.46 -9.29 64.29
N TYR C 328 33.36 -9.16 63.56
CA TYR C 328 33.06 -7.99 62.76
C TYR C 328 32.03 -7.07 63.38
N ILE C 329 30.96 -7.63 63.90
CA ILE C 329 29.90 -6.83 64.49
C ILE C 329 30.51 -5.76 65.37
N ILE C 330 31.44 -6.16 66.21
CA ILE C 330 32.24 -5.22 66.98
C ILE C 330 32.76 -4.13 66.07
N VAL C 331 33.47 -4.55 65.04
CA VAL C 331 34.07 -3.60 64.11
C VAL C 331 33.05 -2.56 63.71
N HIS C 332 31.80 -2.95 63.70
CA HIS C 332 30.82 -1.93 63.44
C HIS C 332 30.50 -1.09 64.64
N MET C 333 30.07 -1.72 65.74
CA MET C 333 29.57 -0.98 66.88
C MET C 333 30.38 0.28 67.13
N LEU C 334 31.68 0.11 67.31
CA LEU C 334 32.59 1.24 67.42
C LEU C 334 32.23 2.35 66.49
N PHE C 335 32.07 2.03 65.21
CA PHE C 335 31.90 3.02 64.15
C PHE C 335 30.67 3.87 64.40
N GLU C 336 30.00 3.63 65.52
CA GLU C 336 28.80 4.34 65.90
C GLU C 336 28.96 5.12 67.19
N ASP C 337 30.17 5.47 67.58
CA ASP C 337 30.28 5.94 68.96
C ASP C 337 31.17 7.15 69.19
N ALA C 338 30.98 8.20 68.41
CA ALA C 338 31.64 9.45 68.72
C ALA C 338 31.14 9.97 70.06
N ALA C 382 24.52 22.66 67.97
CA ALA C 382 24.72 22.33 69.37
C ALA C 382 23.75 21.26 69.81
N ARG C 383 22.47 21.47 69.51
CA ARG C 383 21.44 20.64 70.10
C ARG C 383 20.56 19.93 69.07
N MET C 384 20.25 20.62 67.96
CA MET C 384 19.31 20.10 66.98
C MET C 384 19.48 18.61 66.76
N LYS C 385 20.66 18.23 66.32
CA LYS C 385 20.98 16.84 66.05
C LYS C 385 20.46 15.90 67.13
N CYS C 386 20.53 16.30 68.40
CA CYS C 386 19.96 15.46 69.45
C CYS C 386 18.47 15.34 69.27
N VAL C 387 17.82 16.46 68.98
CA VAL C 387 16.39 16.41 68.76
C VAL C 387 16.09 15.50 67.60
N ASP C 388 16.95 15.51 66.58
CA ASP C 388 16.80 14.57 65.48
C ASP C 388 16.86 13.13 65.98
N THR C 389 17.86 12.84 66.81
CA THR C 389 17.96 11.52 67.39
C THR C 389 16.63 11.14 68.00
N ILE C 390 16.09 12.04 68.79
CA ILE C 390 14.78 11.84 69.36
C ILE C 390 13.76 11.51 68.31
N THR C 391 13.69 12.32 67.27
CA THR C 391 12.65 12.17 66.26
C THR C 391 12.71 10.80 65.62
N THR C 392 13.91 10.27 65.43
CA THR C 392 13.98 8.90 64.95
C THR C 392 13.65 7.92 66.06
N TYR C 393 13.73 8.32 67.31
CA TYR C 393 13.48 7.34 68.35
C TYR C 393 12.28 7.61 69.21
N MET C 394 12.00 8.84 69.56
CA MET C 394 10.87 9.04 70.43
C MET C 394 9.80 9.74 69.62
N PRO C 395 9.19 9.05 68.73
CA PRO C 395 8.34 9.73 67.76
C PRO C 395 7.21 10.49 68.41
N TYR C 396 6.33 9.74 69.05
CA TYR C 396 5.11 10.34 69.50
C TYR C 396 5.35 11.34 70.60
N GLY C 397 6.43 11.22 71.33
CA GLY C 397 6.63 12.17 72.40
C GLY C 397 6.86 13.57 71.85
N THR C 398 8.02 13.75 71.23
CA THR C 398 8.30 15.04 70.64
C THR C 398 7.19 15.47 69.72
N GLY C 399 6.48 14.51 69.14
CA GLY C 399 5.37 14.88 68.28
C GLY C 399 4.26 15.55 69.05
N TYR C 400 3.68 14.82 70.01
CA TYR C 400 2.71 15.42 70.91
C TYR C 400 3.17 16.79 71.32
N VAL C 401 4.47 16.97 71.55
CA VAL C 401 4.96 18.30 71.84
C VAL C 401 4.62 19.25 70.71
N TYR C 402 4.91 18.83 69.49
CA TYR C 402 4.63 19.65 68.33
C TYR C 402 3.17 20.04 68.29
N VAL C 403 2.29 19.05 68.46
CA VAL C 403 0.87 19.32 68.56
C VAL C 403 0.61 20.41 69.57
N ASN C 404 1.00 20.18 70.82
CA ASN C 404 0.76 21.14 71.87
C ASN C 404 1.26 22.51 71.46
N SER C 405 2.27 22.54 70.60
CA SER C 405 2.84 23.82 70.24
C SER C 405 1.80 24.69 69.55
N ARG C 406 1.38 24.32 68.35
CA ARG C 406 0.49 25.19 67.59
C ARG C 406 -0.92 24.75 67.89
N GLU C 407 -1.77 25.72 68.18
CA GLU C 407 -3.18 25.53 67.92
C GLU C 407 -3.48 26.09 66.55
N ASP C 408 -4.77 26.26 66.27
CA ASP C 408 -5.34 26.34 64.93
C ASP C 408 -5.35 24.97 64.28
N ARG C 409 -4.97 23.95 65.05
CA ARG C 409 -4.87 22.60 64.52
C ARG C 409 -6.09 22.25 63.71
N ASP C 410 -7.25 22.30 64.36
CA ASP C 410 -8.53 22.09 63.72
C ASP C 410 -8.64 22.73 62.35
N GLN C 411 -8.23 24.00 62.22
CA GLN C 411 -8.40 24.65 60.92
C GLN C 411 -7.52 24.00 59.88
N VAL C 412 -6.26 23.77 60.21
CA VAL C 412 -5.40 22.98 59.36
C VAL C 412 -6.10 21.68 58.98
N VAL C 413 -6.74 21.05 59.95
CA VAL C 413 -7.44 19.80 59.66
C VAL C 413 -8.46 20.02 58.55
N GLU C 414 -9.38 20.92 58.81
CA GLU C 414 -10.37 21.30 57.81
C GLU C 414 -9.73 21.44 56.45
N ASP C 415 -8.80 22.37 56.35
CA ASP C 415 -8.25 22.72 55.04
C ASP C 415 -7.57 21.52 54.41
N VAL C 416 -6.47 21.09 55.01
CA VAL C 416 -5.69 20.03 54.38
C VAL C 416 -6.57 18.87 54.05
N LYS C 417 -7.65 18.67 54.81
CA LYS C 417 -8.61 17.66 54.42
C LYS C 417 -9.20 17.98 53.07
N GLN C 418 -9.94 19.07 52.99
CA GLN C 418 -10.55 19.46 51.73
C GLN C 418 -9.57 19.31 50.59
N GLN C 419 -8.35 19.76 50.82
CA GLN C 419 -7.33 19.68 49.79
C GLN C 419 -7.08 18.24 49.36
N THR C 420 -6.75 17.38 50.31
CA THR C 420 -6.33 16.05 49.94
C THR C 420 -7.47 15.28 49.32
N GLU C 421 -8.67 15.43 49.85
CA GLU C 421 -9.78 14.69 49.26
C GLU C 421 -10.05 15.19 47.86
N LEU C 422 -9.98 16.50 47.68
CA LEU C 422 -10.09 17.05 46.34
C LEU C 422 -9.13 16.34 45.40
N ILE C 423 -7.87 16.31 45.78
CA ILE C 423 -6.87 15.79 44.85
C ILE C 423 -7.13 14.34 44.53
N MET C 424 -7.35 13.52 45.55
CA MET C 424 -7.55 12.10 45.27
C MET C 424 -8.78 11.88 44.41
N LYS C 425 -9.81 12.69 44.60
CA LYS C 425 -10.91 12.67 43.66
C LYS C 425 -10.40 12.88 42.23
N THR C 426 -9.65 13.96 42.02
CA THR C 426 -9.16 14.26 40.68
C THR C 426 -8.43 13.08 40.10
N PHE C 427 -7.58 12.47 40.91
CA PHE C 427 -6.78 11.36 40.45
C PHE C 427 -7.67 10.23 40.00
N LEU C 428 -8.71 9.94 40.78
CA LEU C 428 -9.66 8.93 40.34
C LEU C 428 -10.20 9.29 38.97
N LYS C 429 -10.59 10.54 38.80
CA LYS C 429 -11.07 10.96 37.51
C LYS C 429 -10.05 10.69 36.43
N LYS C 430 -8.78 10.97 36.74
CA LYS C 430 -7.71 10.75 35.78
C LYS C 430 -7.71 9.32 35.34
N MET C 431 -7.79 8.43 36.31
CA MET C 431 -7.98 7.03 35.99
C MET C 431 -9.13 6.88 35.00
N LEU C 432 -10.26 7.50 35.30
CA LEU C 432 -11.42 7.37 34.43
C LEU C 432 -11.09 7.79 33.01
N SER C 433 -10.25 8.79 32.86
CA SER C 433 -9.83 9.25 31.55
C SER C 433 -8.80 8.35 30.92
N THR C 434 -7.74 8.01 31.64
CA THR C 434 -6.56 7.36 31.06
C THR C 434 -6.86 5.97 30.58
N LEU C 435 -8.12 5.60 30.51
CA LEU C 435 -8.48 4.27 30.09
C LEU C 435 -8.10 4.08 28.64
N SER C 436 -6.83 3.77 28.39
CA SER C 436 -6.35 3.43 27.06
C SER C 436 -5.83 2.01 27.10
N TRP C 437 -5.50 1.56 28.30
CA TRP C 437 -5.11 0.18 28.49
C TRP C 437 -5.96 -0.51 29.52
N MET C 438 -6.31 0.17 30.59
CA MET C 438 -7.05 -0.49 31.63
C MET C 438 -8.52 -0.54 31.25
N GLN C 439 -9.35 -0.95 32.19
CA GLN C 439 -10.72 -1.30 31.87
C GLN C 439 -11.46 -1.50 33.17
N GLY C 440 -12.69 -1.97 33.05
CA GLY C 440 -13.54 -2.15 34.20
C GLY C 440 -12.83 -2.86 35.33
N GLU C 441 -12.51 -4.14 35.14
CA GLU C 441 -11.86 -4.90 36.19
C GLU C 441 -10.75 -4.08 36.82
N SER C 442 -9.77 -3.74 36.01
CA SER C 442 -8.73 -2.81 36.42
C SER C 442 -9.33 -1.61 37.12
N TYR C 443 -10.34 -1.02 36.50
CA TYR C 443 -10.76 0.28 36.98
C TYR C 443 -11.27 0.20 38.39
N ARG C 444 -12.37 -0.49 38.60
CA ARG C 444 -12.88 -0.57 39.95
C ARG C 444 -11.88 -1.23 40.88
N ARG C 445 -10.94 -2.02 40.36
CA ARG C 445 -9.82 -2.37 41.22
C ARG C 445 -9.20 -1.10 41.80
N ALA C 446 -8.80 -0.20 40.91
CA ALA C 446 -8.24 1.07 41.36
C ALA C 446 -9.19 1.73 42.32
N GLU C 447 -10.38 2.04 41.83
CA GLU C 447 -11.44 2.68 42.58
C GLU C 447 -11.44 2.21 44.01
N LYS C 448 -11.43 0.89 44.18
CA LYS C 448 -11.30 0.33 45.51
C LYS C 448 -10.03 0.81 46.17
N LYS C 449 -8.88 0.41 45.62
CA LYS C 449 -7.61 0.66 46.30
C LYS C 449 -7.52 2.11 46.74
N ILE C 450 -8.16 2.99 45.98
CA ILE C 450 -8.37 4.36 46.41
C ILE C 450 -9.23 4.39 47.65
N ASN C 451 -10.46 3.98 47.52
CA ASN C 451 -11.37 4.33 48.58
C ASN C 451 -11.30 3.39 49.74
N GLU C 452 -10.26 2.56 49.79
CA GLU C 452 -9.81 2.04 51.05
C GLU C 452 -8.71 2.91 51.63
N MET C 453 -8.06 3.74 50.82
CA MET C 453 -6.86 4.39 51.29
C MET C 453 -7.13 5.21 52.52
N HIS C 454 -6.57 4.78 53.63
CA HIS C 454 -6.84 5.50 54.86
C HIS C 454 -5.78 6.56 55.11
N ARG C 455 -6.14 7.50 55.95
CA ARG C 455 -5.64 8.85 55.86
C ARG C 455 -5.31 9.39 57.24
N ASN C 456 -4.10 9.92 57.40
CA ASN C 456 -3.72 10.50 58.67
C ASN C 456 -3.21 11.90 58.44
N TYR C 457 -3.39 12.77 59.41
CA TYR C 457 -3.06 14.17 59.21
C TYR C 457 -2.52 14.75 60.49
N GLY C 458 -1.29 15.21 60.43
CA GLY C 458 -0.76 15.78 61.64
C GLY C 458 -0.46 14.71 62.66
N TRP C 459 -1.50 14.06 63.18
CA TRP C 459 -1.34 13.22 64.34
C TRP C 459 -2.31 12.06 64.25
N PRO C 460 -1.94 10.90 64.77
CA PRO C 460 -2.92 9.81 64.88
C PRO C 460 -3.97 10.20 65.91
N LYS C 461 -4.92 9.31 66.12
CA LYS C 461 -6.04 9.66 66.98
C LYS C 461 -5.82 9.21 68.40
N LYS C 462 -4.60 8.82 68.72
CA LYS C 462 -4.26 8.52 70.10
C LYS C 462 -3.36 9.60 70.63
N LEU C 463 -3.06 10.60 69.80
CA LEU C 463 -2.17 11.64 70.28
C LEU C 463 -2.89 12.52 71.30
N PHE C 464 -3.92 13.25 70.89
CA PHE C 464 -4.52 14.23 71.77
C PHE C 464 -6.04 14.15 71.76
N GLY C 465 -6.63 14.85 72.71
CA GLY C 465 -8.06 15.08 72.77
C GLY C 465 -8.33 16.37 73.51
N ASP C 479 -8.87 14.13 79.68
CA ASP C 479 -8.03 12.95 79.80
C ASP C 479 -6.72 13.13 79.05
N ASP C 480 -6.17 14.35 79.09
CA ASP C 480 -5.04 14.66 78.24
C ASP C 480 -3.76 13.98 78.74
N TYR C 481 -3.73 12.65 78.73
CA TYR C 481 -2.57 11.95 79.26
C TYR C 481 -2.18 10.74 78.43
N TYR C 482 -3.07 10.30 77.56
CA TYR C 482 -3.06 8.91 77.14
C TYR C 482 -1.72 8.50 76.51
N SER C 483 -1.18 9.34 75.65
CA SER C 483 0.14 9.04 75.08
C SER C 483 1.08 8.65 76.19
N ILE C 484 1.07 9.40 77.28
CA ILE C 484 1.92 9.07 78.41
C ILE C 484 1.57 7.67 78.91
N LEU C 485 0.44 7.13 78.46
CA LEU C 485 0.20 5.72 78.74
C LEU C 485 0.89 4.86 77.72
N GLU C 486 0.64 5.10 76.43
CA GLU C 486 1.30 4.28 75.43
C GLU C 486 2.80 4.47 75.48
N ALA C 487 3.25 5.73 75.52
CA ALA C 487 4.67 6.00 75.66
C ALA C 487 5.18 5.65 77.04
N TYR C 488 4.36 5.05 77.90
CA TYR C 488 4.78 4.75 79.26
C TYR C 488 5.76 3.58 79.25
N ASN C 489 6.93 3.86 78.72
CA ASN C 489 8.01 2.89 78.73
C ASN C 489 9.34 3.57 78.90
N ASN C 490 9.36 4.67 79.65
CA ASN C 490 10.56 5.46 79.80
C ASN C 490 10.66 5.99 81.21
N LYS C 491 11.88 6.18 81.68
CA LYS C 491 12.17 7.20 82.68
C LYS C 491 13.64 7.13 83.04
N THR C 492 14.12 8.19 83.66
CA THR C 492 15.19 8.14 84.64
C THR C 492 15.24 9.47 85.34
N ASP C 493 15.76 9.46 86.55
CA ASP C 493 16.32 10.67 87.10
C ASP C 493 17.54 11.01 86.28
N LYS C 494 17.87 12.29 86.25
CA LYS C 494 19.18 12.71 85.78
C LYS C 494 20.16 12.69 86.95
N SER C 495 20.33 11.51 87.51
CA SER C 495 21.31 11.30 88.57
C SER C 495 22.70 11.53 88.03
N TYR C 499 23.89 9.10 80.52
CA TYR C 499 23.43 9.63 79.25
C TYR C 499 23.65 8.61 78.19
N THR C 500 24.93 8.37 77.88
CA THR C 500 25.23 7.26 76.98
C THR C 500 24.51 6.02 77.46
N ILE C 501 24.44 5.87 78.77
CA ILE C 501 23.53 4.89 79.33
C ILE C 501 22.11 5.21 78.90
N LEU C 502 21.67 6.44 79.13
CA LEU C 502 20.33 6.81 78.68
C LEU C 502 20.21 6.68 77.18
N ASN C 503 21.30 6.95 76.47
CA ASN C 503 21.27 6.79 75.03
C ASN C 503 20.86 5.40 74.67
N ILE C 504 21.70 4.44 75.04
CA ILE C 504 21.38 3.04 74.90
C ILE C 504 19.93 2.80 75.29
N LEU C 505 19.48 3.44 76.36
CA LEU C 505 18.08 3.31 76.76
C LEU C 505 17.16 3.68 75.61
N ARG C 506 17.29 4.90 75.12
CA ARG C 506 16.26 5.40 74.21
C ARG C 506 16.33 4.69 72.88
N ARG C 507 17.54 4.36 72.44
CA ARG C 507 17.65 3.53 71.27
C ARG C 507 16.89 2.25 71.49
N GLY C 508 17.30 1.45 72.49
CA GLY C 508 16.55 0.24 72.76
C GLY C 508 15.08 0.48 72.82
N TYR C 509 14.68 1.67 73.23
CA TYR C 509 13.27 1.96 73.41
C TYR C 509 12.53 2.05 72.09
N GLU C 510 13.04 2.86 71.17
CA GLU C 510 12.42 2.94 69.86
C GLU C 510 12.10 1.55 69.36
N ASN C 511 13.07 0.65 69.48
CA ASN C 511 12.85 -0.73 69.15
C ASN C 511 11.79 -1.38 70.01
N ARG C 512 11.78 -1.05 71.31
CA ARG C 512 10.76 -1.62 72.16
C ARG C 512 9.41 -1.43 71.53
N GLU C 513 9.20 -0.26 70.96
CA GLU C 513 8.04 -0.06 70.10
C GLU C 513 8.04 -0.95 68.87
N SER C 514 9.06 -0.88 68.02
CA SER C 514 9.06 -1.56 66.73
C SER C 514 8.68 -3.01 66.82
N PHE C 515 8.78 -3.60 68.00
CA PHE C 515 8.34 -4.99 68.14
C PHE C 515 7.11 -5.15 69.01
N ARG C 516 7.04 -4.46 70.16
CA ARG C 516 6.12 -4.87 71.22
C ARG C 516 4.76 -5.19 70.66
N ARG C 517 4.31 -4.44 69.67
CA ARG C 517 3.01 -4.71 69.11
C ARG C 517 2.99 -5.97 68.28
N LYS C 518 4.08 -6.74 68.29
CA LYS C 518 4.02 -8.09 67.78
C LYS C 518 2.79 -8.80 68.30
N ASN C 519 2.52 -8.62 69.59
CA ASN C 519 1.48 -9.42 70.23
C ASN C 519 0.10 -9.05 69.72
N GLU C 520 -0.13 -7.78 69.51
CA GLU C 520 -1.47 -7.24 69.49
C GLU C 520 -2.04 -7.28 68.09
N THR C 521 -3.17 -6.63 67.91
CA THR C 521 -3.91 -6.70 66.68
C THR C 521 -3.30 -5.83 65.61
N ALA C 522 -3.56 -6.18 64.36
CA ALA C 522 -3.04 -5.44 63.23
C ALA C 522 -3.75 -4.11 63.09
N ASP C 523 -3.00 -3.01 63.24
CA ASP C 523 -3.58 -1.68 63.19
C ASP C 523 -3.43 -1.08 61.80
N ARG C 524 -4.55 -0.70 61.18
CA ARG C 524 -4.52 -0.13 59.86
C ARG C 524 -4.19 1.36 59.87
N THR C 525 -3.62 1.85 60.95
CA THR C 525 -3.20 3.25 60.99
C THR C 525 -2.14 3.49 62.04
N ASN C 526 -0.98 3.96 61.61
CA ASN C 526 0.14 4.03 62.53
C ASN C 526 1.18 4.95 61.93
N PHE C 527 1.47 6.04 62.63
CA PHE C 527 2.53 6.93 62.19
C PHE C 527 3.83 6.18 62.38
N LEU C 528 4.33 5.54 61.35
CA LEU C 528 5.50 4.72 61.63
C LEU C 528 6.73 5.57 61.81
N GLU C 529 6.55 6.87 61.99
CA GLU C 529 7.63 7.73 62.39
C GLU C 529 6.99 8.96 63.01
N SER C 530 7.80 9.75 63.69
CA SER C 530 7.31 10.94 64.35
C SER C 530 6.54 11.82 63.39
N PRO C 531 5.69 12.68 63.91
CA PRO C 531 5.17 13.75 63.09
C PRO C 531 6.18 14.84 62.86
N ALA C 532 7.21 14.94 63.69
CA ALA C 532 8.20 15.96 63.43
C ALA C 532 8.79 15.81 62.04
N SER C 533 9.25 14.59 61.70
CA SER C 533 9.89 14.33 60.42
C SER C 533 9.04 14.95 59.32
N VAL C 534 9.69 15.43 58.29
CA VAL C 534 9.03 16.24 57.32
C VAL C 534 9.16 15.52 55.99
N ASN C 535 8.17 14.71 55.71
CA ASN C 535 8.10 13.90 54.53
C ASN C 535 6.67 13.42 54.40
N ALA C 536 6.48 12.50 53.49
CA ALA C 536 5.20 11.85 53.37
C ALA C 536 5.50 10.41 53.06
N TRP C 537 4.61 9.54 53.47
CA TRP C 537 4.88 8.13 53.28
C TRP C 537 3.58 7.40 53.20
N TYR C 538 3.60 6.38 52.38
CA TYR C 538 2.48 5.51 52.17
C TYR C 538 2.94 4.15 52.66
N ALA C 539 2.71 3.89 53.92
CA ALA C 539 3.01 2.55 54.37
C ALA C 539 2.01 1.66 53.63
N PRO C 540 2.46 0.93 52.63
CA PRO C 540 1.49 0.37 51.70
C PRO C 540 0.67 -0.78 52.27
N GLU C 541 1.25 -1.59 53.13
CA GLU C 541 0.58 -2.81 53.54
C GLU C 541 -0.59 -2.50 54.44
N LEU C 542 -0.35 -1.70 55.47
CA LEU C 542 -1.48 -1.11 56.15
C LEU C 542 -2.32 -0.25 55.21
N ASN C 543 -1.74 0.16 54.08
CA ASN C 543 -2.40 1.08 53.14
C ASN C 543 -2.73 2.41 53.80
N SER C 544 -1.69 3.10 54.18
CA SER C 544 -1.77 4.25 55.05
C SER C 544 -1.04 5.42 54.43
N LEU C 545 -1.73 6.54 54.29
CA LEU C 545 -1.10 7.78 53.89
C LEU C 545 -0.91 8.61 55.13
N THR C 546 0.23 9.29 55.26
CA THR C 546 0.39 9.98 56.53
C THR C 546 1.34 11.17 56.46
N LEU C 547 0.99 12.25 57.17
CA LEU C 547 1.60 13.58 57.07
C LEU C 547 1.92 14.19 58.41
N PRO C 548 2.76 15.26 58.45
CA PRO C 548 3.07 15.93 59.73
C PRO C 548 1.98 16.80 60.30
N HIS C 556 7.20 27.07 56.74
CA HIS C 556 6.82 26.68 55.40
C HIS C 556 5.67 25.71 55.46
N TYR C 557 5.30 25.24 56.65
CA TYR C 557 4.22 24.27 56.76
C TYR C 557 2.91 25.00 56.42
N ASP C 558 2.75 25.29 55.12
CA ASP C 558 1.44 25.61 54.53
C ASP C 558 0.78 26.87 55.12
N LEU C 559 1.55 27.81 55.66
CA LEU C 559 0.93 29.00 56.23
C LEU C 559 0.04 29.67 55.20
N GLN C 560 -1.03 30.31 55.67
CA GLN C 560 -2.10 30.71 54.77
C GLN C 560 -1.61 31.71 53.76
N PHE C 561 -1.40 31.24 52.55
CA PHE C 561 -0.72 31.96 51.48
C PHE C 561 -1.59 31.95 50.25
N PRO C 562 -1.22 32.70 49.21
CA PRO C 562 -1.86 32.52 47.93
C PRO C 562 -1.71 31.08 47.48
N LYS C 563 -2.64 30.65 46.64
CA LYS C 563 -2.85 29.22 46.46
C LYS C 563 -1.65 28.53 45.89
N ALA C 564 -0.77 29.26 45.22
CA ALA C 564 0.45 28.62 44.73
C ALA C 564 1.06 27.78 45.83
N PHE C 565 1.40 28.42 46.93
CA PHE C 565 2.09 27.65 47.94
C PHE C 565 1.19 26.53 48.45
N ASN C 566 0.12 26.90 49.14
CA ASN C 566 -0.70 25.92 49.82
C ASN C 566 -1.05 24.76 48.92
N PHE C 567 -1.10 25.01 47.63
CA PHE C 567 -1.55 24.00 46.70
C PHE C 567 -0.38 23.31 46.07
N ALA C 568 0.81 23.83 46.30
CA ALA C 568 2.01 23.26 45.74
C ALA C 568 2.69 22.33 46.73
N GLY C 569 3.06 22.86 47.86
CA GLY C 569 3.79 22.04 48.80
C GLY C 569 2.98 20.84 49.20
N SER C 570 1.93 21.07 50.00
CA SER C 570 1.12 19.95 50.41
C SER C 570 0.47 19.32 49.20
N GLY C 571 0.34 20.08 48.11
CA GLY C 571 -0.19 19.50 46.91
C GLY C 571 0.66 18.35 46.44
N THR C 572 1.86 18.65 45.98
CA THR C 572 2.74 17.62 45.49
C THR C 572 3.01 16.57 46.52
N VAL C 573 2.86 16.90 47.79
CA VAL C 573 3.06 15.83 48.74
C VAL C 573 1.90 14.85 48.68
N GLY C 574 0.68 15.36 48.76
CA GLY C 574 -0.45 14.54 48.40
C GLY C 574 -0.17 13.76 47.15
N GLY C 575 0.55 14.37 46.22
CA GLY C 575 0.84 13.73 44.97
C GLY C 575 1.74 12.53 45.15
N HIS C 576 3.00 12.79 45.48
CA HIS C 576 3.96 11.71 45.56
C HIS C 576 3.41 10.56 46.35
N GLU C 577 2.70 10.86 47.42
CA GLU C 577 2.06 9.76 48.11
C GLU C 577 1.07 9.07 47.23
N LEU C 578 0.04 9.79 46.82
CA LEU C 578 -1.09 9.13 46.20
C LEU C 578 -0.64 8.26 45.05
N VAL C 579 0.34 8.71 44.29
CA VAL C 579 0.85 7.82 43.27
C VAL C 579 1.52 6.63 43.89
N HIS C 580 2.22 6.82 45.00
CA HIS C 580 2.98 5.70 45.54
C HIS C 580 2.12 4.52 45.87
N GLY C 581 0.81 4.59 45.66
CA GLY C 581 -0.01 3.43 45.83
C GLY C 581 -0.41 2.86 44.50
N PHE C 582 0.31 3.17 43.44
CA PHE C 582 -0.02 2.56 42.18
C PHE C 582 1.16 2.17 41.32
N ASP C 583 2.37 2.45 41.71
CA ASP C 583 3.48 2.05 40.88
C ASP C 583 3.78 0.57 41.12
N ASP C 584 4.95 0.13 40.71
CA ASP C 584 5.40 -1.24 40.92
C ASP C 584 5.14 -1.73 42.32
N GLU C 585 5.04 -0.82 43.27
CA GLU C 585 4.53 -1.25 44.57
C GLU C 585 3.02 -1.38 44.51
N GLY C 586 2.33 -0.28 44.25
CA GLY C 586 0.90 -0.22 44.48
C GLY C 586 0.15 -1.38 43.88
N VAL C 587 0.64 -1.91 42.78
CA VAL C 587 -0.18 -2.79 41.98
C VAL C 587 -0.36 -4.10 42.71
N GLN C 588 0.12 -4.18 43.93
CA GLN C 588 0.26 -5.48 44.57
C GLN C 588 -0.62 -5.66 45.80
N PHE C 589 -1.64 -4.83 45.99
CA PHE C 589 -2.55 -5.06 47.12
C PHE C 589 -3.99 -4.66 46.85
N LYS C 609 -2.21 -9.62 32.96
CA LYS C 609 -3.25 -9.05 32.14
C LYS C 609 -2.72 -7.91 31.33
N GLY C 610 -3.62 -7.11 30.77
CA GLY C 610 -3.22 -5.96 29.99
C GLY C 610 -2.27 -5.06 30.76
N LYS C 611 -2.36 -5.13 32.08
CA LYS C 611 -1.56 -4.28 32.96
C LYS C 611 -0.09 -4.27 32.57
N ASN C 612 0.35 -5.30 31.84
CA ASN C 612 1.65 -5.27 31.20
C ASN C 612 1.93 -3.92 30.57
N GLY C 613 0.95 -3.37 29.88
CA GLY C 613 1.13 -2.08 29.24
C GLY C 613 1.66 -1.06 30.23
N PHE C 614 1.14 -1.14 31.45
CA PHE C 614 1.64 -0.23 32.47
C PHE C 614 3.14 -0.38 32.61
N LYS C 615 3.58 -1.59 32.91
CA LYS C 615 4.98 -1.84 33.08
C LYS C 615 5.76 -1.32 31.90
N ASP C 616 5.15 -1.29 30.73
CA ASP C 616 5.79 -0.60 29.63
C ASP C 616 5.89 0.90 29.91
N MET C 617 4.83 1.51 30.41
CA MET C 617 4.90 2.94 30.71
C MET C 617 6.10 3.23 31.58
N ALA C 618 6.19 2.50 32.68
CA ALA C 618 7.36 2.58 33.53
C ALA C 618 8.61 2.54 32.68
N GLN C 619 8.79 1.45 31.94
CA GLN C 619 9.93 1.28 31.07
C GLN C 619 10.29 2.57 30.38
N CYS C 620 9.27 3.26 29.87
CA CYS C 620 9.50 4.48 29.12
C CYS C 620 10.11 5.55 30.01
N VAL C 621 9.55 5.73 31.20
CA VAL C 621 10.13 6.74 32.10
C VAL C 621 11.57 6.38 32.43
N VAL C 622 11.77 5.16 32.90
CA VAL C 622 13.11 4.72 33.29
C VAL C 622 14.10 5.05 32.20
N THR C 623 13.82 4.62 30.98
CA THR C 623 14.81 4.93 29.98
C THR C 623 14.88 6.41 29.69
N GLN C 624 13.92 7.21 30.13
CA GLN C 624 14.18 8.62 29.92
C GLN C 624 15.40 9.09 30.70
N TYR C 625 15.32 9.03 32.03
CA TYR C 625 16.26 9.75 32.89
C TYR C 625 17.68 9.65 32.37
N ASN C 626 18.16 8.42 32.24
CA ASN C 626 19.57 8.20 31.93
C ASN C 626 20.01 8.96 30.70
N ALA C 627 19.07 9.48 29.94
CA ALA C 627 19.45 10.49 28.97
C ALA C 627 19.90 11.77 29.67
N GLN C 628 19.17 12.20 30.70
CA GLN C 628 19.41 13.51 31.35
C GLN C 628 19.78 13.37 32.82
N CYS C 629 20.88 14.00 33.22
CA CYS C 629 21.42 13.87 34.56
C CYS C 629 22.56 14.85 34.77
N CYS C 630 22.91 15.03 36.00
CA CYS C 630 23.92 15.99 36.43
C CYS C 630 25.19 15.28 36.83
N PRO C 631 26.34 15.94 36.69
CA PRO C 631 27.63 15.32 37.00
C PRO C 631 27.87 15.15 38.48
N HIS C 638 30.32 10.32 34.40
CA HIS C 638 29.43 9.64 35.33
C HIS C 638 28.10 10.36 35.42
N CYS C 639 27.09 9.74 34.81
CA CYS C 639 25.71 10.23 34.77
C CYS C 639 24.99 9.92 36.07
N ALA C 640 23.66 9.99 36.04
CA ALA C 640 22.85 9.37 37.08
C ALA C 640 22.54 7.95 36.67
N ASN C 641 21.62 7.30 37.37
CA ASN C 641 21.28 5.93 37.08
C ASN C 641 19.78 5.77 36.91
N GLY C 642 19.38 4.58 36.50
CA GLY C 642 18.01 4.32 36.11
C GLY C 642 17.25 3.45 37.08
N ALA C 643 17.12 2.17 36.75
CA ALA C 643 16.12 1.29 37.30
C ALA C 643 15.93 1.49 38.79
N HIS C 644 16.98 1.96 39.46
CA HIS C 644 16.99 2.31 40.86
C HIS C 644 15.76 3.06 41.32
N THR C 645 15.23 3.90 40.45
CA THR C 645 14.37 4.98 40.86
C THR C 645 12.92 4.79 40.51
N GLN C 646 12.61 3.94 39.54
CA GLN C 646 11.24 3.83 39.03
C GLN C 646 10.22 3.70 40.13
N GLY C 647 10.64 3.30 41.32
CA GLY C 647 9.76 3.29 42.47
C GLY C 647 9.50 4.66 43.02
N GLU C 648 10.50 5.31 43.56
CA GLU C 648 10.31 6.66 44.05
C GLU C 648 10.16 7.66 42.94
N ASN C 649 10.64 7.33 41.74
CA ASN C 649 10.80 8.34 40.71
C ASN C 649 9.50 8.69 40.05
N ILE C 650 8.90 7.72 39.38
CA ILE C 650 7.79 8.03 38.49
C ILE C 650 6.66 8.53 39.34
N ALA C 651 6.82 8.40 40.64
CA ALA C 651 5.86 9.01 41.54
C ALA C 651 5.57 10.43 41.11
N ASP C 652 6.59 11.27 41.17
CA ASP C 652 6.45 12.70 40.95
C ASP C 652 5.59 12.97 39.73
N LEU C 653 6.06 12.58 38.56
CA LEU C 653 5.31 13.06 37.42
C LEU C 653 4.02 12.30 37.22
N GLY C 654 3.60 11.50 38.17
CA GLY C 654 2.20 11.14 38.18
C GLY C 654 1.46 12.02 39.15
N GLY C 655 1.99 12.07 40.37
CA GLY C 655 1.27 12.68 41.48
C GLY C 655 1.16 14.17 41.33
N LEU C 656 2.26 14.80 40.94
CA LEU C 656 2.20 16.20 40.57
C LEU C 656 1.04 16.47 39.64
N GLN C 657 1.06 15.87 38.45
CA GLN C 657 0.02 16.14 37.48
C GLN C 657 -1.34 15.94 38.07
N ALA C 658 -1.54 14.84 38.78
CA ALA C 658 -2.76 14.69 39.55
C ALA C 658 -3.08 15.97 40.30
N SER C 659 -2.12 16.47 41.04
CA SER C 659 -2.39 17.64 41.86
C SER C 659 -2.75 18.84 41.02
N TYR C 660 -1.76 19.30 40.28
CA TYR C 660 -1.94 20.48 39.45
C TYR C 660 -3.31 20.49 38.87
N ASN C 661 -3.67 19.41 38.23
CA ASN C 661 -4.94 19.39 37.56
C ASN C 661 -6.08 19.65 38.51
N ALA C 662 -5.83 19.65 39.81
CA ALA C 662 -6.87 20.17 40.68
C ALA C 662 -6.93 21.67 40.60
N TYR C 663 -5.77 22.30 40.68
CA TYR C 663 -5.72 23.75 40.81
C TYR C 663 -6.69 24.44 39.88
N LYS C 664 -6.56 24.20 38.58
CA LYS C 664 -7.45 24.85 37.65
C LYS C 664 -8.89 24.66 38.06
N GLU C 665 -9.34 23.42 38.10
CA GLU C 665 -10.73 23.17 38.44
C GLU C 665 -11.12 23.78 39.77
N TYR C 666 -10.15 24.18 40.56
CA TYR C 666 -10.45 24.99 41.71
C TYR C 666 -10.58 26.46 41.36
N ILE C 667 -10.32 26.83 40.12
CA ILE C 667 -10.49 28.21 39.74
C ILE C 667 -11.19 28.31 38.41
N GLU C 674 -6.92 34.79 43.12
CA GLU C 674 -6.39 34.50 41.81
C GLU C 674 -5.64 35.70 41.31
N MET C 675 -4.84 36.29 42.18
CA MET C 675 -4.21 37.56 41.88
C MET C 675 -2.71 37.41 41.76
N ARG C 676 -2.14 38.16 40.81
CA ARG C 676 -0.69 38.26 40.71
C ARG C 676 -0.12 38.60 42.08
N LEU C 677 1.16 38.31 42.27
CA LEU C 677 1.78 38.55 43.56
C LEU C 677 2.35 39.95 43.63
N PRO C 678 2.72 40.40 44.83
CA PRO C 678 3.38 41.69 44.96
C PRO C 678 4.87 41.55 44.75
N GLY C 679 5.56 42.67 44.91
CA GLY C 679 6.99 42.69 44.70
C GLY C 679 7.22 42.56 43.22
N LEU C 680 6.92 41.38 42.72
CA LEU C 680 6.80 41.13 41.30
C LEU C 680 5.41 40.62 41.05
N GLU C 681 4.92 40.84 39.85
CA GLU C 681 3.65 40.28 39.47
C GLU C 681 3.75 39.58 38.14
N LYS C 682 4.86 39.75 37.42
CA LYS C 682 4.94 39.37 36.02
C LYS C 682 4.40 37.99 35.78
N PHE C 683 4.36 37.17 36.81
CA PHE C 683 4.09 35.75 36.68
C PHE C 683 2.68 35.53 37.16
N THR C 684 1.82 35.01 36.31
CA THR C 684 0.44 34.81 36.72
C THR C 684 0.39 33.57 37.60
N PRO C 685 -0.77 33.22 38.11
CA PRO C 685 -0.81 32.11 39.05
C PRO C 685 -0.14 30.84 38.55
N ASN C 686 -0.62 30.30 37.44
CA ASN C 686 -0.27 28.93 37.17
C ASN C 686 1.23 28.73 37.12
N GLN C 687 1.91 29.43 36.25
CA GLN C 687 3.35 29.31 36.20
C GLN C 687 3.97 29.52 37.57
N ILE C 688 3.32 30.29 38.43
CA ILE C 688 3.83 30.38 39.78
C ILE C 688 3.75 29.03 40.45
N PHE C 689 2.55 28.47 40.52
CA PHE C 689 2.40 27.11 41.02
C PHE C 689 3.56 26.25 40.63
N TRP C 690 3.86 26.23 39.34
CA TRP C 690 5.08 25.58 38.89
C TRP C 690 6.23 26.01 39.77
N ILE C 691 6.51 27.30 39.80
CA ILE C 691 7.70 27.76 40.51
C ILE C 691 7.73 27.19 41.91
N SER C 692 6.71 27.51 42.69
CA SER C 692 6.73 27.14 44.11
C SER C 692 6.96 25.65 44.27
N TYR C 693 6.38 24.85 43.39
CA TYR C 693 6.76 23.45 43.42
C TYR C 693 8.24 23.32 43.26
N GLY C 694 8.78 23.87 42.20
CA GLY C 694 10.21 23.81 42.00
C GLY C 694 10.95 24.20 43.25
N TYR C 695 10.38 25.13 44.00
CA TYR C 695 11.02 25.57 45.23
C TYR C 695 11.15 24.43 46.20
N SER C 696 10.09 23.64 46.31
CA SER C 696 10.07 22.60 47.34
C SER C 696 11.17 21.59 47.17
N TRP C 697 12.08 21.80 46.24
CA TRP C 697 13.25 20.96 46.15
C TRP C 697 14.54 21.73 46.20
N CYS C 698 14.48 23.04 46.30
CA CYS C 698 15.71 23.81 46.09
C CYS C 698 16.77 23.42 47.10
N ALA C 699 17.78 22.68 46.66
CA ALA C 699 18.66 21.95 47.57
C ALA C 699 20.11 22.09 47.11
N LYS C 700 20.80 23.10 47.60
CA LYS C 700 22.22 23.19 47.32
C LYS C 700 22.90 21.92 47.77
N GLU C 701 23.77 21.40 46.93
CA GLU C 701 24.60 20.27 47.30
C GLU C 701 25.95 20.39 46.63
N THR C 702 26.91 19.66 47.17
CA THR C 702 28.21 19.60 46.55
C THR C 702 28.16 18.67 45.36
N GLN C 703 29.33 18.31 44.85
CA GLN C 703 29.35 17.32 43.79
C GLN C 703 29.75 15.95 44.31
N SER C 704 30.44 15.88 45.44
CA SER C 704 30.90 14.57 45.92
C SER C 704 29.80 13.83 46.64
N SER C 705 28.99 14.52 47.45
CA SER C 705 27.87 13.85 48.08
C SER C 705 26.79 13.54 47.08
N LEU C 706 26.95 14.05 45.86
CA LEU C 706 25.89 13.93 44.88
C LEU C 706 25.70 12.47 44.47
N VAL C 707 26.79 11.78 44.14
CA VAL C 707 26.67 10.34 43.93
C VAL C 707 26.14 9.67 45.18
N LYS C 708 26.61 10.12 46.34
CA LYS C 708 26.21 9.51 47.60
C LYS C 708 24.70 9.51 47.76
N ARG C 709 24.05 10.52 47.21
CA ARG C 709 22.59 10.50 47.19
C ARG C 709 22.04 10.12 45.82
N LEU C 710 22.90 9.73 44.90
CA LEU C 710 22.45 9.25 43.60
C LEU C 710 22.32 7.74 43.60
N LEU C 711 23.45 7.09 43.82
CA LEU C 711 23.65 5.65 43.73
C LEU C 711 23.15 4.90 44.95
N THR C 712 23.19 5.51 46.12
CA THR C 712 22.71 4.84 47.31
C THR C 712 21.20 4.77 47.34
N ASN C 713 20.56 5.92 47.43
CA ASN C 713 19.19 6.02 47.88
C ASN C 713 18.21 5.51 46.85
N PRO C 714 16.99 5.28 47.23
CA PRO C 714 15.95 5.04 46.24
C PRO C 714 15.53 6.31 45.56
N HIS C 715 15.37 7.41 46.28
CA HIS C 715 14.97 8.63 45.62
C HIS C 715 16.02 9.06 44.63
N SER C 716 15.72 10.08 43.84
CA SER C 716 16.72 10.50 42.88
C SER C 716 16.91 12.00 42.99
N PRO C 717 18.06 12.52 42.61
CA PRO C 717 18.42 13.88 43.02
C PRO C 717 17.57 14.90 42.30
N ASN C 718 17.70 16.14 42.73
CA ASN C 718 16.79 17.18 42.28
C ASN C 718 16.79 17.30 40.76
N SER C 719 17.94 17.67 40.20
CA SER C 719 17.97 18.31 38.88
C SER C 719 17.18 17.51 37.89
N CYS C 720 17.47 16.23 37.81
CA CYS C 720 16.54 15.35 37.16
C CYS C 720 15.14 15.62 37.68
N ARG C 721 14.97 15.59 38.99
CA ARG C 721 13.64 15.57 39.54
C ARG C 721 12.94 16.90 39.47
N VAL C 722 13.45 17.81 38.66
CA VAL C 722 12.73 19.02 38.27
C VAL C 722 12.61 19.08 36.78
N ASN C 723 13.73 19.08 36.09
CA ASN C 723 13.62 19.15 34.65
C ASN C 723 12.88 17.94 34.14
N GLN C 724 13.44 16.76 34.34
CA GLN C 724 12.82 15.55 33.84
C GLN C 724 11.47 15.29 34.48
N VAL C 725 11.00 16.22 35.28
CA VAL C 725 9.60 16.15 35.64
C VAL C 725 8.81 16.99 34.68
N LEU C 726 9.06 18.30 34.67
CA LEU C 726 8.33 19.13 33.74
C LEU C 726 8.34 18.53 32.36
N GLN C 727 9.52 18.29 31.86
CA GLN C 727 9.75 17.80 30.52
C GLN C 727 8.70 16.79 30.20
N ASP C 728 8.34 15.95 31.16
CA ASP C 728 7.33 14.95 30.91
C ASP C 728 5.96 15.34 31.42
N ILE C 729 5.64 16.63 31.43
CA ILE C 729 4.22 16.98 31.50
C ILE C 729 3.97 18.07 30.48
N PRO C 730 3.12 17.85 29.51
CA PRO C 730 2.81 18.95 28.59
C PRO C 730 2.43 20.19 29.36
N SER C 731 1.37 20.13 30.16
CA SER C 731 0.64 21.32 30.59
C SER C 731 1.58 22.49 30.78
N PHE C 732 2.69 22.21 31.45
CA PHE C 732 3.70 23.22 31.67
C PHE C 732 4.14 23.86 30.36
N ALA C 733 3.83 23.21 29.26
CA ALA C 733 3.82 23.95 28.00
C ALA C 733 3.02 25.21 28.16
N LYS C 734 1.73 25.07 28.36
CA LYS C 734 0.85 26.19 28.15
C LYS C 734 0.91 27.16 29.29
N ASP C 735 2.02 27.22 30.00
CA ASP C 735 2.19 28.34 30.88
C ASP C 735 3.58 28.93 30.84
N PHE C 736 4.39 28.59 29.86
CA PHE C 736 5.60 29.34 29.61
C PHE C 736 5.82 29.40 28.12
N GLN C 737 5.23 30.38 27.45
CA GLN C 737 5.90 31.12 26.39
C GLN C 737 7.17 30.41 25.94
N CYS C 738 7.06 29.15 25.48
CA CYS C 738 8.20 28.42 24.96
C CYS C 738 7.81 27.55 23.78
N ALA C 739 8.47 27.71 22.61
CA ALA C 739 8.16 26.96 21.38
C ALA C 739 8.69 25.54 21.53
N LEU C 740 7.81 24.59 21.93
CA LEU C 740 8.11 23.14 22.14
C LEU C 740 9.13 22.65 21.10
N GLY C 741 10.43 22.80 21.40
CA GLY C 741 11.54 22.36 20.54
C GLY C 741 12.90 22.78 21.09
N GLN C 742 13.27 22.29 22.28
CA GLN C 742 14.54 22.58 23.00
C GLN C 742 14.64 21.65 24.22
N LYS C 743 15.80 21.61 24.89
CA LYS C 743 16.06 20.78 26.10
C LYS C 743 15.28 21.35 27.29
N MET C 744 13.96 21.10 27.33
CA MET C 744 12.96 21.51 28.38
C MET C 744 11.56 21.02 28.01
N TYR C 745 11.01 21.46 26.86
CA TYR C 745 9.65 21.07 26.37
C TYR C 745 9.74 20.66 24.89
N CYS C 752 7.18 10.57 27.51
CA CYS C 752 6.34 9.45 27.93
C CYS C 752 5.19 9.88 28.82
N LYS C 753 4.03 10.11 28.23
CA LYS C 753 2.82 10.22 29.01
C LYS C 753 2.82 9.13 30.05
N VAL C 754 2.36 9.45 31.25
CA VAL C 754 2.40 8.50 32.34
C VAL C 754 1.01 8.06 32.76
N TRP C 755 0.05 8.98 32.75
CA TRP C 755 -1.34 8.59 32.86
C TRP C 755 -2.20 9.60 32.11
N ASN D 1 43.78 2.42 -11.43
CA ASN D 1 45.10 1.78 -11.44
C ASN D 1 44.96 0.35 -10.90
N ALA D 2 43.75 -0.18 -10.88
CA ALA D 2 43.39 -1.32 -10.05
C ALA D 2 44.08 -2.61 -10.49
N ASN D 3 43.85 -3.68 -9.74
CA ASN D 3 44.34 -5.02 -10.03
C ASN D 3 43.23 -5.84 -10.67
N ARG D 4 43.65 -6.88 -11.39
CA ARG D 4 42.74 -7.84 -11.99
C ARG D 4 43.23 -9.26 -11.78
N SER D 5 43.84 -9.53 -10.64
CA SER D 5 44.16 -10.92 -10.30
C SER D 5 42.88 -11.62 -9.83
N LYS D 6 42.39 -12.63 -10.59
CA LYS D 6 41.12 -13.38 -10.39
C LYS D 6 40.88 -13.80 -8.94
N GLU D 7 41.92 -14.14 -8.18
CA GLU D 7 41.76 -14.56 -6.76
C GLU D 7 41.12 -13.43 -5.95
N TRP D 8 41.51 -12.18 -6.21
CA TRP D 8 41.00 -10.95 -5.55
C TRP D 8 39.54 -10.70 -5.97
N LYS D 9 39.21 -11.02 -7.24
CA LYS D 9 37.85 -10.87 -7.82
C LYS D 9 36.85 -11.71 -7.00
N ASN D 10 37.25 -12.92 -6.61
CA ASN D 10 36.42 -13.87 -5.82
C ASN D 10 36.08 -13.23 -4.46
N ALA D 11 37.09 -12.68 -3.77
CA ALA D 11 36.96 -12.02 -2.45
C ALA D 11 36.18 -10.72 -2.61
N ALA D 12 36.32 -10.05 -3.77
CA ALA D 12 35.65 -8.78 -4.11
C ALA D 12 34.13 -8.97 -4.10
N ASN D 13 33.64 -9.99 -4.79
CA ASN D 13 32.20 -10.35 -4.91
C ASN D 13 31.55 -10.33 -3.52
N THR D 14 32.15 -11.04 -2.56
CA THR D 14 31.66 -11.20 -1.16
C THR D 14 31.42 -9.82 -0.53
N LEU D 15 32.47 -9.01 -0.41
CA LEU D 15 32.44 -7.65 0.21
C LEU D 15 31.41 -6.76 -0.49
N LEU D 16 31.50 -6.68 -1.83
CA LEU D 16 30.61 -5.85 -2.68
C LEU D 16 29.14 -6.24 -2.48
N PHE D 17 28.86 -7.54 -2.40
CA PHE D 17 27.50 -8.12 -2.23
C PHE D 17 26.75 -7.43 -1.09
N GLY D 18 27.39 -7.33 0.08
CA GLY D 18 26.80 -6.73 1.30
C GLY D 18 26.95 -5.22 1.35
N LEU D 19 27.96 -4.66 0.69
CA LEU D 19 28.25 -3.20 0.65
C LEU D 19 27.10 -2.47 -0.06
N ASP D 20 26.72 -1.28 0.43
CA ASP D 20 25.62 -0.45 -0.15
C ASP D 20 26.14 0.97 -0.40
N GLU D 21 25.99 1.53 -1.62
CA GLU D 21 26.45 2.90 -1.98
C GLU D 21 25.32 3.92 -1.77
N SER D 22 24.07 3.47 -1.69
CA SER D 22 22.87 4.33 -1.50
C SER D 22 23.12 5.32 -0.35
N VAL D 23 23.49 4.81 0.82
CA VAL D 23 23.77 5.62 2.06
C VAL D 23 25.21 6.13 2.00
N ASP D 24 25.51 7.23 2.71
CA ASP D 24 26.85 7.86 2.78
C ASP D 24 27.76 6.99 3.67
N PRO D 25 29.10 7.05 3.54
CA PRO D 25 29.99 6.20 4.34
C PRO D 25 30.43 6.70 5.72
N CYS D 26 29.88 7.83 6.20
CA CYS D 26 30.19 8.43 7.52
C CYS D 26 29.03 8.19 8.51
N GLU D 27 27.83 8.71 8.22
CA GLU D 27 26.61 8.56 9.05
C GLU D 27 26.18 7.09 9.06
N ASP D 28 25.88 6.51 10.24
CA ASP D 28 25.47 5.09 10.40
C ASP D 28 26.43 4.21 9.56
N PHE D 29 27.73 4.31 9.84
CA PHE D 29 28.81 3.56 9.15
C PHE D 29 28.40 2.10 8.96
N TYR D 30 28.01 1.43 10.05
CA TYR D 30 27.53 0.03 10.07
C TYR D 30 26.45 -0.15 9.00
N GLY D 31 25.44 0.73 9.01
CA GLY D 31 24.32 0.75 8.06
C GLY D 31 24.81 0.65 6.62
N PHE D 32 25.49 1.69 6.13
CA PHE D 32 26.07 1.78 4.77
C PHE D 32 26.82 0.48 4.42
N THR D 33 27.72 0.07 5.31
CA THR D 33 28.61 -1.10 5.19
C THR D 33 27.86 -2.37 4.78
N CYS D 34 26.72 -2.68 5.42
CA CYS D 34 26.01 -3.97 5.15
C CYS D 34 24.48 -3.94 5.08
N ASN D 35 23.87 -2.80 4.83
CA ASN D 35 22.45 -2.65 4.61
C ASN D 35 21.99 -3.69 3.62
N LYS D 36 22.78 -3.94 2.59
CA LYS D 36 22.50 -5.04 1.70
C LYS D 36 22.32 -6.32 2.48
N PHE D 37 23.37 -6.74 3.17
CA PHE D 37 23.35 -8.06 3.79
C PHE D 37 22.13 -8.22 4.67
N ILE D 38 21.67 -7.13 5.24
CA ILE D 38 20.34 -7.18 5.84
C ILE D 38 19.32 -7.54 4.77
N GLU D 39 19.20 -6.71 3.74
CA GLU D 39 18.01 -6.75 2.92
C GLU D 39 18.03 -7.89 1.90
N ARG D 40 19.04 -8.73 1.91
CA ARG D 40 19.07 -9.79 0.91
C ARG D 40 18.49 -11.09 1.44
N ILE D 41 18.54 -11.33 2.73
CA ILE D 41 18.51 -12.70 3.22
C ILE D 41 17.18 -13.08 3.85
N ASP D 42 16.91 -14.38 3.79
CA ASP D 42 15.65 -15.02 4.12
C ASP D 42 15.53 -15.15 5.63
N LEU D 43 14.55 -15.90 6.09
CA LEU D 43 14.43 -16.29 7.49
C LEU D 43 13.88 -17.71 7.59
N GLY D 49 16.42 -18.39 13.16
CA GLY D 49 16.84 -17.49 14.23
C GLY D 49 17.83 -16.44 13.76
N ARG D 50 18.80 -16.11 14.60
CA ARG D 50 19.82 -15.16 14.21
C ARG D 50 20.67 -15.74 13.09
N PHE D 51 21.19 -14.87 12.24
CA PHE D 51 21.99 -15.33 11.12
C PHE D 51 23.02 -14.26 10.79
N THR D 52 24.28 -14.67 10.65
CA THR D 52 25.31 -13.66 10.47
C THR D 52 26.59 -14.25 9.90
N THR D 53 27.43 -13.34 9.40
CA THR D 53 28.62 -13.67 8.64
C THR D 53 29.31 -14.88 9.20
N PHE D 54 29.48 -14.93 10.51
CA PHE D 54 30.07 -16.13 11.07
C PHE D 54 29.24 -17.34 10.72
N SER D 55 28.01 -17.36 11.19
CA SER D 55 27.11 -18.44 10.84
C SER D 55 27.22 -18.74 9.36
N GLN D 56 27.47 -17.71 8.55
CA GLN D 56 27.71 -17.92 7.12
C GLN D 56 28.89 -18.85 6.91
N ALA D 57 30.08 -18.42 7.31
CA ALA D 57 31.26 -19.24 7.10
C ALA D 57 31.06 -20.60 7.72
N GLN D 58 30.82 -20.59 9.02
CA GLN D 58 30.56 -21.82 9.75
C GLN D 58 29.73 -22.77 8.93
N LEU D 59 28.65 -22.28 8.35
CA LEU D 59 27.95 -23.10 7.39
C LEU D 59 28.89 -23.61 6.33
N GLU D 60 29.48 -22.71 5.56
CA GLU D 60 30.29 -23.12 4.44
C GLU D 60 31.21 -24.27 4.82
N VAL D 61 31.95 -24.09 5.89
CA VAL D 61 32.91 -25.10 6.24
C VAL D 61 32.21 -26.38 6.62
N ASN D 62 31.06 -26.31 7.26
CA ASN D 62 30.42 -27.55 7.64
C ASN D 62 29.94 -28.31 6.43
N SER D 63 29.35 -27.59 5.49
CA SER D 63 29.08 -28.21 4.20
C SER D 63 30.31 -28.95 3.72
N ASP D 64 31.44 -28.25 3.68
CA ASP D 64 32.67 -28.84 3.15
C ASP D 64 33.02 -30.11 3.89
N ILE D 65 32.81 -30.13 5.19
CA ILE D 65 33.25 -31.29 5.94
C ILE D 65 32.32 -32.47 5.68
N VAL D 66 31.03 -32.19 5.51
CA VAL D 66 30.16 -33.26 5.06
C VAL D 66 30.68 -33.82 3.76
N LYS D 67 31.11 -32.90 2.88
CA LYS D 67 31.61 -33.32 1.60
C LYS D 67 32.74 -34.33 1.77
N ALA D 68 33.85 -33.87 2.32
CA ALA D 68 35.01 -34.75 2.46
C ALA D 68 34.66 -36.00 3.24
N LEU D 69 33.78 -35.86 4.23
CA LEU D 69 33.34 -37.01 4.99
C LEU D 69 32.82 -38.08 4.06
N GLU D 70 31.90 -37.68 3.18
CA GLU D 70 31.27 -38.57 2.17
C GLU D 70 32.35 -39.18 1.28
N LYS D 71 33.27 -38.33 0.77
CA LYS D 71 34.36 -38.70 -0.17
C LYS D 71 35.17 -39.91 0.34
N VAL D 72 36.00 -39.77 1.38
CA VAL D 72 36.89 -40.85 1.88
C VAL D 72 36.16 -41.63 2.99
N ASP D 73 35.96 -42.95 2.86
CA ASP D 73 35.24 -43.77 3.86
C ASP D 73 35.87 -45.16 3.92
N VAL D 74 37.21 -45.22 4.02
CA VAL D 74 37.98 -46.50 4.07
C VAL D 74 38.52 -46.72 5.48
N SER D 80 41.35 -43.46 8.94
CA SER D 80 41.45 -43.90 10.32
C SER D 80 40.08 -44.23 10.84
N GLN D 81 40.04 -45.25 11.69
CA GLN D 81 38.81 -45.62 12.38
C GLN D 81 38.09 -44.40 12.96
N THR D 82 38.82 -43.41 13.44
CA THR D 82 38.22 -42.20 13.95
C THR D 82 37.25 -41.59 12.96
N GLU D 83 37.80 -41.24 11.80
CA GLU D 83 36.98 -40.81 10.69
C GLU D 83 35.77 -41.69 10.57
N ARG D 84 36.02 -42.99 10.34
CA ARG D 84 34.97 -43.98 10.23
C ARG D 84 33.87 -43.72 11.25
N ILE D 85 34.25 -43.43 12.49
CA ILE D 85 33.27 -43.12 13.51
C ILE D 85 32.42 -41.96 13.06
N THR D 86 33.07 -40.80 12.93
CA THR D 86 32.33 -39.59 12.59
C THR D 86 31.39 -39.86 11.41
N LYS D 87 31.86 -40.64 10.45
CA LYS D 87 31.02 -40.98 9.31
C LYS D 87 29.75 -41.65 9.76
N ALA D 88 29.90 -42.79 10.41
CA ALA D 88 28.73 -43.55 10.80
C ALA D 88 27.80 -42.69 11.62
N ALA D 89 28.38 -41.91 12.53
CA ALA D 89 27.61 -40.93 13.26
C ALA D 89 26.76 -40.12 12.31
N PHE D 90 27.40 -39.43 11.37
CA PHE D 90 26.68 -38.54 10.49
C PHE D 90 25.51 -39.24 9.84
N GLN D 91 25.76 -40.44 9.33
CA GLN D 91 24.65 -41.20 8.77
C GLN D 91 23.52 -41.30 9.78
N SER D 92 23.86 -41.75 10.98
CA SER D 92 22.84 -42.01 11.99
C SER D 92 22.09 -40.76 12.36
N CYS D 93 22.64 -39.59 12.07
CA CYS D 93 22.00 -38.38 12.55
C CYS D 93 20.96 -37.87 11.57
N VAL D 94 21.05 -38.26 10.30
CA VAL D 94 20.25 -37.65 9.25
C VAL D 94 18.76 -37.91 9.46
N GLU D 95 18.43 -38.65 10.49
CA GLU D 95 17.08 -39.13 10.68
C GLU D 95 16.24 -38.13 11.46
N TYR D 134 21.86 -36.43 47.01
CA TYR D 134 22.89 -35.73 46.24
C TYR D 134 23.26 -36.54 44.98
N ARG D 135 23.63 -37.81 45.17
CA ARG D 135 24.24 -38.63 44.11
C ARG D 135 23.51 -38.50 42.79
N GLU D 136 22.22 -38.19 42.87
CA GLU D 136 21.34 -38.22 41.72
C GLU D 136 21.87 -37.30 40.63
N MET D 137 21.92 -36.00 40.94
CA MET D 137 22.34 -35.00 39.99
C MET D 137 23.65 -35.39 39.33
N GLY D 138 24.67 -35.66 40.13
CA GLY D 138 25.92 -36.12 39.57
C GLY D 138 25.72 -37.22 38.55
N ARG D 139 25.24 -38.37 39.02
CA ARG D 139 25.05 -39.49 38.10
C ARG D 139 24.51 -39.02 36.76
N ILE D 140 23.53 -38.12 36.79
CA ILE D 140 22.97 -37.66 35.54
C ILE D 140 23.99 -36.86 34.76
N GLU D 141 24.67 -35.97 35.44
CA GLU D 141 25.65 -35.14 34.76
C GLU D 141 26.61 -36.00 33.99
N GLN D 142 27.19 -36.97 34.69
CA GLN D 142 28.01 -37.97 34.06
C GLN D 142 27.39 -38.46 32.78
N GLN D 143 26.21 -39.07 32.89
CA GLN D 143 25.72 -39.77 31.72
C GLN D 143 25.25 -38.84 30.62
N ARG D 144 25.08 -37.54 30.88
CA ARG D 144 24.38 -36.70 29.91
C ARG D 144 25.11 -35.46 29.49
N ALA D 145 26.04 -34.93 30.27
CA ALA D 145 26.59 -33.60 30.02
C ALA D 145 25.50 -32.55 30.03
N LEU D 146 24.38 -32.87 30.66
CA LEU D 146 23.34 -31.89 30.86
C LEU D 146 23.41 -31.40 32.29
N PRO D 147 23.61 -30.12 32.52
CA PRO D 147 23.92 -29.67 33.86
C PRO D 147 22.69 -29.24 34.63
N THR D 148 22.73 -29.48 35.94
CA THR D 148 21.80 -28.84 36.86
C THR D 148 22.51 -28.61 38.17
N PHE D 149 22.01 -27.65 38.93
CA PHE D 149 22.23 -27.62 40.35
C PHE D 149 23.69 -27.35 40.69
N MET D 150 24.54 -27.56 39.70
CA MET D 150 25.93 -27.26 39.84
C MET D 150 26.55 -27.55 38.48
N TYR D 151 27.32 -26.63 37.96
CA TYR D 151 28.07 -26.95 36.78
C TYR D 151 29.46 -27.29 37.24
N THR D 152 30.07 -28.26 36.58
CA THR D 152 31.28 -28.84 37.11
C THR D 152 32.25 -29.04 35.97
N TRP D 153 33.42 -28.45 36.06
CA TRP D 153 34.43 -28.88 35.14
C TRP D 153 35.79 -28.56 35.72
N VAL D 154 36.80 -29.06 35.05
CA VAL D 154 38.12 -29.19 35.63
C VAL D 154 39.10 -28.50 34.72
N ASN D 155 40.10 -27.90 35.32
CA ASN D 155 41.21 -27.36 34.53
C ASN D 155 42.29 -26.95 35.51
N VAL D 156 43.33 -26.34 34.98
CA VAL D 156 44.44 -25.96 35.82
C VAL D 156 43.94 -25.13 36.98
N ASP D 157 44.38 -25.48 38.17
CA ASP D 157 44.22 -24.62 39.32
C ASP D 157 44.75 -23.24 39.06
N HIS D 158 44.15 -22.25 39.69
CA HIS D 158 44.67 -20.90 39.56
C HIS D 158 45.79 -20.60 40.53
N LYS D 159 45.83 -21.18 41.73
CA LYS D 159 46.97 -20.94 42.65
C LYS D 159 48.30 -21.25 41.95
N ASN D 160 48.49 -22.51 41.51
CA ASN D 160 49.73 -22.98 40.83
C ASN D 160 49.36 -23.70 39.53
N VAL D 161 50.25 -23.66 38.54
CA VAL D 161 50.05 -24.30 37.20
C VAL D 161 50.70 -25.69 37.22
N SER D 162 50.16 -26.61 38.05
CA SER D 162 50.65 -28.00 38.21
C SER D 162 49.46 -28.96 38.40
N ARG D 163 48.75 -28.89 39.54
CA ARG D 163 47.60 -29.78 39.85
C ARG D 163 46.36 -29.23 39.12
N ASN D 164 45.43 -30.12 38.74
CA ASN D 164 44.17 -29.76 38.02
C ASN D 164 43.03 -29.71 39.04
N SER D 165 42.85 -28.56 39.71
CA SER D 165 41.80 -28.33 40.75
C SER D 165 40.41 -28.42 40.10
N TYR D 166 39.41 -28.88 40.86
CA TYR D 166 38.01 -29.05 40.42
C TYR D 166 37.24 -27.72 40.56
N TYR D 167 36.70 -27.15 39.47
CA TYR D 167 35.90 -25.97 39.56
C TYR D 167 34.44 -26.37 39.59
N ILE D 168 33.74 -25.93 40.61
CA ILE D 168 32.33 -26.11 40.71
C ILE D 168 31.68 -24.75 40.68
N SER D 169 31.07 -24.41 39.57
CA SER D 169 30.50 -23.10 39.38
C SER D 169 28.99 -23.23 39.37
N GLN D 170 28.31 -22.10 39.42
CA GLN D 170 26.87 -22.17 39.30
C GLN D 170 26.53 -22.39 37.84
N PRO D 171 25.39 -22.99 37.56
CA PRO D 171 25.15 -23.51 36.24
C PRO D 171 24.48 -22.49 35.36
N THR D 172 24.55 -22.69 34.03
CA THR D 172 23.90 -21.83 33.02
C THR D 172 22.61 -22.56 32.57
N LEU D 173 21.46 -21.86 32.49
CA LEU D 173 20.16 -22.46 32.12
C LEU D 173 19.94 -22.34 30.60
N PRO D 174 18.93 -23.01 29.98
CA PRO D 174 18.68 -22.85 28.55
C PRO D 174 18.42 -21.37 28.22
N MET D 175 17.60 -20.71 29.06
CA MET D 175 17.25 -19.27 28.95
C MET D 175 18.35 -18.42 29.61
N PRO D 176 18.36 -17.07 29.54
CA PRO D 176 19.44 -16.30 30.17
C PRO D 176 19.44 -16.35 31.71
N ARG D 177 20.58 -15.98 32.29
CA ARG D 177 20.86 -16.01 33.76
C ARG D 177 19.96 -15.05 34.56
N GLU D 178 20.04 -13.74 34.31
CA GLU D 178 19.30 -12.70 35.07
C GLU D 178 18.12 -12.12 34.29
N PHE D 179 17.52 -12.89 33.37
CA PHE D 179 16.35 -12.49 32.55
C PHE D 179 15.06 -12.78 33.35
N TYR D 180 15.07 -13.85 34.15
CA TYR D 180 13.94 -14.22 35.00
C TYR D 180 13.60 -13.09 35.94
N VAL D 181 14.53 -12.73 36.80
CA VAL D 181 14.16 -12.10 38.05
C VAL D 181 14.25 -10.60 38.00
N LEU D 182 13.21 -9.98 37.53
CA LEU D 182 13.09 -8.54 37.60
C LEU D 182 11.61 -8.24 37.63
N PRO D 183 11.19 -7.15 38.17
CA PRO D 183 9.77 -6.84 38.14
C PRO D 183 9.40 -6.58 36.72
N GLN D 184 9.20 -7.66 35.98
CA GLN D 184 9.46 -7.59 34.56
C GLN D 184 8.80 -8.66 33.74
N PHE D 185 9.48 -8.91 32.64
CA PHE D 185 9.12 -9.77 31.53
C PHE D 185 8.31 -10.96 32.00
N ALA D 186 7.27 -11.29 31.24
CA ALA D 186 6.42 -12.43 31.53
C ALA D 186 6.59 -13.46 30.44
N PRO D 187 7.70 -14.17 30.41
CA PRO D 187 7.99 -15.05 29.28
C PRO D 187 7.77 -16.54 29.45
N GLU D 188 6.91 -17.13 28.61
CA GLU D 188 6.94 -18.55 28.25
C GLU D 188 6.53 -19.41 29.42
N LEU D 189 6.25 -18.78 30.54
CA LEU D 189 6.38 -19.44 31.84
C LEU D 189 5.79 -20.83 31.83
N ASP D 190 4.86 -21.08 30.90
CA ASP D 190 4.23 -22.38 30.81
C ASP D 190 4.96 -23.29 29.85
N ALA D 191 5.70 -22.72 28.89
CA ALA D 191 6.23 -23.53 27.81
C ALA D 191 6.85 -24.81 28.33
N ARG D 192 7.28 -24.79 29.60
CA ARG D 192 7.75 -25.97 30.29
C ARG D 192 6.65 -27.02 30.34
N THR D 193 5.52 -26.70 30.97
CA THR D 193 4.45 -27.68 30.99
C THR D 193 4.04 -28.06 29.58
N LYS D 194 4.14 -27.11 28.67
CA LYS D 194 3.76 -27.41 27.30
C LYS D 194 4.57 -28.56 26.76
N ALA D 195 5.87 -28.34 26.64
CA ALA D 195 6.73 -29.38 26.12
C ALA D 195 6.73 -30.61 26.98
N ILE D 196 6.43 -30.51 28.26
CA ILE D 196 6.44 -31.75 29.02
C ILE D 196 5.25 -32.53 28.50
N GLU D 197 4.03 -32.00 28.64
CA GLU D 197 2.86 -32.79 28.34
C GLU D 197 2.92 -33.35 26.93
N ASN D 198 3.60 -32.65 26.02
CA ASN D 198 3.69 -33.13 24.66
C ASN D 198 4.23 -34.55 24.65
N VAL D 199 5.49 -34.70 25.01
CA VAL D 199 6.06 -36.01 25.00
C VAL D 199 5.46 -36.86 26.10
N MET D 200 4.89 -36.23 27.12
CA MET D 200 4.27 -37.00 28.17
C MET D 200 3.22 -37.93 27.58
N LYS D 201 2.21 -37.37 26.93
CA LYS D 201 1.15 -38.25 26.46
C LYS D 201 1.69 -39.26 25.46
N ALA D 202 2.66 -38.86 24.66
CA ALA D 202 3.32 -39.83 23.79
C ALA D 202 3.89 -40.98 24.58
N PHE D 203 4.32 -40.71 25.81
CA PHE D 203 4.76 -41.81 26.66
C PHE D 203 3.59 -42.73 26.99
N ALA D 204 2.39 -42.17 27.09
CA ALA D 204 1.20 -42.92 27.51
C ALA D 204 0.70 -43.84 26.41
N ASP D 215 -4.38 -38.63 35.09
CA ASP D 215 -3.15 -38.19 34.45
C ASP D 215 -3.13 -36.67 34.32
N LYS D 216 -2.91 -35.98 35.43
CA LYS D 216 -2.84 -34.53 35.38
C LYS D 216 -1.77 -33.95 36.30
N MET D 217 -1.03 -34.82 37.03
CA MET D 217 0.05 -34.35 37.89
C MET D 217 0.88 -33.28 37.21
N ILE D 218 0.96 -33.36 35.88
CA ILE D 218 1.65 -32.38 35.05
C ILE D 218 1.37 -30.98 35.54
N LYS D 219 0.10 -30.66 35.79
CA LYS D 219 -0.24 -29.28 36.05
C LYS D 219 0.56 -28.72 37.20
N THR D 220 0.39 -29.29 38.40
CA THR D 220 1.18 -28.83 39.52
C THR D 220 2.66 -28.95 39.20
N ALA D 221 3.09 -30.17 38.85
CA ALA D 221 4.50 -30.43 38.65
C ALA D 221 5.17 -29.31 37.89
N ALA D 222 4.48 -28.74 36.92
CA ALA D 222 5.05 -27.61 36.20
C ALA D 222 5.28 -26.44 37.13
N ARG D 223 4.20 -25.83 37.62
CA ARG D 223 4.39 -24.60 38.40
C ARG D 223 5.41 -24.83 39.48
N GLU D 224 5.41 -26.03 40.05
CA GLU D 224 6.41 -26.37 41.05
C GLU D 224 7.81 -26.29 40.49
N VAL D 225 8.08 -26.99 39.39
CA VAL D 225 9.46 -27.06 38.90
C VAL D 225 9.92 -25.69 38.46
N THR D 226 9.09 -25.01 37.69
CA THR D 226 9.41 -23.63 37.36
C THR D 226 9.80 -22.88 38.61
N GLN D 227 9.00 -23.01 39.66
CA GLN D 227 9.33 -22.31 40.89
C GLN D 227 10.70 -22.70 41.39
N ILE D 228 11.03 -23.97 41.32
CA ILE D 228 12.36 -24.35 41.76
C ILE D 228 13.37 -23.58 40.95
N GLU D 229 13.08 -23.40 39.67
CA GLU D 229 14.00 -22.61 38.87
C GLU D 229 14.12 -21.23 39.45
N GLN D 230 13.02 -20.51 39.42
CA GLN D 230 13.00 -19.12 39.85
C GLN D 230 13.78 -18.98 41.12
N LYS D 231 13.57 -19.90 42.05
CA LYS D 231 14.35 -19.87 43.28
C LYS D 231 15.80 -20.21 43.03
N ILE D 232 16.14 -20.87 41.93
CA ILE D 232 17.55 -21.09 41.71
C ILE D 232 18.19 -19.91 41.02
N ALA D 233 17.46 -19.22 40.16
CA ALA D 233 18.10 -18.21 39.35
C ALA D 233 18.66 -17.12 40.23
N MET D 234 17.77 -16.38 40.88
CA MET D 234 18.19 -15.23 41.66
C MET D 234 19.26 -15.63 42.65
N ALA D 235 19.40 -16.91 42.87
CA ALA D 235 20.51 -17.34 43.66
C ALA D 235 21.81 -17.21 42.89
N SER D 236 21.77 -17.24 41.58
CA SER D 236 23.03 -17.30 40.85
C SER D 236 23.74 -15.98 41.01
N TRP D 237 24.82 -15.80 40.29
CA TRP D 237 25.38 -14.47 40.26
C TRP D 237 25.20 -13.89 38.89
N PRO D 238 24.76 -12.65 38.79
CA PRO D 238 24.73 -12.00 37.49
C PRO D 238 26.14 -11.98 36.90
N ASP D 239 26.23 -11.62 35.64
CA ASP D 239 27.57 -11.54 35.11
C ASP D 239 28.24 -10.22 35.43
N ASP D 240 27.50 -9.26 35.96
CA ASP D 240 28.08 -7.97 36.27
C ASP D 240 29.33 -8.10 37.11
N GLU D 241 29.47 -9.19 37.84
CA GLU D 241 30.57 -9.36 38.78
C GLU D 241 31.20 -10.74 38.75
N LEU D 242 30.96 -11.53 37.72
CA LEU D 242 31.87 -12.64 37.44
C LEU D 242 33.05 -12.06 36.70
N ARG D 243 33.58 -11.01 37.27
CA ARG D 243 34.56 -10.17 36.63
C ARG D 243 35.72 -9.99 37.59
N ASN D 244 35.88 -10.95 38.47
CA ASN D 244 36.83 -10.81 39.56
C ASN D 244 37.16 -12.22 40.03
N HIS D 245 38.37 -12.65 39.76
CA HIS D 245 38.72 -13.95 40.29
C HIS D 245 39.27 -13.88 41.70
N GLU D 246 39.54 -12.68 42.22
CA GLU D 246 40.00 -12.58 43.59
C GLU D 246 39.05 -13.29 44.53
N GLN D 247 37.78 -13.40 44.14
CA GLN D 247 36.78 -13.87 45.08
C GLN D 247 36.30 -15.28 44.82
N GLN D 248 36.23 -15.73 43.58
CA GLN D 248 35.65 -17.06 43.44
C GLN D 248 36.50 -18.13 44.05
N TYR D 249 37.78 -17.89 44.20
CA TYR D 249 38.73 -18.94 44.47
C TYR D 249 38.83 -19.10 45.97
N ASN D 250 38.41 -20.23 46.49
CA ASN D 250 38.36 -20.45 47.92
C ASN D 250 38.19 -21.94 48.20
N PRO D 251 39.28 -22.68 48.12
CA PRO D 251 39.15 -24.13 47.93
C PRO D 251 38.72 -24.82 49.20
N TYR D 252 38.06 -25.95 49.02
CA TYR D 252 37.73 -26.85 50.12
C TYR D 252 38.25 -28.24 49.79
N GLU D 253 38.36 -29.07 50.83
CA GLU D 253 38.83 -30.48 50.69
C GLU D 253 37.64 -31.42 50.45
N LEU D 254 37.88 -32.73 50.52
CA LEU D 254 36.82 -33.75 50.31
C LEU D 254 36.12 -34.05 51.64
N PHE D 255 36.61 -33.47 52.74
CA PHE D 255 36.01 -33.71 54.08
C PHE D 255 35.29 -32.43 54.54
N ALA D 256 35.44 -31.35 53.77
CA ALA D 256 34.81 -30.05 54.11
C ALA D 256 33.30 -30.12 53.82
N PRO D 257 32.86 -30.76 52.70
CA PRO D 257 31.43 -30.87 52.38
C PRO D 257 30.62 -31.42 53.56
N SER D 258 29.83 -30.55 54.21
CA SER D 258 28.99 -30.95 55.37
C SER D 258 27.91 -29.90 55.61
N ARG D 272 26.70 -36.14 50.99
CA ARG D 272 27.08 -37.12 49.98
C ARG D 272 27.71 -36.44 48.79
N PHE D 273 28.27 -35.25 49.02
CA PHE D 273 29.16 -34.69 48.02
C PHE D 273 30.33 -35.60 47.76
N GLY D 274 30.91 -36.15 48.82
CA GLY D 274 31.86 -37.22 48.64
C GLY D 274 31.23 -38.17 47.66
N LYS D 275 30.03 -38.65 47.99
CA LYS D 275 29.32 -39.51 47.06
C LYS D 275 29.08 -38.82 45.74
N TYR D 276 28.74 -37.53 45.77
CA TYR D 276 28.46 -36.82 44.54
C TYR D 276 29.57 -37.04 43.54
N ILE D 277 30.76 -36.61 43.90
CA ILE D 277 31.92 -36.83 43.05
C ILE D 277 32.09 -38.31 42.77
N ALA D 278 31.87 -39.14 43.79
CA ALA D 278 31.97 -40.58 43.58
C ALA D 278 31.04 -41.04 42.48
N GLY D 279 30.14 -40.17 42.05
CA GLY D 279 29.46 -40.39 40.82
C GLY D 279 30.34 -40.24 39.59
N LEU D 280 31.57 -39.79 39.75
CA LEU D 280 32.38 -39.48 38.60
C LEU D 280 33.73 -40.18 38.64
N PHE D 294 40.41 -35.81 43.35
CA PHE D 294 39.20 -35.78 44.17
C PHE D 294 39.56 -35.57 45.62
N ILE D 295 40.42 -36.43 46.15
CA ILE D 295 41.05 -36.14 47.43
C ILE D 295 41.62 -34.75 47.42
N GLY D 296 42.04 -34.30 46.25
CA GLY D 296 42.44 -32.93 46.06
C GLY D 296 41.45 -31.90 46.54
N ASP D 297 42.01 -30.79 47.00
CA ASP D 297 41.27 -29.57 47.27
C ASP D 297 40.26 -29.33 46.16
N VAL D 298 39.05 -29.00 46.53
CA VAL D 298 37.98 -28.74 45.58
C VAL D 298 37.63 -27.26 45.65
N ILE D 299 37.31 -26.66 44.51
CA ILE D 299 37.12 -25.22 44.45
C ILE D 299 35.68 -24.91 44.11
N VAL D 300 35.09 -24.03 44.91
CA VAL D 300 33.74 -23.52 44.70
C VAL D 300 33.85 -22.08 44.25
N THR D 301 33.52 -21.82 43.00
CA THR D 301 33.56 -20.46 42.50
C THR D 301 32.57 -19.58 43.25
N ASN D 302 31.41 -20.11 43.65
CA ASN D 302 30.33 -19.29 44.26
C ASN D 302 29.91 -19.81 45.64
N PRO D 303 30.35 -19.19 46.76
CA PRO D 303 30.02 -19.68 48.11
C PRO D 303 28.66 -19.24 48.65
N ALA D 304 28.02 -18.26 48.01
CA ALA D 304 26.70 -17.71 48.40
C ALA D 304 25.58 -18.57 47.81
N TYR D 305 25.81 -19.12 46.61
CA TYR D 305 24.86 -20.00 45.87
C TYR D 305 25.00 -21.44 46.38
N MET D 306 26.23 -21.84 46.73
CA MET D 306 26.56 -23.20 47.24
C MET D 306 25.92 -23.39 48.63
N GLY D 307 25.97 -22.34 49.46
CA GLY D 307 25.41 -22.34 50.83
C GLY D 307 23.89 -22.29 50.79
N PHE D 308 23.32 -21.70 49.73
CA PHE D 308 21.86 -21.55 49.51
C PHE D 308 21.25 -22.91 49.14
N LEU D 309 22.05 -23.78 48.52
CA LEU D 309 21.64 -25.14 48.07
C LEU D 309 21.36 -26.03 49.29
N ASN D 310 22.07 -25.78 50.40
CA ASN D 310 21.94 -26.55 51.68
C ASN D 310 20.58 -26.24 52.31
N THR D 311 20.11 -25.00 52.17
CA THR D 311 18.81 -24.51 52.73
C THR D 311 17.66 -24.98 51.82
N LEU D 312 17.94 -25.21 50.53
CA LEU D 312 16.95 -25.66 49.53
C LEU D 312 16.35 -27.01 49.97
N PHE D 313 17.21 -27.95 50.36
CA PHE D 313 16.83 -29.32 50.81
C PHE D 313 16.67 -29.31 52.34
N TYR D 323 12.92 -34.19 47.37
CA TYR D 323 12.49 -35.34 46.59
C TYR D 323 11.89 -35.03 45.20
N PRO D 324 10.91 -34.13 45.11
CA PRO D 324 10.26 -33.94 43.81
C PRO D 324 11.19 -33.32 42.79
N PHE D 325 12.33 -32.86 43.25
CA PHE D 325 13.30 -32.15 42.43
C PHE D 325 13.61 -33.00 41.23
N VAL D 326 13.54 -34.32 41.41
CA VAL D 326 13.90 -35.21 40.33
C VAL D 326 13.15 -34.82 39.09
N ASN D 327 11.86 -34.50 39.25
CA ASN D 327 11.07 -33.98 38.16
C ASN D 327 11.86 -32.95 37.39
N TYR D 328 12.22 -31.90 38.08
CA TYR D 328 13.03 -30.83 37.51
C TYR D 328 14.10 -31.38 36.59
N ILE D 329 14.93 -32.29 37.09
CA ILE D 329 16.04 -32.73 36.28
C ILE D 329 15.54 -33.41 35.02
N ILE D 330 14.59 -34.32 35.18
CA ILE D 330 13.94 -34.91 34.01
C ILE D 330 13.63 -33.82 33.01
N VAL D 331 12.95 -32.79 33.50
CA VAL D 331 12.53 -31.68 32.66
C VAL D 331 13.71 -31.29 31.81
N HIS D 332 14.77 -30.86 32.47
CA HIS D 332 15.92 -30.40 31.75
C HIS D 332 16.45 -31.47 30.84
N MET D 333 16.70 -32.66 31.40
CA MET D 333 17.17 -33.74 30.57
C MET D 333 16.29 -33.86 29.36
N LEU D 334 15.00 -34.08 29.61
CA LEU D 334 14.04 -34.11 28.53
C LEU D 334 14.20 -32.86 27.69
N PHE D 335 14.10 -31.71 28.34
CA PHE D 335 14.08 -30.43 27.65
C PHE D 335 15.23 -30.28 26.70
N GLU D 336 16.22 -31.17 26.82
CA GLU D 336 17.30 -31.15 25.85
C GLU D 336 16.80 -31.45 24.45
N ASP D 337 15.64 -32.08 24.32
CA ASP D 337 15.31 -32.81 23.11
C ASP D 337 13.88 -32.50 22.66
N ALA D 338 13.73 -31.45 21.86
CA ALA D 338 12.40 -31.05 21.40
C ALA D 338 11.83 -32.05 20.40
N ASP D 381 19.06 -27.24 6.72
CA ASP D 381 18.87 -28.67 6.55
C ASP D 381 19.70 -29.48 7.54
N ALA D 382 19.11 -30.59 7.96
CA ALA D 382 19.69 -31.41 9.02
C ALA D 382 21.16 -31.67 8.79
N ARG D 383 21.59 -31.58 7.53
CA ARG D 383 23.01 -31.57 7.22
C ARG D 383 23.74 -30.75 8.26
N MET D 384 23.31 -29.52 8.43
CA MET D 384 23.95 -28.68 9.42
C MET D 384 23.77 -29.23 10.81
N LYS D 385 22.56 -29.22 11.37
CA LYS D 385 22.44 -29.44 12.81
C LYS D 385 23.18 -30.70 13.20
N CYS D 386 23.12 -31.71 12.35
CA CYS D 386 23.92 -32.90 12.57
C CYS D 386 25.39 -32.53 12.69
N VAL D 387 25.98 -32.04 11.60
CA VAL D 387 27.42 -31.86 11.64
C VAL D 387 27.79 -30.95 12.78
N ASP D 388 26.90 -30.06 13.17
CA ASP D 388 27.21 -29.15 14.25
C ASP D 388 27.30 -29.91 15.57
N THR D 389 26.29 -30.73 15.84
CA THR D 389 26.36 -31.57 17.02
C THR D 389 27.68 -32.30 17.05
N ILE D 390 28.02 -32.89 15.92
CA ILE D 390 29.34 -33.49 15.80
C ILE D 390 30.39 -32.54 16.30
N THR D 391 30.43 -31.34 15.73
CA THR D 391 31.44 -30.37 16.06
C THR D 391 31.60 -30.28 17.56
N THR D 392 30.52 -29.97 18.22
CA THR D 392 30.63 -29.80 19.64
C THR D 392 30.85 -31.09 20.37
N TYR D 393 30.87 -32.22 19.70
CA TYR D 393 31.06 -33.42 20.49
C TYR D 393 32.18 -34.32 20.00
N MET D 394 32.51 -34.30 18.75
CA MET D 394 33.70 -35.06 18.41
C MET D 394 34.72 -34.02 18.00
N PRO D 395 35.13 -33.25 18.92
CA PRO D 395 35.72 -31.95 18.62
C PRO D 395 37.11 -32.09 18.08
N TYR D 396 37.50 -33.32 17.68
CA TYR D 396 38.88 -33.63 17.23
C TYR D 396 38.90 -34.21 15.81
N GLY D 397 38.28 -35.38 15.61
CA GLY D 397 38.20 -36.06 14.31
C GLY D 397 37.84 -35.08 13.20
N THR D 398 36.74 -34.35 13.41
CA THR D 398 36.22 -33.30 12.49
C THR D 398 37.39 -32.46 11.94
N GLY D 399 38.18 -31.87 12.83
CA GLY D 399 39.33 -31.00 12.48
C GLY D 399 40.38 -31.73 11.65
N TYR D 400 40.75 -32.94 12.06
CA TYR D 400 41.79 -33.79 11.40
C TYR D 400 41.31 -34.26 10.03
N VAL D 401 39.99 -34.39 9.85
CA VAL D 401 39.35 -34.88 8.59
C VAL D 401 39.09 -33.71 7.63
N TYR D 402 39.14 -32.46 8.12
CA TYR D 402 38.91 -31.23 7.31
C TYR D 402 40.22 -30.57 6.90
N VAL D 403 41.17 -30.41 7.84
CA VAL D 403 42.49 -29.75 7.63
C VAL D 403 43.43 -30.65 6.81
N ASN D 404 43.18 -31.97 6.77
CA ASN D 404 44.01 -32.95 6.02
C ASN D 404 43.25 -33.48 4.79
N SER D 405 42.26 -32.74 4.29
CA SER D 405 41.45 -33.11 3.10
C SER D 405 41.36 -31.94 2.11
N ARG D 409 48.75 -26.94 2.91
CA ARG D 409 48.46 -26.77 4.36
C ARG D 409 49.69 -26.19 5.07
N ASP D 410 50.89 -26.39 4.51
CA ASP D 410 52.18 -25.90 5.07
C ASP D 410 52.33 -24.39 4.77
N GLN D 411 51.65 -23.89 3.72
CA GLN D 411 51.70 -22.47 3.29
C GLN D 411 50.80 -21.63 4.20
N VAL D 412 49.60 -22.14 4.51
CA VAL D 412 48.58 -21.46 5.36
C VAL D 412 49.19 -21.11 6.72
N VAL D 413 49.67 -22.12 7.46
CA VAL D 413 50.28 -21.98 8.81
C VAL D 413 51.41 -20.94 8.78
N GLU D 414 52.27 -20.98 7.75
CA GLU D 414 53.42 -20.06 7.58
C GLU D 414 52.93 -18.65 7.23
N ASP D 415 51.83 -18.56 6.47
CA ASP D 415 51.22 -17.28 6.01
C ASP D 415 50.72 -16.47 7.20
N VAL D 416 50.08 -17.14 8.17
CA VAL D 416 49.50 -16.50 9.40
C VAL D 416 50.57 -16.39 10.49
N LYS D 417 51.62 -17.21 10.43
CA LYS D 417 52.74 -17.23 11.42
C LYS D 417 53.31 -15.80 11.56
N GLN D 418 53.57 -15.13 10.44
CA GLN D 418 54.13 -13.75 10.38
C GLN D 418 53.09 -12.75 10.88
N GLN D 419 51.83 -12.89 10.45
CA GLN D 419 50.69 -12.00 10.81
C GLN D 419 50.55 -11.96 12.33
N THR D 420 50.61 -13.12 12.99
CA THR D 420 50.47 -13.28 14.47
C THR D 420 51.66 -12.60 15.17
N GLU D 421 52.87 -12.76 14.63
CA GLU D 421 54.13 -12.19 15.19
C GLU D 421 54.19 -10.68 14.89
N LEU D 422 53.50 -10.21 13.85
CA LEU D 422 53.45 -8.79 13.44
C LEU D 422 52.64 -7.98 14.45
N ILE D 423 51.40 -8.41 14.72
CA ILE D 423 50.50 -7.76 15.65
C ILE D 423 51.16 -7.70 17.01
N MET D 424 51.40 -8.87 17.58
CA MET D 424 51.93 -8.99 18.93
C MET D 424 52.96 -7.92 19.21
N LYS D 425 53.97 -7.85 18.35
CA LYS D 425 55.05 -6.90 18.61
C LYS D 425 54.55 -5.47 18.50
N THR D 426 53.75 -5.19 17.48
CA THR D 426 53.23 -3.84 17.34
C THR D 426 52.42 -3.44 18.55
N PHE D 427 51.52 -4.32 18.96
CA PHE D 427 50.80 -4.10 20.20
C PHE D 427 51.76 -3.77 21.31
N LEU D 428 52.87 -4.50 21.36
CA LEU D 428 53.85 -4.28 22.40
C LEU D 428 54.40 -2.86 22.37
N LYS D 429 54.89 -2.42 21.21
CA LYS D 429 55.83 -1.30 21.15
C LYS D 429 55.39 -0.10 21.99
N LYS D 430 54.08 0.05 22.22
CA LYS D 430 53.56 1.24 22.90
C LYS D 430 54.12 1.47 24.30
N SER D 442 56.17 -2.91 35.55
CA SER D 442 54.99 -2.50 34.81
C SER D 442 55.05 -3.06 33.40
N TYR D 443 55.32 -2.15 32.46
CA TYR D 443 55.48 -2.50 31.06
C TYR D 443 56.18 -3.85 30.90
N ARG D 444 57.24 -4.06 31.67
CA ARG D 444 58.04 -5.27 31.53
C ARG D 444 57.21 -6.52 31.76
N ARG D 445 56.35 -6.52 32.76
CA ARG D 445 55.67 -7.77 33.06
C ARG D 445 54.87 -8.25 31.87
N ALA D 446 53.83 -7.50 31.50
CA ALA D 446 53.00 -7.90 30.38
C ALA D 446 53.85 -8.10 29.14
N GLU D 447 54.91 -7.30 29.02
CA GLU D 447 55.87 -7.52 27.98
C GLU D 447 56.28 -8.97 27.94
N LYS D 448 56.83 -9.45 29.05
CA LYS D 448 57.10 -10.86 29.18
C LYS D 448 55.88 -11.67 28.78
N LYS D 449 54.77 -11.46 29.51
CA LYS D 449 53.58 -12.29 29.32
C LYS D 449 53.36 -12.61 27.86
N ILE D 450 53.29 -11.56 27.05
CA ILE D 450 53.18 -11.75 25.62
C ILE D 450 54.33 -12.59 25.12
N ASN D 451 55.54 -12.18 25.43
CA ASN D 451 56.67 -12.91 24.88
C ASN D 451 56.70 -14.36 25.32
N GLU D 452 55.80 -14.76 26.19
CA GLU D 452 55.73 -16.10 26.72
C GLU D 452 54.38 -16.75 26.47
N MET D 453 53.39 -15.96 26.10
CA MET D 453 52.09 -16.48 25.68
C MET D 453 52.27 -17.68 24.80
N HIS D 454 51.44 -18.69 25.00
CA HIS D 454 51.61 -19.91 24.23
C HIS D 454 50.83 -19.82 22.93
N ARG D 455 51.43 -19.19 21.95
CA ARG D 455 50.85 -19.17 20.62
C ARG D 455 50.54 -20.59 20.16
N ASN D 456 49.51 -20.71 19.32
CA ASN D 456 49.24 -21.98 18.64
C ASN D 456 48.41 -21.69 17.39
N TYR D 457 49.05 -21.72 16.24
CA TYR D 457 48.31 -21.56 15.01
C TYR D 457 47.35 -22.73 14.82
N GLY D 458 46.60 -22.65 13.73
CA GLY D 458 46.08 -23.85 13.13
C GLY D 458 45.22 -24.67 14.04
N TRP D 459 45.82 -25.73 14.54
CA TRP D 459 45.12 -26.78 15.23
C TRP D 459 46.16 -27.54 16.05
N PRO D 460 45.73 -28.43 16.94
CA PRO D 460 46.71 -29.17 17.75
C PRO D 460 47.82 -29.82 16.96
N LYS D 461 48.98 -30.02 17.60
CA LYS D 461 50.02 -30.78 16.93
C LYS D 461 49.91 -32.26 17.21
N LYS D 462 49.15 -32.65 18.21
CA LYS D 462 49.02 -34.08 18.40
C LYS D 462 48.00 -34.67 17.49
N LEU D 463 47.68 -33.94 16.44
CA LEU D 463 46.91 -34.46 15.35
C LEU D 463 47.92 -34.92 14.33
N ASP D 479 50.10 -40.70 9.03
CA ASP D 479 49.88 -41.71 10.07
C ASP D 479 48.72 -41.31 10.95
N ASP D 480 48.45 -42.10 12.00
CA ASP D 480 47.23 -41.91 12.77
C ASP D 480 47.36 -42.06 14.28
N TYR D 481 48.45 -42.64 14.79
CA TYR D 481 48.46 -43.25 16.11
C TYR D 481 47.70 -42.40 17.13
N TYR D 482 48.14 -41.16 17.31
CA TYR D 482 47.56 -40.31 18.33
C TYR D 482 46.06 -40.17 18.12
N SER D 483 45.68 -39.53 17.02
CA SER D 483 44.28 -39.31 16.72
C SER D 483 43.45 -40.52 17.04
N ILE D 484 43.99 -41.70 16.73
CA ILE D 484 43.36 -42.92 17.18
C ILE D 484 43.18 -42.90 18.68
N LEU D 485 44.29 -42.87 19.41
CA LEU D 485 44.22 -43.21 20.82
C LEU D 485 43.50 -42.13 21.61
N GLU D 486 43.83 -40.87 21.36
CA GLU D 486 43.23 -39.78 22.11
C GLU D 486 41.73 -39.96 22.20
N ALA D 487 41.11 -40.33 21.09
CA ALA D 487 39.69 -40.57 21.05
C ALA D 487 39.36 -42.05 21.14
N TYR D 488 40.34 -42.89 21.46
CA TYR D 488 40.07 -44.31 21.37
C TYR D 488 39.04 -44.77 22.38
N ASN D 489 38.79 -43.98 23.42
CA ASN D 489 37.79 -44.39 24.39
C ASN D 489 36.41 -44.50 23.75
N ASN D 490 36.31 -44.22 22.46
CA ASN D 490 35.06 -44.42 21.75
C ASN D 490 34.82 -45.88 21.46
N LYS D 491 33.54 -46.23 21.37
CA LYS D 491 33.16 -47.32 20.50
C LYS D 491 31.70 -47.16 20.14
N THR D 492 31.45 -47.08 18.84
CA THR D 492 30.17 -46.61 18.35
C THR D 492 29.88 -47.42 17.11
N ASP D 493 28.75 -48.11 17.10
CA ASP D 493 28.60 -49.26 16.23
C ASP D 493 27.20 -49.36 15.70
N LYS D 494 27.03 -50.12 14.63
CA LYS D 494 25.73 -50.39 14.06
C LYS D 494 25.52 -51.88 13.89
N THR D 500 19.49 -43.34 17.14
CA THR D 500 20.40 -42.32 17.64
C THR D 500 20.55 -42.41 19.13
N ILE D 501 20.86 -43.61 19.61
CA ILE D 501 21.37 -43.75 20.97
C ILE D 501 22.76 -43.16 21.03
N LEU D 502 23.39 -43.02 19.87
CA LEU D 502 24.67 -42.36 19.78
C LEU D 502 24.66 -41.07 20.57
N ASN D 503 23.66 -40.20 20.33
CA ASN D 503 23.61 -38.93 21.04
C ASN D 503 24.02 -39.09 22.48
N ILE D 504 23.35 -40.00 23.18
CA ILE D 504 23.80 -40.35 24.52
C ILE D 504 25.25 -40.76 24.46
N LEU D 505 25.55 -41.84 23.75
CA LEU D 505 26.88 -42.42 23.80
C LEU D 505 27.96 -41.35 23.69
N ARG D 506 27.88 -40.54 22.67
CA ARG D 506 28.90 -39.53 22.43
C ARG D 506 28.80 -38.38 23.42
N ARG D 507 27.67 -38.16 24.12
CA ARG D 507 27.56 -37.11 25.19
C ARG D 507 28.37 -37.58 26.40
N GLY D 508 28.33 -38.89 26.68
CA GLY D 508 29.00 -39.53 27.83
C GLY D 508 30.49 -39.69 27.64
N TYR D 509 30.98 -39.58 26.40
CA TYR D 509 32.42 -39.72 26.03
C TYR D 509 33.11 -38.35 26.05
N GLU D 510 32.43 -37.32 25.52
CA GLU D 510 32.95 -35.92 25.42
C GLU D 510 33.24 -35.35 26.81
N ASN D 511 32.25 -35.38 27.71
CA ASN D 511 32.34 -34.83 29.09
C ASN D 511 33.31 -35.66 29.94
N ARG D 512 33.49 -36.94 29.63
CA ARG D 512 34.39 -37.87 30.37
C ARG D 512 35.84 -37.67 29.90
N GLU D 513 36.01 -37.33 28.61
CA GLU D 513 37.34 -37.10 27.98
C GLU D 513 38.01 -35.87 28.59
N SER D 514 37.21 -34.87 28.99
CA SER D 514 37.65 -33.59 29.59
C SER D 514 37.83 -33.75 31.10
N PHE D 515 37.10 -34.67 31.72
CA PHE D 515 37.12 -34.96 33.18
C PHE D 515 38.25 -35.95 33.51
N ARG D 516 38.67 -36.76 32.54
CA ARG D 516 39.76 -37.77 32.69
C ARG D 516 41.12 -37.07 32.77
N ARG D 517 41.24 -35.85 32.24
CA ARG D 517 42.49 -35.04 32.23
C ARG D 517 42.87 -34.64 33.66
N LYS D 518 41.89 -34.47 34.55
CA LYS D 518 42.09 -34.07 35.97
C LYS D 518 43.25 -34.86 36.59
N ASN D 519 43.23 -36.19 36.48
CA ASN D 519 44.25 -37.11 37.05
C ASN D 519 45.65 -36.71 36.55
N GLU D 520 45.78 -36.40 35.25
CA GLU D 520 47.06 -36.01 34.60
C GLU D 520 47.48 -34.61 35.05
N THR D 521 48.78 -34.31 34.95
CA THR D 521 49.39 -33.01 35.33
C THR D 521 48.96 -31.95 34.30
N ALA D 522 48.90 -30.68 34.71
CA ALA D 522 48.50 -29.53 33.87
C ALA D 522 49.49 -29.35 32.72
N ASP D 523 49.02 -28.89 31.54
CA ASP D 523 49.84 -28.67 30.33
C ASP D 523 49.73 -27.21 29.90
N ARG D 524 50.48 -26.81 28.88
CA ARG D 524 50.51 -25.42 28.31
C ARG D 524 50.05 -25.41 26.85
N THR D 525 49.60 -26.54 26.30
CA THR D 525 49.34 -26.74 24.88
C THR D 525 47.90 -27.12 24.60
N ASN D 526 47.08 -27.25 25.61
CA ASN D 526 45.76 -27.81 25.48
C ASN D 526 44.94 -27.11 24.42
N PHE D 527 43.85 -27.72 24.00
CA PHE D 527 43.04 -27.15 22.93
C PHE D 527 41.61 -27.14 23.42
N LEU D 528 41.05 -25.96 23.59
CA LEU D 528 39.88 -25.84 24.44
C LEU D 528 38.61 -26.26 23.73
N GLU D 529 38.65 -26.42 22.41
CA GLU D 529 37.47 -26.73 21.64
C GLU D 529 37.89 -27.17 20.24
N SER D 530 36.94 -27.73 19.49
CA SER D 530 37.21 -28.28 18.18
C SER D 530 37.93 -27.28 17.29
N PRO D 531 38.80 -27.72 16.44
CA PRO D 531 39.36 -26.81 15.46
C PRO D 531 38.45 -26.76 14.28
N ALA D 532 37.17 -26.68 14.53
CA ALA D 532 36.22 -26.72 13.45
C ALA D 532 35.52 -25.41 13.21
N SER D 533 35.11 -24.70 14.25
CA SER D 533 34.31 -23.51 14.08
C SER D 533 35.16 -22.27 14.31
N VAL D 534 34.50 -21.13 14.39
CA VAL D 534 35.20 -19.86 14.26
C VAL D 534 34.95 -18.93 15.44
N ASN D 535 35.87 -18.94 16.39
CA ASN D 535 36.09 -17.80 17.26
C ASN D 535 37.41 -18.02 17.97
N ALA D 536 38.31 -17.06 17.86
CA ALA D 536 39.63 -17.31 18.39
C ALA D 536 39.55 -17.33 19.89
N TRP D 537 39.30 -18.49 20.45
CA TRP D 537 39.03 -18.45 21.87
C TRP D 537 40.35 -18.37 22.58
N TYR D 538 40.32 -17.83 23.79
CA TYR D 538 41.56 -17.62 24.51
C TYR D 538 41.39 -17.96 25.97
N ALA D 539 42.25 -18.78 26.44
CA ALA D 539 42.17 -19.08 27.85
C ALA D 539 43.24 -18.27 28.56
N PRO D 540 42.86 -17.27 29.35
CA PRO D 540 43.80 -16.75 30.33
C PRO D 540 44.13 -17.81 31.35
N GLU D 541 43.32 -18.86 31.39
CA GLU D 541 43.50 -19.94 32.32
C GLU D 541 44.88 -20.52 32.16
N LEU D 542 45.16 -21.12 31.02
CA LEU D 542 46.52 -21.60 30.96
C LEU D 542 47.37 -20.40 30.59
N ASN D 543 47.51 -20.17 29.29
CA ASN D 543 47.73 -18.88 28.66
C ASN D 543 47.71 -19.20 27.18
N SER D 544 46.62 -18.92 26.48
CA SER D 544 46.67 -19.36 25.11
C SER D 544 45.64 -18.71 24.21
N LEU D 545 46.12 -18.03 23.19
CA LEU D 545 45.35 -17.85 21.99
C LEU D 545 44.92 -19.19 21.45
N THR D 546 43.91 -19.16 20.62
CA THR D 546 43.57 -20.33 19.85
C THR D 546 42.82 -19.82 18.64
N LEU D 547 43.41 -20.00 17.47
CA LEU D 547 42.86 -19.55 16.20
C LEU D 547 42.61 -20.80 15.41
N PRO D 548 41.54 -21.51 15.68
CA PRO D 548 41.34 -22.81 15.05
C PRO D 548 41.34 -22.66 13.56
N PHE D 549 41.93 -23.64 12.89
CA PHE D 549 42.22 -23.51 11.48
C PHE D 549 40.99 -23.12 10.70
N GLY D 550 39.82 -23.53 11.16
CA GLY D 550 38.62 -23.19 10.43
C GLY D 550 38.54 -21.72 10.10
N ILE D 551 38.90 -20.87 11.04
CA ILE D 551 38.64 -19.46 10.86
C ILE D 551 39.38 -18.96 9.63
N LEU D 552 40.65 -19.26 9.54
CA LEU D 552 41.44 -18.58 8.54
C LEU D 552 40.97 -19.04 7.16
N THR D 553 40.02 -18.30 6.61
CA THR D 553 39.20 -18.82 5.53
C THR D 553 38.55 -17.66 4.79
N SER D 554 37.47 -17.94 4.11
CA SER D 554 36.61 -16.94 3.51
C SER D 554 36.25 -15.91 4.57
N PRO D 555 35.48 -14.88 4.25
CA PRO D 555 36.02 -13.53 4.38
C PRO D 555 36.52 -13.18 5.76
N HIS D 556 37.54 -13.91 6.19
CA HIS D 556 38.48 -13.35 7.14
C HIS D 556 39.83 -13.36 6.48
N TYR D 557 40.24 -14.51 5.96
CA TYR D 557 41.51 -14.59 5.26
C TYR D 557 41.65 -15.87 4.47
N ASP D 558 41.82 -15.72 3.18
CA ASP D 558 42.23 -16.86 2.39
C ASP D 558 43.54 -16.52 1.72
N LEU D 559 44.29 -17.56 1.41
CA LEU D 559 45.73 -17.52 1.24
C LEU D 559 46.24 -16.36 0.40
N GLN D 560 45.44 -15.80 -0.50
CA GLN D 560 45.98 -14.84 -1.43
C GLN D 560 45.21 -13.55 -1.56
N PHE D 561 44.64 -13.05 -0.50
CA PHE D 561 43.87 -11.86 -0.78
C PHE D 561 44.71 -10.63 -0.53
N PRO D 562 44.26 -9.49 -1.01
CA PRO D 562 44.91 -8.24 -0.63
C PRO D 562 45.14 -8.19 0.87
N LYS D 563 46.39 -7.93 1.23
CA LYS D 563 46.77 -7.86 2.64
C LYS D 563 45.79 -7.03 3.42
N ALA D 564 45.12 -6.09 2.76
CA ALA D 564 43.96 -5.44 3.34
C ALA D 564 43.14 -6.43 4.13
N PHE D 565 42.77 -7.54 3.52
CA PHE D 565 41.86 -8.43 4.20
C PHE D 565 42.55 -9.19 5.30
N ASN D 566 43.50 -10.03 4.93
CA ASN D 566 44.11 -10.92 5.89
C ASN D 566 44.47 -10.18 7.16
N PHE D 567 44.82 -8.90 7.03
CA PHE D 567 44.89 -8.13 8.26
C PHE D 567 43.50 -7.93 8.84
N ALA D 568 42.57 -7.41 8.06
CA ALA D 568 41.24 -7.17 8.63
C ALA D 568 40.56 -8.45 9.07
N GLY D 569 41.02 -9.59 8.60
CA GLY D 569 40.42 -10.84 9.02
C GLY D 569 41.21 -11.45 10.14
N SER D 570 42.01 -12.46 9.84
CA SER D 570 42.81 -13.12 10.85
C SER D 570 43.43 -12.10 11.77
N GLY D 571 44.26 -11.24 11.20
CA GLY D 571 44.90 -10.22 12.00
C GLY D 571 43.97 -9.65 13.03
N THR D 572 42.75 -9.32 12.62
CA THR D 572 41.80 -8.78 13.58
C THR D 572 41.53 -9.77 14.68
N VAL D 573 40.84 -10.86 14.35
CA VAL D 573 40.28 -11.67 15.42
C VAL D 573 41.40 -12.18 16.30
N GLY D 574 42.57 -12.39 15.74
CA GLY D 574 43.75 -12.47 16.54
C GLY D 574 43.79 -11.31 17.51
N GLY D 575 43.97 -10.10 17.02
CA GLY D 575 44.22 -8.99 17.92
C GLY D 575 43.13 -8.82 18.95
N HIS D 576 41.88 -8.82 18.50
CA HIS D 576 40.77 -8.87 19.43
C HIS D 576 40.94 -9.96 20.46
N GLU D 577 41.59 -11.05 20.09
CA GLU D 577 41.75 -12.03 21.13
C GLU D 577 42.87 -11.66 22.04
N LEU D 578 44.06 -11.54 21.45
CA LEU D 578 45.27 -11.24 22.15
C LEU D 578 45.02 -10.27 23.27
N VAL D 579 44.38 -9.16 22.94
CA VAL D 579 44.28 -8.13 23.93
C VAL D 579 43.54 -8.60 25.16
N HIS D 580 42.76 -9.67 25.08
CA HIS D 580 42.10 -10.12 26.29
C HIS D 580 43.05 -10.18 27.46
N GLY D 581 44.31 -10.48 27.22
CA GLY D 581 45.24 -10.54 28.33
C GLY D 581 45.45 -9.22 29.02
N PHE D 582 44.69 -8.20 28.65
CA PHE D 582 44.93 -6.89 29.21
C PHE D 582 43.64 -6.13 29.46
N ASP D 583 42.52 -6.83 29.59
CA ASP D 583 41.25 -6.23 29.97
C ASP D 583 41.03 -6.39 31.46
N ASP D 584 39.81 -6.22 31.87
CA ASP D 584 39.21 -6.49 33.16
C ASP D 584 39.72 -7.71 33.81
N GLU D 585 39.84 -8.78 33.06
CA GLU D 585 40.36 -10.05 33.58
C GLU D 585 41.85 -10.15 33.31
N GLY D 586 42.24 -10.10 32.05
CA GLY D 586 43.58 -10.36 31.61
C GLY D 586 44.62 -9.74 32.50
N VAL D 587 44.29 -8.61 33.11
CA VAL D 587 45.22 -8.04 34.06
C VAL D 587 45.52 -9.04 35.16
N GLN D 588 44.50 -9.66 35.73
CA GLN D 588 44.74 -10.35 36.99
C GLN D 588 45.30 -11.74 36.75
N PHE D 589 45.84 -11.99 35.58
CA PHE D 589 46.60 -13.22 35.38
C PHE D 589 47.99 -12.95 34.88
N ASP D 590 48.95 -13.72 35.37
CA ASP D 590 50.30 -13.67 34.86
C ASP D 590 50.65 -14.94 34.10
N TYR D 591 51.56 -14.78 33.14
CA TYR D 591 51.81 -15.79 32.11
C TYR D 591 51.87 -17.19 32.67
N ASP D 592 52.28 -17.31 33.92
CA ASP D 592 52.18 -18.59 34.57
C ASP D 592 50.75 -19.04 34.44
N GLY D 593 49.83 -18.17 34.80
CA GLY D 593 48.49 -18.63 35.02
C GLY D 593 48.19 -18.41 36.47
N SER D 594 48.74 -17.33 37.01
CA SER D 594 48.54 -17.04 38.41
C SER D 594 48.30 -15.54 38.59
N LEU D 595 48.43 -15.11 39.84
CA LEU D 595 47.81 -13.90 40.34
C LEU D 595 48.79 -13.19 41.24
N ALA D 596 48.28 -12.27 42.06
CA ALA D 596 49.09 -11.64 43.11
C ALA D 596 48.23 -11.15 44.26
N GLY D 610 50.63 1.60 39.09
CA GLY D 610 49.80 2.67 38.58
C GLY D 610 48.61 2.15 37.83
N LYS D 611 48.46 0.82 37.83
CA LYS D 611 47.43 0.16 37.03
C LYS D 611 46.07 0.81 37.19
N ASN D 612 45.83 1.46 38.31
CA ASN D 612 44.64 2.29 38.46
C ASN D 612 44.41 3.16 37.24
N GLY D 613 45.46 3.72 36.68
CA GLY D 613 45.28 4.54 35.50
C GLY D 613 44.39 3.87 34.49
N PHE D 614 44.77 2.67 34.06
CA PHE D 614 43.93 1.90 33.15
C PHE D 614 42.50 1.82 33.64
N LYS D 615 42.31 1.50 34.92
CA LYS D 615 40.96 1.33 35.44
C LYS D 615 40.12 2.54 35.12
N ASP D 616 40.71 3.73 35.18
CA ASP D 616 39.98 4.91 34.77
C ASP D 616 39.30 4.66 33.43
N MET D 617 40.09 4.35 32.40
CA MET D 617 39.58 4.11 31.06
C MET D 617 38.30 3.32 31.05
N ALA D 618 38.21 2.32 31.93
CA ALA D 618 37.00 1.50 31.96
C ALA D 618 35.78 2.37 32.01
N GLN D 619 35.62 3.10 33.10
CA GLN D 619 34.50 4.03 33.20
C GLN D 619 34.34 4.75 31.87
N CYS D 620 35.43 5.37 31.39
CA CYS D 620 35.37 6.12 30.15
C CYS D 620 34.62 5.36 29.07
N VAL D 621 35.16 4.23 28.64
CA VAL D 621 34.51 3.51 27.56
C VAL D 621 33.07 3.24 27.93
N VAL D 622 32.87 2.52 29.03
CA VAL D 622 31.54 2.03 29.32
C VAL D 622 30.58 3.20 29.41
N THR D 623 31.10 4.36 29.81
CA THR D 623 30.23 5.52 29.87
C THR D 623 29.95 6.03 28.47
N GLN D 624 31.00 6.42 27.76
CA GLN D 624 30.81 6.93 26.40
C GLN D 624 30.00 5.95 25.60
N TYR D 625 30.40 4.69 25.64
CA TYR D 625 29.65 3.65 25.00
C TYR D 625 28.18 3.73 25.40
N ASN D 626 27.92 3.64 26.69
CA ASN D 626 26.55 3.69 27.19
C ASN D 626 25.82 4.93 26.74
N ALA D 627 26.53 5.97 26.36
CA ALA D 627 25.84 7.09 25.73
C ALA D 627 25.27 6.70 24.38
N GLN D 628 25.57 5.51 23.90
CA GLN D 628 24.98 4.99 22.69
C GLN D 628 24.25 3.70 23.00
N CYS D 629 23.49 3.23 22.02
CA CYS D 629 22.39 2.30 22.26
C CYS D 629 22.33 1.28 21.15
N CYS D 630 21.18 0.57 21.07
CA CYS D 630 20.82 -0.43 20.08
C CYS D 630 19.57 0.02 19.33
N PRO D 631 19.17 -0.63 18.24
CA PRO D 631 18.22 0.00 17.32
C PRO D 631 16.76 -0.40 17.46
N ALA D 632 16.40 -1.42 18.23
CA ALA D 632 15.01 -1.90 18.23
C ALA D 632 14.05 -0.87 18.78
N CYS D 639 16.63 -2.39 27.53
CA CYS D 639 17.25 -2.31 26.18
C CYS D 639 18.06 -1.01 26.07
N ALA D 640 18.80 -0.85 24.96
CA ALA D 640 19.64 0.33 24.66
C ALA D 640 20.80 0.63 25.62
N ASN D 641 21.43 -0.42 26.15
CA ASN D 641 22.44 -0.37 27.25
C ASN D 641 23.52 -1.42 26.98
N GLY D 642 24.65 -1.34 27.69
CA GLY D 642 25.78 -2.27 27.56
C GLY D 642 26.92 -1.95 28.51
N ALA D 643 26.73 -2.23 29.81
CA ALA D 643 27.72 -2.00 30.89
C ALA D 643 28.41 -3.31 31.32
N HIS D 644 28.08 -4.46 30.71
CA HIS D 644 28.66 -5.73 31.04
C HIS D 644 29.75 -6.11 30.08
N THR D 645 29.70 -5.57 28.88
CA THR D 645 30.47 -6.07 27.75
C THR D 645 31.71 -5.26 27.49
N GLN D 646 31.97 -4.26 28.31
CA GLN D 646 33.22 -3.53 28.17
C GLN D 646 34.37 -4.50 28.07
N GLY D 647 34.21 -5.70 28.59
CA GLY D 647 35.19 -6.72 28.34
C GLY D 647 35.40 -6.86 26.85
N GLU D 648 34.44 -7.45 26.14
CA GLU D 648 34.71 -7.60 24.72
C GLU D 648 34.73 -6.27 24.02
N ASN D 649 34.07 -5.27 24.55
CA ASN D 649 34.12 -4.01 23.85
C ASN D 649 35.56 -3.53 23.73
N ILE D 650 36.25 -3.43 24.87
CA ILE D 650 37.63 -2.96 24.85
C ILE D 650 38.51 -3.96 24.13
N ALA D 651 38.18 -5.23 24.27
CA ALA D 651 38.95 -6.22 23.51
C ALA D 651 38.95 -5.86 22.04
N ASP D 652 37.79 -5.53 21.51
CA ASP D 652 37.75 -5.05 20.14
C ASP D 652 38.61 -3.82 19.98
N LEU D 653 38.20 -2.74 20.63
CA LEU D 653 38.83 -1.46 20.38
C LEU D 653 40.31 -1.62 20.26
N GLY D 654 40.92 -2.17 21.30
CA GLY D 654 42.34 -2.42 21.24
C GLY D 654 42.68 -3.28 20.04
N GLY D 655 42.28 -4.55 20.08
CA GLY D 655 42.77 -5.50 19.10
C GLY D 655 42.85 -4.88 17.72
N LEU D 656 41.75 -4.28 17.28
CA LEU D 656 41.75 -3.72 15.94
C LEU D 656 42.69 -2.53 15.87
N GLN D 657 42.41 -1.50 16.65
CA GLN D 657 43.18 -0.27 16.65
C GLN D 657 44.67 -0.54 16.57
N ALA D 658 45.10 -1.61 17.20
CA ALA D 658 46.48 -2.05 17.06
C ALA D 658 46.70 -2.66 15.69
N SER D 659 46.01 -3.75 15.40
CA SER D 659 46.17 -4.47 14.15
C SER D 659 46.35 -3.54 12.97
N TYR D 660 45.45 -2.58 12.86
CA TYR D 660 45.55 -1.63 11.77
C TYR D 660 46.91 -1.00 11.73
N ASN D 661 47.37 -0.50 12.87
CA ASN D 661 48.71 0.04 12.90
C ASN D 661 49.69 -0.99 12.38
N ALA D 662 49.44 -2.25 12.71
CA ALA D 662 50.35 -3.29 12.28
C ALA D 662 50.42 -3.34 10.77
N TYR D 663 49.26 -3.36 10.13
CA TYR D 663 49.23 -3.39 8.68
C TYR D 663 49.91 -2.18 8.11
N LYS D 664 49.59 -1.02 8.66
CA LYS D 664 50.26 0.18 8.23
C LYS D 664 51.76 -0.05 8.20
N GLU D 665 52.29 -0.60 9.27
CA GLU D 665 53.70 -0.89 9.31
C GLU D 665 54.11 -1.82 8.18
N TYR D 666 53.51 -3.00 8.18
CA TYR D 666 53.77 -4.00 7.15
C TYR D 666 53.95 -3.34 5.81
N ILE D 667 53.00 -2.50 5.43
CA ILE D 667 53.13 -1.92 4.11
C ILE D 667 54.16 -0.82 4.12
N LYS D 668 54.42 -0.21 5.26
CA LYS D 668 55.52 0.72 5.30
C LYS D 668 56.81 0.04 4.91
N MET D 669 56.86 -1.28 5.06
CA MET D 669 58.01 -2.01 4.54
C MET D 669 58.06 -1.97 3.02
N LYS D 670 56.92 -2.02 2.34
CA LYS D 670 56.98 -2.16 0.89
C LYS D 670 56.43 -0.98 0.09
N GLY D 671 55.15 -0.67 0.28
CA GLY D 671 54.55 0.48 -0.38
C GLY D 671 53.93 0.27 -1.74
N ALA D 672 53.52 -0.96 -2.08
CA ALA D 672 52.94 -1.19 -3.40
C ALA D 672 51.66 -2.04 -3.38
N GLU D 673 51.46 -2.88 -2.36
CA GLU D 673 50.36 -3.84 -2.31
C GLU D 673 49.00 -3.15 -2.39
N GLU D 674 49.04 -1.83 -2.48
CA GLU D 674 47.90 -0.97 -2.56
C GLU D 674 47.04 -1.22 -3.78
N MET D 675 47.38 -2.23 -4.59
CA MET D 675 46.59 -2.48 -5.78
C MET D 675 45.13 -2.64 -5.37
N ARG D 676 44.30 -1.69 -5.74
CA ARG D 676 42.95 -1.65 -5.20
C ARG D 676 42.10 -2.72 -5.84
N LEU D 677 41.26 -3.42 -5.05
CA LEU D 677 40.42 -4.56 -5.51
C LEU D 677 39.59 -4.18 -6.75
N PRO D 678 39.45 -5.06 -7.77
CA PRO D 678 38.65 -4.75 -8.96
C PRO D 678 37.15 -4.85 -8.64
N GLY D 679 36.32 -4.11 -9.39
CA GLY D 679 34.85 -4.05 -9.21
C GLY D 679 34.43 -3.06 -8.13
N LEU D 680 35.35 -2.22 -7.64
CA LEU D 680 35.16 -1.20 -6.59
C LEU D 680 36.41 -0.31 -6.58
N GLU D 681 36.45 0.72 -7.42
CA GLU D 681 37.61 1.63 -7.60
C GLU D 681 37.36 3.00 -6.94
N LYS D 682 36.55 3.08 -5.89
CA LYS D 682 36.29 4.36 -5.19
C LYS D 682 36.79 4.34 -3.74
N PHE D 683 37.46 3.26 -3.29
CA PHE D 683 38.06 3.23 -1.97
C PHE D 683 39.54 2.99 -2.11
N THR D 684 40.30 3.57 -1.20
CA THR D 684 41.73 3.33 -1.13
C THR D 684 41.98 2.13 -0.25
N PRO D 685 43.17 1.60 -0.24
CA PRO D 685 43.44 0.45 0.63
C PRO D 685 42.85 0.65 2.00
N ASN D 686 43.30 1.68 2.69
CA ASN D 686 42.89 1.87 4.07
C ASN D 686 41.38 1.83 4.18
N GLN D 687 40.72 2.57 3.30
CA GLN D 687 39.28 2.46 3.20
C GLN D 687 38.86 1.01 3.23
N ILE D 688 39.37 0.24 2.27
CA ILE D 688 38.98 -1.16 2.16
C ILE D 688 39.08 -1.80 3.52
N PHE D 689 40.29 -1.77 4.07
CA PHE D 689 40.56 -2.38 5.36
C PHE D 689 39.40 -2.16 6.28
N TRP D 690 39.01 -0.91 6.45
CA TRP D 690 37.84 -0.70 7.27
C TRP D 690 36.66 -1.47 6.72
N ILE D 691 36.34 -1.21 5.46
CA ILE D 691 35.11 -1.74 4.87
C ILE D 691 34.99 -3.21 5.20
N SER D 692 36.02 -3.96 4.87
CA SER D 692 36.13 -5.32 5.32
C SER D 692 35.76 -5.42 6.77
N TYR D 693 36.50 -4.74 7.63
CA TYR D 693 36.35 -5.00 9.04
C TYR D 693 34.92 -4.91 9.44
N GLY D 694 34.29 -3.80 9.11
CA GLY D 694 32.86 -3.73 9.28
C GLY D 694 32.16 -4.97 8.79
N TYR D 695 32.33 -5.30 7.51
CA TYR D 695 31.58 -6.40 6.95
C TYR D 695 31.75 -7.65 7.76
N SER D 696 32.82 -7.73 8.50
CA SER D 696 33.04 -8.97 9.20
C SER D 696 31.90 -9.22 10.16
N TRP D 697 31.13 -8.20 10.48
CA TRP D 697 30.25 -8.29 11.62
C TRP D 697 28.76 -8.36 11.34
N CYS D 698 28.32 -8.15 10.10
CA CYS D 698 26.91 -7.84 9.84
C CYS D 698 26.00 -8.99 10.23
N ALA D 699 24.70 -8.69 10.32
CA ALA D 699 23.72 -9.67 10.76
C ALA D 699 22.32 -9.10 10.66
N LYS D 700 21.33 -9.93 10.37
CA LYS D 700 19.94 -9.47 10.29
C LYS D 700 19.07 -10.37 11.15
N GLU D 701 18.49 -9.82 12.21
CA GLU D 701 17.96 -10.66 13.27
C GLU D 701 16.55 -10.24 13.65
N THR D 702 15.75 -11.24 14.00
CA THR D 702 14.44 -10.98 14.58
C THR D 702 14.56 -10.20 15.86
N GLN D 703 13.64 -9.25 16.04
CA GLN D 703 13.74 -8.32 17.16
C GLN D 703 13.77 -9.07 18.48
N SER D 704 12.96 -10.12 18.59
CA SER D 704 12.91 -10.87 19.84
C SER D 704 14.29 -11.35 20.23
N SER D 705 14.89 -12.19 19.39
CA SER D 705 16.21 -12.65 19.70
C SER D 705 17.17 -11.50 19.89
N LEU D 706 16.91 -10.34 19.29
CA LEU D 706 17.81 -9.22 19.52
C LEU D 706 17.76 -8.78 20.96
N VAL D 707 16.56 -8.55 21.49
CA VAL D 707 16.50 -8.09 22.86
C VAL D 707 16.99 -9.17 23.81
N LYS D 708 16.76 -10.44 23.49
CA LYS D 708 17.31 -11.48 24.34
C LYS D 708 18.83 -11.49 24.27
N ARG D 709 19.35 -11.50 23.06
CA ARG D 709 20.78 -11.40 22.84
C ARG D 709 21.38 -10.30 23.69
N LEU D 710 20.73 -9.15 23.70
CA LEU D 710 21.26 -8.02 24.43
C LEU D 710 21.68 -8.42 25.83
N LEU D 711 20.79 -9.09 26.57
CA LEU D 711 21.07 -9.49 27.94
C LEU D 711 21.47 -10.95 28.10
N THR D 712 21.96 -11.60 27.05
CA THR D 712 22.48 -12.96 27.22
C THR D 712 23.88 -13.14 26.65
N ASN D 713 24.72 -12.13 26.66
CA ASN D 713 26.05 -12.40 26.11
C ASN D 713 27.15 -11.49 26.60
N PRO D 714 28.42 -11.85 26.37
CA PRO D 714 29.49 -10.87 26.42
C PRO D 714 29.71 -10.28 25.04
N HIS D 715 28.76 -9.49 24.59
CA HIS D 715 28.91 -8.82 23.32
C HIS D 715 28.14 -7.53 23.35
N SER D 716 28.68 -6.54 22.69
CA SER D 716 27.88 -5.49 22.22
C SER D 716 26.84 -6.09 21.29
N PRO D 717 25.79 -5.35 20.98
CA PRO D 717 24.91 -5.76 19.88
C PRO D 717 25.45 -5.20 18.58
N ASN D 718 25.74 -6.09 17.64
CA ASN D 718 26.71 -5.84 16.59
C ASN D 718 26.70 -4.42 16.05
N SER D 719 25.52 -3.89 15.74
CA SER D 719 25.49 -2.54 15.21
C SER D 719 26.16 -1.59 16.17
N CYS D 720 25.77 -1.66 17.43
CA CYS D 720 26.48 -0.87 18.42
C CYS D 720 27.97 -1.13 18.32
N ARG D 721 28.36 -2.38 18.08
CA ARG D 721 29.78 -2.69 18.04
C ARG D 721 30.46 -1.90 16.96
N VAL D 722 30.10 -2.15 15.73
CA VAL D 722 30.79 -1.52 14.62
C VAL D 722 30.79 -0.03 14.80
N ASN D 723 29.60 0.57 14.88
CA ASN D 723 29.54 2.01 14.95
C ASN D 723 30.40 2.54 16.07
N GLN D 724 30.29 1.95 17.25
CA GLN D 724 30.95 2.56 18.37
C GLN D 724 32.46 2.39 18.26
N VAL D 725 32.93 1.15 18.15
CA VAL D 725 34.36 0.96 18.08
C VAL D 725 34.95 1.80 16.97
N LEU D 726 34.15 2.19 15.99
CA LEU D 726 34.72 3.12 15.04
C LEU D 726 34.54 4.56 15.46
N GLN D 727 33.63 4.83 16.37
CA GLN D 727 33.60 6.19 16.89
C GLN D 727 34.90 6.54 17.57
N ASP D 728 35.78 5.56 17.73
CA ASP D 728 36.93 5.75 18.58
C ASP D 728 38.24 5.78 17.82
N ILE D 729 38.51 4.74 17.04
CA ILE D 729 39.75 4.71 16.29
C ILE D 729 39.89 6.03 15.56
N PRO D 730 40.95 6.78 15.79
CA PRO D 730 41.10 8.00 15.01
C PRO D 730 41.41 7.73 13.57
N SER D 731 42.36 6.83 13.31
CA SER D 731 42.86 6.61 11.96
C SER D 731 41.73 6.36 10.98
N PHE D 732 40.67 5.71 11.44
CA PHE D 732 39.49 5.55 10.61
C PHE D 732 38.90 6.88 10.23
N ALA D 733 38.38 7.62 11.21
CA ALA D 733 37.84 8.94 10.93
C ALA D 733 38.75 9.70 9.99
N LYS D 734 40.06 9.55 10.18
CA LYS D 734 41.00 10.18 9.28
C LYS D 734 40.78 9.71 7.85
N ASP D 735 41.04 8.42 7.60
CA ASP D 735 40.99 7.91 6.24
C ASP D 735 39.70 8.29 5.56
N PHE D 736 38.65 8.42 6.32
CA PHE D 736 37.42 8.87 5.70
C PHE D 736 37.26 10.36 5.76
N GLN D 737 38.09 11.06 6.54
CA GLN D 737 38.07 12.52 6.67
C GLN D 737 36.65 13.06 6.75
N CYS D 738 35.75 12.30 7.35
CA CYS D 738 34.41 12.79 7.58
C CYS D 738 34.52 13.99 8.50
N ALA D 739 34.30 15.17 7.96
CA ALA D 739 34.61 16.37 8.71
C ALA D 739 33.77 16.44 9.97
N LEU D 740 34.14 17.40 10.82
CA LEU D 740 33.52 17.56 12.11
C LEU D 740 32.01 17.67 12.00
N GLY D 741 31.33 17.39 13.10
CA GLY D 741 29.91 17.60 13.15
C GLY D 741 29.14 16.39 12.68
N GLN D 742 29.57 15.79 11.59
CA GLN D 742 28.89 14.58 11.14
C GLN D 742 29.01 13.51 12.21
N LYS D 743 27.94 12.77 12.43
CA LYS D 743 27.81 12.08 13.70
C LYS D 743 28.70 10.85 13.73
N MET D 744 29.97 11.05 13.46
CA MET D 744 30.92 10.00 13.77
C MET D 744 32.26 10.56 14.20
N TYR D 745 32.36 11.84 14.50
CA TYR D 745 33.66 12.50 14.66
C TYR D 745 33.56 13.58 15.72
N PRO D 746 33.37 13.20 16.97
CA PRO D 746 33.45 14.16 18.05
C PRO D 746 34.79 14.12 18.75
N PRO D 747 35.89 14.49 18.09
CA PRO D 747 37.19 14.35 18.75
C PRO D 747 37.34 15.27 19.95
N ALA D 748 36.40 16.18 20.15
CA ALA D 748 36.51 17.21 21.16
C ALA D 748 36.77 16.58 22.52
N GLU D 749 35.82 15.81 23.03
CA GLU D 749 36.18 14.80 24.00
C GLU D 749 36.70 13.60 23.24
N GLN D 750 37.97 13.31 23.45
CA GLN D 750 38.65 12.39 22.56
C GLN D 750 38.20 10.98 22.86
N ARG D 751 38.90 10.03 22.27
CA ARG D 751 38.52 8.63 22.31
C ARG D 751 39.51 7.87 23.16
N CYS D 752 39.03 7.38 24.29
CA CYS D 752 39.90 6.66 25.21
C CYS D 752 40.50 5.44 24.53
N LYS D 753 41.64 5.01 25.03
CA LYS D 753 42.56 4.18 24.29
C LYS D 753 43.06 3.05 25.17
N VAL D 754 43.74 2.10 24.54
CA VAL D 754 44.57 1.16 25.26
C VAL D 754 45.55 0.54 24.30
N THR E 12 -52.18 -39.96 -27.83
CA THR E 12 -51.41 -40.87 -28.66
C THR E 12 -50.37 -40.11 -29.45
N GLU E 13 -49.82 -40.77 -30.46
CA GLU E 13 -49.00 -40.07 -31.44
C GLU E 13 -49.88 -39.64 -32.61
N TYR E 14 -51.16 -39.42 -32.34
CA TYR E 14 -52.12 -39.08 -33.37
C TYR E 14 -53.25 -38.28 -32.74
N LEU E 15 -53.73 -37.28 -33.47
CA LEU E 15 -54.84 -36.42 -33.02
C LEU E 15 -55.47 -35.79 -34.26
N ALA E 16 -56.37 -34.85 -34.04
CA ALA E 16 -57.16 -34.28 -35.14
C ALA E 16 -57.13 -32.76 -35.07
N LYS E 17 -57.75 -32.13 -36.07
CA LYS E 17 -57.75 -30.69 -36.22
C LYS E 17 -59.16 -30.14 -36.01
N ILE E 18 -59.24 -29.01 -35.33
CA ILE E 18 -60.47 -28.24 -35.22
C ILE E 18 -60.14 -26.78 -35.48
N THR E 19 -61.15 -26.03 -35.89
CA THR E 19 -60.95 -24.63 -36.25
C THR E 19 -61.74 -23.71 -35.33
N ILE E 20 -61.58 -22.42 -35.55
CA ILE E 20 -62.28 -21.42 -34.77
C ILE E 20 -62.44 -20.13 -35.57
N GLY E 24 -61.62 -19.14 -40.08
CA GLY E 24 -61.44 -20.49 -39.57
C GLY E 24 -60.07 -20.69 -38.96
N GLN E 25 -60.02 -20.91 -37.64
CA GLN E 25 -58.75 -21.05 -36.95
C GLN E 25 -58.38 -22.52 -36.88
N SER E 26 -58.11 -23.09 -38.05
CA SER E 26 -57.72 -24.49 -38.15
C SER E 26 -56.50 -24.78 -37.31
N PHE E 27 -56.49 -25.96 -36.67
CA PHE E 27 -55.38 -26.37 -35.84
C PHE E 27 -55.44 -27.88 -35.63
N HIS E 28 -54.41 -28.58 -36.08
CA HIS E 28 -54.27 -30.00 -35.81
C HIS E 28 -53.72 -30.17 -34.42
N VAL E 29 -54.61 -30.16 -33.43
CA VAL E 29 -54.19 -30.09 -32.03
C VAL E 29 -54.71 -31.30 -31.29
N VAL E 30 -54.47 -31.36 -29.99
CA VAL E 30 -54.88 -32.48 -29.17
C VAL E 30 -55.88 -31.96 -28.14
N LEU E 31 -57.13 -32.39 -28.28
CA LEU E 31 -58.09 -32.26 -27.19
C LEU E 31 -57.83 -33.41 -26.24
N ASP E 32 -57.83 -33.12 -24.96
CA ASP E 32 -57.42 -34.07 -23.93
C ASP E 32 -58.34 -33.97 -22.72
N THR E 33 -58.87 -35.10 -22.30
CA THR E 33 -59.54 -35.19 -21.01
C THR E 33 -58.53 -34.87 -19.92
N GLY E 34 -58.87 -33.94 -19.03
CA GLY E 34 -58.01 -33.62 -17.92
C GLY E 34 -57.57 -32.18 -17.90
N SER E 35 -57.83 -31.47 -18.98
CA SER E 35 -57.42 -30.08 -19.09
C SER E 35 -58.64 -29.18 -19.17
N ALA E 36 -58.40 -27.90 -18.95
CA ALA E 36 -59.48 -26.93 -18.82
C ALA E 36 -59.12 -25.61 -19.51
N ASN E 37 -58.59 -25.70 -20.73
CA ASN E 37 -58.19 -24.48 -21.41
C ASN E 37 -57.96 -24.73 -22.89
N LEU E 38 -57.88 -23.64 -23.64
CA LEU E 38 -57.45 -23.66 -25.03
C LEU E 38 -55.99 -23.24 -25.08
N TRP E 39 -55.10 -24.15 -24.72
CA TRP E 39 -53.66 -23.87 -24.73
C TRP E 39 -53.27 -23.83 -26.20
N ILE E 40 -53.64 -22.74 -26.87
CA ILE E 40 -53.50 -22.63 -28.31
C ILE E 40 -52.60 -21.45 -28.62
N PRO E 41 -51.78 -21.53 -29.66
CA PRO E 41 -50.75 -20.52 -29.87
C PRO E 41 -51.32 -19.12 -30.06
N ASP E 42 -50.42 -18.14 -30.00
CA ASP E 42 -50.70 -16.77 -30.40
C ASP E 42 -49.70 -16.37 -31.48
N ASN E 43 -50.17 -16.32 -32.72
CA ASN E 43 -49.30 -16.18 -33.89
C ASN E 43 -48.33 -15.01 -33.76
N ILE E 44 -48.61 -14.07 -32.88
CA ILE E 44 -47.69 -12.96 -32.67
C ILE E 44 -46.35 -13.51 -32.21
N CYS E 45 -45.27 -12.87 -32.65
CA CYS E 45 -43.93 -13.23 -32.20
C CYS E 45 -42.92 -12.17 -32.58
N VAL E 46 -41.98 -11.92 -31.66
CA VAL E 46 -40.73 -11.21 -31.93
C VAL E 46 -39.61 -12.16 -31.59
N ASN E 47 -39.14 -12.91 -32.58
CA ASN E 47 -38.13 -13.94 -32.39
C ASN E 47 -38.54 -14.94 -31.33
N PRO E 86 -41.39 -20.60 -30.50
CA PRO E 86 -41.94 -20.43 -31.84
C PRO E 86 -43.34 -19.79 -31.86
N CYS E 87 -43.52 -18.62 -31.23
CA CYS E 87 -44.81 -17.95 -31.17
C CYS E 87 -45.28 -17.44 -32.53
N LYS E 88 -44.40 -17.47 -33.53
CA LYS E 88 -44.81 -17.47 -34.93
C LYS E 88 -44.02 -18.54 -35.69
N GLY E 89 -43.85 -19.72 -35.09
CA GLY E 89 -43.07 -20.79 -35.69
C GLY E 89 -43.60 -22.20 -35.44
N LYS E 90 -44.89 -22.30 -35.09
CA LYS E 90 -45.55 -23.60 -34.94
C LYS E 90 -46.96 -23.54 -35.50
N SER E 91 -47.18 -22.70 -36.51
CA SER E 91 -48.47 -22.57 -37.21
C SER E 91 -49.59 -22.17 -36.24
N GLY E 92 -49.45 -20.98 -35.69
CA GLY E 92 -50.47 -20.43 -34.81
C GLY E 92 -51.53 -19.65 -35.56
N PHE E 93 -52.41 -19.03 -34.80
CA PHE E 93 -53.50 -18.22 -35.34
C PHE E 93 -53.55 -16.89 -34.63
N ASP E 94 -54.39 -16.00 -35.14
CA ASP E 94 -54.47 -14.66 -34.58
C ASP E 94 -55.82 -14.05 -34.92
N SER E 95 -56.35 -13.29 -33.96
CA SER E 95 -57.64 -12.62 -34.14
C SER E 95 -57.60 -11.54 -35.21
N THR E 96 -56.41 -11.12 -35.63
CA THR E 96 -56.30 -9.96 -36.52
C THR E 96 -57.05 -10.21 -37.83
N GLN E 97 -56.59 -11.18 -38.61
CA GLN E 97 -57.28 -11.51 -39.84
C GLN E 97 -58.62 -12.18 -39.59
N SER E 98 -59.02 -12.34 -38.34
CA SER E 98 -60.19 -13.12 -38.01
C SER E 98 -61.40 -12.23 -37.77
N THR E 99 -62.52 -12.57 -38.40
CA THR E 99 -63.76 -11.85 -38.19
C THR E 99 -64.51 -12.34 -36.95
N SER E 100 -64.71 -13.65 -36.86
CA SER E 100 -65.35 -14.21 -35.68
C SER E 100 -64.59 -13.86 -34.41
N TYR E 101 -63.28 -13.66 -34.49
CA TYR E 101 -62.49 -13.32 -33.32
C TYR E 101 -62.61 -11.84 -32.99
N ALA E 102 -63.86 -11.40 -32.86
CA ALA E 102 -64.15 -10.08 -32.34
C ALA E 102 -63.93 -10.03 -30.84
N LYS E 103 -63.25 -11.05 -30.30
CA LYS E 103 -62.99 -11.19 -28.87
C LYS E 103 -62.71 -9.84 -28.22
N ILE E 104 -63.52 -9.51 -27.21
CA ILE E 104 -63.33 -8.28 -26.49
C ILE E 104 -62.05 -8.37 -25.69
N THR E 105 -61.10 -7.53 -26.01
CA THR E 105 -59.87 -7.57 -25.23
C THR E 105 -60.13 -6.92 -23.87
N PRO E 106 -60.37 -7.71 -22.85
CA PRO E 106 -60.29 -7.18 -21.48
C PRO E 106 -58.86 -7.23 -21.00
N LYS E 107 -58.64 -6.95 -19.72
CA LYS E 107 -57.32 -7.17 -19.16
C LYS E 107 -57.00 -8.65 -18.95
N LYS E 108 -57.82 -9.55 -19.49
CA LYS E 108 -57.63 -10.98 -19.28
C LYS E 108 -56.25 -11.41 -19.76
N TYR E 109 -55.59 -12.22 -18.93
CA TYR E 109 -54.27 -12.75 -19.25
C TYR E 109 -54.37 -14.26 -19.16
N PHE E 110 -54.46 -14.92 -20.30
CA PHE E 110 -54.66 -16.37 -20.31
C PHE E 110 -53.34 -17.00 -19.87
N GLU E 111 -52.99 -16.74 -18.63
CA GLU E 111 -51.75 -17.20 -18.02
C GLU E 111 -52.08 -18.51 -17.33
N ILE E 112 -51.60 -19.62 -17.91
CA ILE E 112 -52.03 -20.94 -17.49
C ILE E 112 -50.83 -21.70 -16.97
N VAL E 113 -51.09 -22.94 -16.57
CA VAL E 113 -50.04 -23.87 -16.18
C VAL E 113 -50.43 -25.23 -16.73
N TYR E 114 -49.78 -25.65 -17.79
CA TYR E 114 -50.06 -26.99 -18.27
C TYR E 114 -49.46 -28.04 -17.43
N GLY E 115 -48.93 -27.63 -16.28
CA GLY E 115 -48.26 -28.54 -15.40
C GLY E 115 -46.92 -28.91 -15.97
N THR E 116 -46.92 -29.65 -17.06
CA THR E 116 -45.67 -30.08 -17.68
C THR E 116 -44.98 -28.97 -18.45
N GLY E 117 -45.56 -27.79 -18.56
CA GLY E 117 -44.97 -26.74 -19.36
C GLY E 117 -45.45 -25.37 -18.98
N PHE E 118 -44.71 -24.37 -19.42
CA PHE E 118 -45.03 -22.97 -19.19
C PHE E 118 -46.16 -22.54 -20.11
N ALA E 119 -47.08 -21.74 -19.56
CA ALA E 119 -48.28 -21.39 -20.28
C ALA E 119 -48.73 -19.99 -19.89
N LYS E 120 -49.00 -19.16 -20.90
CA LYS E 120 -49.59 -17.85 -20.71
C LYS E 120 -49.96 -17.27 -22.06
N GLY E 121 -51.09 -16.58 -22.11
CA GLY E 121 -51.53 -15.98 -23.34
C GLY E 121 -52.62 -14.98 -23.11
N PHE E 122 -53.21 -14.55 -24.22
CA PHE E 122 -54.40 -13.72 -24.19
C PHE E 122 -55.64 -14.60 -24.17
N LEU E 123 -56.74 -14.02 -23.69
CA LEU E 123 -57.99 -14.74 -23.54
C LEU E 123 -59.08 -14.01 -24.30
N GLY E 124 -59.69 -14.71 -25.26
CA GLY E 124 -60.71 -14.09 -26.09
C GLY E 124 -62.04 -14.82 -26.07
N ASN E 125 -62.93 -14.49 -27.00
CA ASN E 125 -64.25 -15.10 -27.06
C ASN E 125 -64.68 -15.15 -28.51
N ASP E 126 -64.98 -16.35 -28.98
CA ASP E 126 -65.34 -16.60 -30.37
C ASP E 126 -65.96 -17.99 -30.46
N THR E 127 -66.20 -18.44 -31.69
CA THR E 127 -66.78 -19.75 -31.97
C THR E 127 -65.72 -20.64 -32.61
N VAL E 128 -65.93 -21.96 -32.56
CA VAL E 128 -64.88 -22.89 -32.93
C VAL E 128 -65.46 -24.18 -33.50
N ARG E 129 -64.86 -24.66 -34.58
CA ARG E 129 -65.15 -26.01 -35.06
C ARG E 129 -64.66 -27.04 -34.04
N PHE E 130 -65.21 -28.25 -34.11
CA PHE E 130 -65.04 -29.21 -33.03
C PHE E 130 -64.26 -30.46 -33.41
N GLY E 131 -64.03 -30.73 -34.70
CA GLY E 131 -63.23 -31.88 -35.08
C GLY E 131 -63.95 -33.21 -35.08
N GLU E 132 -63.19 -34.31 -35.17
CA GLU E 132 -63.76 -35.66 -35.31
C GLU E 132 -64.41 -36.05 -33.99
N GLU E 133 -65.70 -35.78 -33.88
CA GLU E 133 -66.41 -35.85 -32.62
C GLU E 133 -67.64 -36.76 -32.71
N GLY E 134 -68.15 -37.13 -31.54
CA GLY E 134 -69.31 -37.99 -31.42
C GLY E 134 -70.62 -37.32 -31.67
N ASN E 135 -70.79 -36.08 -31.23
CA ASN E 135 -71.90 -35.29 -31.70
C ASN E 135 -71.85 -35.09 -33.20
N ASN E 136 -70.67 -35.30 -33.81
CA ASN E 136 -70.48 -35.24 -35.25
C ASN E 136 -71.04 -33.94 -35.82
N LYS E 137 -70.95 -32.86 -35.03
CA LYS E 137 -71.44 -31.56 -35.48
C LYS E 137 -70.53 -30.50 -34.87
N THR E 138 -69.66 -29.91 -35.69
CA THR E 138 -68.65 -28.99 -35.19
C THR E 138 -69.35 -27.70 -34.79
N LEU E 139 -70.06 -27.75 -33.67
CA LEU E 139 -70.85 -26.62 -33.21
C LEU E 139 -69.91 -25.49 -32.82
N VAL E 140 -69.93 -24.41 -33.59
CA VAL E 140 -69.08 -23.27 -33.30
C VAL E 140 -69.79 -22.38 -32.29
N VAL E 141 -69.58 -22.65 -31.01
CA VAL E 141 -70.22 -21.88 -29.96
C VAL E 141 -69.47 -20.58 -29.76
N PRO E 142 -70.09 -19.44 -30.01
CA PRO E 142 -69.38 -18.16 -29.85
C PRO E 142 -69.22 -17.80 -28.39
N GLY E 143 -68.65 -16.62 -28.17
CA GLY E 143 -68.41 -16.10 -26.84
C GLY E 143 -67.39 -16.93 -26.07
N THR E 144 -66.87 -17.95 -26.73
CA THR E 144 -66.03 -18.94 -26.09
C THR E 144 -64.64 -18.38 -25.86
N VAL E 145 -64.17 -18.46 -24.61
CA VAL E 145 -62.84 -18.00 -24.28
C VAL E 145 -61.81 -18.83 -25.05
N PHE E 146 -61.03 -18.15 -25.86
CA PHE E 146 -59.98 -18.76 -26.64
C PHE E 146 -58.65 -18.39 -26.04
N GLY E 147 -57.80 -19.39 -25.85
CA GLY E 147 -56.49 -19.15 -25.28
C GLY E 147 -55.42 -18.99 -26.35
N GLN E 148 -54.99 -17.76 -26.58
CA GLN E 148 -53.93 -17.47 -27.54
C GLN E 148 -52.62 -17.48 -26.80
N ALA E 149 -51.85 -18.56 -26.96
CA ALA E 149 -50.69 -18.78 -26.11
C ALA E 149 -49.60 -17.78 -26.41
N VAL E 150 -49.28 -16.96 -25.41
CA VAL E 150 -48.14 -16.06 -25.52
C VAL E 150 -46.88 -16.69 -24.94
N GLN E 151 -46.99 -17.47 -23.88
CA GLN E 151 -45.80 -17.91 -23.18
C GLN E 151 -45.14 -19.07 -23.90
N ILE E 152 -44.23 -19.72 -23.19
CA ILE E 152 -43.44 -20.82 -23.69
C ILE E 152 -44.33 -22.00 -24.03
N GLY E 153 -43.75 -22.97 -24.72
CA GLY E 153 -44.46 -24.14 -25.19
C GLY E 153 -44.13 -24.38 -26.64
N ASP E 154 -44.00 -23.28 -27.39
CA ASP E 154 -43.76 -23.31 -28.83
C ASP E 154 -42.33 -23.74 -29.10
N PRO E 155 -41.34 -23.00 -28.65
CA PRO E 155 -40.02 -23.60 -28.50
C PRO E 155 -39.80 -24.18 -27.11
N PHE E 156 -40.78 -24.90 -26.55
CA PHE E 156 -40.62 -25.65 -25.30
C PHE E 156 -41.13 -27.08 -25.40
N ALA E 157 -42.20 -27.31 -26.14
CA ALA E 157 -42.63 -28.64 -26.53
C ALA E 157 -42.66 -28.72 -28.05
N ASN E 158 -41.75 -29.52 -28.61
CA ASN E 158 -41.50 -29.50 -30.04
C ASN E 158 -42.35 -30.48 -30.84
N ASN E 159 -43.23 -31.22 -30.19
CA ASN E 159 -44.10 -32.15 -30.90
C ASN E 159 -44.96 -31.39 -31.90
N PRO E 160 -45.53 -32.06 -32.87
CA PRO E 160 -46.33 -31.34 -33.87
C PRO E 160 -47.64 -30.84 -33.31
N ILE E 161 -47.82 -30.96 -32.00
CA ILE E 161 -49.08 -30.57 -31.37
C ILE E 161 -49.37 -29.11 -31.69
N ASN E 162 -50.50 -28.85 -32.34
CA ASN E 162 -50.91 -27.47 -32.53
C ASN E 162 -51.31 -26.82 -31.22
N GLY E 163 -51.77 -27.59 -30.25
CA GLY E 163 -52.17 -27.03 -28.98
C GLY E 163 -52.99 -28.01 -28.19
N ILE E 164 -53.45 -27.53 -27.04
CA ILE E 164 -54.21 -28.34 -26.10
C ILE E 164 -55.64 -27.82 -26.07
N LEU E 165 -56.60 -28.73 -26.21
CA LEU E 165 -58.02 -28.40 -26.12
C LEU E 165 -58.58 -29.21 -24.96
N GLY E 166 -58.83 -28.55 -23.84
CA GLY E 166 -59.09 -29.23 -22.59
C GLY E 166 -60.39 -30.02 -22.58
N LEU E 167 -60.52 -30.84 -21.54
CA LEU E 167 -61.76 -31.54 -21.26
C LEU E 167 -61.74 -31.98 -19.81
N GLY E 168 -62.86 -31.78 -19.12
CA GLY E 168 -62.96 -32.15 -17.74
C GLY E 168 -64.10 -31.40 -17.05
N PHE E 169 -64.16 -31.58 -15.74
CA PHE E 169 -65.21 -30.95 -14.95
C PHE E 169 -65.10 -29.43 -15.03
N ARG E 170 -66.23 -28.79 -15.34
CA ARG E 170 -66.23 -27.33 -15.51
C ARG E 170 -65.74 -26.63 -14.25
N GLY E 171 -66.16 -27.11 -13.08
CA GLY E 171 -65.63 -26.57 -11.86
C GLY E 171 -64.13 -26.70 -11.77
N LEU E 172 -63.59 -27.80 -12.26
CA LEU E 172 -62.14 -28.01 -12.24
C LEU E 172 -61.39 -27.05 -13.13
N ALA E 173 -62.08 -26.12 -13.78
CA ALA E 173 -61.42 -25.19 -14.68
C ALA E 173 -60.41 -24.32 -13.92
N GLN E 174 -59.43 -23.83 -14.67
CA GLN E 174 -58.50 -22.82 -14.18
C GLN E 174 -58.76 -21.52 -14.93
N ALA E 175 -58.50 -20.42 -14.24
CA ALA E 175 -58.62 -19.07 -14.80
C ALA E 175 -60.06 -18.73 -15.18
N GLY E 176 -61.03 -19.48 -14.68
CA GLY E 176 -62.42 -19.07 -14.79
C GLY E 176 -62.95 -18.94 -16.20
N VAL E 177 -63.13 -20.05 -16.90
CA VAL E 177 -63.75 -20.05 -18.21
C VAL E 177 -64.53 -21.35 -18.38
N THR E 178 -65.81 -21.23 -18.73
CA THR E 178 -66.62 -22.42 -18.97
C THR E 178 -66.02 -23.23 -20.12
N PRO E 179 -65.70 -24.49 -19.90
CA PRO E 179 -65.01 -25.27 -20.93
C PRO E 179 -65.88 -25.41 -22.16
N PRO E 180 -65.27 -25.84 -23.28
CA PRO E 180 -66.09 -26.14 -24.47
C PRO E 180 -67.31 -26.96 -24.13
N LEU E 181 -67.14 -28.02 -23.35
CA LEU E 181 -68.29 -28.81 -22.93
C LEU E 181 -69.25 -27.98 -22.08
N GLN E 182 -68.70 -27.11 -21.23
CA GLN E 182 -69.55 -26.35 -20.33
C GLN E 182 -70.53 -25.48 -21.12
N ARG E 183 -70.00 -24.54 -21.89
CA ARG E 183 -70.85 -23.72 -22.74
C ARG E 183 -71.62 -24.57 -23.74
N ALA E 184 -71.07 -25.72 -24.13
CA ALA E 184 -71.75 -26.58 -25.09
C ALA E 184 -73.08 -27.06 -24.55
N ILE E 185 -73.06 -27.67 -23.38
CA ILE E 185 -74.30 -28.00 -22.69
C ILE E 185 -75.12 -26.74 -22.52
N ASP E 186 -74.48 -25.65 -22.09
CA ASP E 186 -75.17 -24.37 -22.03
C ASP E 186 -75.76 -24.00 -23.38
N LEU E 187 -75.02 -24.28 -24.45
CA LEU E 187 -75.52 -24.11 -25.80
C LEU E 187 -76.32 -25.32 -26.27
N LYS E 188 -76.84 -26.11 -25.35
CA LYS E 188 -77.63 -27.30 -25.67
C LYS E 188 -76.78 -28.27 -26.51
N LEU E 189 -75.76 -28.80 -25.87
CA LEU E 189 -74.91 -29.79 -26.49
C LEU E 189 -75.73 -31.02 -26.89
N VAL E 190 -75.11 -31.90 -27.67
CA VAL E 190 -75.80 -33.10 -28.12
C VAL E 190 -76.17 -33.98 -26.93
N ASP E 191 -75.16 -34.45 -26.19
CA ASP E 191 -75.39 -35.30 -25.05
C ASP E 191 -74.21 -35.20 -24.11
N PRO E 192 -74.44 -34.90 -22.84
CA PRO E 192 -73.34 -34.73 -21.89
C PRO E 192 -72.63 -36.03 -21.55
N ILE E 193 -72.16 -36.73 -22.59
CA ILE E 193 -71.39 -37.95 -22.42
C ILE E 193 -70.52 -38.12 -23.66
N PHE E 194 -69.23 -38.34 -23.42
CA PHE E 194 -68.25 -38.39 -24.50
C PHE E 194 -67.29 -39.54 -24.25
N THR E 195 -67.14 -40.37 -25.28
CA THR E 195 -66.36 -41.59 -25.21
C THR E 195 -65.09 -41.44 -26.03
N VAL E 196 -64.32 -42.52 -26.07
CA VAL E 196 -63.03 -42.54 -26.77
C VAL E 196 -63.24 -43.13 -28.16
N TYR E 197 -63.58 -42.28 -29.15
CA TYR E 197 -63.89 -42.76 -30.48
C TYR E 197 -62.57 -42.96 -31.22
N MET E 198 -61.66 -43.68 -30.58
CA MET E 198 -60.33 -43.88 -31.12
C MET E 198 -59.97 -45.34 -31.01
N LYS E 199 -59.28 -45.86 -32.02
CA LYS E 199 -58.71 -47.19 -32.00
C LYS E 199 -57.28 -47.01 -31.50
N GLN E 200 -57.13 -46.90 -30.18
CA GLN E 200 -55.87 -46.45 -29.61
C GLN E 200 -54.74 -47.45 -29.80
N LEU E 201 -54.84 -48.66 -29.26
CA LEU E 201 -53.82 -49.67 -29.53
C LEU E 201 -53.75 -49.93 -31.02
N GLY E 202 -54.88 -49.85 -31.71
CA GLY E 202 -54.89 -50.03 -33.15
C GLY E 202 -54.03 -48.98 -33.83
N ALA E 203 -53.36 -49.41 -34.90
CA ALA E 203 -52.51 -48.53 -35.69
C ALA E 203 -51.39 -47.91 -34.86
N LYS E 204 -50.61 -48.74 -34.18
CA LYS E 204 -49.52 -48.23 -33.37
C LYS E 204 -48.38 -47.74 -34.26
N ALA E 205 -47.48 -46.97 -33.64
CA ALA E 205 -46.25 -46.49 -34.28
C ALA E 205 -46.52 -45.58 -35.48
N LYS E 206 -47.21 -44.46 -35.27
CA LYS E 206 -47.48 -43.51 -36.33
C LYS E 206 -47.76 -42.13 -35.74
N GLY E 207 -47.19 -41.10 -36.37
CA GLY E 207 -47.38 -39.74 -35.91
C GLY E 207 -48.60 -39.02 -36.47
N GLN E 208 -49.48 -39.71 -37.18
CA GLN E 208 -50.58 -39.05 -37.88
C GLN E 208 -51.82 -39.93 -37.78
N ASP E 209 -52.84 -39.57 -38.58
CA ASP E 209 -54.08 -40.32 -38.71
C ASP E 209 -54.88 -40.34 -37.41
N GLY E 210 -54.90 -39.19 -36.72
CA GLY E 210 -55.64 -39.08 -35.48
C GLY E 210 -57.09 -39.50 -35.60
N GLY E 211 -57.58 -40.20 -34.59
CA GLY E 211 -58.89 -40.80 -34.66
C GLY E 211 -59.98 -39.83 -34.27
N ALA E 212 -60.83 -40.21 -33.32
CA ALA E 212 -61.94 -39.36 -32.95
C ALA E 212 -62.28 -39.49 -31.47
N PHE E 213 -62.94 -38.46 -30.97
CA PHE E 213 -63.55 -38.50 -29.65
C PHE E 213 -65.05 -38.62 -29.85
N THR E 214 -65.67 -39.58 -29.17
CA THR E 214 -67.11 -39.70 -29.22
C THR E 214 -67.69 -38.57 -28.39
N TYR E 215 -67.41 -37.34 -28.81
CA TYR E 215 -67.84 -36.14 -28.09
C TYR E 215 -69.34 -36.01 -28.25
N GLY E 216 -70.08 -36.28 -27.18
CA GLY E 216 -71.52 -36.21 -27.23
C GLY E 216 -72.13 -37.53 -27.68
N GLY E 217 -72.99 -38.06 -26.83
CA GLY E 217 -73.64 -39.30 -27.14
C GLY E 217 -72.72 -40.51 -26.96
N LEU E 218 -73.22 -41.64 -27.44
CA LEU E 218 -72.53 -42.92 -27.36
C LEU E 218 -72.30 -43.43 -28.79
N ASP E 219 -71.11 -43.15 -29.32
CA ASP E 219 -70.80 -43.53 -30.69
C ASP E 219 -70.56 -45.03 -30.80
N SER E 220 -71.62 -45.80 -30.95
CA SER E 220 -71.48 -47.23 -31.11
C SER E 220 -70.58 -47.59 -32.28
N VAL E 221 -70.41 -46.68 -33.24
CA VAL E 221 -69.63 -46.97 -34.43
C VAL E 221 -68.17 -47.33 -34.13
N ASN E 222 -67.71 -47.11 -32.90
CA ASN E 222 -66.32 -47.38 -32.61
C ASN E 222 -66.08 -48.78 -32.04
N CYS E 223 -66.65 -49.09 -30.88
CA CYS E 223 -66.35 -50.34 -30.19
C CYS E 223 -67.55 -51.26 -30.02
N GLY E 224 -68.61 -50.79 -29.37
CA GLY E 224 -69.79 -51.58 -29.14
C GLY E 224 -70.00 -52.17 -27.75
N GLN E 225 -68.94 -52.25 -26.95
CA GLN E 225 -69.03 -52.91 -25.65
C GLN E 225 -69.99 -52.18 -24.73
N GLU E 226 -70.39 -52.87 -23.65
CA GLU E 226 -71.43 -52.38 -22.77
C GLU E 226 -70.98 -51.12 -22.03
N ILE E 227 -71.95 -50.38 -21.52
CA ILE E 227 -71.70 -49.11 -20.85
C ILE E 227 -71.54 -49.38 -19.36
N ALA E 228 -70.29 -49.58 -18.93
CA ALA E 228 -70.01 -49.71 -17.51
C ALA E 228 -70.07 -48.30 -16.91
N TYR E 229 -71.29 -47.81 -16.74
CA TYR E 229 -71.50 -46.51 -16.13
C TYR E 229 -70.96 -46.53 -14.71
N VAL E 230 -70.14 -45.53 -14.37
CA VAL E 230 -69.50 -45.49 -13.06
C VAL E 230 -69.36 -44.05 -12.63
N ASP E 231 -70.06 -43.67 -11.56
CA ASP E 231 -69.86 -42.36 -10.99
C ASP E 231 -68.41 -42.20 -10.56
N LEU E 232 -67.84 -41.04 -10.86
CA LEU E 232 -66.42 -40.82 -10.59
C LEU E 232 -66.15 -40.79 -9.09
N THR E 233 -64.87 -40.83 -8.76
CA THR E 233 -64.48 -40.70 -7.35
C THR E 233 -64.94 -39.35 -6.79
N ARG E 234 -64.42 -38.26 -7.33
CA ARG E 234 -64.80 -36.93 -6.91
C ARG E 234 -64.99 -36.06 -8.15
N PRO E 235 -65.95 -35.13 -8.14
CA PRO E 235 -66.17 -34.31 -9.35
C PRO E 235 -65.01 -33.44 -9.73
N LEU E 236 -64.03 -33.23 -8.84
CA LEU E 236 -62.91 -32.35 -9.12
C LEU E 236 -62.12 -32.77 -10.35
N TYR E 237 -62.32 -33.97 -10.86
CA TYR E 237 -61.69 -34.43 -12.09
C TYR E 237 -62.43 -35.69 -12.53
N TRP E 238 -61.88 -36.36 -13.54
CA TRP E 238 -62.41 -37.66 -13.97
C TRP E 238 -61.62 -38.79 -13.32
N GLN E 239 -61.56 -38.78 -11.99
CA GLN E 239 -60.84 -39.78 -11.24
C GLN E 239 -61.79 -40.80 -10.66
N PHE E 240 -61.28 -42.01 -10.44
CA PHE E 240 -62.06 -43.09 -9.87
C PHE E 240 -61.31 -43.64 -8.67
N LYS E 241 -61.91 -44.65 -8.02
CA LYS E 241 -61.29 -45.34 -6.91
C LYS E 241 -61.07 -46.79 -7.33
N MET E 242 -59.80 -47.19 -7.39
CA MET E 242 -59.44 -48.51 -7.87
C MET E 242 -59.63 -49.54 -6.78
N GLU E 243 -60.35 -50.61 -7.11
CA GLU E 243 -60.55 -51.69 -6.17
C GLU E 243 -59.24 -52.38 -5.85
N GLY E 255 -56.34 -52.09 -2.72
CA GLY E 255 -57.19 -50.95 -2.95
C GLY E 255 -56.42 -49.65 -3.05
N TRP E 256 -56.90 -48.73 -3.88
CA TRP E 256 -56.18 -47.48 -4.13
C TRP E 256 -57.14 -46.53 -4.83
N GLU E 257 -56.61 -45.39 -5.29
CA GLU E 257 -57.36 -44.47 -6.12
C GLU E 257 -56.95 -44.69 -7.58
N VAL E 258 -57.40 -43.83 -8.48
CA VAL E 258 -57.08 -43.96 -9.89
C VAL E 258 -57.35 -42.65 -10.61
N ILE E 259 -56.44 -42.29 -11.51
CA ILE E 259 -56.60 -41.12 -12.36
C ILE E 259 -57.04 -41.58 -13.74
N SER E 260 -58.06 -40.96 -14.27
CA SER E 260 -58.56 -41.30 -15.60
C SER E 260 -58.74 -40.01 -16.40
N ASP E 261 -58.02 -39.90 -17.50
CA ASP E 261 -58.09 -38.73 -18.38
C ASP E 261 -57.37 -39.06 -19.68
N THR E 262 -57.26 -38.06 -20.55
CA THR E 262 -56.63 -38.26 -21.84
C THR E 262 -55.40 -37.37 -21.95
N GLY E 263 -54.30 -37.95 -22.42
CA GLY E 263 -53.11 -37.16 -22.69
C GLY E 263 -51.83 -37.76 -22.16
N THR E 264 -51.92 -38.94 -21.55
CA THR E 264 -50.78 -39.57 -20.91
C THR E 264 -50.31 -40.73 -21.77
N SER E 265 -49.20 -40.52 -22.48
CA SER E 265 -48.59 -41.62 -23.22
C SER E 265 -48.31 -42.78 -22.29
N PHE E 266 -47.42 -42.56 -21.32
CA PHE E 266 -47.26 -43.54 -20.26
C PHE E 266 -48.50 -43.55 -19.37
N MET E 267 -48.47 -44.42 -18.36
CA MET E 267 -49.61 -44.61 -17.48
C MET E 267 -49.17 -44.43 -16.04
N GLY E 268 -49.68 -43.40 -15.38
CA GLY E 268 -49.35 -43.15 -13.99
C GLY E 268 -49.98 -44.21 -13.09
N VAL E 269 -49.26 -44.55 -12.03
CA VAL E 269 -49.72 -45.48 -11.00
C VAL E 269 -48.68 -45.46 -9.91
N PRO E 270 -48.99 -45.94 -8.70
CA PRO E 270 -48.06 -45.77 -7.58
C PRO E 270 -46.65 -46.21 -7.94
N THR E 271 -45.76 -45.22 -8.00
CA THR E 271 -44.45 -45.47 -8.59
C THR E 271 -43.67 -46.51 -7.80
N ALA E 272 -43.88 -46.57 -6.49
CA ALA E 272 -43.25 -47.62 -5.70
C ALA E 272 -43.63 -48.98 -6.23
N ILE E 273 -44.92 -49.30 -6.15
CA ILE E 273 -45.39 -50.57 -6.69
C ILE E 273 -45.12 -50.64 -8.18
N ALA E 274 -45.00 -49.50 -8.84
CA ALA E 274 -44.70 -49.53 -10.26
C ALA E 274 -43.35 -50.17 -10.51
N ASP E 275 -42.32 -49.69 -9.83
CA ASP E 275 -41.03 -50.34 -9.93
C ASP E 275 -41.11 -51.77 -9.43
N LEU E 276 -41.93 -51.99 -8.41
CA LEU E 276 -42.13 -53.34 -7.92
C LEU E 276 -42.60 -54.25 -9.05
N VAL E 277 -43.43 -53.73 -9.93
CA VAL E 277 -43.94 -54.54 -11.04
C VAL E 277 -42.91 -54.62 -12.15
N ALA E 278 -42.20 -53.52 -12.38
CA ALA E 278 -41.07 -53.54 -13.31
C ALA E 278 -40.17 -54.72 -13.00
N ASP E 279 -39.98 -54.99 -11.71
CA ASP E 279 -39.41 -56.25 -11.29
C ASP E 279 -40.34 -57.41 -11.64
N SER E 280 -41.57 -57.37 -11.11
CA SER E 280 -42.53 -58.45 -11.32
C SER E 280 -42.80 -58.70 -12.79
N TYR E 281 -42.43 -57.78 -13.66
CA TYR E 281 -42.38 -58.03 -15.09
C TYR E 281 -40.97 -58.09 -15.62
N GLY E 282 -39.96 -57.98 -14.76
CA GLY E 282 -38.59 -58.01 -15.21
C GLY E 282 -38.25 -56.90 -16.18
N GLY E 283 -38.94 -55.78 -16.10
CA GLY E 283 -38.74 -54.72 -17.07
C GLY E 283 -37.56 -53.84 -16.71
N GLN E 284 -37.06 -53.10 -17.71
CA GLN E 284 -35.95 -52.20 -17.51
C GLN E 284 -36.47 -50.83 -17.08
N TYR E 285 -36.23 -50.47 -15.82
CA TYR E 285 -36.50 -49.11 -15.36
C TYR E 285 -35.56 -48.18 -16.11
N ASP E 286 -36.13 -47.34 -16.99
CA ASP E 286 -35.32 -46.65 -17.99
C ASP E 286 -34.19 -45.86 -17.35
N GLU E 287 -34.42 -45.31 -16.17
CA GLU E 287 -33.48 -44.50 -15.41
C GLU E 287 -33.17 -43.19 -16.11
N MET E 288 -33.62 -43.01 -17.34
CA MET E 288 -33.63 -41.73 -18.03
C MET E 288 -35.05 -41.30 -18.35
N PHE E 289 -35.82 -42.17 -18.98
CA PHE E 289 -37.26 -42.14 -18.80
C PHE E 289 -37.66 -42.76 -17.48
N GLU E 290 -36.71 -43.34 -16.75
CA GLU E 290 -36.92 -43.80 -15.37
C GLU E 290 -37.98 -44.89 -15.29
N ILE E 291 -38.46 -45.34 -16.43
CA ILE E 291 -39.69 -46.11 -16.52
C ILE E 291 -39.40 -47.41 -17.25
N TYR E 292 -40.46 -48.16 -17.52
CA TYR E 292 -40.33 -49.51 -18.04
C TYR E 292 -39.83 -49.45 -19.48
N THR E 293 -38.52 -49.24 -19.63
CA THR E 293 -37.90 -49.44 -20.92
C THR E 293 -38.21 -50.85 -21.38
N VAL E 294 -38.95 -50.94 -22.50
CA VAL E 294 -39.52 -52.21 -22.92
C VAL E 294 -38.43 -53.26 -23.01
N ASP E 295 -38.71 -54.43 -22.45
CA ASP E 295 -37.81 -55.58 -22.55
C ASP E 295 -38.02 -56.37 -23.83
N CYS E 296 -38.79 -55.84 -24.78
CA CYS E 296 -39.01 -56.44 -26.09
C CYS E 296 -39.58 -57.85 -26.00
N ASN E 297 -40.15 -58.22 -24.86
CA ASN E 297 -40.71 -59.55 -24.65
C ASN E 297 -42.21 -59.45 -24.45
N ALA E 298 -42.82 -60.58 -24.15
CA ALA E 298 -44.24 -60.63 -23.79
C ALA E 298 -44.39 -60.60 -22.27
N THR E 299 -44.09 -59.44 -21.71
CA THR E 299 -44.05 -59.27 -20.26
C THR E 299 -45.46 -59.22 -19.71
N VAL E 300 -45.57 -58.91 -18.42
CA VAL E 300 -46.86 -58.97 -17.73
C VAL E 300 -47.84 -58.01 -18.39
N THR E 301 -49.11 -58.43 -18.43
CA THR E 301 -50.17 -57.59 -18.96
C THR E 301 -50.73 -56.70 -17.84
N PHE E 302 -51.42 -55.65 -18.24
CA PHE E 302 -51.95 -54.70 -17.28
C PHE E 302 -53.03 -55.39 -16.46
N GLY E 303 -52.71 -55.70 -15.21
CA GLY E 303 -53.65 -56.34 -14.32
C GLY E 303 -54.05 -55.44 -13.17
N MET E 304 -55.29 -54.98 -13.18
CA MET E 304 -55.84 -54.16 -12.11
C MET E 304 -57.31 -54.54 -11.92
N THR E 305 -57.87 -54.16 -10.78
CA THR E 305 -59.27 -54.41 -10.49
C THR E 305 -59.87 -53.11 -9.97
N ILE E 306 -60.95 -52.67 -10.59
CA ILE E 306 -61.63 -51.47 -10.10
C ILE E 306 -63.13 -51.64 -10.19
N GLY E 307 -63.77 -51.94 -9.06
CA GLY E 307 -65.20 -52.08 -8.99
C GLY E 307 -65.76 -53.03 -10.03
N GLY E 308 -65.39 -54.30 -9.94
CA GLY E 308 -65.79 -55.27 -10.95
C GLY E 308 -65.12 -55.10 -12.29
N LYS E 309 -64.51 -53.94 -12.54
CA LYS E 309 -63.74 -53.74 -13.75
C LYS E 309 -62.52 -54.62 -13.68
N GLN E 310 -62.55 -55.72 -14.42
CA GLN E 310 -61.41 -56.63 -14.52
C GLN E 310 -60.44 -56.02 -15.52
N TYR E 311 -59.66 -55.06 -15.05
CA TYR E 311 -58.77 -54.31 -15.93
C TYR E 311 -57.66 -55.26 -16.34
N LYS E 312 -57.94 -56.06 -17.35
CA LYS E 312 -56.95 -56.92 -17.97
C LYS E 312 -56.67 -56.37 -19.35
N ILE E 313 -55.49 -55.81 -19.55
CA ILE E 313 -55.14 -55.15 -20.79
C ILE E 313 -53.92 -55.84 -21.39
N GLU E 314 -53.98 -56.09 -22.70
CA GLU E 314 -52.91 -56.80 -23.38
C GLU E 314 -51.58 -56.07 -23.21
N ARG E 315 -50.58 -56.82 -22.76
CA ARG E 315 -49.23 -56.26 -22.68
C ARG E 315 -48.80 -55.69 -24.02
N LYS E 316 -49.17 -56.36 -25.11
CA LYS E 316 -48.90 -55.82 -26.44
C LYS E 316 -49.42 -54.40 -26.56
N ASN E 317 -50.64 -54.16 -26.07
CA ASN E 317 -51.18 -52.81 -26.06
C ASN E 317 -50.35 -51.87 -25.22
N LEU E 318 -49.50 -52.39 -24.34
CA LEU E 318 -48.64 -51.57 -23.49
C LEU E 318 -47.19 -51.62 -23.93
N VAL E 319 -46.94 -51.93 -25.20
CA VAL E 319 -45.59 -52.11 -25.70
C VAL E 319 -44.86 -50.78 -25.61
N LEU E 320 -43.87 -50.69 -24.71
CA LEU E 320 -43.13 -49.46 -24.49
C LEU E 320 -42.08 -49.31 -25.60
N GLU E 321 -42.55 -49.36 -26.83
CA GLU E 321 -41.66 -49.27 -27.98
C GLU E 321 -42.37 -48.74 -29.20
N ILE E 329 -43.14 -48.33 -20.08
CA ILE E 329 -44.52 -48.33 -20.54
C ILE E 329 -45.35 -47.38 -19.70
N ALA E 330 -45.66 -47.80 -18.49
CA ALA E 330 -46.45 -46.97 -17.59
C ALA E 330 -45.63 -45.77 -17.12
N MET E 331 -46.28 -44.88 -16.40
CA MET E 331 -45.64 -43.70 -15.84
C MET E 331 -45.49 -43.85 -14.34
N THR E 332 -44.31 -43.56 -13.84
CA THR E 332 -44.10 -43.56 -12.40
C THR E 332 -44.86 -42.39 -11.81
N PRO E 333 -45.99 -42.62 -11.15
CA PRO E 333 -46.73 -41.48 -10.60
C PRO E 333 -45.92 -40.76 -9.54
N LEU E 334 -45.55 -41.48 -8.48
CA LEU E 334 -44.66 -40.94 -7.45
C LEU E 334 -45.11 -39.60 -6.90
N SER E 335 -46.38 -39.26 -7.05
CA SER E 335 -46.83 -37.93 -6.65
C SER E 335 -47.08 -37.88 -5.15
N SER E 336 -47.68 -36.78 -4.71
CA SER E 336 -48.09 -36.62 -3.34
C SER E 336 -49.50 -37.18 -3.15
N VAL E 337 -50.11 -36.87 -2.00
CA VAL E 337 -51.42 -37.41 -1.70
C VAL E 337 -52.53 -36.55 -2.28
N GLY E 338 -52.19 -35.46 -2.96
CA GLY E 338 -53.20 -34.54 -3.46
C GLY E 338 -53.99 -35.06 -4.65
N PHE E 339 -53.84 -36.34 -4.99
CA PHE E 339 -54.65 -36.95 -6.02
C PHE E 339 -55.06 -38.37 -5.65
N GLY E 340 -54.73 -38.85 -4.46
CA GLY E 340 -54.90 -40.24 -4.13
C GLY E 340 -53.96 -41.09 -4.94
N PRO E 341 -54.06 -42.40 -4.83
CA PRO E 341 -53.24 -43.26 -5.68
C PRO E 341 -53.71 -43.16 -7.11
N GLN E 342 -53.69 -41.93 -7.63
CA GLN E 342 -54.38 -41.61 -8.87
C GLN E 342 -53.64 -42.25 -10.01
N TRP E 343 -53.77 -43.56 -10.12
CA TRP E 343 -53.13 -44.30 -11.19
C TRP E 343 -53.71 -43.78 -12.50
N ILE E 344 -52.90 -43.03 -13.25
CA ILE E 344 -53.35 -42.39 -14.47
C ILE E 344 -53.70 -43.44 -15.49
N LEU E 345 -54.96 -43.48 -15.91
CA LEU E 345 -55.43 -44.43 -16.91
C LEU E 345 -54.63 -44.24 -18.19
N GLY E 346 -53.90 -45.28 -18.59
CA GLY E 346 -53.06 -45.18 -19.75
C GLY E 346 -53.83 -45.01 -21.03
N ALA E 347 -53.12 -44.59 -22.06
CA ALA E 347 -53.69 -44.54 -23.39
C ALA E 347 -54.20 -45.93 -23.73
N PRO E 348 -53.48 -46.97 -23.32
CA PRO E 348 -54.05 -48.31 -23.44
C PRO E 348 -55.29 -48.49 -22.60
N PHE E 349 -55.35 -47.87 -21.41
CA PHE E 349 -56.57 -47.97 -20.61
C PHE E 349 -57.76 -47.48 -21.40
N ILE E 350 -57.54 -46.61 -22.37
CA ILE E 350 -58.55 -46.35 -23.38
C ILE E 350 -58.58 -47.48 -24.39
N ARG E 351 -57.40 -47.87 -24.89
CA ARG E 351 -57.32 -48.86 -25.96
C ARG E 351 -58.01 -50.15 -25.59
N GLN E 352 -57.67 -50.74 -24.46
CA GLN E 352 -58.29 -51.98 -24.03
C GLN E 352 -59.65 -51.75 -23.40
N TYR E 353 -59.98 -50.53 -23.03
CA TYR E 353 -61.23 -50.24 -22.35
C TYR E 353 -61.78 -48.91 -22.84
N CYS E 354 -62.84 -48.97 -23.65
CA CYS E 354 -63.53 -47.77 -24.06
C CYS E 354 -64.25 -47.15 -22.87
N ASN E 355 -64.51 -45.85 -22.96
CA ASN E 355 -65.17 -45.15 -21.87
C ASN E 355 -65.66 -43.78 -22.32
N ILE E 356 -66.60 -43.25 -21.54
CA ILE E 356 -67.23 -41.97 -21.78
C ILE E 356 -67.43 -41.26 -20.45
N HIS E 357 -67.05 -40.00 -20.41
CA HIS E 357 -67.42 -39.11 -19.31
C HIS E 357 -68.85 -38.67 -19.57
N ASP E 358 -69.77 -39.07 -18.68
CA ASP E 358 -71.18 -38.73 -18.77
C ASP E 358 -71.45 -37.58 -17.80
N MET E 359 -71.40 -36.36 -18.33
CA MET E 359 -71.53 -35.19 -17.48
C MET E 359 -72.91 -35.08 -16.86
N ARG E 360 -73.96 -35.17 -17.68
CA ARG E 360 -75.32 -35.06 -17.17
C ARG E 360 -75.58 -36.06 -16.06
N ASN E 361 -74.86 -37.18 -16.05
CA ASN E 361 -74.92 -38.13 -14.96
C ASN E 361 -73.72 -38.04 -14.04
N ASN E 362 -72.68 -37.28 -14.42
CA ASN E 362 -71.47 -37.17 -13.62
C ASN E 362 -70.91 -38.55 -13.30
N THR E 363 -70.86 -39.41 -14.32
CA THR E 363 -70.38 -40.77 -14.16
C THR E 363 -69.38 -41.09 -15.25
N ILE E 364 -68.81 -42.28 -15.17
CA ILE E 364 -67.83 -42.76 -16.14
C ILE E 364 -68.35 -44.06 -16.71
N GLY E 365 -69.04 -43.97 -17.84
CA GLY E 365 -69.37 -45.17 -18.58
C GLY E 365 -68.07 -45.76 -19.05
N PHE E 366 -67.98 -47.08 -19.03
CA PHE E 366 -66.80 -47.78 -19.50
C PHE E 366 -67.22 -48.88 -20.45
N ALA E 367 -66.39 -49.12 -21.45
CA ALA E 367 -66.61 -50.16 -22.45
C ALA E 367 -65.25 -50.69 -22.86
N GLU E 368 -65.20 -51.37 -23.99
CA GLU E 368 -63.93 -51.85 -24.53
C GLU E 368 -64.08 -51.99 -26.03
N PRO E 369 -62.97 -52.07 -26.76
CA PRO E 369 -62.89 -52.17 -28.22
C PRO E 369 -63.84 -53.23 -28.79
N THR F 12 -36.56 -61.52 21.27
CA THR F 12 -37.65 -61.71 22.22
C THR F 12 -37.21 -61.30 23.61
N GLU F 13 -37.42 -62.21 24.57
CA GLU F 13 -37.00 -61.97 25.94
C GLU F 13 -36.42 -63.24 26.54
N TYR F 14 -35.79 -64.08 25.73
CA TYR F 14 -35.36 -65.38 26.20
C TYR F 14 -33.96 -65.69 25.69
N LEU F 15 -33.22 -66.42 26.50
CA LEU F 15 -31.87 -66.90 26.19
C LEU F 15 -31.58 -68.02 27.19
N ALA F 16 -30.32 -68.43 27.29
CA ALA F 16 -29.94 -69.45 28.27
C ALA F 16 -28.47 -69.29 28.61
N LYS F 17 -28.11 -69.77 29.79
CA LYS F 17 -26.75 -69.64 30.29
C LYS F 17 -25.97 -70.93 30.05
N ILE F 18 -24.88 -70.81 29.30
CA ILE F 18 -23.93 -71.89 29.08
C ILE F 18 -22.68 -71.59 29.89
N THR F 19 -22.16 -72.61 30.57
CA THR F 19 -20.97 -72.46 31.40
C THR F 19 -19.72 -72.54 30.54
N ILE F 20 -18.58 -72.67 31.22
CA ILE F 20 -17.33 -72.94 30.54
C ILE F 20 -16.56 -74.01 31.29
N GLY F 24 -16.08 -73.17 34.87
CA GLY F 24 -17.49 -73.14 34.51
C GLY F 24 -18.06 -71.75 34.42
N GLN F 25 -17.60 -70.98 33.44
CA GLN F 25 -18.04 -69.60 33.28
C GLN F 25 -19.44 -69.60 32.69
N SER F 26 -20.43 -69.71 33.57
CA SER F 26 -21.81 -69.59 33.16
C SER F 26 -22.03 -68.24 32.49
N PHE F 27 -22.96 -68.21 31.54
CA PHE F 27 -23.24 -66.97 30.81
C PHE F 27 -24.59 -67.11 30.13
N HIS F 28 -25.54 -66.27 30.54
CA HIS F 28 -26.83 -66.23 29.86
C HIS F 28 -26.64 -65.59 28.50
N VAL F 29 -26.16 -66.37 27.54
CA VAL F 29 -25.80 -65.88 26.22
C VAL F 29 -26.81 -66.44 25.23
N VAL F 30 -26.67 -66.07 23.97
CA VAL F 30 -27.65 -66.42 22.95
C VAL F 30 -27.00 -67.38 21.96
N LEU F 31 -27.58 -68.56 21.84
CA LEU F 31 -27.27 -69.46 20.75
C LEU F 31 -27.74 -68.79 19.48
N ASP F 32 -26.79 -68.31 18.68
CA ASP F 32 -27.13 -67.42 17.57
C ASP F 32 -27.21 -68.20 16.27
N THR F 33 -28.36 -68.81 16.05
CA THR F 33 -28.62 -69.41 14.76
C THR F 33 -28.64 -68.31 13.72
N GLY F 34 -27.58 -68.24 12.93
CA GLY F 34 -27.38 -67.13 12.03
C GLY F 34 -25.97 -66.60 12.14
N SER F 35 -25.33 -66.84 13.28
CA SER F 35 -23.98 -66.35 13.52
C SER F 35 -23.02 -67.52 13.68
N ALA F 36 -21.74 -67.19 13.75
CA ALA F 36 -20.70 -68.19 13.95
C ALA F 36 -19.63 -67.64 14.90
N ASN F 37 -20.07 -67.02 15.99
CA ASN F 37 -19.12 -66.42 16.91
C ASN F 37 -19.64 -66.52 18.33
N LEU F 38 -18.72 -66.43 19.28
CA LEU F 38 -19.06 -66.43 20.70
C LEU F 38 -18.49 -65.17 21.32
N TRP F 39 -19.27 -64.09 21.29
CA TRP F 39 -18.82 -62.82 21.84
C TRP F 39 -18.87 -62.95 23.35
N ILE F 40 -17.94 -63.73 23.89
CA ILE F 40 -17.85 -63.94 25.33
C ILE F 40 -17.15 -62.72 25.90
N PRO F 41 -17.26 -62.46 27.20
CA PRO F 41 -16.68 -61.23 27.74
C PRO F 41 -15.31 -61.39 28.36
N ASP F 42 -14.55 -60.30 28.41
CA ASP F 42 -13.33 -60.20 29.21
C ASP F 42 -13.60 -59.16 30.30
N ASN F 43 -14.17 -59.61 31.42
CA ASN F 43 -14.70 -58.70 32.42
C ASN F 43 -13.65 -57.72 32.89
N ILE F 44 -12.60 -58.23 33.54
CA ILE F 44 -11.51 -57.37 33.97
C ILE F 44 -11.00 -56.61 32.76
N CYS F 45 -10.63 -55.35 32.98
CA CYS F 45 -10.28 -54.44 31.90
C CYS F 45 -9.83 -53.11 32.49
N VAL F 46 -9.10 -52.32 31.69
CA VAL F 46 -8.75 -50.97 32.11
C VAL F 46 -10.04 -50.21 32.36
N ASN F 47 -10.25 -49.80 33.61
CA ASN F 47 -11.54 -49.30 34.05
C ASN F 47 -12.65 -50.31 33.77
N GLY F 48 -12.42 -51.54 34.22
CA GLY F 48 -13.37 -52.63 34.04
C GLY F 48 -12.90 -53.99 34.54
N LYS F 90 -20.69 -55.88 34.15
CA LYS F 90 -21.64 -56.40 33.19
C LYS F 90 -21.73 -57.93 33.26
N SER F 91 -21.10 -58.50 34.29
CA SER F 91 -21.21 -59.93 34.58
C SER F 91 -20.73 -60.78 33.41
N GLY F 92 -19.45 -60.67 33.11
CA GLY F 92 -18.87 -61.39 32.00
C GLY F 92 -18.24 -62.71 32.40
N PHE F 93 -17.11 -63.01 31.77
CA PHE F 93 -16.35 -64.22 32.04
C PHE F 93 -14.87 -63.90 32.08
N ASP F 94 -14.11 -64.76 32.78
CA ASP F 94 -12.67 -64.56 32.92
C ASP F 94 -12.01 -65.92 33.03
N SER F 95 -11.21 -66.25 32.03
CA SER F 95 -10.47 -67.51 32.04
C SER F 95 -9.29 -67.49 33.01
N THR F 96 -9.15 -66.43 33.81
CA THR F 96 -7.95 -66.26 34.61
C THR F 96 -7.79 -67.40 35.62
N GLN F 97 -8.70 -67.48 36.58
CA GLN F 97 -8.64 -68.54 37.58
C GLN F 97 -9.17 -69.85 37.05
N SER F 98 -9.30 -70.00 35.73
CA SER F 98 -9.83 -71.23 35.08
C SER F 98 -8.71 -72.27 34.96
N THR F 99 -8.50 -73.06 36.02
CA THR F 99 -7.47 -74.14 36.10
C THR F 99 -7.70 -75.16 34.98
N SER F 100 -8.96 -75.51 34.71
CA SER F 100 -9.39 -76.48 33.67
C SER F 100 -9.87 -75.72 32.42
N TYR F 101 -8.98 -74.91 31.83
CA TYR F 101 -9.24 -74.09 30.61
C TYR F 101 -7.92 -73.50 30.11
N ALA F 102 -7.01 -74.37 29.65
CA ALA F 102 -5.67 -74.02 29.14
C ALA F 102 -5.81 -73.05 27.95
N LYS F 103 -5.93 -71.74 28.23
CA LYS F 103 -6.08 -70.67 27.21
C LYS F 103 -4.73 -70.48 26.50
N ILE F 104 -4.46 -71.27 25.45
CA ILE F 104 -3.20 -71.22 24.66
C ILE F 104 -3.00 -69.80 24.11
N THR F 105 -1.78 -69.27 24.14
CA THR F 105 -1.43 -67.90 23.67
C THR F 105 -1.41 -67.89 22.14
N PRO F 106 -2.28 -67.10 21.46
CA PRO F 106 -2.26 -67.06 19.99
C PRO F 106 -1.78 -65.70 19.47
N LYS F 107 -1.20 -65.68 18.25
CA LYS F 107 -0.68 -64.46 17.59
C LYS F 107 -1.84 -63.70 16.95
N LYS F 108 -2.89 -64.42 16.53
CA LYS F 108 -4.11 -63.86 15.87
C LYS F 108 -4.92 -63.07 16.90
N TYR F 109 -5.69 -62.08 16.43
CA TYR F 109 -6.56 -61.19 17.25
C TYR F 109 -8.01 -61.31 16.78
N PHE F 110 -8.72 -62.35 17.22
CA PHE F 110 -10.14 -62.65 16.88
C PHE F 110 -10.97 -61.36 16.94
N GLU F 111 -11.04 -60.63 15.82
CA GLU F 111 -11.80 -59.36 15.70
C GLU F 111 -13.13 -59.63 14.98
N ILE F 112 -14.12 -60.14 15.72
CA ILE F 112 -15.49 -60.48 15.21
C ILE F 112 -16.26 -59.18 14.94
N VAL F 113 -17.22 -59.23 14.02
CA VAL F 113 -18.08 -58.07 13.63
C VAL F 113 -19.54 -58.53 13.55
N TYR F 114 -20.23 -58.58 14.69
CA TYR F 114 -21.64 -58.99 14.82
C TYR F 114 -22.48 -58.29 13.73
N GLY F 115 -22.45 -56.96 13.72
CA GLY F 115 -23.18 -56.12 12.76
C GLY F 115 -23.70 -54.85 13.40
N THR F 116 -24.57 -54.99 14.41
CA THR F 116 -25.19 -53.86 15.17
C THR F 116 -24.10 -53.10 15.94
N GLY F 117 -23.14 -53.84 16.50
CA GLY F 117 -22.00 -53.27 17.28
C GLY F 117 -20.69 -53.93 16.91
N PHE F 118 -19.58 -53.45 17.48
CA PHE F 118 -18.21 -53.95 17.25
C PHE F 118 -17.67 -54.57 18.55
N ALA F 119 -16.65 -55.43 18.43
CA ALA F 119 -15.99 -56.14 19.55
C ALA F 119 -14.65 -56.71 19.08
N LYS F 120 -13.81 -57.15 20.02
CA LYS F 120 -12.48 -57.75 19.76
C LYS F 120 -12.05 -58.60 20.96
N GLY F 121 -11.02 -59.42 20.79
CA GLY F 121 -10.48 -60.31 21.84
C GLY F 121 -9.63 -61.44 21.24
N PHE F 122 -9.47 -62.53 21.98
CA PHE F 122 -8.68 -63.73 21.59
C PHE F 122 -9.48 -65.00 21.91
N LEU F 123 -9.04 -66.13 21.37
CA LEU F 123 -9.68 -67.47 21.56
C LEU F 123 -9.29 -68.02 22.94
N GLY F 124 -10.08 -68.97 23.46
CA GLY F 124 -9.86 -69.59 24.78
C GLY F 124 -10.12 -71.09 24.75
N ASN F 125 -9.15 -71.87 24.26
CA ASN F 125 -9.22 -73.35 24.16
C ASN F 125 -9.73 -73.91 25.49
N ASP F 126 -11.00 -74.31 25.60
CA ASP F 126 -11.57 -74.83 26.83
C ASP F 126 -12.91 -75.48 26.47
N THR F 127 -13.57 -76.04 27.48
CA THR F 127 -14.86 -76.68 27.30
C THR F 127 -15.95 -75.86 28.00
N VAL F 128 -17.18 -76.37 27.92
CA VAL F 128 -18.34 -75.61 28.36
C VAL F 128 -19.51 -76.55 28.53
N ARG F 129 -20.48 -76.12 29.35
CA ARG F 129 -21.78 -76.77 29.37
C ARG F 129 -22.54 -76.40 28.10
N PHE F 130 -23.06 -77.40 27.40
CA PHE F 130 -23.58 -77.22 26.07
C PHE F 130 -24.94 -76.55 26.02
N GLY F 131 -25.40 -75.98 27.13
CA GLY F 131 -26.68 -75.29 27.13
C GLY F 131 -27.86 -76.23 27.00
N GLU F 132 -29.06 -75.67 27.19
CA GLU F 132 -30.30 -76.44 27.25
C GLU F 132 -30.72 -76.90 25.85
N GLU F 133 -29.84 -77.68 25.25
CA GLU F 133 -30.00 -78.11 23.86
C GLU F 133 -30.93 -79.31 23.78
N GLY F 134 -31.16 -79.76 22.55
CA GLY F 134 -31.91 -80.98 22.33
C GLY F 134 -31.15 -82.23 22.73
N ASN F 135 -29.83 -82.23 22.63
CA ASN F 135 -29.03 -83.35 23.11
C ASN F 135 -29.27 -83.65 24.57
N ASN F 136 -29.61 -82.64 25.37
CA ASN F 136 -29.98 -82.81 26.77
C ASN F 136 -28.84 -83.45 27.57
N LYS F 137 -27.60 -83.13 27.21
CA LYS F 137 -26.44 -83.55 27.99
C LYS F 137 -25.29 -82.61 27.66
N THR F 138 -24.90 -81.78 28.63
CA THR F 138 -23.88 -80.78 28.40
C THR F 138 -22.60 -81.44 27.90
N LEU F 139 -22.22 -81.15 26.66
CA LEU F 139 -21.03 -81.72 26.06
C LEU F 139 -19.89 -80.76 26.30
N VAL F 140 -18.89 -81.20 27.06
CA VAL F 140 -17.70 -80.40 27.30
C VAL F 140 -16.92 -80.33 26.00
N VAL F 141 -16.90 -79.16 25.37
CA VAL F 141 -16.29 -79.03 24.06
C VAL F 141 -14.77 -78.95 24.22
N PRO F 142 -14.06 -80.03 23.97
CA PRO F 142 -12.61 -80.01 24.20
C PRO F 142 -11.90 -79.01 23.30
N GLY F 143 -10.87 -78.38 23.85
CA GLY F 143 -10.02 -77.45 23.13
C GLY F 143 -10.79 -76.35 22.41
N THR F 144 -12.03 -76.15 22.81
CA THR F 144 -12.91 -75.23 22.09
C THR F 144 -12.41 -73.80 22.29
N VAL F 145 -11.90 -73.19 21.23
CA VAL F 145 -11.57 -71.78 21.29
C VAL F 145 -12.86 -70.97 21.37
N PHE F 146 -12.84 -69.95 22.21
CA PHE F 146 -14.02 -69.14 22.47
C PHE F 146 -13.55 -67.73 22.76
N GLY F 147 -14.23 -66.75 22.16
CA GLY F 147 -13.76 -65.39 22.27
C GLY F 147 -14.34 -64.63 23.43
N GLN F 148 -13.60 -64.59 24.53
CA GLN F 148 -13.87 -63.66 25.61
C GLN F 148 -13.45 -62.29 25.11
N ALA F 149 -14.43 -61.44 24.82
CA ALA F 149 -14.11 -60.17 24.20
C ALA F 149 -13.81 -59.12 25.24
N VAL F 150 -12.88 -58.23 24.89
CA VAL F 150 -12.53 -57.11 25.76
C VAL F 150 -13.05 -55.79 25.22
N GLN F 151 -13.07 -55.60 23.90
CA GLN F 151 -13.64 -54.37 23.37
C GLN F 151 -15.07 -54.22 23.83
N ILE F 152 -15.52 -52.96 23.87
CA ILE F 152 -16.61 -52.55 24.76
C ILE F 152 -17.80 -53.49 24.66
N GLY F 153 -18.11 -54.14 25.77
CA GLY F 153 -19.39 -54.80 25.94
C GLY F 153 -20.07 -54.40 27.23
N ASP F 154 -19.31 -53.92 28.21
CA ASP F 154 -19.92 -53.48 29.45
C ASP F 154 -20.67 -52.19 29.14
N PRO F 155 -20.14 -51.37 28.24
CA PRO F 155 -20.87 -50.19 27.75
C PRO F 155 -21.55 -50.36 26.38
N PHE F 156 -21.61 -51.55 25.79
CA PHE F 156 -22.05 -51.71 24.40
C PHE F 156 -23.55 -51.81 24.21
N ALA F 157 -24.23 -52.61 25.03
CA ALA F 157 -25.69 -52.72 24.98
C ALA F 157 -26.17 -53.17 26.35
N ASN F 158 -27.00 -52.34 26.98
CA ASN F 158 -27.34 -52.52 28.38
C ASN F 158 -28.25 -53.70 28.66
N ASN F 159 -28.66 -54.43 27.62
CA ASN F 159 -29.50 -55.59 27.84
C ASN F 159 -28.76 -56.61 28.70
N PRO F 160 -29.48 -57.47 29.40
CA PRO F 160 -28.80 -58.45 30.23
C PRO F 160 -28.26 -59.61 29.40
N ILE F 161 -27.65 -59.29 28.26
CA ILE F 161 -27.02 -60.30 27.44
C ILE F 161 -25.68 -60.64 28.06
N ASN F 162 -25.38 -61.93 28.18
CA ASN F 162 -24.07 -62.32 28.66
C ASN F 162 -23.06 -62.47 27.54
N GLY F 163 -23.52 -62.63 26.31
CA GLY F 163 -22.60 -62.75 25.19
C GLY F 163 -23.27 -63.41 24.02
N ILE F 164 -22.48 -63.64 22.98
CA ILE F 164 -22.97 -64.26 21.76
C ILE F 164 -22.57 -65.73 21.75
N LEU F 165 -23.31 -66.52 20.98
CA LEU F 165 -22.97 -67.92 20.72
C LEU F 165 -23.54 -68.26 19.34
N GLY F 166 -22.69 -68.15 18.32
CA GLY F 166 -23.17 -68.26 16.95
C GLY F 166 -23.67 -69.65 16.61
N LEU F 167 -24.42 -69.74 15.52
CA LEU F 167 -24.93 -71.01 15.03
C LEU F 167 -25.38 -70.84 13.58
N GLY F 168 -25.14 -71.85 12.77
CA GLY F 168 -25.50 -71.83 11.36
C GLY F 168 -24.51 -72.64 10.55
N PHE F 169 -24.75 -72.67 9.24
CA PHE F 169 -23.83 -73.35 8.33
C PHE F 169 -22.40 -72.84 8.53
N ARG F 170 -21.52 -73.75 8.94
CA ARG F 170 -20.22 -73.35 9.46
C ARG F 170 -19.40 -72.58 8.45
N GLY F 171 -19.71 -72.71 7.16
CA GLY F 171 -18.97 -71.96 6.14
C GLY F 171 -18.95 -70.47 6.40
N LEU F 172 -20.03 -69.94 6.96
CA LEU F 172 -20.13 -68.51 7.24
C LEU F 172 -19.36 -68.10 8.47
N ALA F 173 -18.42 -68.94 8.93
CA ALA F 173 -17.73 -68.70 10.18
C ALA F 173 -16.98 -67.37 10.15
N GLN F 174 -16.53 -66.94 11.33
CA GLN F 174 -15.74 -65.74 11.48
C GLN F 174 -14.44 -66.08 12.20
N ALA F 175 -13.35 -65.49 11.71
CA ALA F 175 -12.04 -65.60 12.34
C ALA F 175 -11.52 -67.03 12.38
N GLY F 176 -12.09 -67.93 11.60
CA GLY F 176 -11.51 -69.25 11.45
C GLY F 176 -11.56 -70.14 12.68
N VAL F 177 -12.75 -70.58 13.06
CA VAL F 177 -12.91 -71.54 14.14
C VAL F 177 -14.13 -72.40 13.84
N THR F 178 -13.94 -73.72 13.87
CA THR F 178 -15.07 -74.62 13.65
C THR F 178 -16.14 -74.33 14.67
N PRO F 179 -17.39 -74.12 14.26
CA PRO F 179 -18.44 -73.81 15.21
C PRO F 179 -18.55 -74.89 16.27
N PRO F 180 -19.05 -74.54 17.45
CA PRO F 180 -19.31 -75.58 18.45
C PRO F 180 -19.97 -76.80 17.88
N LEU F 181 -20.98 -76.62 17.04
CA LEU F 181 -21.57 -77.75 16.36
C LEU F 181 -20.61 -78.31 15.31
N GLN F 182 -19.91 -77.43 14.59
CA GLN F 182 -18.99 -77.90 13.57
C GLN F 182 -17.91 -78.78 14.18
N ARG F 183 -17.31 -78.31 15.27
CA ARG F 183 -16.39 -79.16 16.00
C ARG F 183 -17.08 -80.41 16.53
N ALA F 184 -18.24 -80.22 17.15
CA ALA F 184 -18.97 -81.31 17.78
C ALA F 184 -19.26 -82.43 16.79
N ILE F 185 -19.35 -82.09 15.51
CA ILE F 185 -19.47 -83.11 14.48
C ILE F 185 -18.38 -84.16 14.65
N ASP F 186 -17.13 -83.72 14.58
CA ASP F 186 -16.02 -84.62 14.87
C ASP F 186 -16.12 -85.20 16.27
N LEU F 187 -16.64 -84.42 17.22
CA LEU F 187 -16.83 -84.89 18.58
C LEU F 187 -18.09 -85.74 18.71
N LYS F 188 -18.63 -86.22 17.59
CA LYS F 188 -19.83 -87.04 17.59
C LYS F 188 -20.99 -86.28 18.25
N LEU F 189 -21.38 -85.22 17.58
CA LEU F 189 -22.50 -84.40 18.02
C LEU F 189 -23.78 -85.24 18.08
N VAL F 190 -24.82 -84.67 18.70
CA VAL F 190 -26.07 -85.40 18.88
C VAL F 190 -26.68 -85.76 17.54
N ASP F 191 -27.02 -84.75 16.75
CA ASP F 191 -27.56 -84.98 15.42
C ASP F 191 -27.30 -83.74 14.58
N PRO F 192 -26.91 -83.91 13.33
CA PRO F 192 -26.56 -82.73 12.49
C PRO F 192 -27.73 -81.81 12.22
N ILE F 193 -28.90 -82.06 12.81
CA ILE F 193 -30.05 -81.18 12.68
C ILE F 193 -30.35 -80.58 14.05
N PHE F 194 -30.13 -79.29 14.18
CA PHE F 194 -30.51 -78.54 15.36
C PHE F 194 -31.88 -77.92 15.10
N THR F 195 -32.81 -78.16 16.01
CA THR F 195 -34.15 -77.62 15.89
C THR F 195 -34.38 -76.53 16.93
N VAL F 196 -35.58 -75.99 16.93
CA VAL F 196 -35.95 -74.91 17.84
C VAL F 196 -36.87 -75.50 18.90
N TYR F 197 -36.50 -75.35 20.16
CA TYR F 197 -37.39 -75.67 21.26
C TYR F 197 -38.27 -74.49 21.64
N MET F 198 -38.53 -73.61 20.69
CA MET F 198 -39.21 -72.36 20.99
C MET F 198 -40.61 -72.63 21.50
N LYS F 199 -40.83 -72.36 22.78
CA LYS F 199 -42.17 -72.09 23.30
C LYS F 199 -42.07 -70.65 23.75
N GLN F 200 -42.20 -69.75 22.79
CA GLN F 200 -41.74 -68.37 22.97
C GLN F 200 -42.85 -67.34 22.88
N LEU F 201 -43.64 -67.36 21.81
CA LEU F 201 -44.78 -66.44 21.73
C LEU F 201 -45.66 -66.56 22.96
N GLY F 202 -45.84 -67.78 23.44
CA GLY F 202 -46.52 -68.03 24.70
C GLY F 202 -45.77 -67.55 25.92
N ALA F 203 -44.69 -66.81 25.71
CA ALA F 203 -43.92 -66.29 26.84
C ALA F 203 -43.91 -64.77 26.75
N LYS F 204 -45.08 -64.19 26.53
CA LYS F 204 -45.19 -62.75 26.32
C LYS F 204 -44.59 -61.97 27.48
N ALA F 205 -43.62 -61.11 27.15
CA ALA F 205 -43.12 -60.06 28.04
C ALA F 205 -42.54 -60.59 29.35
N LYS F 206 -41.44 -61.32 29.22
CA LYS F 206 -40.66 -61.72 30.40
C LYS F 206 -39.22 -62.01 29.97
N GLY F 207 -38.30 -61.11 30.33
CA GLY F 207 -36.90 -61.34 30.04
C GLY F 207 -36.36 -62.62 30.63
N GLN F 208 -37.03 -63.17 31.63
CA GLN F 208 -36.64 -64.40 32.28
C GLN F 208 -37.24 -65.59 31.54
N ASP F 209 -37.20 -66.75 32.19
CA ASP F 209 -37.80 -67.98 31.68
C ASP F 209 -37.22 -68.38 30.33
N GLY F 210 -36.08 -67.80 29.96
CA GLY F 210 -35.39 -68.23 28.76
C GLY F 210 -35.06 -69.69 28.87
N GLY F 211 -35.77 -70.52 28.12
CA GLY F 211 -35.76 -71.93 28.40
C GLY F 211 -34.69 -72.72 27.68
N ALA F 212 -35.12 -73.66 26.84
CA ALA F 212 -34.21 -74.62 26.24
C ALA F 212 -34.24 -74.47 24.73
N PHE F 213 -33.32 -75.17 24.08
CA PHE F 213 -33.23 -75.19 22.63
C PHE F 213 -33.32 -76.63 22.17
N THR F 214 -33.88 -76.85 20.98
CA THR F 214 -33.92 -78.19 20.40
C THR F 214 -32.69 -78.40 19.53
N TYR F 215 -31.54 -78.07 20.10
CA TYR F 215 -30.30 -78.17 19.37
C TYR F 215 -29.87 -79.62 19.28
N GLY F 216 -29.74 -80.12 18.05
CA GLY F 216 -29.46 -81.51 17.83
C GLY F 216 -30.63 -82.38 18.19
N GLY F 217 -30.66 -83.56 17.58
CA GLY F 217 -31.77 -84.47 17.77
C GLY F 217 -33.09 -83.92 17.26
N LEU F 218 -34.15 -84.71 17.37
CA LEU F 218 -35.48 -84.32 16.92
C LEU F 218 -36.43 -84.43 18.10
N ASP F 219 -36.50 -83.37 18.91
CA ASP F 219 -37.31 -83.36 20.11
C ASP F 219 -38.66 -82.70 19.80
N SER F 220 -39.47 -83.40 19.01
CA SER F 220 -40.82 -82.93 18.76
C SER F 220 -41.69 -82.95 20.01
N VAL F 221 -41.13 -83.35 21.15
CA VAL F 221 -41.82 -83.42 22.43
C VAL F 221 -42.56 -82.12 22.70
N ASN F 222 -42.03 -81.02 22.17
CA ASN F 222 -42.68 -79.72 22.29
C ASN F 222 -43.58 -79.39 21.12
N CYS F 223 -43.30 -79.91 19.92
CA CYS F 223 -44.02 -79.50 18.72
C CYS F 223 -44.84 -80.63 18.12
N GLY F 224 -44.23 -81.75 17.79
CA GLY F 224 -44.96 -82.85 17.16
C GLY F 224 -45.16 -82.79 15.66
N GLN F 225 -45.38 -81.60 15.11
CA GLN F 225 -45.65 -81.47 13.69
C GLN F 225 -44.49 -81.99 12.85
N GLU F 226 -44.81 -82.63 11.73
CA GLU F 226 -43.77 -83.12 10.85
C GLU F 226 -43.04 -81.95 10.19
N ILE F 227 -41.71 -82.07 10.13
CA ILE F 227 -40.85 -81.02 9.60
C ILE F 227 -40.56 -81.31 8.15
N ALA F 228 -40.99 -80.42 7.27
CA ALA F 228 -40.71 -80.55 5.85
C ALA F 228 -39.23 -80.23 5.65
N TYR F 229 -38.43 -81.30 5.63
CA TYR F 229 -37.01 -81.14 5.35
C TYR F 229 -36.82 -80.48 4.01
N VAL F 230 -36.31 -79.24 4.04
CA VAL F 230 -36.16 -78.44 2.83
C VAL F 230 -34.71 -77.99 2.75
N ASP F 231 -34.04 -78.36 1.67
CA ASP F 231 -32.67 -77.94 1.48
C ASP F 231 -32.54 -76.43 1.56
N LEU F 232 -31.50 -75.97 2.25
CA LEU F 232 -31.30 -74.54 2.42
C LEU F 232 -31.19 -73.85 1.08
N THR F 233 -31.63 -72.60 1.02
CA THR F 233 -31.54 -71.84 -0.22
C THR F 233 -30.09 -71.76 -0.65
N ARG F 234 -29.27 -71.10 0.14
CA ARG F 234 -27.86 -70.91 -0.19
C ARG F 234 -26.99 -71.80 0.68
N PRO F 235 -25.72 -71.94 0.32
CA PRO F 235 -24.80 -72.64 1.20
C PRO F 235 -24.08 -71.68 2.13
N LEU F 236 -23.46 -72.20 3.18
CA LEU F 236 -22.75 -71.40 4.17
C LEU F 236 -23.65 -70.30 4.71
N TYR F 237 -24.92 -70.65 4.91
CA TYR F 237 -25.92 -69.71 5.37
C TYR F 237 -27.15 -70.50 5.81
N TRP F 238 -28.23 -69.77 6.08
CA TRP F 238 -29.54 -70.35 6.35
C TRP F 238 -30.55 -69.39 5.75
N GLN F 239 -31.14 -69.78 4.63
CA GLN F 239 -32.02 -68.90 3.87
C GLN F 239 -33.00 -69.75 3.09
N PHE F 240 -33.97 -69.10 2.48
CA PHE F 240 -35.01 -69.80 1.76
C PHE F 240 -35.42 -68.95 0.55
N LYS F 241 -36.46 -69.37 -0.15
CA LYS F 241 -37.01 -68.62 -1.27
C LYS F 241 -38.51 -68.83 -1.32
N MET F 242 -39.21 -67.88 -1.91
CA MET F 242 -40.66 -67.89 -1.95
C MET F 242 -41.19 -67.16 -3.18
N GLY F 255 -41.73 -64.42 -4.72
CA GLY F 255 -41.10 -63.70 -5.82
C GLY F 255 -39.71 -63.21 -5.48
N TRP F 256 -39.11 -63.84 -4.48
CA TRP F 256 -37.77 -63.46 -4.04
C TRP F 256 -37.24 -64.59 -3.17
N GLU F 257 -36.11 -64.31 -2.52
CA GLU F 257 -35.57 -65.19 -1.49
C GLU F 257 -35.75 -64.52 -0.14
N VAL F 258 -35.23 -65.15 0.91
CA VAL F 258 -35.39 -64.63 2.26
C VAL F 258 -34.30 -65.19 3.16
N ILE F 259 -34.07 -64.50 4.27
CA ILE F 259 -33.05 -64.85 5.25
C ILE F 259 -33.74 -65.55 6.40
N SER F 260 -33.41 -66.81 6.60
CA SER F 260 -34.04 -67.62 7.63
C SER F 260 -33.00 -67.96 8.69
N ASP F 261 -33.07 -67.28 9.83
CA ASP F 261 -32.19 -67.57 10.95
C ASP F 261 -32.86 -67.22 12.28
N THR F 262 -32.09 -67.17 13.36
CA THR F 262 -32.64 -66.87 14.67
C THR F 262 -31.94 -65.66 15.26
N GLY F 263 -32.69 -64.84 15.96
CA GLY F 263 -32.13 -63.69 16.65
C GLY F 263 -32.84 -62.40 16.31
N THR F 264 -33.83 -62.46 15.44
CA THR F 264 -34.51 -61.28 14.94
C THR F 264 -35.68 -60.97 15.85
N SER F 265 -35.54 -59.91 16.66
CA SER F 265 -36.67 -59.41 17.41
C SER F 265 -37.79 -59.00 16.45
N PHE F 266 -37.52 -58.00 15.63
CA PHE F 266 -38.48 -57.64 14.59
C PHE F 266 -38.33 -58.55 13.40
N MET F 267 -39.46 -58.94 12.84
CA MET F 267 -39.47 -59.80 11.66
C MET F 267 -39.02 -58.97 10.46
N GLY F 268 -37.87 -59.31 9.92
CA GLY F 268 -37.28 -58.57 8.82
C GLY F 268 -37.85 -59.02 7.50
N VAL F 269 -37.97 -58.09 6.57
CA VAL F 269 -38.46 -58.37 5.22
C VAL F 269 -38.27 -57.16 4.32
N PRO F 270 -38.47 -57.30 3.01
CA PRO F 270 -38.17 -56.20 2.08
C PRO F 270 -38.79 -54.86 2.47
N THR F 271 -37.92 -53.88 2.72
CA THR F 271 -38.37 -52.58 3.18
C THR F 271 -39.45 -52.00 2.28
N ALA F 272 -39.26 -52.11 0.97
CA ALA F 272 -40.32 -51.73 0.05
C ALA F 272 -41.59 -52.49 0.38
N ILE F 273 -41.50 -53.82 0.35
CA ILE F 273 -42.64 -54.64 0.74
C ILE F 273 -43.09 -54.30 2.14
N ALA F 274 -42.16 -53.87 2.98
CA ALA F 274 -42.54 -53.51 4.35
C ALA F 274 -43.52 -52.35 4.36
N ASP F 275 -43.19 -51.27 3.65
CA ASP F 275 -44.13 -50.16 3.54
C ASP F 275 -45.41 -50.64 2.87
N LEU F 276 -45.28 -51.47 1.85
CA LEU F 276 -46.46 -52.05 1.21
C LEU F 276 -47.38 -52.69 2.22
N VAL F 277 -46.81 -53.41 3.18
CA VAL F 277 -47.63 -54.13 4.15
C VAL F 277 -48.21 -53.18 5.16
N ALA F 278 -47.38 -52.25 5.66
CA ALA F 278 -47.87 -51.19 6.52
C ALA F 278 -49.14 -50.58 5.94
N ASP F 279 -49.17 -50.41 4.62
CA ASP F 279 -50.43 -50.12 3.96
C ASP F 279 -51.41 -51.28 4.13
N SER F 280 -51.07 -52.44 3.58
CA SER F 280 -51.94 -53.62 3.59
C SER F 280 -52.19 -54.16 4.99
N TYR F 281 -51.61 -53.53 6.01
CA TYR F 281 -51.95 -53.87 7.38
C TYR F 281 -52.39 -52.65 8.17
N GLY F 282 -52.57 -51.51 7.54
CA GLY F 282 -52.92 -50.30 8.26
C GLY F 282 -51.87 -49.98 9.31
N GLY F 283 -50.63 -49.82 8.87
CA GLY F 283 -49.55 -49.60 9.80
C GLY F 283 -48.83 -48.29 9.58
N GLN F 284 -48.64 -47.54 10.65
CA GLN F 284 -47.83 -46.33 10.60
C GLN F 284 -46.39 -46.70 10.91
N TYR F 285 -45.56 -46.78 9.88
CA TYR F 285 -44.17 -47.15 10.09
C TYR F 285 -43.51 -46.05 10.90
N ASP F 286 -43.29 -46.31 12.19
CA ASP F 286 -42.74 -45.30 13.07
C ASP F 286 -41.44 -44.75 12.51
N GLU F 287 -40.47 -45.62 12.26
CA GLU F 287 -39.22 -45.27 11.59
C GLU F 287 -38.39 -44.27 12.40
N MET F 288 -38.89 -43.84 13.54
CA MET F 288 -38.12 -43.02 14.47
C MET F 288 -37.24 -43.85 15.38
N PHE F 289 -37.84 -44.83 16.05
CA PHE F 289 -37.10 -45.95 16.60
C PHE F 289 -36.84 -47.01 15.54
N GLU F 290 -36.93 -46.63 14.26
CA GLU F 290 -36.93 -47.51 13.11
C GLU F 290 -38.14 -48.43 13.10
N ILE F 291 -39.08 -48.24 14.02
CA ILE F 291 -40.18 -49.17 14.21
C ILE F 291 -41.29 -48.91 13.21
N TYR F 292 -42.24 -49.82 13.15
CA TYR F 292 -43.53 -49.58 12.53
C TYR F 292 -44.60 -49.63 13.62
N THR F 293 -45.36 -48.55 13.72
CA THR F 293 -46.38 -48.41 14.76
C THR F 293 -47.69 -49.02 14.29
N VAL F 294 -48.15 -50.03 15.01
CA VAL F 294 -49.38 -50.73 14.69
C VAL F 294 -50.57 -49.88 15.09
N ASP F 295 -51.76 -50.36 14.73
CA ASP F 295 -53.00 -49.69 15.10
C ASP F 295 -53.74 -50.39 16.23
N CYS F 296 -53.01 -51.14 17.06
CA CYS F 296 -53.51 -51.77 18.29
C CYS F 296 -54.62 -52.79 18.02
N ASN F 297 -54.96 -53.04 16.77
CA ASN F 297 -55.90 -54.08 16.42
C ASN F 297 -55.18 -55.22 15.73
N ALA F 298 -55.74 -56.43 15.83
CA ALA F 298 -55.11 -57.63 15.31
C ALA F 298 -55.07 -57.53 13.80
N THR F 299 -53.90 -57.23 13.26
CA THR F 299 -53.73 -57.08 11.82
C THR F 299 -53.64 -58.45 11.16
N VAL F 300 -53.27 -58.43 9.88
CA VAL F 300 -53.30 -59.66 9.09
C VAL F 300 -52.17 -60.59 9.50
N THR F 301 -52.47 -61.88 9.51
CA THR F 301 -51.42 -62.89 9.55
C THR F 301 -50.52 -62.75 8.33
N PHE F 302 -49.24 -62.98 8.52
CA PHE F 302 -48.29 -62.85 7.43
C PHE F 302 -48.47 -64.04 6.49
N GLY F 303 -48.72 -63.75 5.22
CA GLY F 303 -48.88 -64.80 4.24
C GLY F 303 -47.56 -65.14 3.59
N MET F 304 -46.94 -66.22 4.03
CA MET F 304 -45.66 -66.67 3.50
C MET F 304 -45.92 -67.83 2.56
N THR F 305 -45.48 -67.69 1.31
CA THR F 305 -45.71 -68.71 0.29
C THR F 305 -44.34 -69.17 -0.21
N ILE F 306 -43.78 -70.15 0.48
CA ILE F 306 -42.43 -70.62 0.17
C ILE F 306 -42.49 -72.12 -0.07
N GLY F 307 -42.65 -72.51 -1.33
CA GLY F 307 -42.59 -73.90 -1.74
C GLY F 307 -43.55 -74.79 -0.99
N GLY F 308 -44.85 -74.61 -1.22
CA GLY F 308 -45.85 -75.32 -0.44
C GLY F 308 -45.88 -74.90 1.01
N LYS F 309 -44.91 -74.13 1.45
CA LYS F 309 -44.89 -73.57 2.80
C LYS F 309 -45.91 -72.44 2.81
N GLN F 310 -47.15 -72.79 3.14
CA GLN F 310 -48.21 -71.82 3.30
C GLN F 310 -48.25 -71.41 4.76
N TYR F 311 -47.36 -70.52 5.14
CA TYR F 311 -47.23 -70.11 6.53
C TYR F 311 -48.12 -68.90 6.77
N LYS F 312 -49.21 -69.11 7.49
CA LYS F 312 -50.03 -68.02 7.99
C LYS F 312 -49.50 -67.65 9.37
N ILE F 313 -48.86 -66.49 9.46
CA ILE F 313 -48.18 -66.07 10.67
C ILE F 313 -49.18 -65.31 11.53
N GLU F 314 -49.58 -65.93 12.63
CA GLU F 314 -50.61 -65.37 13.50
C GLU F 314 -50.27 -63.95 13.91
N ARG F 315 -51.26 -63.06 13.78
CA ARG F 315 -51.10 -61.69 14.24
C ARG F 315 -50.72 -61.67 15.72
N LYS F 316 -51.40 -62.49 16.52
CA LYS F 316 -50.98 -62.65 17.91
C LYS F 316 -49.51 -63.01 17.99
N ASN F 317 -49.09 -64.03 17.24
CA ASN F 317 -47.68 -64.31 17.13
C ASN F 317 -46.92 -63.12 16.57
N LEU F 318 -47.51 -62.41 15.61
CA LEU F 318 -46.88 -61.25 15.01
C LEU F 318 -47.08 -59.97 15.81
N VAL F 319 -47.77 -60.04 16.94
CA VAL F 319 -48.15 -58.84 17.66
C VAL F 319 -46.91 -58.28 18.33
N LEU F 320 -46.28 -57.28 17.70
CA LEU F 320 -45.20 -56.54 18.34
C LEU F 320 -45.86 -55.51 19.24
N GLU F 321 -46.64 -56.01 20.19
CA GLU F 321 -47.54 -55.16 20.95
C GLU F 321 -47.53 -55.42 22.44
N GLU F 322 -46.74 -56.38 22.94
CA GLU F 322 -46.64 -56.56 24.38
C GLU F 322 -46.28 -55.25 25.06
N ASP F 323 -45.09 -54.73 24.77
CA ASP F 323 -44.81 -53.32 24.93
C ASP F 323 -45.04 -52.69 23.57
N LYS F 324 -45.16 -51.36 23.56
CA LYS F 324 -45.58 -50.65 22.37
C LYS F 324 -46.83 -51.31 21.79
N ASP F 325 -47.90 -51.17 22.57
CA ASP F 325 -49.15 -51.89 22.36
C ASP F 325 -49.66 -51.78 20.94
N SER F 326 -49.14 -50.82 20.19
CA SER F 326 -49.40 -50.69 18.76
C SER F 326 -48.06 -50.53 18.05
N CYS F 327 -47.40 -51.66 17.77
CA CYS F 327 -46.15 -51.67 17.03
C CYS F 327 -46.06 -52.96 16.24
N MET F 328 -45.21 -52.94 15.21
CA MET F 328 -45.10 -54.05 14.28
C MET F 328 -43.71 -54.66 14.33
N ILE F 329 -43.64 -55.95 14.05
CA ILE F 329 -42.37 -56.67 13.98
C ILE F 329 -41.70 -56.35 12.66
N ALA F 330 -42.32 -55.46 11.88
CA ALA F 330 -41.78 -55.05 10.60
C ALA F 330 -40.38 -54.50 10.77
N MET F 331 -39.40 -55.19 10.21
CA MET F 331 -38.03 -54.74 10.18
C MET F 331 -37.62 -54.56 8.73
N THR F 332 -37.28 -53.32 8.38
CA THR F 332 -36.93 -53.02 7.02
C THR F 332 -35.67 -53.75 6.64
N PRO F 333 -35.76 -54.82 5.86
CA PRO F 333 -34.53 -55.46 5.39
C PRO F 333 -33.69 -54.47 4.60
N TRP F 343 -36.07 -61.86 4.02
CA TRP F 343 -37.08 -61.69 5.05
C TRP F 343 -36.70 -62.53 6.25
N ILE F 344 -36.30 -61.86 7.33
CA ILE F 344 -35.90 -62.55 8.55
C ILE F 344 -37.05 -63.39 9.05
N LEU F 345 -36.82 -64.69 9.19
CA LEU F 345 -37.87 -65.60 9.66
C LEU F 345 -38.15 -65.25 11.12
N GLY F 346 -39.21 -64.47 11.33
CA GLY F 346 -39.43 -63.81 12.60
C GLY F 346 -39.37 -64.75 13.79
N ALA F 347 -39.05 -64.13 14.92
CA ALA F 347 -39.14 -64.85 16.19
C ALA F 347 -40.46 -65.59 16.33
N PRO F 348 -41.58 -65.05 15.88
CA PRO F 348 -42.77 -65.89 15.78
C PRO F 348 -42.65 -66.91 14.67
N PHE F 349 -42.10 -66.52 13.52
CA PHE F 349 -41.87 -67.50 12.46
C PHE F 349 -41.00 -68.63 12.95
N ILE F 350 -40.15 -68.37 13.94
CA ILE F 350 -39.60 -69.46 14.72
C ILE F 350 -40.69 -70.11 15.55
N ARG F 351 -41.39 -69.31 16.37
CA ARG F 351 -42.37 -69.85 17.29
C ARG F 351 -43.52 -70.52 16.55
N GLN F 352 -44.26 -69.75 15.76
CA GLN F 352 -45.43 -70.26 15.06
C GLN F 352 -45.10 -71.37 14.08
N TYR F 353 -43.83 -71.59 13.78
CA TYR F 353 -43.44 -72.67 12.86
C TYR F 353 -42.04 -73.13 13.25
N CYS F 354 -41.97 -74.23 13.98
CA CYS F 354 -40.69 -74.82 14.34
C CYS F 354 -39.89 -75.16 13.09
N ASN F 355 -38.59 -75.38 13.28
CA ASN F 355 -37.72 -75.74 12.17
C ASN F 355 -36.41 -76.30 12.72
N ILE F 356 -35.63 -76.87 11.82
CA ILE F 356 -34.36 -77.48 12.16
C ILE F 356 -33.42 -77.34 10.98
N HIS F 357 -32.21 -76.86 11.25
CA HIS F 357 -31.13 -76.83 10.28
C HIS F 357 -30.40 -78.17 10.36
N ASP F 358 -30.37 -78.89 9.25
CA ASP F 358 -29.88 -80.26 9.21
C ASP F 358 -28.56 -80.29 8.45
N MET F 359 -27.46 -80.42 9.19
CA MET F 359 -26.16 -80.57 8.57
C MET F 359 -25.97 -81.94 7.95
N ARG F 360 -26.78 -82.93 8.33
CA ARG F 360 -26.65 -84.26 7.74
C ARG F 360 -26.91 -84.22 6.25
N ASN F 361 -27.75 -83.29 5.81
CA ASN F 361 -27.93 -83.06 4.39
C ASN F 361 -28.03 -81.57 4.06
N ASN F 362 -27.80 -80.69 5.03
CA ASN F 362 -27.88 -79.25 4.82
C ASN F 362 -29.27 -78.86 4.30
N THR F 363 -30.28 -79.13 5.13
CA THR F 363 -31.65 -78.82 4.78
C THR F 363 -32.30 -78.07 5.93
N ILE F 364 -33.58 -77.75 5.75
CA ILE F 364 -34.36 -77.04 6.76
C ILE F 364 -35.67 -77.77 6.92
N GLY F 365 -35.76 -78.63 7.94
CA GLY F 365 -37.03 -79.20 8.30
C GLY F 365 -37.92 -78.09 8.86
N PHE F 366 -39.15 -78.04 8.35
CA PHE F 366 -40.08 -76.98 8.71
C PHE F 366 -41.36 -77.60 9.25
N ALA F 367 -41.69 -77.27 10.49
CA ALA F 367 -42.87 -77.76 11.16
C ALA F 367 -43.43 -76.60 11.97
N GLU F 368 -44.29 -76.92 12.93
CA GLU F 368 -44.79 -75.93 13.87
C GLU F 368 -45.05 -76.65 15.19
N PRO F 369 -45.47 -75.91 16.22
CA PRO F 369 -45.78 -76.59 17.49
C PRO F 369 -46.93 -77.57 17.36
N ASP G 9 -8.92 32.68 -98.69
CA ASP G 9 -8.27 32.22 -97.43
C ASP G 9 -7.37 33.33 -96.90
N PRO G 10 -7.42 33.65 -95.58
CA PRO G 10 -6.58 34.72 -95.04
C PRO G 10 -5.13 34.26 -94.79
N ARG G 11 -4.95 32.95 -94.64
CA ARG G 11 -3.62 32.30 -94.38
C ARG G 11 -2.70 32.57 -95.58
N LEU G 12 -3.23 32.45 -96.81
CA LEU G 12 -2.48 32.67 -98.07
C LEU G 12 -2.29 34.18 -98.29
N ILE G 13 -3.28 34.98 -97.87
CA ILE G 13 -3.26 36.48 -97.99
C ILE G 13 -2.13 37.04 -97.13
N TRP G 14 -2.03 36.59 -95.88
CA TRP G 14 -0.99 37.02 -94.90
C TRP G 14 -0.35 35.78 -94.27
N PRO G 15 0.89 35.40 -94.66
CA PRO G 15 1.53 34.22 -94.06
C PRO G 15 2.42 34.57 -92.85
N ASN G 16 2.83 35.84 -92.75
CA ASN G 16 3.69 36.36 -91.66
C ASN G 16 3.13 35.91 -90.31
N CYS G 17 1.89 36.30 -90.00
CA CYS G 17 1.17 35.96 -88.74
C CYS G 17 0.83 34.47 -88.73
N SER G 18 0.72 33.88 -87.53
CA SER G 18 0.39 32.44 -87.30
C SER G 18 -0.64 32.32 -86.17
N SER G 19 -1.62 33.24 -86.13
CA SER G 19 -2.71 33.28 -85.11
C SER G 19 -3.91 32.48 -85.60
N LEU G 20 -4.33 32.70 -86.85
CA LEU G 20 -5.48 32.01 -87.50
C LEU G 20 -5.38 30.50 -87.24
N PHE G 21 -4.25 29.89 -87.59
CA PHE G 21 -3.96 28.45 -87.43
C PHE G 21 -3.88 28.12 -85.93
N THR G 22 -5.04 27.91 -85.30
CA THR G 22 -5.19 27.58 -83.85
C THR G 22 -6.51 26.84 -83.63
N ILE G 23 -6.71 26.30 -82.42
CA ILE G 23 -7.94 25.55 -82.02
C ILE G 23 -8.34 25.97 -80.61
N PRO G 24 -9.22 25.22 -79.90
CA PRO G 24 -9.61 25.61 -78.55
C PRO G 24 -8.77 24.92 -77.47
N ASP G 25 -8.95 25.32 -76.21
CA ASP G 25 -8.22 24.77 -75.03
C ASP G 25 -9.13 24.83 -73.80
N GLN G 26 -10.16 23.99 -73.76
CA GLN G 26 -11.15 23.90 -72.66
C GLN G 26 -12.00 22.64 -72.83
N ALA G 27 -11.54 21.50 -72.30
CA ALA G 27 -12.22 20.19 -72.37
C ALA G 27 -13.71 20.34 -72.08
N ASN G 28 -14.06 20.83 -70.89
CA ASN G 28 -15.46 21.06 -70.43
C ASN G 28 -15.65 22.53 -70.04
N CYS G 29 -15.92 23.39 -71.03
CA CYS G 29 -16.13 24.86 -70.85
C CYS G 29 -17.30 25.32 -71.73
N GLY G 30 -17.93 26.44 -71.37
CA GLY G 30 -19.07 27.03 -72.09
C GLY G 30 -18.78 28.46 -72.53
N SER G 31 -17.50 28.79 -72.72
CA SER G 31 -17.02 30.13 -73.15
C SER G 31 -16.37 30.03 -74.54
N CYS G 32 -16.87 29.13 -75.37
CA CYS G 32 -16.39 28.87 -76.76
C CYS G 32 -16.43 30.17 -77.57
N TRP G 33 -17.53 30.92 -77.44
CA TRP G 33 -17.75 32.22 -78.14
C TRP G 33 -16.71 33.25 -77.68
N ALA G 34 -16.44 33.28 -76.37
CA ALA G 34 -15.46 34.19 -75.72
C ALA G 34 -14.05 33.88 -76.23
N VAL G 35 -13.69 32.60 -76.28
CA VAL G 35 -12.36 32.11 -76.75
C VAL G 35 -12.22 32.44 -78.24
N SER G 36 -13.32 32.34 -79.00
CA SER G 36 -13.38 32.62 -80.46
C SER G 36 -13.29 34.12 -80.70
N THR G 37 -13.88 34.92 -79.80
CA THR G 37 -13.90 36.41 -79.86
C THR G 37 -12.47 36.94 -79.66
N ALA G 38 -11.72 36.32 -78.74
CA ALA G 38 -10.32 36.68 -78.41
C ALA G 38 -9.40 36.32 -79.57
N ALA G 39 -9.68 35.20 -80.25
CA ALA G 39 -8.92 34.69 -81.42
C ALA G 39 -9.19 35.57 -82.64
N ALA G 40 -10.43 36.05 -82.77
CA ALA G 40 -10.88 36.92 -83.88
C ALA G 40 -10.34 38.33 -83.70
N ILE G 41 -10.19 38.77 -82.43
CA ILE G 41 -9.67 40.12 -82.06
C ILE G 41 -8.18 40.18 -82.42
N SER G 42 -7.46 39.07 -82.23
CA SER G 42 -6.00 38.93 -82.51
C SER G 42 -5.78 38.89 -84.02
N ASP G 43 -6.77 38.38 -84.78
CA ASP G 43 -6.73 38.26 -86.26
C ASP G 43 -6.98 39.64 -86.87
N ARG G 44 -7.89 40.41 -86.29
CA ARG G 44 -8.27 41.78 -86.75
C ARG G 44 -7.13 42.74 -86.40
N LEU G 45 -6.42 42.49 -85.30
CA LEU G 45 -5.27 43.29 -84.82
C LEU G 45 -4.04 43.04 -85.69
N CYS G 46 -3.99 41.90 -86.38
CA CYS G 46 -2.88 41.48 -87.28
C CYS G 46 -2.92 42.28 -88.59
N ILE G 47 -4.08 42.83 -88.95
CA ILE G 47 -4.28 43.63 -90.20
C ILE G 47 -3.56 44.98 -90.07
N ALA G 48 -3.40 45.47 -88.83
CA ALA G 48 -2.75 46.76 -88.49
C ALA G 48 -1.44 46.93 -89.28
N SER G 49 -0.47 46.04 -89.07
CA SER G 49 0.88 46.08 -89.73
C SER G 49 1.10 44.81 -90.56
N LYS G 50 0.02 44.18 -91.04
CA LYS G 50 0.01 42.95 -91.89
C LYS G 50 0.65 41.76 -91.17
N GLY G 51 0.55 41.70 -89.83
CA GLY G 51 1.07 40.59 -89.01
C GLY G 51 2.42 40.88 -88.37
N GLU G 52 3.02 42.03 -88.67
CA GLU G 52 4.34 42.46 -88.12
C GLU G 52 4.38 42.20 -86.61
N ASN G 53 3.29 42.54 -85.91
CA ASN G 53 3.14 42.37 -84.44
C ASN G 53 2.15 41.22 -84.17
N GLN G 54 2.48 40.01 -84.66
CA GLN G 54 1.65 38.79 -84.50
C GLN G 54 1.91 38.18 -83.12
N VAL G 55 1.22 38.69 -82.09
CA VAL G 55 1.35 38.22 -80.68
C VAL G 55 -0.07 37.89 -80.15
N PHE G 56 -0.15 36.98 -79.17
CA PHE G 56 -1.41 36.54 -78.53
C PHE G 56 -1.71 37.42 -77.32
N ILE G 57 -2.97 37.48 -76.91
CA ILE G 57 -3.46 38.30 -75.76
C ILE G 57 -4.25 37.38 -74.80
N SER G 58 -4.36 37.79 -73.54
CA SER G 58 -5.08 37.06 -72.46
C SER G 58 -6.35 36.87 -73.29
N SER G 59 -6.73 35.61 -73.55
CA SER G 59 -8.03 35.18 -74.14
C SER G 59 -8.93 34.71 -72.98
N ALA G 60 -8.49 33.68 -72.24
CA ALA G 60 -9.21 33.08 -71.11
C ALA G 60 -9.32 34.08 -69.95
N ASP G 61 -8.25 34.84 -69.70
CA ASP G 61 -8.18 35.85 -68.60
C ASP G 61 -9.30 36.88 -68.79
N ILE G 62 -9.31 37.58 -69.93
CA ILE G 62 -10.30 38.63 -70.28
C ILE G 62 -11.71 38.02 -70.26
N LEU G 63 -11.85 36.80 -70.79
CA LEU G 63 -13.14 36.05 -70.87
C LEU G 63 -13.89 36.15 -69.55
N SER G 64 -13.25 35.80 -68.43
CA SER G 64 -13.82 35.80 -67.06
C SER G 64 -13.75 37.21 -66.45
N CYS G 65 -12.62 37.90 -66.63
CA CYS G 65 -12.35 39.26 -66.11
C CYS G 65 -13.58 40.16 -66.33
N GLY G 70 -22.88 36.43 -70.04
CA GLY G 70 -23.20 35.07 -69.56
C GLY G 70 -22.63 34.82 -68.18
N PHE G 71 -22.43 33.55 -67.83
CA PHE G 71 -21.88 33.10 -66.51
C PHE G 71 -20.61 32.27 -66.75
N GLY G 72 -19.70 32.78 -67.57
CA GLY G 72 -18.42 32.13 -67.91
C GLY G 72 -18.64 30.90 -68.78
N CYS G 73 -19.06 29.79 -68.17
CA CYS G 73 -19.33 28.49 -68.84
C CYS G 73 -20.83 28.19 -68.81
N ASP G 74 -21.66 29.20 -69.13
CA ASP G 74 -23.14 29.12 -69.16
C ASP G 74 -23.69 30.27 -70.01
N GLY G 75 -23.45 30.23 -71.32
CA GLY G 75 -23.91 31.26 -72.28
C GLY G 75 -22.76 32.13 -72.75
N GLY G 76 -23.01 33.01 -73.73
CA GLY G 76 -22.02 33.93 -74.30
C GLY G 76 -22.67 35.14 -74.95
N ILE G 77 -21.87 36.13 -75.35
CA ILE G 77 -22.31 37.39 -76.00
C ILE G 77 -21.12 38.04 -76.72
N THR G 78 -20.85 37.62 -77.96
CA THR G 78 -19.73 38.13 -78.81
C THR G 78 -19.72 39.66 -78.78
N PHE G 79 -20.86 40.29 -79.03
CA PHE G 79 -21.04 41.76 -79.05
C PHE G 79 -20.46 42.37 -77.77
N ARG G 80 -20.88 41.85 -76.61
CA ARG G 80 -20.45 42.30 -75.26
C ARG G 80 -18.93 42.16 -75.13
N ALA G 81 -18.38 41.01 -75.59
CA ALA G 81 -16.94 40.68 -75.55
C ALA G 81 -16.14 41.75 -76.32
N TRP G 82 -16.67 42.19 -77.48
CA TRP G 82 -16.04 43.21 -78.35
C TRP G 82 -16.06 44.58 -77.66
N GLU G 83 -17.12 44.86 -76.90
CA GLU G 83 -17.32 46.12 -76.15
C GLU G 83 -16.46 46.10 -74.88
N TYR G 84 -16.18 44.91 -74.35
CA TYR G 84 -15.36 44.68 -73.13
C TYR G 84 -13.91 45.11 -73.39
N PHE G 85 -13.45 44.92 -74.63
CA PHE G 85 -12.07 45.26 -75.10
C PHE G 85 -11.69 46.65 -74.57
N ALA G 86 -12.51 47.66 -74.87
CA ALA G 86 -12.32 49.07 -74.48
C ALA G 86 -12.69 49.23 -73.00
N HIS G 95 -2.05 30.29 -75.20
CA HIS G 95 -2.49 28.96 -75.70
C HIS G 95 -2.62 27.99 -74.52
N PHE G 96 -3.11 26.76 -74.79
CA PHE G 96 -3.32 25.68 -73.79
C PHE G 96 -2.01 25.97 -73.05
N GLU G 97 -2.09 26.34 -71.77
CA GLU G 97 -1.00 26.38 -70.76
C GLU G 97 0.34 26.65 -71.46
N ALA G 98 0.51 27.88 -71.97
CA ALA G 98 1.73 28.35 -72.66
C ALA G 98 2.51 29.31 -71.77
N PRO G 99 3.83 29.12 -71.56
CA PRO G 99 4.59 30.04 -70.71
C PRO G 99 4.94 31.34 -71.43
N ASN G 100 4.99 31.30 -72.78
CA ASN G 100 5.31 32.46 -73.65
C ASN G 100 4.44 33.65 -73.25
N CYS G 101 3.12 33.49 -73.32
CA CYS G 101 2.11 34.53 -72.97
C CYS G 101 2.11 34.77 -71.45
N CYS G 102 1.73 35.97 -71.02
CA CYS G 102 1.66 36.40 -69.59
C CYS G 102 0.50 35.69 -68.90
N ARG G 103 -0.66 35.61 -69.57
CA ARG G 103 -1.90 34.97 -69.05
C ARG G 103 -2.28 33.81 -69.97
N PRO G 104 -2.64 32.62 -69.42
CA PRO G 104 -3.02 31.49 -70.29
C PRO G 104 -4.33 30.84 -69.84
N TYR G 105 -4.85 29.91 -70.65
CA TYR G 105 -6.10 29.16 -70.40
C TYR G 105 -6.07 28.39 -69.08
N TYR G 106 -7.23 28.17 -68.46
CA TYR G 106 -7.40 27.45 -67.18
C TYR G 106 -8.33 26.24 -67.38
N PHE G 107 -7.84 25.23 -68.10
CA PHE G 107 -8.58 23.98 -68.42
C PHE G 107 -7.61 22.93 -68.98
N HIS G 108 -6.88 22.23 -68.09
CA HIS G 108 -5.90 21.18 -68.43
C HIS G 108 -6.48 20.26 -69.52
N PRO G 109 -6.28 20.56 -70.82
CA PRO G 109 -6.83 19.70 -71.87
C PRO G 109 -6.39 18.23 -71.71
N PHE G 125 -18.20 19.22 -65.37
CA PHE G 125 -16.99 18.51 -64.91
C PHE G 125 -15.82 19.49 -64.81
N ALA G 126 -16.12 20.76 -64.50
CA ALA G 126 -15.14 21.86 -64.34
C ALA G 126 -15.78 23.00 -63.54
N GLN G 127 -14.96 23.98 -63.11
CA GLN G 127 -15.40 25.15 -62.32
C GLN G 127 -15.10 26.43 -63.12
N THR G 128 -15.81 27.52 -62.79
CA THR G 128 -15.66 28.86 -63.44
C THR G 128 -14.50 29.61 -62.79
N PRO G 129 -13.68 30.37 -63.55
CA PRO G 129 -12.57 31.11 -62.93
C PRO G 129 -12.92 32.58 -62.67
N PHE G 130 -12.24 33.19 -61.69
CA PHE G 130 -12.42 34.61 -61.28
C PHE G 130 -11.34 35.47 -61.95
N CYS G 131 -11.42 36.79 -61.77
CA CYS G 131 -10.47 37.79 -62.34
C CYS G 131 -9.09 37.60 -61.70
N ARG G 132 -8.02 37.91 -62.45
CA ARG G 132 -6.61 37.78 -61.99
C ARG G 132 -5.69 38.49 -62.99
N ARG G 133 -5.54 39.81 -62.85
CA ARG G 133 -4.67 40.66 -63.71
C ARG G 133 -3.25 40.68 -63.14
N LYS G 134 -2.54 39.55 -63.25
CA LYS G 134 -1.15 39.37 -62.76
C LYS G 134 -0.35 38.54 -63.78
N CYS G 135 0.27 39.19 -64.77
CA CYS G 135 1.09 38.57 -65.84
C CYS G 135 1.76 37.51 -64.95
N ARG G 136 1.66 36.23 -65.33
CA ARG G 136 2.23 35.07 -64.58
C ARG G 136 3.52 34.85 -65.39
N ILE G 137 4.61 35.55 -65.03
CA ILE G 137 5.94 35.46 -65.70
C ILE G 137 5.75 35.68 -67.21
N SER G 159 -27.00 40.26 -94.54
CA SER G 159 -26.31 40.82 -95.72
C SER G 159 -24.98 40.09 -95.95
N VAL G 160 -25.04 38.90 -96.54
CA VAL G 160 -23.84 38.04 -96.85
C VAL G 160 -22.87 38.84 -97.72
N PRO G 161 -23.35 39.61 -98.72
CA PRO G 161 -22.43 40.39 -99.57
C PRO G 161 -21.63 41.41 -98.75
N ALA G 162 -22.31 42.15 -97.87
CA ALA G 162 -21.72 43.19 -96.99
C ALA G 162 -20.83 42.52 -95.93
N ILE G 163 -21.19 41.30 -95.52
CA ILE G 163 -20.44 40.50 -94.50
C ILE G 163 -19.07 40.12 -95.07
N GLN G 164 -19.06 39.52 -96.26
CA GLN G 164 -17.82 39.08 -96.97
C GLN G 164 -16.93 40.29 -97.25
N ARG G 165 -17.55 41.42 -97.61
CA ARG G 165 -16.85 42.70 -97.92
C ARG G 165 -16.11 43.19 -96.68
N GLU G 166 -16.79 43.20 -95.53
CA GLU G 166 -16.25 43.65 -94.21
C GLU G 166 -15.23 42.61 -93.72
N ILE G 167 -15.43 41.34 -94.07
CA ILE G 167 -14.54 40.19 -93.68
C ILE G 167 -13.25 40.27 -94.49
N MET G 168 -13.30 40.86 -95.69
CA MET G 168 -12.14 41.02 -96.61
C MET G 168 -11.39 42.32 -96.29
N THR G 169 -12.06 43.30 -95.67
CA THR G 169 -11.50 44.63 -95.30
C THR G 169 -10.84 44.55 -93.91
N LYS G 170 -11.63 44.24 -92.87
CA LYS G 170 -11.17 44.15 -91.47
C LYS G 170 -10.45 42.81 -91.24
N GLY G 171 -11.15 41.69 -91.46
CA GLY G 171 -10.61 40.32 -91.28
C GLY G 171 -11.67 39.39 -90.74
N SER G 172 -11.25 38.31 -90.05
CA SER G 172 -12.14 37.29 -89.45
C SER G 172 -12.90 37.88 -88.26
N VAL G 173 -14.07 37.33 -87.95
CA VAL G 173 -14.96 37.78 -86.83
C VAL G 173 -15.72 36.57 -86.27
N VAL G 174 -16.44 36.76 -85.16
CA VAL G 174 -17.25 35.72 -84.48
C VAL G 174 -18.51 35.46 -85.30
N GLY G 175 -19.09 34.25 -85.16
CA GLY G 175 -20.31 33.83 -85.88
C GLY G 175 -21.21 32.98 -84.99
N SER G 176 -22.16 33.59 -84.29
CA SER G 176 -23.14 32.92 -83.39
C SER G 176 -24.07 32.03 -84.21
N TYR G 177 -24.56 30.93 -83.62
CA TYR G 177 -25.47 29.94 -84.25
C TYR G 177 -26.16 29.12 -83.16
N ASP G 178 -27.10 28.25 -83.56
CA ASP G 178 -27.89 27.37 -82.66
C ASP G 178 -26.98 26.28 -82.09
N VAL G 179 -25.96 25.90 -82.86
CA VAL G 179 -24.95 24.85 -82.47
C VAL G 179 -25.56 23.47 -82.20
N PHE G 180 -26.21 22.87 -83.20
CA PHE G 180 -26.95 21.60 -83.11
C PHE G 180 -25.97 20.43 -83.07
N THR G 181 -26.48 19.21 -82.85
CA THR G 181 -25.70 17.95 -82.78
C THR G 181 -25.25 17.53 -84.19
N ASP G 182 -26.02 17.92 -85.21
CA ASP G 182 -25.74 17.61 -86.64
C ASP G 182 -24.31 18.06 -87.00
N PHE G 183 -23.92 19.25 -86.57
CA PHE G 183 -22.58 19.86 -86.83
C PHE G 183 -21.48 18.91 -86.37
N SER G 184 -21.64 18.31 -85.18
CA SER G 184 -20.68 17.37 -84.54
C SER G 184 -20.53 16.11 -85.41
N HIS G 185 -21.61 15.68 -86.07
CA HIS G 185 -21.67 14.48 -86.94
C HIS G 185 -20.84 14.70 -88.21
N TYR G 186 -20.70 15.97 -88.64
CA TYR G 186 -19.95 16.38 -89.85
C TYR G 186 -18.46 16.10 -89.64
N LYS G 187 -17.73 15.83 -90.74
CA LYS G 187 -16.27 15.53 -90.71
C LYS G 187 -15.51 16.56 -91.56
N SER G 188 -15.80 16.63 -92.87
CA SER G 188 -15.16 17.57 -93.82
C SER G 188 -16.12 17.85 -94.98
N GLY G 189 -15.82 18.88 -95.78
CA GLY G 189 -16.64 19.30 -96.95
C GLY G 189 -17.70 20.30 -96.56
N ILE G 190 -18.54 20.72 -97.52
CA ILE G 190 -19.65 21.69 -97.32
C ILE G 190 -20.70 21.06 -96.39
N TYR G 191 -20.47 21.14 -95.07
CA TYR G 191 -21.36 20.60 -94.01
C TYR G 191 -22.62 21.47 -93.92
N ARG G 192 -23.72 20.88 -93.41
CA ARG G 192 -25.03 21.55 -93.23
C ARG G 192 -25.83 20.82 -92.14
N HIS G 193 -26.95 21.40 -91.72
CA HIS G 193 -27.87 20.86 -90.68
C HIS G 193 -28.28 19.43 -91.05
N ALA G 203 -20.50 27.97 -80.43
CA ALA G 203 -20.23 29.09 -81.36
C ALA G 203 -18.83 28.92 -81.97
N VAL G 204 -18.55 29.61 -83.08
CA VAL G 204 -17.25 29.57 -83.82
C VAL G 204 -17.03 30.93 -84.50
N ARG G 205 -15.85 31.12 -85.10
CA ARG G 205 -15.46 32.37 -85.83
C ARG G 205 -15.19 32.03 -87.29
N ILE G 206 -15.43 32.98 -88.21
CA ILE G 206 -15.22 32.81 -89.68
C ILE G 206 -13.78 33.20 -90.01
N ILE G 207 -13.23 32.66 -91.11
CA ILE G 207 -11.85 32.93 -91.59
C ILE G 207 -11.92 33.64 -92.95
N GLY G 208 -12.49 32.98 -93.97
CA GLY G 208 -12.62 33.51 -95.34
C GLY G 208 -13.77 32.86 -96.08
N TRP G 209 -13.71 32.85 -97.42
CA TRP G 209 -14.74 32.26 -98.31
C TRP G 209 -14.07 31.44 -99.42
N GLY G 210 -14.81 30.54 -100.06
CA GLY G 210 -14.33 29.68 -101.16
C GLY G 210 -15.48 29.14 -101.99
N LYS G 211 -15.16 28.29 -102.98
CA LYS G 211 -16.14 27.66 -103.90
C LYS G 211 -15.86 26.16 -104.00
N ASP G 216 -20.46 28.01 -103.42
CA ASP G 216 -19.94 29.12 -102.58
C ASP G 216 -20.21 28.79 -101.10
N TYR G 217 -19.22 28.94 -100.21
CA TYR G 217 -19.34 28.65 -98.76
C TYR G 217 -18.33 29.49 -97.98
N TRP G 218 -18.52 29.60 -96.66
CA TRP G 218 -17.65 30.37 -95.73
C TRP G 218 -16.84 29.39 -94.86
N LEU G 219 -15.65 29.80 -94.43
CA LEU G 219 -14.73 28.99 -93.57
C LEU G 219 -15.00 29.32 -92.10
N ILE G 220 -14.67 28.38 -91.20
CA ILE G 220 -14.85 28.52 -89.72
C ILE G 220 -13.82 27.64 -89.00
N ALA G 221 -13.45 28.02 -87.78
CA ALA G 221 -12.47 27.32 -86.93
C ALA G 221 -12.54 27.86 -85.49
N GLY G 229 -13.56 18.14 -84.77
CA GLY G 229 -13.79 18.83 -86.06
C GLY G 229 -12.91 18.29 -87.16
N GLU G 230 -12.70 19.08 -88.23
CA GLU G 230 -11.86 18.72 -89.39
C GLU G 230 -10.48 19.38 -89.26
N ASN G 231 -9.70 18.94 -88.26
CA ASN G 231 -8.34 19.45 -87.96
C ASN G 231 -8.39 20.96 -87.70
N GLY G 232 -9.41 21.43 -86.97
CA GLY G 232 -9.60 22.84 -86.61
C GLY G 232 -10.64 23.52 -87.49
N TYR G 233 -10.46 23.47 -88.82
CA TYR G 233 -11.35 24.07 -89.84
C TYR G 233 -12.68 23.33 -89.88
N PHE G 234 -13.75 24.01 -90.33
CA PHE G 234 -15.13 23.48 -90.45
C PHE G 234 -15.98 24.49 -91.25
N ARG G 235 -15.84 24.46 -92.58
CA ARG G 235 -16.58 25.35 -93.52
C ARG G 235 -18.05 24.95 -93.56
N MET G 236 -18.93 25.91 -93.90
CA MET G 236 -20.41 25.71 -93.99
C MET G 236 -20.95 26.58 -95.13
N ILE G 237 -22.14 26.25 -95.64
CA ILE G 237 -22.83 26.96 -96.76
C ILE G 237 -23.30 28.33 -96.26
N ARG G 238 -23.40 29.31 -97.17
CA ARG G 238 -23.83 30.70 -96.87
C ARG G 238 -25.11 31.01 -97.65
N CYS G 243 -29.30 27.93 -89.48
CA CYS G 243 -29.75 28.28 -88.10
C CYS G 243 -28.93 29.46 -87.57
N GLY G 244 -29.20 30.66 -88.07
CA GLY G 244 -28.52 31.92 -87.69
C GLY G 244 -27.01 31.77 -87.64
N ILE G 245 -26.41 31.34 -88.76
CA ILE G 245 -24.94 31.15 -88.92
C ILE G 245 -24.31 32.47 -89.35
N GLU G 246 -25.02 33.24 -90.18
CA GLU G 246 -24.56 34.53 -90.69
C GLU G 246 -25.37 35.68 -90.13
N GLN G 247 -25.93 35.49 -88.94
CA GLN G 247 -26.98 36.34 -88.40
C GLN G 247 -26.52 37.32 -87.33
N ASP G 248 -25.41 37.05 -86.66
CA ASP G 248 -25.22 37.57 -85.31
C ASP G 248 -23.89 38.29 -85.05
N ILE G 249 -23.54 39.27 -85.86
CA ILE G 249 -22.25 39.93 -85.73
C ILE G 249 -22.41 41.44 -85.79
N THR G 250 -21.59 42.15 -85.01
CA THR G 250 -21.38 43.59 -85.16
C THR G 250 -19.94 43.90 -84.81
N ALA G 251 -19.63 45.18 -84.71
CA ALA G 251 -18.25 45.61 -84.60
C ALA G 251 -18.12 46.66 -83.49
N GLY G 252 -16.90 47.14 -83.31
CA GLY G 252 -16.57 48.10 -82.27
C GLY G 252 -15.07 48.16 -82.13
N ASP G 253 -14.61 49.26 -81.52
CA ASP G 253 -13.18 49.46 -81.29
C ASP G 253 -12.93 50.66 -80.38
#